data_3EJ6
#
_entry.id   3EJ6
#
_cell.length_a   131.835
_cell.length_b   154.507
_cell.length_c   162.415
_cell.angle_alpha   90.00
_cell.angle_beta   90.00
_cell.angle_gamma   90.00
#
_symmetry.space_group_name_H-M   'P 21 21 21'
#
loop_
_entity.id
_entity.type
_entity.pdbx_description
1 polymer Catalase-3
2 non-polymer 2-acetamido-2-deoxy-beta-D-glucopyranose
3 non-polymer 'PROTOPORPHYRIN IX CONTAINING FE'
4 water water
#
_entity_poly.entity_id   1
_entity_poly.type   'polypeptide(L)'
_entity_poly.pdbx_seq_one_letter_code
;AEGGEVDARQRLKEVEVDDNGQFMTTDFGGNIEEQFSLKAGGRGSTLLEDFIFRQKLQHFDHERIPERVVHARGAGAHGI
FTSYGDWSNITAASFLGAKDKQTPVFVRFSTVAGSRGSADTARDVHGFATRFYTDEGNFDIVGNNIPVFFIQDAIRFPDL
IHSVKPSPDNEVPQAATAHDSAWDFFSSQPSALHTLFWAMSGNGIPRSYRHMDGFGIHTFRLVTEDGKSKLVKWHWKTKQ
GKAALVWEEAQVLAGKNADFHRQDLWDAIESGNAPSWELAVQLIDEDKAQAYGFDLLDPTKFLPEEFAPLQVLGEMTLNR
NPMNYFAETEQISFQPGHIVRGVDFTEDPLLQGRLYSYLDTQLNRHRGPNFEQLPINRPVSGVHNNHRDGQGQAWIHKNI
HHYSPSYLNKGYPAQANQTVGRGFFTTPGRTASGVLNRELSATFDDHYTQPRLFFNSLTPVEQQFVINAIRFEASHVTNE
QVKKNVLEQLNKISNDVAKRVAVALGLEAPQPDPTYYHNNVTRGVSIFNESLPTIATLRVGVLSTTKGGSLDKAKALKEQ
LEKDGLKVTVIAEYLASGVDQTYSAADATAFDAVVVAEGAERVFSGKGAMSPLFPAGRPSQILTDGYRWGKPVAAVGSAK
KALQSIGVEEKEAGVYAGAQDEVIKGVEEGLKVFKFLERFAVDGDDEE
;
_entity_poly.pdbx_strand_id   A,B,C,D
#
# COMPACT_ATOMS: atom_id res chain seq x y z
N GLU A 5 -17.53 11.53 -35.90
CA GLU A 5 -18.69 12.04 -35.10
C GLU A 5 -19.12 11.07 -33.98
N VAL A 6 -18.27 10.09 -33.69
CA VAL A 6 -18.50 9.17 -32.58
C VAL A 6 -18.03 9.80 -31.26
N ASP A 7 -18.60 9.35 -30.15
CA ASP A 7 -18.19 9.80 -28.83
C ASP A 7 -16.81 9.23 -28.50
N ALA A 8 -15.90 10.09 -28.08
CA ALA A 8 -14.55 9.68 -27.69
C ALA A 8 -14.58 8.82 -26.42
N ARG A 9 -15.56 9.08 -25.56
CA ARG A 9 -15.72 8.33 -24.30
C ARG A 9 -16.80 7.25 -24.39
N GLN A 10 -17.00 6.71 -25.59
CA GLN A 10 -18.04 5.70 -25.83
C GLN A 10 -17.75 4.41 -25.05
N ARG A 11 -16.50 4.01 -25.02
CA ARG A 11 -16.07 2.79 -24.31
C ARG A 11 -16.20 2.92 -22.78
N LEU A 12 -16.14 4.16 -22.29
CA LEU A 12 -16.26 4.44 -20.85
C LEU A 12 -17.71 4.38 -20.32
N LYS A 13 -18.68 4.39 -21.22
CA LYS A 13 -20.11 4.35 -20.85
C LYS A 13 -20.50 3.12 -20.00
N GLU A 14 -19.85 1.99 -20.25
CA GLU A 14 -20.18 0.74 -19.54
C GLU A 14 -19.89 0.79 -18.03
N VAL A 15 -18.90 1.59 -17.65
CA VAL A 15 -18.52 1.74 -16.24
C VAL A 15 -19.14 2.98 -15.56
N GLU A 16 -20.07 3.63 -16.23
CA GLU A 16 -20.75 4.82 -15.68
C GLU A 16 -21.89 4.41 -14.76
N VAL A 17 -22.04 5.14 -13.65
CA VAL A 17 -23.06 4.85 -12.64
C VAL A 17 -23.98 6.06 -12.44
N ASP A 18 -25.27 5.86 -12.73
CA ASP A 18 -26.28 6.90 -12.57
C ASP A 18 -27.03 6.68 -11.25
N ASP A 19 -27.06 7.71 -10.40
CA ASP A 19 -27.70 7.63 -9.08
C ASP A 19 -29.01 8.42 -8.99
N ASN A 20 -29.51 8.88 -10.14
CA ASN A 20 -30.77 9.62 -10.20
C ASN A 20 -31.98 8.69 -10.03
N GLY A 21 -32.89 9.07 -9.14
CA GLY A 21 -34.10 8.29 -8.86
C GLY A 21 -33.93 7.07 -7.99
N GLN A 22 -32.73 6.90 -7.42
CA GLN A 22 -32.40 5.71 -6.63
C GLN A 22 -32.36 6.02 -5.13
N PHE A 23 -32.38 4.96 -4.32
CA PHE A 23 -32.21 5.09 -2.87
C PHE A 23 -30.73 4.91 -2.49
N MET A 24 -30.36 5.44 -1.33
CA MET A 24 -29.01 5.30 -0.80
C MET A 24 -28.70 3.84 -0.47
N THR A 25 -27.46 3.43 -0.70
CA THR A 25 -27.02 2.06 -0.40
C THR A 25 -25.60 2.04 0.15
N THR A 26 -25.20 0.89 0.67
CA THR A 26 -23.80 0.63 1.02
C THR A 26 -23.07 0.13 -0.23
N ASP A 27 -21.77 -0.09 -0.10
CA ASP A 27 -20.96 -0.60 -1.21
C ASP A 27 -21.21 -2.09 -1.49
N PHE A 28 -21.82 -2.78 -0.53
CA PHE A 28 -22.20 -4.19 -0.68
C PHE A 28 -23.71 -4.38 -0.89
N GLY A 29 -24.39 -3.29 -1.24
CA GLY A 29 -25.82 -3.32 -1.53
C GLY A 29 -26.68 -3.19 -0.28
N GLY A 30 -27.99 -3.06 -0.50
CA GLY A 30 -28.95 -2.89 0.59
C GLY A 30 -29.22 -1.42 0.88
N ASN A 31 -30.49 -1.04 0.83
CA ASN A 31 -30.89 0.36 1.03
C ASN A 31 -30.67 0.83 2.47
N ILE A 32 -30.25 2.09 2.61
CA ILE A 32 -29.90 2.65 3.91
C ILE A 32 -30.18 4.15 4.02
N GLU A 33 -30.00 4.67 5.23
CA GLU A 33 -29.83 6.11 5.45
C GLU A 33 -28.49 6.32 6.17
N GLU A 34 -27.90 7.51 5.98
CA GLU A 34 -26.55 7.80 6.46
C GLU A 34 -26.41 9.27 6.86
N GLN A 35 -27.38 9.74 7.65
CA GLN A 35 -27.39 11.12 8.14
C GLN A 35 -27.44 11.22 9.67
N PHE A 36 -27.66 10.09 10.33
CA PHE A 36 -27.63 10.02 11.79
C PHE A 36 -26.80 8.82 12.25
N SER A 37 -25.91 9.07 13.21
CA SER A 37 -25.14 8.00 13.83
C SER A 37 -26.03 7.21 14.80
N LEU A 38 -25.76 5.92 14.94
CA LEU A 38 -26.50 5.06 15.86
C LEU A 38 -26.03 5.30 17.30
N LYS A 39 -26.90 5.86 18.12
CA LYS A 39 -26.57 6.25 19.49
C LYS A 39 -27.30 5.37 20.51
N ALA A 40 -26.68 5.23 21.68
CA ALA A 40 -27.26 4.49 22.80
C ALA A 40 -27.96 5.45 23.75
N GLY A 41 -29.17 5.85 23.38
CA GLY A 41 -29.94 6.86 24.12
C GLY A 41 -30.04 8.15 23.33
N GLY A 42 -30.90 9.04 23.80
CA GLY A 42 -31.18 10.32 23.12
C GLY A 42 -29.94 11.19 22.94
N ARG A 43 -29.13 11.29 23.99
CA ARG A 43 -27.89 12.06 23.97
C ARG A 43 -26.71 11.17 24.34
N GLY A 44 -26.72 9.95 23.78
CA GLY A 44 -25.74 8.92 24.13
C GLY A 44 -24.56 8.82 23.18
N SER A 45 -23.64 7.92 23.51
CA SER A 45 -22.44 7.67 22.71
C SER A 45 -22.78 6.88 21.45
N THR A 46 -21.96 7.06 20.41
CA THR A 46 -22.15 6.35 19.15
C THR A 46 -21.67 4.90 19.26
N LEU A 47 -22.49 3.97 18.76
CA LEU A 47 -22.20 2.54 18.89
C LEU A 47 -21.18 2.07 17.86
N LEU A 48 -20.35 1.11 18.26
CA LEU A 48 -19.36 0.49 17.37
C LEU A 48 -20.03 -0.38 16.30
N GLU A 49 -21.19 -0.94 16.63
CA GLU A 49 -21.93 -1.81 15.71
C GLU A 49 -22.56 -1.05 14.53
N ASP A 50 -22.46 0.27 14.54
CA ASP A 50 -22.96 1.11 13.46
C ASP A 50 -22.12 0.91 12.20
N PHE A 51 -22.54 -0.05 11.37
CA PHE A 51 -21.80 -0.42 10.16
C PHE A 51 -22.00 0.60 9.03
N ILE A 52 -23.08 1.36 9.10
CA ILE A 52 -23.40 2.37 8.08
C ILE A 52 -22.47 3.58 8.20
N PHE A 53 -22.15 3.97 9.43
CA PHE A 53 -21.23 5.09 9.68
C PHE A 53 -19.82 4.77 9.20
N ARG A 54 -19.30 3.63 9.65
CA ARG A 54 -17.91 3.23 9.37
C ARG A 54 -17.64 2.97 7.89
N GLN A 55 -18.56 2.28 7.21
CA GLN A 55 -18.41 2.00 5.78
C GLN A 55 -18.43 3.28 4.95
N LYS A 56 -19.22 4.25 5.39
CA LYS A 56 -19.27 5.57 4.76
C LYS A 56 -17.99 6.37 5.04
N LEU A 57 -17.58 6.39 6.30
CA LEU A 57 -16.41 7.16 6.71
C LEU A 57 -15.08 6.54 6.25
N GLN A 58 -15.03 5.21 6.17
CA GLN A 58 -13.80 4.53 5.73
C GLN A 58 -13.44 4.93 4.30
N HIS A 59 -14.45 4.96 3.43
CA HIS A 59 -14.23 5.33 2.03
C HIS A 59 -13.78 6.79 1.91
N PHE A 60 -14.31 7.66 2.77
CA PHE A 60 -13.92 9.07 2.81
C PHE A 60 -12.48 9.24 3.28
N ASP A 61 -12.13 8.54 4.37
CA ASP A 61 -10.78 8.62 4.95
C ASP A 61 -9.69 8.16 3.98
N HIS A 62 -10.03 7.23 3.10
CA HIS A 62 -9.08 6.64 2.15
C HIS A 62 -9.27 7.14 0.70
N GLU A 63 -9.84 8.34 0.54
CA GLU A 63 -10.11 8.89 -0.79
C GLU A 63 -8.85 9.28 -1.57
N ARG A 64 -7.85 9.78 -0.85
CA ARG A 64 -6.66 10.36 -1.49
C ARG A 64 -5.64 9.30 -1.92
N ILE A 65 -5.01 9.55 -3.05
CA ILE A 65 -3.86 8.78 -3.52
C ILE A 65 -2.67 9.72 -3.64
N PRO A 66 -1.43 9.19 -3.68
CA PRO A 66 -0.28 10.07 -3.84
C PRO A 66 -0.32 10.84 -5.17
N GLU A 67 0.03 12.12 -5.12
CA GLU A 67 0.12 12.93 -6.33
C GLU A 67 1.34 12.52 -7.14
N ARG A 68 1.38 12.96 -8.40
CA ARG A 68 2.52 12.67 -9.27
C ARG A 68 3.78 13.35 -8.73
N VAL A 69 4.90 12.64 -8.78
CA VAL A 69 6.18 13.16 -8.26
C VAL A 69 6.59 14.45 -8.97
N VAL A 70 6.28 14.53 -10.26
CA VAL A 70 6.37 15.76 -11.04
C VAL A 70 5.12 15.86 -11.93
N HIS A 71 4.75 17.08 -12.28
CA HIS A 71 3.49 17.36 -13.00
C HIS A 71 2.26 16.95 -12.19
N ALA A 72 2.24 17.37 -10.93
CA ALA A 72 1.10 17.09 -10.04
C ALA A 72 -0.13 17.92 -10.44
N ARG A 73 0.11 19.18 -10.78
CA ARG A 73 -0.94 20.11 -11.16
C ARG A 73 -1.24 20.03 -12.65
N GLY A 74 -2.45 19.60 -13.01
CA GLY A 74 -2.82 19.46 -14.42
C GLY A 74 -4.31 19.29 -14.69
N ALA A 75 -4.64 19.15 -15.97
CA ALA A 75 -6.03 18.96 -16.41
C ALA A 75 -6.05 18.43 -17.85
N GLY A 76 -7.13 17.72 -18.21
CA GLY A 76 -7.23 17.08 -19.52
C GLY A 76 -8.62 16.89 -20.07
N ALA A 77 -8.69 16.27 -21.26
CA ALA A 77 -9.94 16.01 -21.95
C ALA A 77 -9.77 14.96 -23.05
N HIS A 78 -10.86 14.30 -23.41
CA HIS A 78 -10.87 13.28 -24.47
C HIS A 78 -11.00 13.92 -25.86
N GLY A 79 -10.60 13.17 -26.88
CA GLY A 79 -10.66 13.66 -28.27
C GLY A 79 -10.47 12.58 -29.31
N ILE A 80 -10.25 13.01 -30.55
CA ILE A 80 -10.07 12.12 -31.69
C ILE A 80 -8.92 12.61 -32.59
N PHE A 81 -7.97 11.73 -32.86
CA PHE A 81 -6.90 12.02 -33.82
C PHE A 81 -7.30 11.50 -35.20
N THR A 82 -7.12 12.34 -36.22
CA THR A 82 -7.44 11.98 -37.60
C THR A 82 -6.19 12.07 -38.46
N SER A 83 -5.80 10.94 -39.07
CA SER A 83 -4.64 10.88 -39.95
C SER A 83 -4.99 11.40 -41.34
N TYR A 84 -4.10 12.22 -41.91
CA TYR A 84 -4.33 12.81 -43.24
C TYR A 84 -3.97 11.90 -44.41
N GLY A 85 -3.35 10.76 -44.14
CA GLY A 85 -3.00 9.83 -45.22
C GLY A 85 -2.39 8.51 -44.78
N ASP A 86 -1.98 7.72 -45.75
CA ASP A 86 -1.32 6.43 -45.53
C ASP A 86 0.18 6.66 -45.39
N TRP A 87 0.69 6.47 -44.18
CA TRP A 87 2.11 6.72 -43.89
C TRP A 87 2.90 5.42 -43.71
N SER A 88 2.56 4.41 -44.50
CA SER A 88 3.27 3.12 -44.49
C SER A 88 4.69 3.25 -45.03
N ASN A 89 4.90 4.25 -45.89
CA ASN A 89 6.23 4.53 -46.46
C ASN A 89 7.29 4.95 -45.42
N ILE A 90 6.85 5.54 -44.31
CA ILE A 90 7.76 6.01 -43.25
C ILE A 90 7.63 5.23 -41.93
N THR A 91 6.42 4.84 -41.57
CA THR A 91 6.16 4.13 -40.31
C THR A 91 5.15 3.00 -40.46
N ALA A 92 5.29 1.97 -39.63
CA ALA A 92 4.38 0.83 -39.61
C ALA A 92 3.25 1.02 -38.58
N ALA A 93 3.18 2.19 -37.97
CA ALA A 93 2.15 2.51 -36.98
C ALA A 93 0.74 2.40 -37.59
N SER A 94 -0.16 1.73 -36.88
CA SER A 94 -1.49 1.43 -37.39
C SER A 94 -2.38 2.67 -37.50
N PHE A 95 -2.31 3.54 -36.48
CA PHE A 95 -3.12 4.77 -36.45
C PHE A 95 -2.71 5.79 -37.52
N LEU A 96 -1.51 5.60 -38.10
CA LEU A 96 -1.05 6.40 -39.23
C LEU A 96 -1.05 5.58 -40.53
N GLY A 97 -1.89 4.56 -40.58
CA GLY A 97 -1.87 3.59 -41.69
C GLY A 97 -2.88 3.80 -42.80
N ALA A 98 -3.71 4.85 -42.70
CA ALA A 98 -4.74 5.12 -43.70
C ALA A 98 -5.26 6.55 -43.62
N LYS A 99 -5.78 7.04 -44.75
CA LYS A 99 -6.36 8.39 -44.82
C LYS A 99 -7.71 8.42 -44.12
N ASP A 100 -7.91 9.47 -43.32
CA ASP A 100 -9.14 9.66 -42.54
C ASP A 100 -9.37 8.56 -41.50
N LYS A 101 -8.28 7.96 -41.02
CA LYS A 101 -8.36 6.93 -39.98
C LYS A 101 -8.43 7.62 -38.62
N GLN A 102 -9.50 7.35 -37.88
CA GLN A 102 -9.74 8.00 -36.59
C GLN A 102 -9.32 7.10 -35.42
N THR A 103 -8.69 7.70 -34.42
CA THR A 103 -8.28 7.00 -33.22
C THR A 103 -8.58 7.88 -32.00
N PRO A 104 -9.29 7.32 -30.99
CA PRO A 104 -9.54 8.07 -29.75
C PRO A 104 -8.26 8.45 -29.03
N VAL A 105 -8.28 9.60 -28.36
CA VAL A 105 -7.12 10.10 -27.62
C VAL A 105 -7.52 10.79 -26.32
N PHE A 106 -6.59 10.81 -25.38
CA PHE A 106 -6.73 11.58 -24.15
C PHE A 106 -5.46 12.41 -23.93
N VAL A 107 -5.63 13.69 -23.64
CA VAL A 107 -4.51 14.60 -23.46
C VAL A 107 -4.60 15.29 -22.10
N ARG A 108 -3.50 15.25 -21.35
CA ARG A 108 -3.39 15.94 -20.06
C ARG A 108 -2.28 17.00 -20.11
N PHE A 109 -2.65 18.24 -19.86
CA PHE A 109 -1.69 19.34 -19.73
C PHE A 109 -1.36 19.56 -18.27
N SER A 110 -0.19 20.14 -18.00
CA SER A 110 0.27 20.31 -16.62
C SER A 110 1.45 21.27 -16.51
N THR A 111 1.76 21.67 -15.28
CA THR A 111 3.04 22.30 -14.94
C THR A 111 4.02 21.21 -14.48
N VAL A 112 5.10 21.59 -13.80
CA VAL A 112 6.10 20.64 -13.33
C VAL A 112 6.28 20.67 -11.82
N ALA A 113 6.71 21.82 -11.30
CA ALA A 113 7.20 21.93 -9.93
C ALA A 113 6.09 21.92 -8.88
N GLY A 114 4.97 22.57 -9.20
CA GLY A 114 3.89 22.78 -8.23
C GLY A 114 3.13 21.53 -7.84
N SER A 115 2.64 21.51 -6.60
CA SER A 115 1.82 20.42 -6.08
C SER A 115 0.39 20.53 -6.60
N ARG A 116 -0.45 19.55 -6.29
CA ARG A 116 -1.80 19.42 -6.84
C ARG A 116 -2.66 20.69 -6.75
N GLY A 117 -2.51 21.46 -5.68
CA GLY A 117 -3.32 22.66 -5.45
C GLY A 117 -2.70 23.97 -5.91
N SER A 118 -1.59 23.90 -6.63
CA SER A 118 -0.86 25.09 -7.08
C SER A 118 -1.58 25.81 -8.23
N ALA A 119 -1.14 27.04 -8.51
CA ALA A 119 -1.76 27.88 -9.52
C ALA A 119 -1.33 27.49 -10.93
N ASP A 120 -2.24 27.67 -11.90
CA ASP A 120 -1.95 27.39 -13.30
C ASP A 120 -0.99 28.41 -13.90
N THR A 121 -1.09 29.65 -13.45
CA THR A 121 -0.31 30.77 -14.02
C THR A 121 1.04 31.01 -13.31
N ALA A 122 1.62 29.96 -12.74
CA ALA A 122 2.98 30.01 -12.21
C ALA A 122 3.96 29.82 -13.36
N ARG A 123 5.13 30.45 -13.28
CA ARG A 123 6.16 30.29 -14.29
C ARG A 123 6.80 28.92 -14.19
N ASP A 124 6.65 28.12 -15.23
CA ASP A 124 7.16 26.74 -15.24
C ASP A 124 7.13 26.16 -16.65
N VAL A 125 7.85 25.06 -16.84
CA VAL A 125 7.71 24.26 -18.06
C VAL A 125 6.36 23.55 -18.00
N HIS A 126 5.69 23.43 -19.13
CA HIS A 126 4.35 22.83 -19.18
C HIS A 126 4.32 21.50 -19.92
N GLY A 127 3.68 20.52 -19.31
CA GLY A 127 3.55 19.19 -19.89
C GLY A 127 2.52 19.11 -20.99
N PHE A 128 2.74 18.18 -21.92
CA PHE A 128 1.85 17.94 -23.05
C PHE A 128 1.86 16.44 -23.34
N ALA A 129 1.08 15.70 -22.55
CA ALA A 129 0.99 14.24 -22.67
C ALA A 129 -0.21 13.86 -23.54
N THR A 130 0.03 13.03 -24.55
CA THR A 130 -1.02 12.56 -25.45
C THR A 130 -0.96 11.05 -25.59
N ARG A 131 -2.11 10.39 -25.37
CA ARG A 131 -2.25 8.94 -25.57
C ARG A 131 -3.06 8.67 -26.83
N PHE A 132 -2.64 7.66 -27.58
CA PHE A 132 -3.38 7.19 -28.75
C PHE A 132 -3.91 5.79 -28.48
N TYR A 133 -5.23 5.68 -28.31
CA TYR A 133 -5.87 4.38 -28.11
C TYR A 133 -6.00 3.66 -29.46
N THR A 134 -4.87 3.19 -29.97
CA THR A 134 -4.82 2.58 -31.29
C THR A 134 -5.29 1.13 -31.24
N ASP A 135 -5.60 0.58 -32.41
CA ASP A 135 -6.03 -0.82 -32.52
C ASP A 135 -4.89 -1.84 -32.37
N GLU A 136 -3.66 -1.35 -32.16
CA GLU A 136 -2.52 -2.21 -31.84
C GLU A 136 -1.83 -1.75 -30.55
N GLY A 137 -2.65 -1.44 -29.54
CA GLY A 137 -2.14 -1.05 -28.21
C GLY A 137 -2.10 0.45 -27.97
N ASN A 138 -1.94 0.83 -26.71
CA ASN A 138 -1.81 2.24 -26.33
C ASN A 138 -0.46 2.80 -26.70
N PHE A 139 -0.46 3.95 -27.36
CA PHE A 139 0.77 4.66 -27.73
C PHE A 139 0.75 6.06 -27.12
N ASP A 140 1.74 6.34 -26.28
CA ASP A 140 1.83 7.64 -25.59
C ASP A 140 2.99 8.47 -26.12
N ILE A 141 2.73 9.74 -26.36
CA ILE A 141 3.77 10.74 -26.63
C ILE A 141 3.77 11.74 -25.48
N VAL A 142 4.55 11.43 -24.46
CA VAL A 142 4.66 12.29 -23.27
C VAL A 142 5.65 13.40 -23.57
N GLY A 143 5.14 14.63 -23.65
CA GLY A 143 5.96 15.77 -24.07
C GLY A 143 5.74 17.03 -23.26
N ASN A 144 6.44 18.09 -23.67
CA ASN A 144 6.33 19.42 -23.05
C ASN A 144 6.02 20.49 -24.10
N ASN A 145 5.76 21.70 -23.64
CA ASN A 145 5.57 22.86 -24.54
C ASN A 145 6.89 23.54 -24.93
N ILE A 146 8.00 23.00 -24.42
CA ILE A 146 9.35 23.48 -24.78
C ILE A 146 10.12 22.33 -25.43
N PRO A 147 10.79 22.60 -26.56
CA PRO A 147 11.42 21.51 -27.34
C PRO A 147 12.69 20.92 -26.74
N VAL A 148 13.27 21.57 -25.73
CA VAL A 148 14.48 21.09 -25.08
C VAL A 148 14.28 20.91 -23.58
N PHE A 149 15.03 19.97 -22.99
CA PHE A 149 14.96 19.70 -21.55
C PHE A 149 16.26 20.09 -20.84
N PHE A 150 16.17 20.25 -19.52
CA PHE A 150 17.28 20.72 -18.69
C PHE A 150 18.52 19.83 -18.76
N ILE A 151 18.35 18.55 -18.44
CA ILE A 151 19.47 17.63 -18.27
C ILE A 151 19.65 16.67 -19.46
N GLN A 152 20.85 16.10 -19.56
CA GLN A 152 21.23 15.21 -20.66
C GLN A 152 21.15 13.73 -20.30
N ASP A 153 21.33 13.42 -19.02
CA ASP A 153 21.21 12.05 -18.51
C ASP A 153 20.06 11.95 -17.51
N ALA A 154 19.36 10.83 -17.54
CA ALA A 154 18.16 10.62 -16.72
C ALA A 154 18.47 10.35 -15.24
N ILE A 155 19.70 9.95 -14.95
CA ILE A 155 20.16 9.71 -13.58
C ILE A 155 20.25 11.01 -12.76
N ARG A 156 20.28 12.15 -13.46
CA ARG A 156 20.34 13.47 -12.82
C ARG A 156 18.97 14.11 -12.61
N PHE A 157 17.90 13.35 -12.86
CA PHE A 157 16.54 13.88 -12.76
C PHE A 157 16.12 14.24 -11.32
N PRO A 158 16.44 13.38 -10.34
CA PRO A 158 16.15 13.75 -8.95
C PRO A 158 16.88 15.02 -8.50
N ASP A 159 18.10 15.23 -9.00
CA ASP A 159 18.90 16.42 -8.68
C ASP A 159 18.26 17.69 -9.22
N LEU A 160 17.72 17.60 -10.43
CA LEU A 160 17.05 18.73 -11.08
C LEU A 160 15.78 19.14 -10.35
N ILE A 161 14.95 18.15 -10.02
CA ILE A 161 13.65 18.39 -9.39
C ILE A 161 13.81 18.84 -7.94
N HIS A 162 14.71 18.19 -7.19
CA HIS A 162 15.00 18.57 -5.80
C HIS A 162 15.40 20.04 -5.67
N SER A 163 16.17 20.53 -6.65
CA SER A 163 16.63 21.92 -6.65
C SER A 163 15.51 22.91 -6.98
N VAL A 164 14.62 22.54 -7.88
CA VAL A 164 13.52 23.42 -8.31
C VAL A 164 12.31 23.34 -7.36
N LYS A 165 12.11 22.17 -6.76
CA LYS A 165 11.06 21.96 -5.75
C LYS A 165 11.35 22.82 -4.50
N PRO A 166 10.35 23.01 -3.62
CA PRO A 166 10.56 23.84 -2.44
C PRO A 166 11.67 23.32 -1.54
N SER A 167 12.34 24.23 -0.82
CA SER A 167 13.43 23.86 0.09
C SER A 167 12.93 22.88 1.16
N PRO A 168 13.66 21.78 1.38
CA PRO A 168 13.16 20.68 2.21
C PRO A 168 12.96 21.00 3.69
N ASP A 169 13.63 22.03 4.19
CA ASP A 169 13.52 22.42 5.61
C ASP A 169 12.19 23.10 5.94
N ASN A 170 11.72 23.98 5.06
CA ASN A 170 10.47 24.73 5.27
C ASN A 170 9.40 24.54 4.19
N GLU A 171 9.75 23.81 3.13
CA GLU A 171 8.89 23.61 1.95
C GLU A 171 8.45 24.95 1.36
N VAL A 172 9.43 25.79 1.05
CA VAL A 172 9.22 27.11 0.42
C VAL A 172 10.30 27.28 -0.65
N PRO A 173 9.95 27.89 -1.81
CA PRO A 173 8.66 28.42 -2.25
C PRO A 173 7.85 27.43 -3.10
N GLN A 174 6.54 27.67 -3.19
CA GLN A 174 5.63 26.81 -3.93
C GLN A 174 5.56 27.21 -5.40
N ALA A 175 5.69 26.22 -6.28
CA ALA A 175 5.51 26.39 -7.73
C ALA A 175 6.36 27.54 -8.28
N ALA A 176 7.64 27.54 -7.96
CA ALA A 176 8.55 28.60 -8.38
C ALA A 176 10.00 28.15 -8.38
N THR A 177 10.77 28.65 -9.35
CA THR A 177 12.21 28.41 -9.44
C THR A 177 13.01 29.59 -8.88
N ALA A 178 12.31 30.59 -8.36
CA ALA A 178 12.94 31.82 -7.86
C ALA A 178 13.44 31.66 -6.42
N HIS A 179 14.49 30.85 -6.27
CA HIS A 179 15.14 30.66 -4.97
C HIS A 179 16.55 30.10 -5.12
N ASP A 180 17.32 30.15 -4.03
CA ASP A 180 18.76 29.84 -4.05
C ASP A 180 19.13 28.53 -4.73
N SER A 181 18.43 27.45 -4.37
CA SER A 181 18.80 26.10 -4.79
C SER A 181 18.61 25.86 -6.29
N ALA A 182 17.56 26.43 -6.86
CA ALA A 182 17.25 26.26 -8.29
C ALA A 182 18.34 26.88 -9.16
N TRP A 183 18.68 28.14 -8.87
CA TRP A 183 19.71 28.87 -9.61
C TRP A 183 21.13 28.41 -9.29
N ASP A 184 21.29 27.74 -8.15
CA ASP A 184 22.56 27.08 -7.82
C ASP A 184 22.78 25.89 -8.76
N PHE A 185 21.72 25.15 -9.03
CA PHE A 185 21.75 24.01 -9.95
C PHE A 185 21.94 24.43 -11.40
N PHE A 186 21.25 25.50 -11.81
CA PHE A 186 21.34 25.99 -13.19
C PHE A 186 22.76 26.46 -13.54
N SER A 187 23.41 27.12 -12.59
CA SER A 187 24.79 27.58 -12.76
C SER A 187 25.80 26.44 -12.66
N SER A 188 25.59 25.55 -11.69
CA SER A 188 26.47 24.38 -11.49
C SER A 188 26.32 23.34 -12.61
N GLN A 189 25.16 23.32 -13.25
CA GLN A 189 24.86 22.40 -14.34
C GLN A 189 24.45 23.21 -15.58
N PRO A 190 25.44 23.68 -16.38
CA PRO A 190 25.20 24.55 -17.53
C PRO A 190 24.26 24.01 -18.63
N SER A 191 24.09 22.69 -18.68
CA SER A 191 23.16 22.07 -19.64
C SER A 191 21.72 22.58 -19.48
N ALA A 192 21.37 22.96 -18.26
CA ALA A 192 20.02 23.45 -17.94
C ALA A 192 19.72 24.85 -18.49
N LEU A 193 20.75 25.59 -18.88
CA LEU A 193 20.60 26.98 -19.34
C LEU A 193 19.65 27.17 -20.53
N HIS A 194 19.63 26.21 -21.44
CA HIS A 194 18.81 26.32 -22.65
C HIS A 194 17.31 26.32 -22.34
N THR A 195 16.88 25.31 -21.59
CA THR A 195 15.47 25.22 -21.16
C THR A 195 15.09 26.36 -20.23
N LEU A 196 16.05 26.86 -19.47
CA LEU A 196 15.85 28.02 -18.60
C LEU A 196 15.38 29.22 -19.42
N PHE A 197 16.06 29.48 -20.53
CA PHE A 197 15.72 30.58 -21.44
C PHE A 197 14.29 30.47 -21.98
N TRP A 198 13.91 29.27 -22.41
CA TRP A 198 12.53 29.00 -22.83
C TRP A 198 11.55 29.21 -21.66
N ALA A 199 11.95 28.75 -20.47
CA ALA A 199 11.14 28.89 -19.26
C ALA A 199 11.00 30.34 -18.78
N MET A 200 11.98 31.17 -19.10
CA MET A 200 11.94 32.60 -18.76
C MET A 200 11.16 33.40 -19.80
N SER A 201 10.91 32.81 -20.96
CA SER A 201 10.18 33.47 -22.05
C SER A 201 8.66 33.28 -21.89
N GLY A 202 7.91 33.59 -22.95
CA GLY A 202 6.45 33.44 -22.95
C GLY A 202 5.95 32.02 -22.77
N ASN A 203 6.78 31.04 -23.12
CA ASN A 203 6.45 29.63 -22.93
C ASN A 203 6.31 29.23 -21.46
N GLY A 204 6.96 30.00 -20.57
CA GLY A 204 6.83 29.79 -19.12
C GLY A 204 5.48 30.21 -18.58
N ILE A 205 4.89 31.24 -19.20
CA ILE A 205 3.59 31.78 -18.77
C ILE A 205 2.64 31.91 -19.97
N PRO A 206 2.19 30.77 -20.53
CA PRO A 206 1.31 30.79 -21.68
C PRO A 206 -0.11 31.25 -21.34
N ARG A 207 -0.83 31.71 -22.36
CA ARG A 207 -2.22 32.16 -22.21
C ARG A 207 -3.10 31.02 -21.68
N SER A 208 -3.05 29.90 -22.39
CA SER A 208 -3.81 28.70 -21.99
C SER A 208 -3.19 27.44 -22.59
N TYR A 209 -3.76 26.28 -22.23
CA TYR A 209 -3.31 25.01 -22.80
C TYR A 209 -3.57 24.94 -24.30
N ARG A 210 -4.64 25.60 -24.74
CA ARG A 210 -5.03 25.60 -26.16
C ARG A 210 -4.05 26.40 -27.01
N HIS A 211 -3.40 27.38 -26.38
CA HIS A 211 -2.39 28.21 -27.05
C HIS A 211 -0.97 27.77 -26.69
N MET A 212 -0.71 26.48 -26.82
CA MET A 212 0.64 25.94 -26.67
C MET A 212 0.97 24.97 -27.80
N ASP A 213 2.22 25.01 -28.25
CA ASP A 213 2.76 23.95 -29.08
C ASP A 213 3.23 22.82 -28.17
N GLY A 214 3.42 21.63 -28.75
CA GLY A 214 3.85 20.46 -28.00
C GLY A 214 5.02 19.78 -28.69
N PHE A 215 5.93 19.22 -27.88
CA PHE A 215 7.15 18.60 -28.40
C PHE A 215 7.46 17.30 -27.65
N GLY A 216 7.80 16.27 -28.41
CA GLY A 216 8.28 15.01 -27.84
C GLY A 216 9.71 15.12 -27.32
N ILE A 217 10.41 16.18 -27.74
CA ILE A 217 11.77 16.51 -27.29
C ILE A 217 12.82 15.53 -27.82
N HIS A 218 12.71 14.27 -27.41
CA HIS A 218 13.67 13.24 -27.81
C HIS A 218 13.59 12.94 -29.31
N THR A 219 14.71 12.47 -29.84
CA THR A 219 14.72 11.89 -31.17
C THR A 219 14.25 10.44 -31.04
N PHE A 220 13.18 10.11 -31.73
CA PHE A 220 12.67 8.73 -31.77
C PHE A 220 12.95 8.12 -33.15
N ARG A 221 12.54 6.87 -33.33
CA ARG A 221 12.66 6.18 -34.62
C ARG A 221 11.29 5.81 -35.17
N LEU A 222 11.12 5.98 -36.48
CA LEU A 222 9.94 5.49 -37.20
C LEU A 222 10.37 4.30 -38.06
N VAL A 223 9.75 3.14 -37.83
CA VAL A 223 10.14 1.90 -38.49
C VAL A 223 9.05 1.38 -39.43
N THR A 224 9.47 0.91 -40.61
CA THR A 224 8.54 0.37 -41.61
C THR A 224 8.45 -1.16 -41.50
N GLU A 225 7.63 -1.76 -42.36
CA GLU A 225 7.41 -3.22 -42.37
C GLU A 225 8.70 -4.02 -42.56
N ASP A 226 9.51 -3.63 -43.53
CA ASP A 226 10.74 -4.34 -43.87
C ASP A 226 11.95 -3.98 -42.99
N GLY A 227 11.69 -3.33 -41.85
CA GLY A 227 12.73 -3.05 -40.86
C GLY A 227 13.43 -1.72 -41.03
N LYS A 228 13.08 -1.00 -42.09
CA LYS A 228 13.74 0.27 -42.43
C LYS A 228 13.30 1.38 -41.49
N SER A 229 14.18 2.35 -41.31
CA SER A 229 14.13 3.22 -40.14
C SER A 229 14.54 4.66 -40.46
N LYS A 230 13.97 5.59 -39.70
CA LYS A 230 14.31 7.01 -39.83
C LYS A 230 14.19 7.72 -38.48
N LEU A 231 15.10 8.65 -38.22
CA LEU A 231 15.07 9.45 -36.99
C LEU A 231 13.94 10.47 -37.07
N VAL A 232 13.23 10.67 -35.97
CA VAL A 232 12.04 11.52 -35.96
C VAL A 232 11.94 12.39 -34.71
N LYS A 233 11.39 13.60 -34.90
CA LYS A 233 11.02 14.51 -33.82
C LYS A 233 9.52 14.76 -33.90
N TRP A 234 8.83 14.63 -32.77
CA TRP A 234 7.38 14.87 -32.72
C TRP A 234 7.07 16.33 -32.44
N HIS A 235 6.09 16.87 -33.17
CA HIS A 235 5.65 18.25 -33.01
C HIS A 235 4.12 18.35 -33.00
N TRP A 236 3.58 19.10 -32.04
CA TRP A 236 2.17 19.47 -32.00
C TRP A 236 2.05 20.96 -32.30
N LYS A 237 1.47 21.27 -33.46
CA LYS A 237 1.30 22.66 -33.90
C LYS A 237 -0.14 23.12 -33.67
N THR A 238 -0.31 24.13 -32.82
CA THR A 238 -1.65 24.59 -32.42
C THR A 238 -2.36 25.37 -33.52
N LYS A 239 -3.64 25.07 -33.71
CA LYS A 239 -4.49 25.81 -34.67
C LYS A 239 -5.01 27.11 -34.06
N GLN A 240 -4.94 27.22 -32.74
CA GLN A 240 -5.38 28.41 -32.02
C GLN A 240 -4.31 29.50 -32.01
N GLY A 241 -3.07 29.12 -32.31
CA GLY A 241 -1.95 30.05 -32.31
C GLY A 241 -1.33 30.20 -30.94
N LYS A 242 -0.03 30.52 -30.91
CA LYS A 242 0.68 30.70 -29.64
C LYS A 242 0.38 32.05 -29.03
N ALA A 243 0.15 32.06 -27.71
CA ALA A 243 -0.12 33.28 -26.96
C ALA A 243 0.38 33.14 -25.53
N ALA A 244 0.86 34.24 -24.96
CA ALA A 244 1.44 34.24 -23.62
C ALA A 244 1.13 35.53 -22.87
N LEU A 245 0.98 35.42 -21.55
CA LEU A 245 0.73 36.57 -20.69
C LEU A 245 2.03 37.24 -20.29
N VAL A 246 1.92 38.36 -19.58
CA VAL A 246 3.07 39.01 -18.95
C VAL A 246 3.19 38.54 -17.51
N TRP A 247 4.37 38.71 -16.91
CA TRP A 247 4.65 38.19 -15.57
C TRP A 247 3.80 38.84 -14.48
N GLU A 248 3.76 40.17 -14.49
CA GLU A 248 2.96 40.93 -13.52
C GLU A 248 1.46 40.59 -13.61
N GLU A 249 1.00 40.21 -14.80
CA GLU A 249 -0.37 39.75 -15.01
C GLU A 249 -0.59 38.35 -14.42
N ALA A 250 0.35 37.46 -14.69
CA ALA A 250 0.27 36.06 -14.27
C ALA A 250 0.31 35.87 -12.75
N GLN A 251 1.02 36.77 -12.06
CA GLN A 251 1.11 36.73 -10.59
C GLN A 251 -0.25 37.00 -9.94
N VAL A 252 -0.89 38.08 -10.38
CA VAL A 252 -2.22 38.45 -9.88
C VAL A 252 -3.26 37.39 -10.25
N LEU A 253 -3.15 36.84 -11.46
CA LEU A 253 -4.06 35.79 -11.93
C LEU A 253 -3.91 34.50 -11.12
N ALA A 254 -2.71 34.25 -10.62
CA ALA A 254 -2.44 33.07 -9.77
C ALA A 254 -3.22 33.14 -8.46
N GLY A 255 -3.44 34.35 -7.97
CA GLY A 255 -4.22 34.59 -6.76
C GLY A 255 -5.71 34.76 -7.01
N LYS A 256 -6.06 35.40 -8.12
CA LYS A 256 -7.46 35.69 -8.45
C LYS A 256 -8.19 34.44 -8.92
N ASN A 257 -7.60 33.71 -9.87
CA ASN A 257 -8.15 32.46 -10.36
C ASN A 257 -7.04 31.43 -10.62
N ALA A 258 -6.82 30.57 -9.65
CA ALA A 258 -5.80 29.51 -9.76
C ALA A 258 -6.21 28.41 -10.72
N ASP A 259 -7.50 28.36 -11.06
CA ASP A 259 -8.04 27.36 -11.98
C ASP A 259 -8.24 27.94 -13.38
N PHE A 260 -7.30 28.79 -13.81
CA PHE A 260 -7.48 29.60 -15.02
C PHE A 260 -7.38 28.77 -16.30
N HIS A 261 -6.34 27.96 -16.40
CA HIS A 261 -6.12 27.15 -17.61
C HIS A 261 -7.08 25.97 -17.73
N ARG A 262 -7.40 25.33 -16.61
CA ARG A 262 -8.32 24.19 -16.62
C ARG A 262 -9.78 24.61 -16.88
N GLN A 263 -10.17 25.78 -16.36
CA GLN A 263 -11.49 26.35 -16.64
C GLN A 263 -11.57 26.79 -18.10
N ASP A 264 -10.47 27.35 -18.61
CA ASP A 264 -10.38 27.76 -20.02
C ASP A 264 -10.60 26.59 -20.98
N LEU A 265 -9.94 25.47 -20.69
CA LEU A 265 -10.07 24.26 -21.50
C LEU A 265 -11.48 23.67 -21.38
N TRP A 266 -12.05 23.72 -20.17
CA TRP A 266 -13.39 23.23 -19.91
C TRP A 266 -14.46 24.03 -20.66
N ASP A 267 -14.40 25.35 -20.54
CA ASP A 267 -15.36 26.25 -21.18
C ASP A 267 -15.29 26.21 -22.70
N ALA A 268 -14.09 26.03 -23.24
CA ALA A 268 -13.87 25.96 -24.68
C ALA A 268 -14.61 24.77 -25.29
N ILE A 269 -14.39 23.59 -24.71
CA ILE A 269 -15.04 22.36 -25.16
C ILE A 269 -16.56 22.40 -24.93
N GLU A 270 -16.97 22.94 -23.79
CA GLU A 270 -18.39 23.02 -23.42
C GLU A 270 -19.20 23.97 -24.30
N SER A 271 -18.54 25.01 -24.81
CA SER A 271 -19.20 26.00 -25.67
C SER A 271 -19.19 25.62 -27.15
N GLY A 272 -18.73 24.42 -27.47
CA GLY A 272 -18.66 23.94 -28.84
C GLY A 272 -17.49 24.50 -29.63
N ASN A 273 -16.46 24.94 -28.90
CA ASN A 273 -15.21 25.40 -29.50
C ASN A 273 -14.05 24.50 -29.10
N ALA A 274 -14.08 23.28 -29.62
CA ALA A 274 -13.03 22.30 -29.35
C ALA A 274 -11.70 22.73 -29.99
N PRO A 275 -10.62 22.77 -29.20
CA PRO A 275 -9.30 23.14 -29.72
C PRO A 275 -8.67 22.01 -30.53
N SER A 276 -7.77 22.38 -31.44
CA SER A 276 -7.12 21.41 -32.33
C SER A 276 -5.63 21.66 -32.47
N TRP A 277 -4.89 20.57 -32.70
CA TRP A 277 -3.46 20.61 -32.98
C TRP A 277 -3.12 19.74 -34.18
N GLU A 278 -2.11 20.15 -34.94
CA GLU A 278 -1.60 19.35 -36.06
C GLU A 278 -0.37 18.55 -35.62
N LEU A 279 -0.41 17.24 -35.82
CA LEU A 279 0.74 16.37 -35.56
C LEU A 279 1.70 16.45 -36.73
N ALA A 280 2.90 16.98 -36.49
CA ALA A 280 3.93 17.14 -37.51
C ALA A 280 5.23 16.46 -37.09
N VAL A 281 6.05 16.11 -38.07
CA VAL A 281 7.31 15.40 -37.83
C VAL A 281 8.47 15.95 -38.65
N GLN A 282 9.67 15.91 -38.06
CA GLN A 282 10.91 16.20 -38.76
C GLN A 282 11.67 14.90 -38.98
N LEU A 283 11.78 14.49 -40.25
CA LEU A 283 12.39 13.21 -40.61
C LEU A 283 13.85 13.37 -41.03
N ILE A 284 14.74 12.70 -40.32
CA ILE A 284 16.18 12.69 -40.62
C ILE A 284 16.67 11.27 -40.84
N ASP A 285 17.61 11.12 -41.76
CA ASP A 285 18.23 9.81 -42.03
C ASP A 285 19.16 9.41 -40.88
N GLU A 286 19.40 8.10 -40.75
CA GLU A 286 20.22 7.57 -39.66
C GLU A 286 21.67 8.04 -39.73
N ASP A 287 22.19 8.14 -40.94
CA ASP A 287 23.59 8.53 -41.16
C ASP A 287 23.85 10.02 -40.91
N LYS A 288 22.78 10.79 -40.70
CA LYS A 288 22.86 12.23 -40.47
C LYS A 288 22.45 12.59 -39.04
N ALA A 289 22.90 11.79 -38.09
CA ALA A 289 22.56 11.97 -36.68
C ALA A 289 23.41 13.07 -36.04
N GLN A 290 24.65 13.21 -36.51
CA GLN A 290 25.59 14.21 -35.99
C GLN A 290 26.04 15.18 -37.08
N ALA A 291 25.13 15.50 -38.01
CA ALA A 291 25.46 16.28 -39.19
C ALA A 291 25.12 17.78 -39.09
N TYR A 292 24.26 18.13 -38.12
CA TYR A 292 23.74 19.50 -38.03
C TYR A 292 24.33 20.32 -36.88
N GLY A 293 25.60 20.09 -36.59
CA GLY A 293 26.32 20.86 -35.56
C GLY A 293 26.08 20.42 -34.13
N PHE A 294 25.28 19.38 -33.94
CA PHE A 294 25.00 18.83 -32.62
C PHE A 294 24.57 17.36 -32.73
N ASP A 295 24.47 16.71 -31.58
CA ASP A 295 24.09 15.30 -31.51
C ASP A 295 22.57 15.18 -31.34
N LEU A 296 21.93 14.43 -32.23
CA LEU A 296 20.48 14.24 -32.18
C LEU A 296 20.02 13.40 -30.99
N LEU A 297 20.96 12.68 -30.38
CA LEU A 297 20.72 11.97 -29.11
C LEU A 297 20.67 12.94 -27.92
N ASP A 298 21.14 14.17 -28.11
CA ASP A 298 21.14 15.19 -27.06
C ASP A 298 19.74 15.80 -26.89
N PRO A 299 19.14 15.65 -25.69
CA PRO A 299 17.80 16.19 -25.45
C PRO A 299 17.77 17.71 -25.23
N THR A 300 18.92 18.30 -24.89
CA THR A 300 19.01 19.74 -24.67
C THR A 300 19.07 20.56 -25.96
N LYS A 301 19.21 19.89 -27.10
CA LYS A 301 19.25 20.55 -28.41
C LYS A 301 17.93 20.37 -29.16
N PHE A 302 17.62 21.33 -30.04
CA PHE A 302 16.53 21.18 -31.01
C PHE A 302 17.06 21.41 -32.43
N LEU A 303 16.40 20.80 -33.41
CA LEU A 303 16.78 20.92 -34.81
C LEU A 303 15.99 22.04 -35.48
N PRO A 304 16.69 23.06 -36.03
CA PRO A 304 16.02 24.14 -36.77
C PRO A 304 15.18 23.64 -37.94
N GLU A 305 14.07 24.33 -38.21
CA GLU A 305 13.15 23.94 -39.29
C GLU A 305 13.75 24.14 -40.69
N GLU A 306 14.72 25.04 -40.81
CA GLU A 306 15.39 25.28 -42.11
C GLU A 306 16.26 24.10 -42.57
N PHE A 307 16.69 23.25 -41.64
CA PHE A 307 17.41 22.02 -41.97
C PHE A 307 16.44 20.88 -42.29
N ALA A 308 15.48 20.68 -41.41
CA ALA A 308 14.44 19.65 -41.58
C ALA A 308 13.05 20.26 -41.34
N PRO A 309 12.32 20.58 -42.43
CA PRO A 309 10.99 21.16 -42.28
C PRO A 309 9.95 20.20 -41.70
N LEU A 310 8.86 20.76 -41.19
CA LEU A 310 7.78 19.97 -40.58
C LEU A 310 6.93 19.30 -41.64
N GLN A 311 6.64 18.01 -41.42
CA GLN A 311 5.77 17.23 -42.30
C GLN A 311 4.52 16.81 -41.53
N VAL A 312 3.41 17.50 -41.78
CA VAL A 312 2.15 17.23 -41.09
C VAL A 312 1.61 15.84 -41.43
N LEU A 313 1.21 15.10 -40.39
CA LEU A 313 0.71 13.74 -40.54
C LEU A 313 -0.80 13.66 -40.32
N GLY A 314 -1.31 14.42 -39.36
CA GLY A 314 -2.74 14.43 -39.06
C GLY A 314 -3.15 15.57 -38.13
N GLU A 315 -4.36 15.48 -37.60
CA GLU A 315 -4.88 16.50 -36.69
C GLU A 315 -5.61 15.88 -35.50
N MET A 316 -5.40 16.48 -34.33
CA MET A 316 -6.06 16.07 -33.08
C MET A 316 -7.05 17.14 -32.68
N THR A 317 -8.22 16.71 -32.18
CA THR A 317 -9.25 17.64 -31.69
C THR A 317 -9.85 17.13 -30.38
N LEU A 318 -9.65 17.90 -29.31
CA LEU A 318 -10.19 17.57 -28.00
C LEU A 318 -11.60 18.15 -27.86
N ASN A 319 -12.61 17.28 -27.78
CA ASN A 319 -14.01 17.71 -27.79
C ASN A 319 -14.95 17.02 -26.79
N ARG A 320 -14.38 16.35 -25.78
CA ARG A 320 -15.17 15.69 -24.74
C ARG A 320 -14.49 15.84 -23.38
N ASN A 321 -15.10 16.63 -22.49
CA ASN A 321 -14.62 16.76 -21.12
C ASN A 321 -14.96 15.51 -20.31
N PRO A 322 -14.18 15.22 -19.24
CA PRO A 322 -14.47 14.09 -18.37
C PRO A 322 -15.67 14.36 -17.48
N MET A 323 -16.33 13.30 -17.02
CA MET A 323 -17.46 13.41 -16.09
C MET A 323 -17.02 13.27 -14.63
N ASN A 324 -15.94 12.52 -14.40
CA ASN A 324 -15.29 12.48 -13.09
C ASN A 324 -13.80 12.76 -13.26
N TYR A 325 -13.32 13.83 -12.63
CA TYR A 325 -11.91 14.24 -12.74
C TYR A 325 -10.96 13.19 -12.17
N PHE A 326 -11.28 12.71 -10.97
CA PHE A 326 -10.42 11.75 -10.27
C PHE A 326 -10.27 10.45 -11.06
N ALA A 327 -11.40 9.91 -11.52
CA ALA A 327 -11.43 8.61 -12.19
C ALA A 327 -10.68 8.61 -13.52
N GLU A 328 -10.73 9.74 -14.22
CA GLU A 328 -10.15 9.86 -15.56
C GLU A 328 -8.83 10.64 -15.55
N THR A 329 -8.90 11.90 -15.14
CA THR A 329 -7.78 12.83 -15.27
C THR A 329 -6.67 12.55 -14.26
N GLU A 330 -7.06 12.37 -13.00
CA GLU A 330 -6.09 12.12 -11.92
C GLU A 330 -5.47 10.72 -12.01
N GLN A 331 -6.26 9.74 -12.43
CA GLN A 331 -5.85 8.33 -12.42
C GLN A 331 -5.10 7.86 -13.67
N ILE A 332 -5.17 8.60 -14.77
CA ILE A 332 -4.52 8.17 -16.01
C ILE A 332 -3.00 8.07 -15.83
N SER A 333 -2.44 6.99 -16.33
CA SER A 333 -1.01 6.67 -16.13
C SER A 333 -0.22 6.69 -17.43
N PHE A 334 0.33 7.86 -17.77
CA PHE A 334 1.14 8.00 -18.99
C PHE A 334 2.52 7.39 -18.81
N GLN A 335 3.05 6.84 -19.89
CA GLN A 335 4.43 6.35 -19.91
C GLN A 335 5.03 6.47 -21.32
N PRO A 336 6.30 6.89 -21.42
CA PRO A 336 7.02 6.92 -22.70
C PRO A 336 7.32 5.50 -23.19
N GLY A 337 7.28 4.53 -22.28
CA GLY A 337 7.48 3.13 -22.62
C GLY A 337 6.27 2.49 -23.28
N HIS A 338 5.14 3.18 -23.28
CA HIS A 338 3.97 2.76 -24.06
C HIS A 338 4.24 2.96 -25.55
N ILE A 339 4.91 1.98 -26.16
CA ILE A 339 5.29 2.05 -27.57
C ILE A 339 4.62 0.93 -28.36
N VAL A 340 4.39 1.19 -29.65
CA VAL A 340 3.71 0.24 -30.52
C VAL A 340 4.54 -0.11 -31.75
N ARG A 341 4.06 -1.08 -32.52
CA ARG A 341 4.71 -1.53 -33.75
C ARG A 341 4.79 -0.40 -34.78
N GLY A 342 6.01 -0.09 -35.21
CA GLY A 342 6.26 1.00 -36.15
C GLY A 342 7.02 2.17 -35.54
N VAL A 343 7.24 2.11 -34.23
CA VAL A 343 8.02 3.12 -33.51
C VAL A 343 9.07 2.43 -32.63
N ASP A 344 10.21 3.09 -32.45
CA ASP A 344 11.31 2.53 -31.67
C ASP A 344 12.08 3.64 -30.94
N PHE A 345 12.77 3.27 -29.86
CA PHE A 345 13.54 4.22 -29.06
C PHE A 345 14.89 4.53 -29.71
N THR A 346 15.57 5.52 -29.14
CA THR A 346 16.95 5.85 -29.53
C THR A 346 17.85 5.84 -28.29
N GLU A 347 19.14 6.05 -28.50
CA GLU A 347 20.14 5.98 -27.42
C GLU A 347 20.26 7.30 -26.62
N ASP A 348 19.20 8.11 -26.61
CA ASP A 348 19.12 9.30 -25.79
C ASP A 348 19.16 8.90 -24.31
N PRO A 349 20.26 9.24 -23.60
CA PRO A 349 20.41 8.80 -22.20
C PRO A 349 19.28 9.26 -21.27
N LEU A 350 18.66 10.38 -21.60
CA LEU A 350 17.53 10.90 -20.84
C LEU A 350 16.27 10.06 -21.09
N LEU A 351 16.04 9.70 -22.35
CA LEU A 351 14.91 8.84 -22.72
C LEU A 351 15.03 7.43 -22.13
N GLN A 352 16.26 6.91 -22.12
CA GLN A 352 16.53 5.55 -21.63
C GLN A 352 16.06 5.34 -20.19
N GLY A 353 16.33 6.33 -19.34
CA GLY A 353 15.96 6.25 -17.92
C GLY A 353 14.48 6.43 -17.65
N ARG A 354 13.80 7.20 -18.50
CA ARG A 354 12.36 7.42 -18.38
C ARG A 354 11.57 6.11 -18.51
N LEU A 355 12.01 5.25 -19.42
CA LEU A 355 11.33 3.97 -19.67
C LEU A 355 11.17 3.16 -18.38
N TYR A 356 12.21 3.17 -17.56
CA TYR A 356 12.17 2.52 -16.23
C TYR A 356 11.31 3.32 -15.26
N SER A 357 11.57 4.62 -15.17
CA SER A 357 10.99 5.48 -14.14
C SER A 357 9.46 5.53 -14.14
N TYR A 358 8.88 5.68 -15.32
CA TYR A 358 7.43 5.88 -15.45
C TYR A 358 6.62 4.63 -15.09
N LEU A 359 7.19 3.45 -15.34
CA LEU A 359 6.54 2.19 -14.98
C LEU A 359 6.60 1.96 -13.47
N ASP A 360 7.75 2.24 -12.87
CA ASP A 360 7.97 2.06 -11.44
C ASP A 360 7.12 3.01 -10.59
N THR A 361 6.96 4.24 -11.06
CA THR A 361 6.26 5.28 -10.30
C THR A 361 4.75 5.01 -10.13
N GLN A 362 4.19 4.19 -11.01
CA GLN A 362 2.78 3.79 -10.93
C GLN A 362 2.52 2.89 -9.73
N LEU A 363 3.54 2.16 -9.30
CA LEU A 363 3.44 1.29 -8.12
C LEU A 363 3.21 2.10 -6.85
N ASN A 364 3.74 3.32 -6.82
CA ASN A 364 3.52 4.23 -5.69
C ASN A 364 2.13 4.84 -5.73
N ARG A 365 1.79 5.44 -6.87
CA ARG A 365 0.51 6.11 -7.06
C ARG A 365 -0.70 5.19 -6.91
N HIS A 366 -0.63 4.03 -7.54
CA HIS A 366 -1.78 3.11 -7.62
C HIS A 366 -1.73 1.95 -6.62
N ARG A 367 -0.57 1.77 -5.98
CA ARG A 367 -0.39 0.73 -4.94
C ARG A 367 -0.78 -0.66 -5.43
N GLY A 368 -0.30 -1.02 -6.61
CA GLY A 368 -0.56 -2.33 -7.20
C GLY A 368 -0.06 -2.41 -8.64
N PRO A 369 0.06 -3.64 -9.18
CA PRO A 369 0.54 -3.84 -10.54
C PRO A 369 -0.57 -3.85 -11.60
N ASN A 370 -1.83 -3.71 -11.18
CA ASN A 370 -2.98 -3.78 -12.09
C ASN A 370 -3.59 -2.41 -12.40
N PHE A 371 -2.73 -1.40 -12.52
CA PHE A 371 -3.17 -0.03 -12.85
C PHE A 371 -3.64 0.11 -14.31
N GLU A 372 -3.17 -0.77 -15.19
CA GLU A 372 -3.58 -0.77 -16.59
C GLU A 372 -5.02 -1.24 -16.78
N GLN A 373 -5.53 -1.98 -15.80
CA GLN A 373 -6.91 -2.48 -15.82
C GLN A 373 -7.95 -1.38 -15.54
N LEU A 374 -7.50 -0.23 -15.04
CA LEU A 374 -8.37 0.92 -14.82
C LEU A 374 -8.97 1.39 -16.16
N PRO A 375 -10.29 1.68 -16.19
CA PRO A 375 -10.99 2.03 -17.43
C PRO A 375 -10.30 3.08 -18.30
N ILE A 376 -9.70 4.10 -17.69
CA ILE A 376 -9.00 5.15 -18.41
C ILE A 376 -7.67 4.65 -19.02
N ASN A 377 -7.05 3.69 -18.34
CA ASN A 377 -5.77 3.11 -18.80
C ASN A 377 -5.93 1.95 -19.79
N ARG A 378 -7.09 1.31 -19.79
CA ARG A 378 -7.35 0.16 -20.66
C ARG A 378 -7.20 0.50 -22.14
N PRO A 379 -6.56 -0.40 -22.92
CA PRO A 379 -6.54 -0.26 -24.37
C PRO A 379 -7.81 -0.78 -25.01
N VAL A 380 -8.06 -0.39 -26.25
CA VAL A 380 -9.23 -0.85 -27.00
C VAL A 380 -8.93 -2.12 -27.81
N SER A 381 -7.65 -2.47 -27.91
CA SER A 381 -7.19 -3.56 -28.78
C SER A 381 -7.22 -4.95 -28.14
N GLY A 382 -7.39 -5.01 -26.83
CA GLY A 382 -7.47 -6.27 -26.10
C GLY A 382 -6.15 -6.67 -25.45
N VAL A 383 -6.25 -7.47 -24.38
CA VAL A 383 -5.09 -7.93 -23.62
C VAL A 383 -5.11 -9.45 -23.46
N HIS A 384 -4.04 -10.10 -23.92
CA HIS A 384 -3.89 -11.55 -23.80
C HIS A 384 -2.45 -11.94 -23.46
N ASN A 385 -2.24 -12.37 -22.21
CA ASN A 385 -0.93 -12.82 -21.74
C ASN A 385 -1.06 -13.74 -20.52
N ASN A 386 0.08 -14.13 -19.95
CA ASN A 386 0.11 -15.03 -18.80
C ASN A 386 0.28 -14.30 -17.44
N HIS A 387 -0.14 -13.04 -17.39
CA HIS A 387 -0.07 -12.25 -16.15
C HIS A 387 -1.25 -12.57 -15.25
N ARG A 388 -0.96 -13.08 -14.05
CA ARG A 388 -2.02 -13.38 -13.09
C ARG A 388 -1.84 -12.68 -11.76
N ASP A 389 -2.96 -12.60 -11.04
CA ASP A 389 -2.99 -12.17 -9.64
C ASP A 389 -2.60 -10.70 -9.46
N GLY A 390 -2.08 -10.37 -8.28
CA GLY A 390 -1.70 -9.01 -7.94
C GLY A 390 -2.85 -8.29 -7.25
N GLN A 391 -2.57 -7.09 -6.79
CA GLN A 391 -3.53 -6.31 -6.03
C GLN A 391 -4.61 -5.69 -6.93
N GLY A 392 -5.87 -5.94 -6.59
CA GLY A 392 -7.00 -5.40 -7.34
C GLY A 392 -7.12 -6.00 -8.73
N GLN A 393 -6.96 -7.31 -8.84
CA GLN A 393 -7.14 -8.03 -10.10
C GLN A 393 -8.62 -8.02 -10.46
N ALA A 394 -8.95 -7.44 -11.62
CA ALA A 394 -10.33 -7.18 -12.01
C ALA A 394 -10.93 -8.23 -12.95
N TRP A 395 -10.10 -9.11 -13.51
CA TRP A 395 -10.56 -10.12 -14.46
C TRP A 395 -10.52 -11.52 -13.87
N ILE A 396 -11.12 -12.47 -14.59
CA ILE A 396 -11.10 -13.89 -14.24
C ILE A 396 -10.62 -14.70 -15.45
N HIS A 397 -9.33 -14.99 -15.48
CA HIS A 397 -8.70 -15.67 -16.62
C HIS A 397 -9.17 -17.12 -16.73
N LYS A 398 -9.47 -17.55 -17.96
CA LYS A 398 -9.99 -18.90 -18.21
C LYS A 398 -8.88 -19.93 -18.48
N ASN A 399 -7.76 -19.47 -19.02
CA ASN A 399 -6.61 -20.34 -19.31
C ASN A 399 -5.89 -20.74 -18.03
N ILE A 400 -6.00 -22.02 -17.65
CA ILE A 400 -5.34 -22.54 -16.45
C ILE A 400 -3.85 -22.81 -16.67
N HIS A 401 -3.46 -23.03 -17.92
CA HIS A 401 -2.06 -23.25 -18.29
C HIS A 401 -1.39 -21.92 -18.63
N HIS A 402 -0.91 -21.26 -17.59
CA HIS A 402 -0.45 -19.87 -17.66
C HIS A 402 1.07 -19.78 -17.74
N TYR A 403 1.62 -20.33 -18.82
CA TYR A 403 3.06 -20.36 -19.05
C TYR A 403 3.41 -20.72 -20.49
N SER A 404 4.63 -20.36 -20.91
CA SER A 404 5.14 -20.68 -22.24
C SER A 404 6.60 -21.14 -22.12
N PRO A 405 7.00 -22.18 -22.89
CA PRO A 405 6.21 -22.97 -23.84
C PRO A 405 5.35 -24.02 -23.15
N SER A 406 4.40 -24.58 -23.89
CA SER A 406 3.46 -25.54 -23.31
C SER A 406 2.71 -26.34 -24.39
N TYR A 407 2.55 -27.63 -24.13
CA TYR A 407 1.72 -28.50 -24.97
C TYR A 407 0.25 -28.35 -24.58
N LEU A 408 -0.01 -28.25 -23.28
CA LEU A 408 -1.38 -28.25 -22.75
C LEU A 408 -2.25 -27.08 -23.23
N ASN A 409 -1.65 -25.89 -23.40
CA ASN A 409 -2.37 -24.74 -23.96
C ASN A 409 -2.19 -24.59 -25.48
N LYS A 410 -1.50 -25.55 -26.09
CA LYS A 410 -1.27 -25.58 -27.55
C LYS A 410 -0.48 -24.37 -28.07
N GLY A 411 0.34 -23.79 -27.20
CA GLY A 411 1.16 -22.62 -27.55
C GLY A 411 0.38 -21.32 -27.68
N TYR A 412 -0.67 -21.18 -26.87
CA TYR A 412 -1.50 -19.97 -26.85
C TYR A 412 -1.69 -19.47 -25.41
N PRO A 413 -1.55 -18.15 -25.17
CA PRO A 413 -1.27 -17.07 -26.12
C PRO A 413 0.07 -17.22 -26.83
N ALA A 414 0.08 -16.92 -28.13
CA ALA A 414 1.22 -17.21 -29.01
C ALA A 414 2.20 -16.03 -29.13
N GLN A 415 3.43 -16.34 -29.53
CA GLN A 415 4.48 -15.34 -29.70
C GLN A 415 4.29 -14.58 -31.00
N ALA A 416 4.46 -13.26 -30.95
CA ALA A 416 4.35 -12.41 -32.12
C ALA A 416 5.64 -11.61 -32.31
N ASN A 417 6.06 -11.44 -33.56
CA ASN A 417 7.30 -10.74 -33.88
C ASN A 417 7.15 -9.87 -35.15
N GLN A 418 8.27 -9.59 -35.81
CA GLN A 418 8.27 -8.78 -37.03
C GLN A 418 7.49 -9.45 -38.16
N THR A 419 7.75 -10.74 -38.36
CA THR A 419 7.20 -11.48 -39.50
C THR A 419 5.86 -12.16 -39.24
N VAL A 420 5.54 -12.42 -37.97
CA VAL A 420 4.29 -13.11 -37.62
C VAL A 420 3.58 -12.46 -36.42
N GLY A 421 2.26 -12.34 -36.52
CA GLY A 421 1.43 -11.81 -35.44
C GLY A 421 1.46 -10.29 -35.26
N ARG A 422 2.15 -9.60 -36.17
CA ARG A 422 2.31 -8.15 -36.11
C ARG A 422 2.77 -7.67 -34.73
N GLY A 423 3.80 -8.34 -34.20
CA GLY A 423 4.34 -8.01 -32.89
C GLY A 423 5.32 -6.85 -32.94
N PHE A 424 5.72 -6.36 -31.77
CA PHE A 424 6.73 -5.32 -31.67
C PHE A 424 8.10 -5.90 -32.03
N PHE A 425 8.95 -5.09 -32.65
CA PHE A 425 10.33 -5.48 -32.93
C PHE A 425 11.26 -4.27 -32.91
N THR A 426 12.42 -4.45 -32.30
CA THR A 426 13.48 -3.43 -32.30
C THR A 426 14.05 -3.31 -33.71
N THR A 427 14.46 -2.10 -34.08
CA THR A 427 15.01 -1.84 -35.41
C THR A 427 16.17 -2.81 -35.70
N PRO A 428 16.01 -3.69 -36.70
CA PRO A 428 17.03 -4.70 -37.04
C PRO A 428 18.46 -4.15 -37.20
N GLY A 429 18.58 -2.95 -37.75
CA GLY A 429 19.89 -2.36 -38.02
C GLY A 429 20.65 -1.79 -36.84
N ARG A 430 19.97 -1.63 -35.70
CA ARG A 430 20.60 -1.05 -34.51
C ARG A 430 21.67 -1.96 -33.91
N THR A 431 22.79 -1.35 -33.54
CA THR A 431 23.94 -2.08 -33.00
C THR A 431 24.53 -1.36 -31.79
N ALA A 432 25.33 -2.11 -31.03
CA ALA A 432 26.09 -1.56 -29.91
C ALA A 432 27.58 -1.80 -30.17
N SER A 433 28.42 -0.87 -29.72
CA SER A 433 29.86 -0.97 -29.94
C SER A 433 30.64 -0.07 -28.98
N GLY A 434 31.63 -0.67 -28.31
CA GLY A 434 32.52 0.07 -27.40
C GLY A 434 32.55 -0.49 -26.00
N VAL A 435 33.32 0.19 -25.14
CA VAL A 435 33.48 -0.21 -23.74
C VAL A 435 32.27 0.18 -22.90
N LEU A 436 31.98 -0.60 -21.87
CA LEU A 436 30.94 -0.27 -20.90
C LEU A 436 31.43 0.90 -20.04
N ASN A 437 30.71 2.01 -20.11
CA ASN A 437 31.20 3.28 -19.56
C ASN A 437 30.13 4.08 -18.83
N ARG A 438 30.52 4.70 -17.72
CA ARG A 438 29.67 5.66 -17.01
C ARG A 438 30.12 7.07 -17.35
N GLU A 439 29.83 7.48 -18.59
CA GLU A 439 30.19 8.82 -19.06
C GLU A 439 29.32 9.25 -20.25
N LEU A 440 29.21 10.56 -20.44
CA LEU A 440 28.51 11.11 -21.60
C LEU A 440 29.47 11.33 -22.75
N SER A 441 28.93 11.35 -23.97
CA SER A 441 29.74 11.52 -25.18
C SER A 441 30.31 12.92 -25.26
N ALA A 442 31.43 13.05 -25.98
CA ALA A 442 32.08 14.35 -26.19
C ALA A 442 31.24 15.30 -27.07
N THR A 443 30.30 14.72 -27.82
CA THR A 443 29.39 15.49 -28.65
C THR A 443 28.29 16.22 -27.86
N PHE A 444 28.17 15.90 -26.57
CA PHE A 444 27.17 16.52 -25.68
C PHE A 444 27.72 17.74 -24.92
N ASP A 445 28.92 18.19 -25.29
CA ASP A 445 29.67 19.17 -24.48
C ASP A 445 29.17 20.61 -24.57
N ASP A 446 28.63 21.01 -25.72
CA ASP A 446 28.21 22.40 -25.94
C ASP A 446 26.88 22.69 -25.24
N HIS A 447 26.89 23.66 -24.33
CA HIS A 447 25.69 24.06 -23.57
C HIS A 447 25.27 25.51 -23.80
N TYR A 448 25.98 26.24 -24.66
CA TYR A 448 25.83 27.71 -24.76
C TYR A 448 25.40 28.25 -26.13
N THR A 449 25.58 27.46 -27.18
CA THR A 449 25.31 27.93 -28.55
C THR A 449 23.83 28.09 -28.84
N GLN A 450 23.05 27.05 -28.57
CA GLN A 450 21.60 27.06 -28.85
C GLN A 450 20.79 28.02 -27.96
N PRO A 451 21.11 28.13 -26.66
CA PRO A 451 20.54 29.19 -25.83
C PRO A 451 20.64 30.57 -26.46
N ARG A 452 21.80 30.89 -27.03
CA ARG A 452 22.01 32.14 -27.74
C ARG A 452 21.18 32.19 -29.03
N LEU A 453 21.11 31.06 -29.73
CA LEU A 453 20.30 30.93 -30.95
C LEU A 453 18.82 31.22 -30.67
N PHE A 454 18.34 30.76 -29.52
CA PHE A 454 16.96 31.02 -29.09
C PHE A 454 16.75 32.50 -28.78
N PHE A 455 17.69 33.09 -28.03
CA PHE A 455 17.62 34.50 -27.66
C PHE A 455 17.71 35.43 -28.88
N ASN A 456 18.53 35.04 -29.87
CA ASN A 456 18.66 35.80 -31.11
C ASN A 456 17.37 35.80 -31.94
N SER A 457 16.63 34.71 -31.86
CA SER A 457 15.43 34.51 -32.67
C SER A 457 14.15 35.11 -32.07
N LEU A 458 14.28 35.84 -30.97
CA LEU A 458 13.15 36.54 -30.35
C LEU A 458 13.15 38.02 -30.75
N THR A 459 12.00 38.66 -30.59
CA THR A 459 11.85 40.08 -30.89
C THR A 459 12.44 40.93 -29.75
N PRO A 460 12.83 42.19 -30.04
CA PRO A 460 13.38 43.10 -29.04
C PRO A 460 12.65 43.13 -27.70
N VAL A 461 11.32 43.16 -27.75
CA VAL A 461 10.50 43.21 -26.53
C VAL A 461 10.42 41.83 -25.85
N GLU A 462 10.40 40.76 -26.65
CA GLU A 462 10.45 39.40 -26.13
C GLU A 462 11.77 39.13 -25.41
N GLN A 463 12.85 39.65 -25.96
CA GLN A 463 14.18 39.56 -25.34
C GLN A 463 14.22 40.31 -24.00
N GLN A 464 13.44 41.38 -23.90
CA GLN A 464 13.32 42.15 -22.66
C GLN A 464 12.58 41.35 -21.58
N PHE A 465 11.51 40.65 -21.97
CA PHE A 465 10.75 39.80 -21.04
C PHE A 465 11.59 38.67 -20.46
N VAL A 466 12.48 38.10 -21.28
CA VAL A 466 13.36 37.03 -20.85
C VAL A 466 14.35 37.55 -19.81
N ILE A 467 14.93 38.72 -20.09
CA ILE A 467 15.85 39.38 -19.15
C ILE A 467 15.12 39.84 -17.89
N ASN A 468 13.93 40.41 -18.04
CA ASN A 468 13.09 40.81 -16.90
C ASN A 468 12.71 39.62 -16.02
N ALA A 469 12.54 38.45 -16.63
CA ALA A 469 12.25 37.21 -15.91
C ALA A 469 13.46 36.77 -15.08
N ILE A 470 14.64 36.81 -15.69
CA ILE A 470 15.89 36.49 -15.01
C ILE A 470 16.20 37.51 -13.92
N ARG A 471 15.98 38.79 -14.23
CA ARG A 471 16.16 39.88 -13.27
C ARG A 471 15.32 39.68 -12.01
N PHE A 472 14.05 39.31 -12.22
CA PHE A 472 13.11 39.09 -11.11
C PHE A 472 13.55 37.90 -10.25
N GLU A 473 13.77 36.75 -10.89
CA GLU A 473 14.07 35.51 -10.18
C GLU A 473 15.47 35.51 -9.55
N ALA A 474 16.44 36.10 -10.24
CA ALA A 474 17.82 36.16 -9.73
C ALA A 474 17.95 37.03 -8.48
N SER A 475 17.09 38.02 -8.35
CA SER A 475 17.09 38.91 -7.18
C SER A 475 16.58 38.21 -5.90
N HIS A 476 15.84 37.12 -6.06
CA HIS A 476 15.38 36.32 -4.92
C HIS A 476 16.47 35.44 -4.32
N VAL A 477 17.58 35.28 -5.03
CA VAL A 477 18.73 34.52 -4.53
C VAL A 477 19.50 35.34 -3.50
N THR A 478 19.55 34.85 -2.27
CA THR A 478 20.20 35.54 -1.16
C THR A 478 21.72 35.44 -1.20
N ASN A 479 22.22 34.26 -1.59
CA ASN A 479 23.67 34.01 -1.65
C ASN A 479 24.34 34.77 -2.78
N GLU A 480 25.38 35.53 -2.45
CA GLU A 480 26.06 36.42 -3.41
C GLU A 480 26.85 35.63 -4.46
N GLN A 481 27.56 34.60 -4.02
CA GLN A 481 28.39 33.78 -4.91
C GLN A 481 27.56 33.03 -5.95
N VAL A 482 26.34 32.65 -5.59
CA VAL A 482 25.42 31.96 -6.51
C VAL A 482 25.02 32.89 -7.67
N LYS A 483 24.72 34.15 -7.34
CA LYS A 483 24.40 35.16 -8.34
C LYS A 483 25.58 35.46 -9.26
N LYS A 484 26.79 35.44 -8.71
CA LYS A 484 28.01 35.60 -9.50
C LYS A 484 28.21 34.44 -10.46
N ASN A 485 27.93 33.22 -9.99
CA ASN A 485 27.98 32.03 -10.83
C ASN A 485 26.96 32.06 -11.96
N VAL A 486 25.79 32.65 -11.68
CA VAL A 486 24.73 32.78 -12.68
C VAL A 486 25.14 33.73 -13.81
N LEU A 487 25.63 34.90 -13.43
CA LEU A 487 26.11 35.90 -14.40
C LEU A 487 27.31 35.39 -15.20
N GLU A 488 28.16 34.61 -14.55
CA GLU A 488 29.32 33.98 -15.20
C GLU A 488 28.87 33.04 -16.31
N GLN A 489 27.82 32.27 -16.05
CA GLN A 489 27.25 31.35 -17.04
C GLN A 489 26.42 32.08 -18.10
N LEU A 490 25.71 33.13 -17.69
CA LEU A 490 24.96 33.98 -18.63
C LEU A 490 25.90 34.73 -19.58
N ASN A 491 27.08 35.10 -19.07
CA ASN A 491 28.08 35.81 -19.88
C ASN A 491 28.61 34.96 -21.03
N LYS A 492 28.65 33.65 -20.82
CA LYS A 492 29.06 32.71 -21.87
C LYS A 492 28.04 32.63 -23.00
N ILE A 493 26.75 32.80 -22.65
CA ILE A 493 25.68 32.81 -23.64
C ILE A 493 25.69 34.13 -24.40
N SER A 494 25.60 35.23 -23.67
CA SER A 494 25.61 36.57 -24.26
C SER A 494 26.15 37.61 -23.28
N ASN A 495 27.01 38.50 -23.76
CA ASN A 495 27.60 39.55 -22.93
C ASN A 495 26.57 40.60 -22.53
N ASP A 496 25.78 41.05 -23.50
CA ASP A 496 24.76 42.07 -23.27
C ASP A 496 23.69 41.59 -22.28
N VAL A 497 23.34 40.31 -22.36
CA VAL A 497 22.37 39.70 -21.45
C VAL A 497 22.93 39.64 -20.03
N ALA A 498 24.20 39.24 -19.91
CA ALA A 498 24.89 39.19 -18.62
C ALA A 498 24.99 40.56 -17.96
N LYS A 499 25.36 41.57 -18.74
CA LYS A 499 25.50 42.94 -18.25
C LYS A 499 24.17 43.56 -17.85
N ARG A 500 23.15 43.33 -18.67
CA ARG A 500 21.80 43.85 -18.41
C ARG A 500 21.16 43.21 -17.18
N VAL A 501 21.32 41.90 -17.03
CA VAL A 501 20.84 41.19 -15.84
C VAL A 501 21.63 41.61 -14.60
N ALA A 502 22.92 41.89 -14.78
CA ALA A 502 23.82 42.24 -13.68
C ALA A 502 23.46 43.57 -13.00
N VAL A 503 22.96 44.53 -13.77
CA VAL A 503 22.62 45.85 -13.23
C VAL A 503 21.48 45.78 -12.21
N ALA A 504 20.56 44.84 -12.41
CA ALA A 504 19.46 44.61 -11.48
C ALA A 504 19.94 43.97 -10.18
N LEU A 505 20.96 43.11 -10.29
CA LEU A 505 21.56 42.45 -9.13
C LEU A 505 22.53 43.36 -8.37
N GLY A 506 22.90 44.50 -8.96
CA GLY A 506 23.73 45.49 -8.30
C GLY A 506 25.20 45.12 -8.27
N LEU A 507 25.69 44.60 -9.38
CA LEU A 507 27.10 44.25 -9.53
C LEU A 507 27.46 44.04 -10.99
N GLU A 508 28.75 43.89 -11.27
CA GLU A 508 29.23 43.70 -12.63
C GLU A 508 29.53 42.24 -12.97
N ALA A 509 29.05 41.82 -14.15
CA ALA A 509 29.48 40.59 -14.79
C ALA A 509 29.94 40.95 -16.21
N PRO A 510 30.94 41.87 -16.30
CA PRO A 510 31.19 42.59 -17.54
C PRO A 510 31.98 41.86 -18.62
N GLN A 511 33.18 41.42 -18.26
CA GLN A 511 34.20 41.07 -19.27
C GLN A 511 33.72 39.98 -20.21
N PRO A 512 33.58 40.30 -21.52
CA PRO A 512 33.07 39.37 -22.52
C PRO A 512 33.86 38.05 -22.57
N ASP A 513 33.14 36.96 -22.80
CA ASP A 513 33.75 35.64 -22.96
C ASP A 513 33.18 35.00 -24.23
N PRO A 514 33.77 35.36 -25.39
CA PRO A 514 33.19 35.12 -26.71
C PRO A 514 33.48 33.76 -27.35
N THR A 515 33.55 32.72 -26.53
CA THR A 515 33.78 31.36 -27.03
C THR A 515 32.57 30.82 -27.80
N TYR A 516 31.39 31.37 -27.50
CA TYR A 516 30.13 30.80 -27.95
C TYR A 516 29.13 31.84 -28.50
N TYR A 517 29.62 33.05 -28.78
CA TYR A 517 28.78 34.11 -29.33
C TYR A 517 28.55 33.92 -30.83
N HIS A 518 27.35 34.25 -31.28
CA HIS A 518 26.99 34.19 -32.70
C HIS A 518 25.73 34.99 -32.98
N ASN A 519 25.43 35.19 -34.26
CA ASN A 519 24.27 35.98 -34.69
C ASN A 519 23.26 35.20 -35.54
N ASN A 520 23.36 33.87 -35.55
CA ASN A 520 22.41 33.02 -36.28
C ASN A 520 21.00 33.10 -35.69
N VAL A 521 20.01 32.93 -36.58
CA VAL A 521 18.59 33.03 -36.21
C VAL A 521 17.79 31.88 -36.83
N THR A 522 16.73 31.46 -36.13
CA THR A 522 15.88 30.36 -36.60
C THR A 522 14.39 30.74 -36.50
N ARG A 523 13.56 30.05 -37.27
CA ARG A 523 12.13 30.33 -37.34
C ARG A 523 11.32 29.73 -36.19
N GLY A 524 10.20 30.37 -35.87
CA GLY A 524 9.14 29.76 -35.06
C GLY A 524 9.32 29.65 -33.56
N VAL A 525 10.38 30.21 -33.02
CA VAL A 525 10.64 30.16 -31.57
C VAL A 525 9.88 31.24 -30.81
N SER A 526 9.51 32.31 -31.52
CA SER A 526 8.82 33.46 -30.90
C SER A 526 7.32 33.22 -30.78
N ILE A 527 6.71 33.91 -29.83
CA ILE A 527 5.26 33.85 -29.59
C ILE A 527 4.57 35.15 -29.99
N PHE A 528 5.09 36.27 -29.50
CA PHE A 528 4.48 37.58 -29.68
C PHE A 528 4.66 38.16 -31.09
N ASN A 529 5.48 37.50 -31.91
CA ASN A 529 5.77 37.98 -33.27
C ASN A 529 4.58 37.80 -34.22
N GLU A 530 3.99 36.60 -34.21
CA GLU A 530 2.88 36.25 -35.09
C GLU A 530 1.53 36.73 -34.54
N SER A 531 0.55 36.85 -35.43
CA SER A 531 -0.83 37.17 -35.07
C SER A 531 -1.64 35.89 -34.93
N LEU A 532 -2.71 35.96 -34.12
CA LEU A 532 -3.59 34.80 -33.90
C LEU A 532 -4.46 34.56 -35.13
N PRO A 533 -4.60 33.29 -35.55
CA PRO A 533 -5.42 32.96 -36.72
C PRO A 533 -6.92 33.04 -36.47
N THR A 534 -7.31 32.97 -35.19
CA THR A 534 -8.71 33.06 -34.80
C THR A 534 -8.86 33.72 -33.42
N ILE A 535 -9.96 34.43 -33.23
CA ILE A 535 -10.27 35.08 -31.95
C ILE A 535 -11.50 34.46 -31.29
N ALA A 536 -11.78 33.19 -31.62
CA ALA A 536 -12.88 32.45 -31.03
C ALA A 536 -12.56 32.12 -29.58
N THR A 537 -13.57 32.22 -28.71
CA THR A 537 -13.45 31.94 -27.27
C THR A 537 -12.62 32.95 -26.49
N LEU A 538 -12.18 34.03 -27.13
CA LEU A 538 -11.41 35.09 -26.45
C LEU A 538 -12.35 35.96 -25.62
N ARG A 539 -11.93 36.28 -24.41
CA ARG A 539 -12.79 36.94 -23.42
C ARG A 539 -12.73 38.47 -23.50
N VAL A 540 -13.88 39.09 -23.27
CA VAL A 540 -14.02 40.55 -23.32
C VAL A 540 -14.80 41.05 -22.10
N GLY A 541 -14.19 41.94 -21.34
CA GLY A 541 -14.81 42.51 -20.14
C GLY A 541 -15.52 43.82 -20.43
N VAL A 542 -16.85 43.80 -20.36
CA VAL A 542 -17.66 44.99 -20.62
C VAL A 542 -17.98 45.73 -19.32
N LEU A 543 -17.25 46.81 -19.06
CA LEU A 543 -17.46 47.63 -17.86
C LEU A 543 -18.69 48.52 -18.04
N SER A 544 -19.74 48.23 -17.28
CA SER A 544 -20.99 48.98 -17.35
C SER A 544 -21.46 49.39 -15.96
N THR A 545 -22.65 49.97 -15.89
CA THR A 545 -23.26 50.38 -14.62
C THR A 545 -24.76 50.12 -14.63
N THR A 546 -25.35 50.01 -13.44
CA THR A 546 -26.78 49.73 -13.28
C THR A 546 -27.66 50.98 -13.38
N LYS A 547 -27.05 52.16 -13.39
CA LYS A 547 -27.78 53.43 -13.40
C LYS A 547 -27.65 54.14 -14.75
N GLY A 548 -28.76 54.74 -15.20
CA GLY A 548 -28.76 55.62 -16.38
C GLY A 548 -28.82 54.92 -17.73
N GLY A 549 -29.41 53.73 -17.76
CA GLY A 549 -29.61 52.99 -19.02
C GLY A 549 -28.35 52.61 -19.77
N SER A 550 -27.24 52.47 -19.05
CA SER A 550 -25.97 52.05 -19.64
C SER A 550 -25.94 50.55 -19.88
N LEU A 551 -26.78 49.82 -19.14
CA LEU A 551 -26.85 48.37 -19.23
C LEU A 551 -27.48 47.90 -20.57
N ASP A 552 -28.34 48.73 -21.14
CA ASP A 552 -28.96 48.46 -22.44
C ASP A 552 -27.94 48.52 -23.58
N LYS A 553 -27.04 49.49 -23.51
CA LYS A 553 -25.96 49.63 -24.49
C LYS A 553 -24.95 48.49 -24.37
N ALA A 554 -24.70 48.05 -23.14
CA ALA A 554 -23.81 46.91 -22.88
C ALA A 554 -24.42 45.60 -23.37
N LYS A 555 -25.75 45.49 -23.27
CA LYS A 555 -26.47 44.31 -23.75
C LYS A 555 -26.48 44.25 -25.28
N ALA A 556 -26.63 45.41 -25.92
CA ALA A 556 -26.56 45.52 -27.37
C ALA A 556 -25.12 45.30 -27.87
N LEU A 557 -24.16 45.80 -27.10
CA LEU A 557 -22.74 45.60 -27.38
C LEU A 557 -22.32 44.14 -27.17
N LYS A 558 -22.98 43.45 -26.26
CA LYS A 558 -22.66 42.05 -25.94
C LYS A 558 -23.00 41.12 -27.10
N GLU A 559 -24.23 41.21 -27.59
CA GLU A 559 -24.71 40.30 -28.64
C GLU A 559 -23.87 40.39 -29.92
N GLN A 560 -23.71 41.60 -30.43
CA GLN A 560 -22.88 41.83 -31.63
C GLN A 560 -21.44 41.35 -31.47
N LEU A 561 -20.91 41.44 -30.24
CA LEU A 561 -19.56 40.99 -29.93
C LEU A 561 -19.50 39.46 -29.87
N GLU A 562 -20.52 38.86 -29.24
CA GLU A 562 -20.61 37.40 -29.14
C GLU A 562 -21.05 36.74 -30.44
N LYS A 563 -21.63 37.54 -31.35
CA LYS A 563 -21.96 37.08 -32.70
C LYS A 563 -20.71 36.59 -33.45
N ASP A 564 -19.58 37.26 -33.21
CA ASP A 564 -18.35 36.98 -33.93
C ASP A 564 -17.47 35.92 -33.25
N GLY A 565 -17.97 35.36 -32.15
CA GLY A 565 -17.37 34.18 -31.52
C GLY A 565 -16.70 34.43 -30.18
N LEU A 566 -16.86 35.65 -29.64
CA LEU A 566 -16.22 36.04 -28.40
C LEU A 566 -17.04 35.63 -27.18
N LYS A 567 -16.38 35.60 -26.03
CA LYS A 567 -17.01 35.21 -24.76
C LYS A 567 -17.09 36.42 -23.84
N VAL A 568 -18.21 37.13 -23.91
CA VAL A 568 -18.36 38.44 -23.25
C VAL A 568 -18.96 38.34 -21.84
N THR A 569 -18.53 39.23 -20.97
CA THR A 569 -19.05 39.32 -19.59
C THR A 569 -19.37 40.78 -19.24
N VAL A 570 -20.62 41.03 -18.85
CA VAL A 570 -21.08 42.37 -18.48
C VAL A 570 -20.81 42.63 -16.99
N ILE A 571 -20.04 43.66 -16.71
CA ILE A 571 -19.68 44.03 -15.34
C ILE A 571 -20.56 45.18 -14.82
N ALA A 572 -20.93 45.12 -13.55
CA ALA A 572 -21.77 46.13 -12.92
C ALA A 572 -21.61 46.12 -11.39
N GLU A 573 -22.32 47.03 -10.73
CA GLU A 573 -22.26 47.12 -9.25
C GLU A 573 -22.93 45.91 -8.61
N TYR A 574 -24.09 45.52 -9.13
CA TYR A 574 -24.78 44.31 -8.69
C TYR A 574 -25.38 43.56 -9.88
N LEU A 575 -25.88 42.35 -9.61
CA LEU A 575 -26.43 41.48 -10.66
C LEU A 575 -27.79 41.98 -11.16
N ALA A 576 -27.74 42.97 -12.05
CA ALA A 576 -28.93 43.46 -12.75
C ALA A 576 -29.36 42.43 -13.82
N SER A 577 -30.40 42.77 -14.57
CA SER A 577 -30.96 41.90 -15.60
C SER A 577 -29.90 41.37 -16.58
N GLY A 578 -29.16 42.30 -17.18
CA GLY A 578 -28.14 41.97 -18.17
C GLY A 578 -26.71 41.87 -17.64
N VAL A 579 -26.57 41.86 -16.32
CA VAL A 579 -25.25 41.81 -15.68
C VAL A 579 -24.82 40.37 -15.41
N ASP A 580 -23.60 40.02 -15.82
CA ASP A 580 -23.06 38.67 -15.64
C ASP A 580 -22.20 38.54 -14.38
N GLN A 581 -21.50 39.62 -14.02
CA GLN A 581 -20.55 39.60 -12.92
C GLN A 581 -20.54 40.94 -12.18
N THR A 582 -20.31 40.89 -10.87
CA THR A 582 -20.19 42.11 -10.06
C THR A 582 -18.78 42.70 -10.19
N TYR A 583 -18.64 43.97 -9.82
CA TYR A 583 -17.32 44.61 -9.77
C TYR A 583 -16.45 43.99 -8.69
N SER A 584 -17.06 43.64 -7.57
CA SER A 584 -16.38 42.93 -6.47
C SER A 584 -15.78 41.61 -6.92
N ALA A 585 -16.47 40.92 -7.83
CA ALA A 585 -16.02 39.62 -8.35
C ALA A 585 -15.13 39.74 -9.60
N ALA A 586 -15.06 40.94 -10.17
CA ALA A 586 -14.38 41.16 -11.45
C ALA A 586 -12.90 41.51 -11.27
N ASP A 587 -12.11 41.14 -12.28
CA ASP A 587 -10.69 41.48 -12.34
C ASP A 587 -10.21 41.48 -13.80
N ALA A 588 -9.17 42.26 -14.08
CA ALA A 588 -8.63 42.40 -15.43
C ALA A 588 -8.01 41.11 -15.98
N THR A 589 -7.50 40.26 -15.08
CA THR A 589 -6.82 39.02 -15.47
C THR A 589 -7.73 37.98 -16.16
N ALA A 590 -9.04 38.09 -15.95
CA ALA A 590 -10.00 37.15 -16.54
C ALA A 590 -10.38 37.48 -17.99
N PHE A 591 -9.87 38.60 -18.52
CA PHE A 591 -10.24 39.06 -19.86
C PHE A 591 -9.02 39.26 -20.76
N ASP A 592 -9.25 39.15 -22.06
CA ASP A 592 -8.24 39.45 -23.08
C ASP A 592 -8.33 40.90 -23.52
N ALA A 593 -9.53 41.45 -23.51
CA ALA A 593 -9.79 42.84 -23.85
C ALA A 593 -10.77 43.48 -22.87
N VAL A 594 -10.64 44.78 -22.66
CA VAL A 594 -11.52 45.53 -21.75
C VAL A 594 -12.21 46.66 -22.51
N VAL A 595 -13.49 46.87 -22.23
CA VAL A 595 -14.27 47.91 -22.90
C VAL A 595 -15.28 48.54 -21.94
N VAL A 596 -15.24 49.87 -21.85
CA VAL A 596 -16.18 50.63 -21.02
C VAL A 596 -17.43 50.97 -21.83
N ALA A 597 -18.59 50.52 -21.36
CA ALA A 597 -19.86 50.83 -22.01
C ALA A 597 -20.21 52.30 -21.80
N GLU A 598 -21.00 52.85 -22.72
CA GLU A 598 -21.38 54.26 -22.68
C GLU A 598 -22.27 54.55 -21.47
N GLY A 599 -21.90 55.58 -20.72
CA GLY A 599 -22.61 55.96 -19.50
C GLY A 599 -21.98 55.41 -18.23
N ALA A 600 -20.91 54.63 -18.38
CA ALA A 600 -20.23 53.99 -17.26
C ALA A 600 -18.93 54.72 -16.87
N GLU A 601 -18.93 56.05 -16.98
CA GLU A 601 -17.78 56.87 -16.58
C GLU A 601 -17.93 57.26 -15.11
N ARG A 602 -19.18 57.45 -14.69
CA ARG A 602 -19.53 57.77 -13.31
C ARG A 602 -18.86 56.88 -12.26
N VAL A 603 -18.62 55.62 -12.60
CA VAL A 603 -17.98 54.66 -11.69
C VAL A 603 -16.46 54.82 -11.59
N PHE A 604 -15.87 55.67 -12.41
CA PHE A 604 -14.41 55.89 -12.41
C PHE A 604 -13.97 57.08 -11.56
N SER A 605 -14.88 58.01 -11.28
CA SER A 605 -14.55 59.23 -10.55
C SER A 605 -15.66 59.69 -9.60
N GLY A 606 -15.27 60.38 -8.54
CA GLY A 606 -16.21 61.01 -7.62
C GLY A 606 -16.89 60.04 -6.68
N LYS A 607 -18.22 60.15 -6.60
CA LYS A 607 -19.01 59.36 -5.65
C LYS A 607 -19.35 57.95 -6.12
N GLY A 608 -19.53 57.79 -7.43
CA GLY A 608 -19.83 56.48 -8.03
C GLY A 608 -18.68 55.49 -7.96
N ALA A 609 -17.45 56.01 -7.87
CA ALA A 609 -16.25 55.18 -7.76
C ALA A 609 -16.01 54.64 -6.35
N MET A 610 -16.75 55.18 -5.37
CA MET A 610 -16.66 54.73 -3.98
C MET A 610 -18.01 54.20 -3.48
N SER A 611 -18.22 52.90 -3.69
CA SER A 611 -19.43 52.22 -3.24
C SER A 611 -19.05 51.13 -2.23
N PRO A 612 -19.95 50.82 -1.28
CA PRO A 612 -19.71 49.65 -0.42
C PRO A 612 -19.90 48.32 -1.15
N LEU A 613 -20.49 48.35 -2.35
CA LEU A 613 -20.68 47.15 -3.17
C LEU A 613 -19.38 46.59 -3.76
N PHE A 614 -18.34 47.41 -3.84
CA PHE A 614 -17.03 46.97 -4.34
C PHE A 614 -15.87 47.75 -3.70
N PRO A 615 -14.67 47.13 -3.61
CA PRO A 615 -13.49 47.81 -3.08
C PRO A 615 -13.14 49.12 -3.79
N ALA A 616 -12.47 50.01 -3.08
CA ALA A 616 -12.20 51.36 -3.57
C ALA A 616 -11.36 51.36 -4.84
N GLY A 617 -11.85 52.03 -5.89
CA GLY A 617 -11.14 52.18 -7.15
C GLY A 617 -11.06 50.90 -7.97
N ARG A 618 -12.07 50.04 -7.86
CA ARG A 618 -12.10 48.76 -8.57
C ARG A 618 -12.30 48.92 -10.08
N PRO A 619 -13.31 49.70 -10.51
CA PRO A 619 -13.53 49.89 -11.95
C PRO A 619 -12.32 50.49 -12.69
N SER A 620 -11.65 51.44 -12.06
CA SER A 620 -10.45 52.07 -12.62
C SER A 620 -9.28 51.09 -12.71
N GLN A 621 -9.12 50.26 -11.68
CA GLN A 621 -8.02 49.30 -11.62
C GLN A 621 -8.11 48.23 -12.72
N ILE A 622 -9.34 47.79 -13.01
CA ILE A 622 -9.57 46.80 -14.07
C ILE A 622 -9.13 47.32 -15.44
N LEU A 623 -9.49 48.57 -15.74
CA LEU A 623 -9.09 49.22 -16.99
C LEU A 623 -7.60 49.56 -17.01
N THR A 624 -7.07 49.96 -15.86
CA THR A 624 -5.66 50.28 -15.71
C THR A 624 -4.78 49.03 -15.89
N ASP A 625 -5.15 47.96 -15.17
CA ASP A 625 -4.44 46.68 -15.29
C ASP A 625 -4.46 46.15 -16.71
N GLY A 626 -5.62 46.23 -17.35
CA GLY A 626 -5.77 45.80 -18.75
C GLY A 626 -4.85 46.54 -19.68
N TYR A 627 -4.79 47.87 -19.52
CA TYR A 627 -3.89 48.70 -20.32
C TYR A 627 -2.43 48.41 -20.01
N ARG A 628 -2.09 48.36 -18.73
CA ARG A 628 -0.70 48.18 -18.30
C ARG A 628 -0.13 46.83 -18.77
N TRP A 629 -0.98 45.83 -18.87
CA TRP A 629 -0.59 44.49 -19.32
C TRP A 629 -0.74 44.29 -20.84
N GLY A 630 -0.88 45.39 -21.57
CA GLY A 630 -0.82 45.36 -23.04
C GLY A 630 -2.05 44.82 -23.76
N LYS A 631 -3.20 44.78 -23.08
CA LYS A 631 -4.44 44.31 -23.69
C LYS A 631 -5.06 45.38 -24.57
N PRO A 632 -5.90 44.99 -25.55
CA PRO A 632 -6.70 45.97 -26.27
C PRO A 632 -7.81 46.56 -25.37
N VAL A 633 -7.76 47.86 -25.14
CA VAL A 633 -8.76 48.56 -24.33
C VAL A 633 -9.64 49.45 -25.21
N ALA A 634 -10.81 49.81 -24.70
CA ALA A 634 -11.76 50.62 -25.47
C ALA A 634 -12.80 51.35 -24.61
N ALA A 635 -13.54 52.24 -25.25
CA ALA A 635 -14.61 53.02 -24.59
C ALA A 635 -15.59 53.56 -25.64
N VAL A 636 -16.88 53.42 -25.37
CA VAL A 636 -17.93 53.79 -26.34
C VAL A 636 -18.53 55.17 -26.06
N GLY A 637 -18.40 56.08 -27.03
CA GLY A 637 -19.03 57.40 -26.97
C GLY A 637 -18.47 58.28 -25.86
N SER A 638 -19.32 58.59 -24.88
CA SER A 638 -18.92 59.39 -23.72
C SER A 638 -18.03 58.61 -22.74
N ALA A 639 -17.94 57.30 -22.94
CA ALA A 639 -17.10 56.42 -22.12
C ALA A 639 -15.60 56.72 -22.23
N LYS A 640 -15.21 57.50 -23.22
CA LYS A 640 -13.83 57.94 -23.39
C LYS A 640 -13.26 58.65 -22.16
N LYS A 641 -14.14 59.28 -21.37
CA LYS A 641 -13.76 59.94 -20.12
C LYS A 641 -13.11 58.96 -19.13
N ALA A 642 -13.56 57.70 -19.14
CA ALA A 642 -12.96 56.65 -18.32
C ALA A 642 -11.48 56.47 -18.64
N LEU A 643 -11.15 56.50 -19.93
CA LEU A 643 -9.76 56.38 -20.39
C LEU A 643 -8.98 57.66 -20.09
N GLN A 644 -9.65 58.80 -20.13
CA GLN A 644 -9.05 60.09 -19.81
C GLN A 644 -8.58 60.17 -18.36
N SER A 645 -9.38 59.59 -17.47
CA SER A 645 -9.11 59.64 -16.02
C SER A 645 -7.86 58.86 -15.62
N ILE A 646 -7.59 57.75 -16.33
CA ILE A 646 -6.43 56.91 -16.05
C ILE A 646 -5.16 57.35 -16.82
N GLY A 647 -5.27 58.39 -17.64
CA GLY A 647 -4.14 58.94 -18.36
C GLY A 647 -3.74 58.11 -19.57
N VAL A 648 -4.72 57.84 -20.43
CA VAL A 648 -4.51 57.05 -21.65
C VAL A 648 -5.07 57.80 -22.87
N GLU A 649 -4.29 57.86 -23.93
CA GLU A 649 -4.71 58.50 -25.19
C GLU A 649 -5.74 57.65 -25.93
N GLU A 650 -6.64 58.32 -26.64
CA GLU A 650 -7.61 57.65 -27.49
C GLU A 650 -6.98 57.20 -28.81
N LYS A 651 -5.93 57.90 -29.24
CA LYS A 651 -5.29 57.64 -30.52
C LYS A 651 -4.37 56.43 -30.52
N GLU A 652 -3.58 56.30 -29.44
CA GLU A 652 -2.49 55.32 -29.39
C GLU A 652 -2.93 53.90 -29.73
N ALA A 653 -1.95 53.07 -30.10
CA ALA A 653 -2.19 51.73 -30.60
C ALA A 653 -2.86 50.82 -29.56
N GLY A 654 -3.92 50.14 -29.97
CA GLY A 654 -4.66 49.21 -29.11
C GLY A 654 -5.73 49.85 -28.25
N VAL A 655 -5.82 51.18 -28.27
CA VAL A 655 -6.88 51.91 -27.59
C VAL A 655 -7.90 52.38 -28.64
N TYR A 656 -9.18 52.11 -28.37
CA TYR A 656 -10.24 52.37 -29.35
C TYR A 656 -11.39 53.19 -28.76
N ALA A 657 -11.41 54.47 -29.12
CA ALA A 657 -12.48 55.39 -28.70
C ALA A 657 -13.33 55.80 -29.90
N GLY A 658 -14.64 55.87 -29.69
CA GLY A 658 -15.58 56.26 -30.75
C GLY A 658 -16.95 55.63 -30.58
N ALA A 659 -17.64 55.42 -31.70
CA ALA A 659 -18.97 54.81 -31.70
C ALA A 659 -18.89 53.30 -31.46
N GLN A 660 -20.02 52.69 -31.14
CA GLN A 660 -20.10 51.25 -30.86
C GLN A 660 -19.66 50.42 -32.06
N ASP A 661 -20.06 50.84 -33.26
CA ASP A 661 -19.67 50.16 -34.50
C ASP A 661 -18.16 50.22 -34.71
N GLU A 662 -17.58 51.38 -34.42
CA GLU A 662 -16.12 51.59 -34.56
C GLU A 662 -15.33 51.03 -33.38
N VAL A 663 -16.01 50.63 -32.31
CA VAL A 663 -15.38 49.98 -31.16
C VAL A 663 -15.35 48.47 -31.33
N ILE A 664 -16.48 47.89 -31.73
CA ILE A 664 -16.59 46.44 -31.96
C ILE A 664 -15.51 45.99 -32.93
N LYS A 665 -15.47 46.61 -34.11
CA LYS A 665 -14.36 46.45 -35.04
C LYS A 665 -13.18 47.30 -34.55
N GLY A 666 -11.99 46.72 -34.59
CA GLY A 666 -10.80 47.35 -34.01
C GLY A 666 -10.38 46.59 -32.76
N VAL A 667 -11.31 46.44 -31.82
CA VAL A 667 -11.12 45.59 -30.65
C VAL A 667 -10.98 44.12 -31.09
N GLU A 668 -11.80 43.71 -32.05
CA GLU A 668 -11.72 42.38 -32.64
C GLU A 668 -10.43 42.22 -33.46
N GLU A 669 -10.02 43.29 -34.12
CA GLU A 669 -8.71 43.33 -34.81
C GLU A 669 -7.56 43.35 -33.80
N GLY A 670 -7.77 44.03 -32.68
CA GLY A 670 -6.77 44.12 -31.62
C GLY A 670 -6.53 42.82 -30.89
N LEU A 671 -7.57 41.99 -30.82
CA LEU A 671 -7.46 40.66 -30.19
C LEU A 671 -6.62 39.68 -31.02
N LYS A 672 -6.57 39.90 -32.32
CA LYS A 672 -5.68 39.14 -33.20
C LYS A 672 -4.22 39.47 -32.93
N VAL A 673 -3.95 40.74 -32.65
CA VAL A 673 -2.63 41.18 -32.21
C VAL A 673 -2.37 40.68 -30.78
N PHE A 674 -3.44 40.64 -29.99
CA PHE A 674 -3.45 40.05 -28.64
C PHE A 674 -2.71 40.91 -27.62
N LYS A 675 -1.41 41.06 -27.80
CA LYS A 675 -0.58 41.83 -26.89
C LYS A 675 0.12 42.97 -27.65
N PHE A 676 -0.03 44.19 -27.14
CA PHE A 676 0.63 45.36 -27.73
C PHE A 676 1.94 45.64 -26.98
N LEU A 677 3.05 45.22 -27.60
CA LEU A 677 4.37 45.24 -26.96
C LEU A 677 5.02 46.63 -26.87
N GLU A 678 4.46 47.61 -27.56
CA GLU A 678 4.97 48.99 -27.53
C GLU A 678 4.76 49.69 -26.18
N ARG A 679 3.87 49.14 -25.35
CA ARG A 679 3.58 49.71 -24.02
C ARG A 679 4.60 49.32 -22.95
N PHE A 680 5.48 48.36 -23.26
CA PHE A 680 6.51 47.90 -22.32
C PHE A 680 7.86 48.52 -22.64
N ALA A 681 8.53 49.02 -21.61
CA ALA A 681 9.80 49.73 -21.75
C ALA A 681 10.95 48.77 -22.01
N VAL A 682 11.89 49.21 -22.86
CA VAL A 682 13.07 48.43 -23.22
C VAL A 682 14.34 49.14 -22.75
N ASP A 683 15.40 48.38 -22.51
CA ASP A 683 16.67 48.95 -22.03
C ASP A 683 17.32 49.83 -23.10
N GLY A 684 17.48 51.11 -22.78
CA GLY A 684 18.05 52.10 -23.70
C GLY A 684 17.09 53.20 -24.13
N ASP A 685 15.92 53.25 -23.51
CA ASP A 685 14.92 54.29 -23.80
C ASP A 685 15.33 55.62 -23.17
N GLU B 5 34.82 -13.64 19.28
CA GLU B 5 33.70 -13.92 20.23
C GLU B 5 32.76 -12.71 20.38
N VAL B 6 32.73 -11.85 19.36
CA VAL B 6 31.80 -10.72 19.33
C VAL B 6 30.39 -11.21 18.99
N ASP B 7 29.39 -10.56 19.58
CA ASP B 7 27.99 -10.89 19.29
C ASP B 7 27.63 -10.42 17.88
N ALA B 8 27.09 -11.33 17.08
CA ALA B 8 26.76 -11.04 15.68
C ALA B 8 25.57 -10.09 15.55
N ARG B 9 24.76 -9.97 16.62
CA ARG B 9 23.58 -9.11 16.64
C ARG B 9 23.76 -7.88 17.54
N GLN B 10 25.00 -7.39 17.66
CA GLN B 10 25.32 -6.31 18.60
C GLN B 10 24.73 -4.96 18.18
N ARG B 11 24.65 -4.74 16.88
CA ARG B 11 24.02 -3.52 16.34
C ARG B 11 22.50 -3.50 16.58
N LEU B 12 21.92 -4.69 16.69
CA LEU B 12 20.46 -4.85 16.81
C LEU B 12 19.93 -4.64 18.23
N LYS B 13 20.83 -4.42 19.18
CA LYS B 13 20.47 -4.33 20.60
C LYS B 13 19.65 -3.07 20.90
N GLU B 14 19.96 -1.98 20.19
CA GLU B 14 19.36 -0.68 20.46
C GLU B 14 17.89 -0.59 20.08
N VAL B 15 17.45 -1.48 19.19
CA VAL B 15 16.05 -1.54 18.76
C VAL B 15 15.26 -2.65 19.46
N GLU B 16 15.78 -3.16 20.58
CA GLU B 16 15.11 -4.19 21.36
C GLU B 16 14.29 -3.58 22.49
N VAL B 17 13.08 -4.11 22.68
CA VAL B 17 12.14 -3.61 23.68
C VAL B 17 11.80 -4.71 24.70
N ASP B 18 12.04 -4.43 25.97
CA ASP B 18 11.72 -5.35 27.06
C ASP B 18 10.47 -4.86 27.80
N ASP B 19 9.47 -5.72 27.89
CA ASP B 19 8.19 -5.38 28.53
C ASP B 19 8.08 -5.96 29.95
N ASN B 20 9.15 -6.56 30.45
CA ASN B 20 9.16 -7.15 31.79
C ASN B 20 9.16 -6.09 32.89
N GLY B 21 8.26 -6.24 33.85
CA GLY B 21 8.13 -5.30 34.96
C GLY B 21 7.57 -3.96 34.54
N GLN B 22 6.70 -3.97 33.53
CA GLN B 22 6.10 -2.76 32.98
C GLN B 22 4.58 -2.88 32.92
N PHE B 23 3.91 -1.74 32.89
CA PHE B 23 2.46 -1.70 32.71
C PHE B 23 2.10 -1.65 31.22
N MET B 24 0.94 -2.20 30.88
CA MET B 24 0.45 -2.23 29.50
C MET B 24 0.15 -0.80 29.03
N THR B 25 0.56 -0.50 27.79
CA THR B 25 0.36 0.83 27.21
C THR B 25 -0.20 0.75 25.79
N THR B 26 -0.56 1.91 25.25
CA THR B 26 -0.94 2.02 23.84
C THR B 26 0.31 2.26 22.97
N ASP B 27 0.11 2.36 21.66
CA ASP B 27 1.22 2.65 20.74
C ASP B 27 1.66 4.12 20.79
N PHE B 28 0.84 4.97 21.41
CA PHE B 28 1.16 6.39 21.58
C PHE B 28 1.41 6.75 23.05
N GLY B 29 1.64 5.73 23.88
CA GLY B 29 1.95 5.93 25.31
C GLY B 29 0.72 6.03 26.19
N GLY B 30 0.96 6.03 27.50
CA GLY B 30 -0.11 6.07 28.49
C GLY B 30 -0.54 4.67 28.89
N ASN B 31 -0.49 4.39 30.19
CA ASN B 31 -0.83 3.06 30.71
C ASN B 31 -2.32 2.76 30.54
N ILE B 32 -2.63 1.48 30.29
CA ILE B 32 -4.01 1.05 30.01
C ILE B 32 -4.28 -0.38 30.48
N GLU B 33 -5.51 -0.82 30.27
CA GLU B 33 -5.86 -2.25 30.30
C GLU B 33 -6.69 -2.58 29.07
N GLU B 34 -6.50 -3.79 28.54
CA GLU B 34 -7.12 -4.22 27.30
C GLU B 34 -7.64 -5.66 27.37
N GLN B 35 -8.47 -5.91 28.37
CA GLN B 35 -9.14 -7.21 28.53
C GLN B 35 -10.65 -7.06 28.68
N PHE B 36 -11.16 -5.83 28.51
CA PHE B 36 -12.59 -5.55 28.61
C PHE B 36 -12.96 -4.41 27.66
N SER B 37 -13.96 -4.65 26.83
CA SER B 37 -14.47 -3.61 25.93
C SER B 37 -15.34 -2.62 26.72
N LEU B 38 -15.33 -1.37 26.30
CA LEU B 38 -16.18 -0.33 26.91
C LEU B 38 -17.61 -0.52 26.43
N LYS B 39 -18.52 -0.78 27.38
CA LYS B 39 -19.91 -1.10 27.06
C LYS B 39 -20.88 -0.11 27.70
N ALA B 40 -21.98 0.17 26.99
CA ALA B 40 -23.03 1.04 27.48
C ALA B 40 -24.04 0.24 28.31
N GLY B 41 -23.63 -0.12 29.53
CA GLY B 41 -24.45 -0.95 30.42
C GLY B 41 -23.80 -2.30 30.67
N GLY B 42 -24.38 -3.05 31.61
CA GLY B 42 -23.86 -4.36 31.98
C GLY B 42 -23.84 -5.36 30.83
N ARG B 43 -24.93 -5.39 30.07
CA ARG B 43 -25.07 -6.27 28.91
C ARG B 43 -25.31 -5.44 27.65
N GLY B 44 -24.56 -4.34 27.52
CA GLY B 44 -24.78 -3.36 26.45
C GLY B 44 -23.83 -3.49 25.28
N SER B 45 -24.08 -2.68 24.25
CA SER B 45 -23.26 -2.67 23.04
C SER B 45 -21.92 -1.99 23.30
N THR B 46 -20.93 -2.35 22.47
CA THR B 46 -19.59 -1.77 22.56
C THR B 46 -19.59 -0.36 21.95
N LEU B 47 -18.91 0.57 22.63
CA LEU B 47 -18.91 1.97 22.22
C LEU B 47 -17.83 2.26 21.18
N LEU B 48 -18.14 3.17 20.24
CA LEU B 48 -17.20 3.58 19.20
C LEU B 48 -16.06 4.42 19.76
N GLU B 49 -16.31 5.13 20.86
CA GLU B 49 -15.30 5.97 21.50
C GLU B 49 -14.25 5.15 22.26
N ASP B 50 -14.38 3.83 22.24
CA ASP B 50 -13.43 2.93 22.89
C ASP B 50 -12.12 2.88 22.09
N PHE B 51 -11.22 3.80 22.42
CA PHE B 51 -9.95 3.93 21.71
C PHE B 51 -8.97 2.79 22.02
N ILE B 52 -9.12 2.20 23.21
CA ILE B 52 -8.26 1.10 23.65
C ILE B 52 -8.49 -0.17 22.82
N PHE B 53 -9.75 -0.44 22.50
CA PHE B 53 -10.11 -1.61 21.70
C PHE B 53 -9.59 -1.50 20.27
N ARG B 54 -9.87 -0.38 19.63
CA ARG B 54 -9.56 -0.20 18.20
C ARG B 54 -8.06 -0.11 17.90
N GLN B 55 -7.31 0.59 18.76
CA GLN B 55 -5.86 0.70 18.59
C GLN B 55 -5.16 -0.65 18.75
N LYS B 56 -5.70 -1.50 19.64
CA LYS B 56 -5.21 -2.86 19.82
C LYS B 56 -5.56 -3.73 18.61
N LEU B 57 -6.83 -3.70 18.23
CA LEU B 57 -7.34 -4.53 17.13
C LEU B 57 -6.81 -4.11 15.77
N GLN B 58 -6.68 -2.80 15.54
CA GLN B 58 -6.15 -2.31 14.26
C GLN B 58 -4.77 -2.90 13.97
N HIS B 59 -3.90 -2.89 14.97
CA HIS B 59 -2.54 -3.43 14.79
C HIS B 59 -2.60 -4.93 14.51
N PHE B 60 -3.51 -5.64 15.18
CA PHE B 60 -3.72 -7.07 14.93
C PHE B 60 -4.26 -7.33 13.51
N ASP B 61 -5.19 -6.49 13.08
CA ASP B 61 -5.80 -6.63 11.75
C ASP B 61 -4.79 -6.43 10.61
N HIS B 62 -3.77 -5.60 10.86
CA HIS B 62 -2.77 -5.24 9.86
C HIS B 62 -1.40 -5.88 10.10
N GLU B 63 -1.36 -7.04 10.75
CA GLU B 63 -0.10 -7.71 11.08
C GLU B 63 0.58 -8.32 9.85
N ARG B 64 -0.21 -8.90 8.96
CA ARG B 64 0.32 -9.68 7.84
C ARG B 64 0.85 -8.81 6.70
N ILE B 65 1.98 -9.24 6.14
CA ILE B 65 2.55 -8.64 4.93
C ILE B 65 2.60 -9.72 3.84
N PRO B 66 2.69 -9.32 2.56
CA PRO B 66 2.77 -10.33 1.51
C PRO B 66 4.00 -11.22 1.63
N GLU B 67 3.83 -12.52 1.42
CA GLU B 67 4.95 -13.46 1.43
C GLU B 67 5.82 -13.26 0.19
N ARG B 68 7.02 -13.83 0.21
CA ARG B 68 7.92 -13.76 -0.94
C ARG B 68 7.32 -14.50 -2.12
N VAL B 69 7.43 -13.92 -3.32
CA VAL B 69 6.86 -14.50 -4.54
C VAL B 69 7.39 -15.91 -4.78
N VAL B 70 8.65 -16.13 -4.43
CA VAL B 70 9.25 -17.46 -4.38
C VAL B 70 10.11 -17.55 -3.11
N HIS B 71 10.40 -18.77 -2.69
CA HIS B 71 11.09 -19.01 -1.41
C HIS B 71 10.33 -18.39 -0.24
N ALA B 72 9.02 -18.62 -0.20
CA ALA B 72 8.16 -18.09 0.87
C ALA B 72 8.41 -18.82 2.18
N ARG B 73 8.56 -20.14 2.09
CA ARG B 73 8.83 -20.99 3.24
C ARG B 73 10.33 -21.04 3.51
N GLY B 74 10.75 -20.55 4.67
CA GLY B 74 12.17 -20.51 5.02
C GLY B 74 12.47 -20.05 6.44
N ALA B 75 13.72 -20.26 6.85
CA ALA B 75 14.19 -19.83 8.17
C ALA B 75 15.67 -19.42 8.11
N GLY B 76 16.12 -18.66 9.09
CA GLY B 76 17.49 -18.14 9.10
C GLY B 76 18.07 -17.84 10.48
N ALA B 77 19.31 -17.36 10.46
CA ALA B 77 20.03 -17.01 11.70
C ALA B 77 21.24 -16.12 11.42
N HIS B 78 21.75 -15.48 12.47
CA HIS B 78 22.92 -14.61 12.37
C HIS B 78 24.21 -15.40 12.57
N GLY B 79 25.33 -14.77 12.24
CA GLY B 79 26.64 -15.42 12.37
C GLY B 79 27.82 -14.51 12.07
N ILE B 80 28.99 -15.11 11.95
CA ILE B 80 30.23 -14.38 11.64
C ILE B 80 31.03 -15.10 10.56
N PHE B 81 31.52 -14.32 9.59
CA PHE B 81 32.43 -14.84 8.55
C PHE B 81 33.86 -14.43 8.86
N THR B 82 34.79 -15.34 8.65
CA THR B 82 36.21 -15.11 8.91
C THR B 82 37.06 -15.46 7.68
N SER B 83 37.78 -14.46 7.17
CA SER B 83 38.65 -14.65 6.01
C SER B 83 39.93 -15.38 6.40
N TYR B 84 40.33 -16.36 5.59
CA TYR B 84 41.56 -17.13 5.86
C TYR B 84 42.83 -16.41 5.42
N GLY B 85 42.70 -15.36 4.62
CA GLY B 85 43.86 -14.69 4.05
C GLY B 85 43.56 -13.32 3.48
N ASP B 86 44.62 -12.58 3.17
CA ASP B 86 44.51 -11.38 2.36
C ASP B 86 44.34 -11.80 0.91
N TRP B 87 43.24 -11.37 0.28
CA TRP B 87 42.92 -11.75 -1.09
C TRP B 87 42.90 -10.52 -2.00
N SER B 88 43.86 -9.63 -1.79
CA SER B 88 43.92 -8.37 -2.53
C SER B 88 44.28 -8.57 -4.00
N ASN B 89 45.13 -9.57 -4.26
CA ASN B 89 45.62 -9.84 -5.62
C ASN B 89 44.58 -10.43 -6.57
N ILE B 90 43.44 -10.86 -6.03
CA ILE B 90 42.33 -11.39 -6.86
C ILE B 90 41.05 -10.54 -6.80
N THR B 91 40.85 -9.81 -5.70
CA THR B 91 39.65 -8.99 -5.53
C THR B 91 39.88 -7.81 -4.58
N ALA B 92 39.13 -6.74 -4.80
CA ALA B 92 39.19 -5.53 -3.98
C ALA B 92 38.18 -5.52 -2.83
N ALA B 93 37.49 -6.65 -2.64
CA ALA B 93 36.48 -6.78 -1.58
C ALA B 93 37.11 -6.64 -0.20
N SER B 94 36.55 -5.75 0.61
CA SER B 94 37.11 -5.40 1.93
C SER B 94 37.01 -6.55 2.94
N PHE B 95 35.91 -7.30 2.89
CA PHE B 95 35.70 -8.42 3.81
C PHE B 95 36.64 -9.61 3.54
N LEU B 96 37.25 -9.62 2.36
CA LEU B 96 38.32 -10.57 2.04
C LEU B 96 39.68 -9.85 1.95
N GLY B 97 39.79 -8.73 2.66
CA GLY B 97 40.95 -7.85 2.56
C GLY B 97 42.14 -8.20 3.45
N ALA B 98 41.91 -8.97 4.50
CA ALA B 98 42.96 -9.34 5.43
C ALA B 98 42.68 -10.67 6.13
N LYS B 99 43.73 -11.24 6.73
CA LYS B 99 43.61 -12.51 7.45
C LYS B 99 42.92 -12.29 8.79
N ASP B 100 42.09 -13.25 9.19
CA ASP B 100 41.32 -13.22 10.44
C ASP B 100 40.38 -12.01 10.56
N LYS B 101 39.99 -11.44 9.42
CA LYS B 101 39.07 -10.31 9.40
C LYS B 101 37.64 -10.82 9.54
N GLN B 102 36.94 -10.32 10.56
CA GLN B 102 35.59 -10.78 10.87
C GLN B 102 34.51 -9.84 10.32
N THR B 103 33.47 -10.43 9.74
CA THR B 103 32.34 -9.68 9.21
C THR B 103 31.03 -10.37 9.63
N PRO B 104 30.10 -9.61 10.24
CA PRO B 104 28.80 -10.20 10.59
C PRO B 104 28.01 -10.68 9.37
N VAL B 105 27.16 -11.69 9.57
CA VAL B 105 26.37 -12.24 8.49
C VAL B 105 24.99 -12.70 8.97
N PHE B 106 24.03 -12.67 8.05
CA PHE B 106 22.73 -13.31 8.23
C PHE B 106 22.46 -14.22 7.05
N VAL B 107 22.04 -15.45 7.33
CA VAL B 107 21.77 -16.45 6.29
C VAL B 107 20.35 -16.98 6.43
N ARG B 108 19.65 -17.10 5.29
CA ARG B 108 18.30 -17.66 5.25
C ARG B 108 18.23 -18.83 4.29
N PHE B 109 17.69 -19.95 4.77
CA PHE B 109 17.45 -21.13 3.92
C PHE B 109 15.97 -21.23 3.62
N SER B 110 15.65 -21.88 2.50
CA SER B 110 14.27 -21.93 2.02
C SER B 110 14.04 -23.06 1.04
N THR B 111 12.77 -23.39 0.83
CA THR B 111 12.34 -24.10 -0.37
C THR B 111 12.07 -23.06 -1.45
N VAL B 112 11.30 -23.43 -2.48
CA VAL B 112 11.06 -22.55 -3.63
C VAL B 112 9.57 -22.26 -3.86
N ALA B 113 8.79 -23.32 -4.02
CA ALA B 113 7.43 -23.23 -4.53
C ALA B 113 6.38 -23.10 -3.45
N GLY B 114 6.60 -23.76 -2.32
CA GLY B 114 5.66 -23.77 -1.21
C GLY B 114 5.38 -22.40 -0.62
N SER B 115 4.16 -22.21 -0.13
CA SER B 115 3.78 -20.99 0.57
C SER B 115 4.30 -21.01 2.00
N ARG B 116 4.13 -19.89 2.72
CA ARG B 116 4.69 -19.71 4.06
C ARG B 116 4.44 -20.85 5.07
N GLY B 117 3.32 -21.56 4.92
CA GLY B 117 2.96 -22.64 5.83
C GLY B 117 3.28 -24.05 5.35
N SER B 118 3.97 -24.15 4.21
CA SER B 118 4.28 -25.45 3.61
C SER B 118 5.33 -26.22 4.39
N ALA B 119 5.45 -27.51 4.09
CA ALA B 119 6.36 -28.41 4.81
C ALA B 119 7.82 -28.21 4.40
N ASP B 120 8.72 -28.33 5.37
CA ASP B 120 10.17 -28.23 5.12
C ASP B 120 10.69 -29.41 4.28
N THR B 121 10.16 -30.60 4.54
CA THR B 121 10.64 -31.83 3.92
C THR B 121 9.96 -32.17 2.59
N ALA B 122 9.38 -31.16 1.93
CA ALA B 122 8.84 -31.33 0.58
C ALA B 122 9.98 -31.31 -0.44
N ARG B 123 9.84 -32.11 -1.49
CA ARG B 123 10.87 -32.17 -2.54
C ARG B 123 10.87 -30.88 -3.35
N ASP B 124 12.01 -30.18 -3.34
CA ASP B 124 12.14 -28.89 -4.01
C ASP B 124 13.61 -28.46 -4.06
N VAL B 125 13.90 -27.45 -4.86
CA VAL B 125 15.19 -26.77 -4.81
C VAL B 125 15.21 -25.93 -3.53
N HIS B 126 16.36 -25.86 -2.88
CA HIS B 126 16.49 -25.13 -1.62
C HIS B 126 17.32 -23.86 -1.76
N GLY B 127 16.86 -22.79 -1.13
CA GLY B 127 17.56 -21.51 -1.14
C GLY B 127 18.72 -21.48 -0.16
N PHE B 128 19.69 -20.63 -0.46
CA PHE B 128 20.87 -20.44 0.38
C PHE B 128 21.30 -18.98 0.21
N ALA B 129 20.59 -18.09 0.89
CA ALA B 129 20.83 -16.65 0.79
C ALA B 129 21.71 -16.19 1.95
N THR B 130 22.90 -15.68 1.62
CA THR B 130 23.85 -15.20 2.61
C THR B 130 24.16 -13.72 2.42
N ARG B 131 24.12 -12.97 3.52
CA ARG B 131 24.47 -11.54 3.52
C ARG B 131 25.75 -11.32 4.29
N PHE B 132 26.60 -10.44 3.78
CA PHE B 132 27.80 -9.99 4.47
C PHE B 132 27.66 -8.51 4.85
N TYR B 133 27.55 -8.23 6.14
CA TYR B 133 27.49 -6.85 6.62
C TYR B 133 28.90 -6.26 6.71
N THR B 134 29.48 -5.99 5.54
CA THR B 134 30.88 -5.57 5.46
C THR B 134 31.02 -4.08 5.74
N ASP B 135 32.27 -3.63 5.90
CA ASP B 135 32.56 -2.22 6.18
C ASP B 135 32.52 -1.32 4.94
N GLU B 136 32.16 -1.89 3.79
CA GLU B 136 31.95 -1.13 2.55
C GLU B 136 30.63 -1.52 1.89
N GLY B 137 29.57 -1.58 2.67
CA GLY B 137 28.23 -1.90 2.17
C GLY B 137 27.85 -3.36 2.30
N ASN B 138 26.56 -3.64 2.17
CA ASN B 138 26.06 -5.00 2.23
C ASN B 138 26.34 -5.76 0.94
N PHE B 139 26.97 -6.92 1.07
CA PHE B 139 27.22 -7.82 -0.05
C PHE B 139 26.42 -9.11 0.14
N ASP B 140 25.56 -9.42 -0.83
CA ASP B 140 24.69 -10.60 -0.76
C ASP B 140 25.05 -11.64 -1.79
N ILE B 141 25.22 -12.88 -1.34
CA ILE B 141 25.30 -14.04 -2.23
C ILE B 141 23.99 -14.82 -2.11
N VAL B 142 23.05 -14.52 -3.00
CA VAL B 142 21.77 -15.21 -3.04
C VAL B 142 21.91 -16.45 -3.91
N GLY B 143 22.03 -17.60 -3.24
CA GLY B 143 22.27 -18.87 -3.94
C GLY B 143 21.29 -19.97 -3.57
N ASN B 144 21.51 -21.14 -4.16
CA ASN B 144 20.71 -22.34 -3.89
C ASN B 144 21.61 -23.51 -3.48
N ASN B 145 21.00 -24.63 -3.11
CA ASN B 145 21.75 -25.86 -2.79
C ASN B 145 22.11 -26.68 -4.04
N ILE B 146 21.61 -26.25 -5.20
CA ILE B 146 21.90 -26.89 -6.48
C ILE B 146 22.71 -25.94 -7.35
N PRO B 147 23.79 -26.44 -8.00
CA PRO B 147 24.72 -25.57 -8.74
C PRO B 147 24.18 -25.00 -10.06
N VAL B 148 23.13 -25.61 -10.61
CA VAL B 148 22.56 -25.17 -11.89
C VAL B 148 21.08 -24.82 -11.74
N PHE B 149 20.59 -23.94 -12.61
CA PHE B 149 19.19 -23.50 -12.57
C PHE B 149 18.41 -23.92 -13.82
N PHE B 150 17.09 -23.95 -13.68
CA PHE B 150 16.19 -24.46 -14.72
C PHE B 150 16.31 -23.72 -16.06
N ILE B 151 16.19 -22.40 -16.02
CA ILE B 151 16.07 -21.59 -17.24
C ILE B 151 17.32 -20.78 -17.57
N GLN B 152 17.44 -20.39 -18.83
CA GLN B 152 18.62 -19.68 -19.35
C GLN B 152 18.40 -18.18 -19.50
N ASP B 153 17.14 -17.74 -19.49
CA ASP B 153 16.79 -16.32 -19.59
C ASP B 153 15.83 -15.93 -18.47
N ALA B 154 16.09 -14.78 -17.86
CA ALA B 154 15.32 -14.32 -16.69
C ALA B 154 13.88 -13.90 -17.01
N ILE B 155 13.62 -13.61 -18.28
CA ILE B 155 12.26 -13.28 -18.74
C ILE B 155 11.33 -14.51 -18.68
N ARG B 156 11.91 -15.71 -18.66
CA ARG B 156 11.16 -16.96 -18.59
C ARG B 156 10.86 -17.42 -17.16
N PHE B 157 11.23 -16.61 -16.16
CA PHE B 157 11.07 -16.99 -14.75
C PHE B 157 9.60 -17.15 -14.32
N PRO B 158 8.72 -16.21 -14.73
CA PRO B 158 7.30 -16.39 -14.42
C PRO B 158 6.70 -17.66 -15.01
N ASP B 159 7.16 -18.03 -16.21
CA ASP B 159 6.70 -19.26 -16.88
C ASP B 159 7.10 -20.51 -16.09
N LEU B 160 8.33 -20.51 -15.57
CA LEU B 160 8.85 -21.61 -14.76
C LEU B 160 8.08 -21.74 -13.45
N ILE B 161 7.92 -20.62 -12.76
CA ILE B 161 7.28 -20.60 -11.43
C ILE B 161 5.78 -20.87 -11.50
N HIS B 162 5.11 -20.35 -12.54
CA HIS B 162 3.69 -20.61 -12.75
C HIS B 162 3.41 -22.10 -13.01
N SER B 163 4.33 -22.75 -13.71
CA SER B 163 4.19 -24.18 -14.04
C SER B 163 4.41 -25.09 -12.83
N VAL B 164 5.36 -24.75 -11.97
CA VAL B 164 5.69 -25.58 -10.81
C VAL B 164 4.74 -25.37 -9.63
N LYS B 165 4.25 -24.14 -9.48
CA LYS B 165 3.30 -23.81 -8.41
C LYS B 165 1.90 -24.37 -8.72
N PRO B 166 1.01 -24.37 -7.72
CA PRO B 166 -0.30 -25.03 -7.88
C PRO B 166 -1.11 -24.51 -9.07
N SER B 167 -1.96 -25.37 -9.63
CA SER B 167 -2.83 -25.01 -10.75
C SER B 167 -3.77 -23.88 -10.33
N PRO B 168 -3.86 -22.82 -11.16
CA PRO B 168 -4.54 -21.58 -10.76
C PRO B 168 -6.07 -21.67 -10.62
N ASP B 169 -6.67 -22.78 -11.05
CA ASP B 169 -8.12 -22.96 -10.94
C ASP B 169 -8.54 -23.48 -9.56
N ASN B 170 -7.76 -24.40 -8.99
CA ASN B 170 -8.05 -24.97 -7.66
C ASN B 170 -6.94 -24.78 -6.62
N GLU B 171 -5.81 -24.22 -7.05
CA GLU B 171 -4.60 -24.09 -6.21
C GLU B 171 -4.16 -25.43 -5.63
N VAL B 172 -3.95 -26.39 -6.52
CA VAL B 172 -3.46 -27.73 -6.15
C VAL B 172 -2.44 -28.17 -7.20
N PRO B 173 -1.35 -28.85 -6.79
CA PRO B 173 -0.95 -29.27 -5.45
C PRO B 173 0.01 -28.30 -4.76
N GLN B 174 -0.02 -28.29 -3.43
CA GLN B 174 0.85 -27.43 -2.63
C GLN B 174 2.27 -27.97 -2.58
N ALA B 175 3.25 -27.07 -2.66
CA ALA B 175 4.68 -27.39 -2.51
C ALA B 175 5.06 -28.71 -3.19
N ALA B 176 4.82 -28.78 -4.49
CA ALA B 176 5.07 -30.01 -5.24
C ALA B 176 5.12 -29.76 -6.75
N THR B 177 6.04 -30.47 -7.41
CA THR B 177 6.15 -30.43 -8.88
C THR B 177 5.46 -31.66 -9.51
N ALA B 178 4.87 -32.51 -8.68
CA ALA B 178 4.22 -33.73 -9.15
C ALA B 178 2.82 -33.46 -9.69
N HIS B 179 2.75 -32.72 -10.79
CA HIS B 179 1.49 -32.43 -11.48
C HIS B 179 1.74 -32.06 -12.94
N ASP B 180 0.66 -32.01 -13.71
CA ASP B 180 0.73 -31.89 -15.18
C ASP B 180 1.54 -30.71 -15.69
N SER B 181 1.29 -29.53 -15.13
CA SER B 181 1.88 -28.28 -15.64
C SER B 181 3.40 -28.22 -15.48
N ALA B 182 3.90 -28.75 -14.36
CA ALA B 182 5.34 -28.77 -14.09
C ALA B 182 6.10 -29.60 -15.12
N TRP B 183 5.66 -30.83 -15.33
CA TRP B 183 6.30 -31.75 -16.27
C TRP B 183 5.98 -31.44 -17.73
N ASP B 184 4.94 -30.62 -17.95
CA ASP B 184 4.69 -30.05 -19.27
C ASP B 184 5.77 -29.03 -19.60
N PHE B 185 6.14 -28.22 -18.62
CA PHE B 185 7.19 -27.21 -18.79
C PHE B 185 8.59 -27.82 -18.91
N PHE B 186 8.88 -28.85 -18.11
CA PHE B 186 10.19 -29.50 -18.15
C PHE B 186 10.43 -30.14 -19.52
N SER B 187 9.41 -30.81 -20.04
CA SER B 187 9.48 -31.45 -21.35
C SER B 187 9.45 -30.45 -22.51
N SER B 188 8.69 -29.37 -22.35
CA SER B 188 8.59 -28.33 -23.38
C SER B 188 9.80 -27.40 -23.41
N GLN B 189 10.43 -27.21 -22.25
CA GLN B 189 11.64 -26.41 -22.14
C GLN B 189 12.80 -27.29 -21.64
N PRO B 190 13.52 -27.95 -22.56
CA PRO B 190 14.56 -28.94 -22.23
C PRO B 190 15.72 -28.45 -21.35
N SER B 191 15.93 -27.14 -21.27
CA SER B 191 17.00 -26.58 -20.43
C SER B 191 16.81 -26.90 -18.94
N ALA B 192 15.56 -27.10 -18.53
CA ALA B 192 15.20 -27.37 -17.14
C ALA B 192 15.53 -28.79 -16.67
N LEU B 193 15.95 -29.66 -17.60
CA LEU B 193 16.20 -31.08 -17.30
C LEU B 193 17.36 -31.32 -16.32
N HIS B 194 18.35 -30.44 -16.33
CA HIS B 194 19.54 -30.62 -15.48
C HIS B 194 19.20 -30.43 -14.01
N THR B 195 18.57 -29.31 -13.69
CA THR B 195 18.14 -29.01 -12.31
C THR B 195 17.06 -29.99 -11.85
N LEU B 196 16.26 -30.50 -12.78
CA LEU B 196 15.28 -31.55 -12.50
C LEU B 196 15.96 -32.75 -11.85
N PHE B 197 17.01 -33.25 -12.51
CA PHE B 197 17.78 -34.40 -12.03
C PHE B 197 18.40 -34.18 -10.65
N TRP B 198 18.95 -32.98 -10.44
CA TRP B 198 19.44 -32.58 -9.11
C TRP B 198 18.30 -32.57 -8.09
N ALA B 199 17.14 -32.05 -8.50
CA ALA B 199 15.96 -31.97 -7.64
C ALA B 199 15.36 -33.34 -7.32
N MET B 200 15.50 -34.29 -8.26
CA MET B 200 15.00 -35.67 -8.05
C MET B 200 15.95 -36.51 -7.19
N SER B 201 17.18 -36.03 -7.00
CA SER B 201 18.17 -36.74 -6.18
C SER B 201 18.05 -36.31 -4.71
N GLY B 202 19.05 -36.65 -3.91
CA GLY B 202 19.09 -36.30 -2.49
C GLY B 202 19.03 -34.81 -2.17
N ASN B 203 19.51 -33.98 -3.11
CA ASN B 203 19.46 -32.52 -2.96
C ASN B 203 18.03 -31.97 -2.82
N GLY B 204 17.07 -32.69 -3.38
CA GLY B 204 15.65 -32.32 -3.27
C GLY B 204 15.08 -32.51 -1.88
N ILE B 205 15.58 -33.52 -1.16
CA ILE B 205 15.10 -33.85 0.17
C ILE B 205 16.27 -34.00 1.16
N PRO B 206 16.93 -32.87 1.50
CA PRO B 206 18.09 -32.91 2.39
C PRO B 206 17.70 -33.17 3.84
N ARG B 207 18.66 -33.67 4.63
CA ARG B 207 18.45 -33.96 6.04
C ARG B 207 18.14 -32.66 6.80
N SER B 208 19.00 -31.66 6.64
CA SER B 208 18.80 -30.34 7.23
C SER B 208 19.49 -29.26 6.40
N TYR B 209 19.26 -28.01 6.77
CA TYR B 209 19.97 -26.88 6.17
C TYR B 209 21.47 -26.99 6.42
N ARG B 210 21.82 -27.50 7.60
CA ARG B 210 23.22 -27.65 8.01
C ARG B 210 23.97 -28.68 7.16
N HIS B 211 23.24 -29.64 6.58
CA HIS B 211 23.82 -30.66 5.72
C HIS B 211 23.59 -30.38 4.22
N MET B 212 23.72 -29.10 3.85
CA MET B 212 23.61 -28.68 2.45
C MET B 212 24.85 -27.90 2.02
N ASP B 213 25.33 -28.16 0.81
CA ASP B 213 26.29 -27.26 0.18
C ASP B 213 25.52 -26.11 -0.46
N GLY B 214 26.23 -25.04 -0.81
CA GLY B 214 25.61 -23.86 -1.43
C GLY B 214 26.35 -23.43 -2.68
N PHE B 215 25.61 -22.82 -3.61
CA PHE B 215 26.18 -22.37 -4.88
C PHE B 215 25.58 -21.04 -5.31
N GLY B 216 26.44 -20.12 -5.76
CA GLY B 216 26.00 -18.88 -6.38
C GLY B 216 25.43 -19.09 -7.78
N ILE B 217 25.78 -20.22 -8.39
CA ILE B 217 25.30 -20.64 -9.71
C ILE B 217 25.89 -19.81 -10.85
N HIS B 218 25.60 -18.51 -10.85
CA HIS B 218 26.09 -17.61 -11.90
C HIS B 218 27.60 -17.43 -11.83
N THR B 219 28.19 -17.16 -13.00
CA THR B 219 29.58 -16.74 -13.07
C THR B 219 29.64 -15.26 -12.78
N PHE B 220 30.40 -14.88 -11.75
CA PHE B 220 30.63 -13.47 -11.41
C PHE B 220 32.05 -13.07 -11.76
N ARG B 221 32.37 -11.79 -11.57
CA ARG B 221 33.72 -11.27 -11.80
C ARG B 221 34.34 -10.76 -10.50
N LEU B 222 35.56 -11.19 -10.22
CA LEU B 222 36.35 -10.64 -9.11
C LEU B 222 37.35 -9.64 -9.65
N VAL B 223 37.16 -8.36 -9.32
CA VAL B 223 37.96 -7.27 -9.85
C VAL B 223 38.94 -6.73 -8.81
N THR B 224 40.20 -6.60 -9.19
CA THR B 224 41.24 -6.05 -8.31
C THR B 224 41.23 -4.52 -8.34
N GLU B 225 41.98 -3.90 -7.45
CA GLU B 225 42.08 -2.44 -7.37
C GLU B 225 42.66 -1.82 -8.65
N ASP B 226 43.59 -2.53 -9.29
CA ASP B 226 44.20 -2.07 -10.55
C ASP B 226 43.25 -2.18 -11.74
N GLY B 227 42.22 -3.04 -11.61
CA GLY B 227 41.21 -3.23 -12.65
C GLY B 227 41.37 -4.50 -13.46
N LYS B 228 42.00 -5.52 -12.87
CA LYS B 228 42.15 -6.83 -13.51
C LYS B 228 41.06 -7.77 -13.01
N SER B 229 40.42 -8.48 -13.94
CA SER B 229 39.25 -9.31 -13.62
C SER B 229 39.51 -10.81 -13.78
N LYS B 230 38.76 -11.59 -13.00
CA LYS B 230 38.78 -13.05 -13.05
C LYS B 230 37.36 -13.58 -12.91
N LEU B 231 36.98 -14.51 -13.79
CA LEU B 231 35.67 -15.15 -13.70
C LEU B 231 35.61 -16.06 -12.47
N VAL B 232 34.51 -15.99 -11.73
CA VAL B 232 34.40 -16.69 -10.44
C VAL B 232 33.06 -17.40 -10.23
N LYS B 233 33.12 -18.56 -9.58
CA LYS B 233 31.94 -19.29 -9.12
C LYS B 233 31.98 -19.39 -7.59
N TRP B 234 30.89 -19.00 -6.92
CA TRP B 234 30.83 -19.08 -5.46
C TRP B 234 30.40 -20.47 -4.99
N HIS B 235 31.03 -20.95 -3.93
CA HIS B 235 30.72 -22.26 -3.34
C HIS B 235 30.70 -22.19 -1.81
N TRP B 236 29.67 -22.79 -1.21
CA TRP B 236 29.61 -22.99 0.23
C TRP B 236 29.75 -24.49 0.51
N LYS B 237 30.85 -24.86 1.17
CA LYS B 237 31.12 -26.26 1.50
C LYS B 237 30.81 -26.53 2.96
N THR B 238 29.82 -27.40 3.20
CA THR B 238 29.38 -27.70 4.57
C THR B 238 30.41 -28.50 5.35
N LYS B 239 30.63 -28.10 6.60
CA LYS B 239 31.55 -28.80 7.51
C LYS B 239 30.85 -29.92 8.27
N GLN B 240 29.52 -29.97 8.18
CA GLN B 240 28.72 -31.04 8.79
C GLN B 240 28.56 -32.23 7.84
N GLY B 241 28.92 -32.04 6.57
CA GLY B 241 28.81 -33.09 5.56
C GLY B 241 27.42 -33.13 4.94
N LYS B 242 27.35 -33.60 3.69
CA LYS B 242 26.07 -33.72 2.99
C LYS B 242 25.29 -34.94 3.47
N ALA B 243 23.97 -34.75 3.62
CA ALA B 243 23.09 -35.83 4.05
C ALA B 243 21.67 -35.58 3.53
N ALA B 244 20.98 -36.65 3.17
CA ALA B 244 19.63 -36.56 2.61
C ALA B 244 18.73 -37.71 3.09
N LEU B 245 17.43 -37.47 3.04
CA LEU B 245 16.43 -38.46 3.44
C LEU B 245 15.97 -39.29 2.24
N VAL B 246 15.14 -40.30 2.51
CA VAL B 246 14.43 -41.02 1.47
C VAL B 246 13.04 -40.40 1.30
N TRP B 247 12.40 -40.65 0.17
CA TRP B 247 11.14 -39.98 -0.16
C TRP B 247 9.97 -40.41 0.73
N GLU B 248 9.79 -41.73 0.86
CA GLU B 248 8.73 -42.28 1.72
C GLU B 248 8.84 -41.80 3.18
N GLU B 249 10.07 -41.51 3.61
CA GLU B 249 10.34 -40.92 4.92
C GLU B 249 9.90 -39.45 4.96
N ALA B 250 10.31 -38.70 3.94
CA ALA B 250 10.03 -37.26 3.85
C ALA B 250 8.54 -36.93 3.80
N GLN B 251 7.76 -37.80 3.15
CA GLN B 251 6.31 -37.64 3.08
C GLN B 251 5.66 -37.71 4.46
N VAL B 252 6.08 -38.67 5.26
CA VAL B 252 5.57 -38.84 6.62
C VAL B 252 6.04 -37.71 7.54
N LEU B 253 7.28 -37.27 7.33
CA LEU B 253 7.88 -36.19 8.14
C LEU B 253 7.20 -34.85 7.87
N ALA B 254 6.70 -34.65 6.66
CA ALA B 254 5.97 -33.43 6.27
C ALA B 254 4.71 -33.24 7.12
N GLY B 255 4.07 -34.34 7.49
CA GLY B 255 2.88 -34.31 8.33
C GLY B 255 3.17 -34.36 9.82
N LYS B 256 4.14 -35.21 10.21
CA LYS B 256 4.51 -35.38 11.61
C LYS B 256 5.19 -34.14 12.20
N ASN B 257 6.06 -33.52 11.42
CA ASN B 257 6.73 -32.27 11.82
C ASN B 257 7.07 -31.41 10.61
N ALA B 258 6.20 -30.47 10.29
CA ALA B 258 6.40 -29.56 9.17
C ALA B 258 7.56 -28.60 9.42
N ASP B 259 7.90 -28.39 10.68
CA ASP B 259 8.92 -27.43 11.10
C ASP B 259 10.28 -28.10 11.31
N PHE B 260 10.55 -29.15 10.55
CA PHE B 260 11.67 -30.05 10.82
C PHE B 260 13.03 -29.38 10.65
N HIS B 261 13.21 -28.68 9.52
CA HIS B 261 14.50 -28.05 9.21
C HIS B 261 14.79 -26.82 10.06
N ARG B 262 13.77 -25.98 10.27
CA ARG B 262 13.94 -24.76 11.05
C ARG B 262 14.08 -25.02 12.55
N GLN B 263 13.41 -26.06 13.04
CA GLN B 263 13.56 -26.50 14.43
C GLN B 263 14.95 -27.08 14.65
N ASP B 264 15.41 -27.84 13.66
CA ASP B 264 16.75 -28.43 13.68
C ASP B 264 17.85 -27.36 13.73
N LEU B 265 17.72 -26.35 12.89
CA LEU B 265 18.68 -25.24 12.85
C LEU B 265 18.67 -24.45 14.17
N TRP B 266 17.48 -24.32 14.76
CA TRP B 266 17.30 -23.63 16.03
C TRP B 266 17.96 -24.39 17.18
N ASP B 267 17.71 -25.70 17.24
CA ASP B 267 18.23 -26.55 18.32
C ASP B 267 19.75 -26.71 18.28
N ALA B 268 20.32 -26.71 17.07
CA ALA B 268 21.77 -26.83 16.89
C ALA B 268 22.51 -25.63 17.47
N ILE B 269 22.02 -24.44 17.13
CA ILE B 269 22.60 -23.18 17.63
C ILE B 269 22.35 -23.01 19.14
N GLU B 270 21.15 -23.40 19.58
CA GLU B 270 20.76 -23.27 20.99
C GLU B 270 21.55 -24.20 21.90
N SER B 271 21.78 -25.42 21.43
CA SER B 271 22.56 -26.41 22.18
C SER B 271 24.05 -26.09 22.21
N GLY B 272 24.47 -25.13 21.38
CA GLY B 272 25.86 -24.70 21.31
C GLY B 272 26.64 -25.37 20.20
N ASN B 273 25.94 -26.12 19.36
CA ASN B 273 26.55 -26.81 18.22
C ASN B 273 26.30 -26.03 16.92
N ALA B 274 27.02 -24.91 16.78
CA ALA B 274 26.82 -24.00 15.65
C ALA B 274 27.37 -24.60 14.35
N PRO B 275 26.57 -24.56 13.27
CA PRO B 275 27.01 -25.08 11.97
C PRO B 275 28.01 -24.16 11.30
N SER B 276 28.82 -24.71 10.40
CA SER B 276 29.84 -23.94 9.70
C SER B 276 29.96 -24.32 8.22
N TRP B 277 30.30 -23.32 7.41
CA TRP B 277 30.54 -23.51 5.97
C TRP B 277 31.83 -22.81 5.56
N GLU B 278 32.57 -23.41 4.63
CA GLU B 278 33.75 -22.80 4.05
C GLU B 278 33.41 -22.14 2.72
N LEU B 279 33.77 -20.87 2.57
CA LEU B 279 33.57 -20.13 1.32
C LEU B 279 34.70 -20.46 0.34
N ALA B 280 34.34 -21.10 -0.76
CA ALA B 280 35.31 -21.50 -1.79
C ALA B 280 34.95 -20.90 -3.14
N VAL B 281 35.95 -20.80 -4.03
CA VAL B 281 35.77 -20.20 -5.35
C VAL B 281 36.57 -20.92 -6.44
N GLN B 282 36.00 -20.94 -7.65
CA GLN B 282 36.68 -21.43 -8.85
C GLN B 282 37.07 -20.24 -9.72
N LEU B 283 38.36 -19.99 -9.87
CA LEU B 283 38.86 -18.86 -10.65
C LEU B 283 39.17 -19.28 -12.09
N ILE B 284 38.51 -18.62 -13.04
CA ILE B 284 38.70 -18.89 -14.46
C ILE B 284 39.15 -17.61 -15.18
N ASP B 285 40.02 -17.76 -16.18
CA ASP B 285 40.47 -16.64 -17.00
C ASP B 285 39.35 -16.12 -17.90
N GLU B 286 39.47 -14.87 -18.34
CA GLU B 286 38.47 -14.25 -19.21
C GLU B 286 38.42 -14.91 -20.59
N ASP B 287 39.57 -15.35 -21.08
CA ASP B 287 39.65 -16.03 -22.39
C ASP B 287 39.32 -17.53 -22.33
N LYS B 288 39.08 -18.04 -21.13
CA LYS B 288 38.66 -19.43 -20.94
C LYS B 288 37.16 -19.52 -20.60
N ALA B 289 36.38 -18.60 -21.13
CA ALA B 289 34.94 -18.52 -20.86
C ALA B 289 34.17 -19.62 -21.59
N GLN B 290 34.60 -19.94 -22.79
CA GLN B 290 33.96 -20.97 -23.62
C GLN B 290 34.94 -22.10 -23.95
N ALA B 291 35.86 -22.39 -23.03
CA ALA B 291 36.98 -23.30 -23.29
C ALA B 291 36.86 -24.66 -22.60
N TYR B 292 35.74 -24.89 -21.91
CA TYR B 292 35.55 -26.12 -21.12
C TYR B 292 34.39 -26.99 -21.63
N GLY B 293 34.08 -26.89 -22.92
CA GLY B 293 33.00 -27.67 -23.53
C GLY B 293 31.62 -27.05 -23.39
N PHE B 294 31.54 -25.88 -22.79
CA PHE B 294 30.27 -25.16 -22.61
C PHE B 294 30.53 -23.68 -22.37
N ASP B 295 29.46 -22.90 -22.29
CA ASP B 295 29.55 -21.46 -22.07
C ASP B 295 29.38 -21.13 -20.60
N LEU B 296 30.33 -20.38 -20.04
CA LEU B 296 30.31 -20.02 -18.61
C LEU B 296 29.21 -19.01 -18.25
N LEU B 297 28.67 -18.31 -19.24
CA LEU B 297 27.51 -17.44 -19.04
C LEU B 297 26.20 -18.22 -18.93
N ASP B 298 26.22 -19.49 -19.34
CA ASP B 298 25.05 -20.36 -19.24
C ASP B 298 24.85 -20.81 -17.78
N PRO B 299 23.71 -20.45 -17.16
CA PRO B 299 23.47 -20.84 -15.77
C PRO B 299 23.01 -22.29 -15.59
N THR B 300 22.64 -22.96 -16.68
CA THR B 300 22.22 -24.37 -16.64
C THR B 300 23.40 -25.35 -16.60
N LYS B 301 24.62 -24.82 -16.67
CA LYS B 301 25.84 -25.62 -16.63
C LYS B 301 26.63 -25.36 -15.35
N PHE B 302 27.33 -26.39 -14.86
CA PHE B 302 28.34 -26.21 -13.82
C PHE B 302 29.71 -26.62 -14.36
N LEU B 303 30.74 -25.99 -13.83
CA LEU B 303 32.12 -26.30 -14.22
C LEU B 303 32.68 -27.42 -13.34
N PRO B 304 32.99 -28.59 -13.94
CA PRO B 304 33.59 -29.68 -13.17
C PRO B 304 34.89 -29.27 -12.48
N GLU B 305 35.09 -29.77 -11.27
CA GLU B 305 36.25 -29.41 -10.45
C GLU B 305 37.58 -29.95 -10.99
N GLU B 306 37.51 -30.90 -11.92
CA GLU B 306 38.71 -31.41 -12.60
C GLU B 306 39.39 -30.33 -13.43
N PHE B 307 38.58 -29.47 -14.05
CA PHE B 307 39.08 -28.33 -14.83
C PHE B 307 39.54 -27.17 -13.94
N ALA B 308 38.85 -26.98 -12.82
CA ALA B 308 39.15 -25.87 -11.91
C ALA B 308 38.82 -26.23 -10.45
N PRO B 309 39.85 -26.54 -9.64
CA PRO B 309 39.63 -26.87 -8.24
C PRO B 309 39.26 -25.65 -7.37
N LEU B 310 38.63 -25.90 -6.23
CA LEU B 310 38.14 -24.84 -5.36
C LEU B 310 39.28 -24.19 -4.56
N GLN B 311 39.22 -22.87 -4.43
CA GLN B 311 40.17 -22.11 -3.62
C GLN B 311 39.46 -21.53 -2.40
N VAL B 312 39.82 -22.03 -1.22
CA VAL B 312 39.12 -21.68 0.03
C VAL B 312 39.47 -20.26 0.49
N LEU B 313 38.45 -19.41 0.58
CA LEU B 313 38.62 -18.00 0.95
C LEU B 313 38.47 -17.77 2.46
N GLY B 314 37.45 -18.38 3.04
CA GLY B 314 37.19 -18.19 4.48
C GLY B 314 36.13 -19.15 5.01
N GLU B 315 35.74 -18.93 6.26
CA GLU B 315 34.74 -19.77 6.93
C GLU B 315 33.63 -18.92 7.54
N MET B 316 32.41 -19.45 7.48
CA MET B 316 31.23 -18.83 8.08
C MET B 316 30.71 -19.73 9.20
N THR B 317 30.19 -19.13 10.26
CA THR B 317 29.61 -19.87 11.39
C THR B 317 28.37 -19.16 11.91
N LEU B 318 27.26 -19.90 11.98
CA LEU B 318 25.99 -19.36 12.47
C LEU B 318 25.78 -19.72 13.94
N ASN B 319 25.85 -18.73 14.83
CA ASN B 319 25.81 -18.97 16.27
C ASN B 319 24.76 -18.16 17.06
N ARG B 320 23.95 -17.37 16.37
CA ARG B 320 22.92 -16.56 17.02
C ARG B 320 21.57 -16.68 16.32
N ASN B 321 20.58 -17.18 17.05
CA ASN B 321 19.20 -17.19 16.59
C ASN B 321 18.55 -15.81 16.78
N PRO B 322 17.54 -15.47 15.97
CA PRO B 322 16.85 -14.20 16.13
C PRO B 322 15.94 -14.15 17.35
N MET B 323 15.72 -12.95 17.87
CA MET B 323 14.77 -12.73 18.97
C MET B 323 13.33 -12.73 18.45
N ASN B 324 13.12 -12.05 17.33
CA ASN B 324 11.82 -12.00 16.66
C ASN B 324 11.92 -12.49 15.23
N TYR B 325 11.15 -13.52 14.90
CA TYR B 325 11.18 -14.13 13.57
C TYR B 325 10.74 -13.15 12.48
N PHE B 326 9.63 -12.46 12.73
CA PHE B 326 9.06 -11.54 11.74
C PHE B 326 9.97 -10.34 11.48
N ALA B 327 10.39 -9.69 12.57
CA ALA B 327 11.19 -8.47 12.48
C ALA B 327 12.54 -8.70 11.78
N GLU B 328 13.11 -9.89 11.97
CA GLU B 328 14.43 -10.21 11.46
C GLU B 328 14.37 -11.10 10.22
N THR B 329 13.86 -12.31 10.39
CA THR B 329 13.92 -13.33 9.34
C THR B 329 12.96 -13.04 8.19
N GLU B 330 11.71 -12.74 8.53
CA GLU B 330 10.67 -12.48 7.52
C GLU B 330 10.91 -11.18 6.76
N GLN B 331 11.40 -10.16 7.46
CA GLN B 331 11.56 -8.81 6.88
C GLN B 331 12.85 -8.59 6.07
N ILE B 332 13.85 -9.43 6.25
CA ILE B 332 15.13 -9.26 5.56
C ILE B 332 14.94 -9.32 4.03
N SER B 333 15.66 -8.45 3.32
CA SER B 333 15.44 -8.24 1.88
C SER B 333 16.70 -8.47 1.05
N PHE B 334 16.93 -9.72 0.66
CA PHE B 334 18.11 -10.08 -0.13
C PHE B 334 17.99 -9.59 -1.57
N GLN B 335 19.14 -9.23 -2.15
CA GLN B 335 19.23 -8.81 -3.56
C GLN B 335 20.58 -9.21 -4.16
N PRO B 336 20.57 -9.83 -5.36
CA PRO B 336 21.82 -9.99 -6.11
C PRO B 336 22.44 -8.65 -6.53
N GLY B 337 21.62 -7.60 -6.57
CA GLY B 337 22.09 -6.25 -6.84
C GLY B 337 22.89 -5.62 -5.70
N HIS B 338 22.81 -6.20 -4.51
CA HIS B 338 23.67 -5.81 -3.40
C HIS B 338 25.11 -6.25 -3.67
N ILE B 339 25.82 -5.44 -4.44
CA ILE B 339 27.20 -5.70 -4.81
C ILE B 339 28.12 -4.63 -4.22
N VAL B 340 29.38 -5.00 -3.98
CA VAL B 340 30.36 -4.08 -3.41
C VAL B 340 31.59 -3.95 -4.31
N ARG B 341 32.45 -2.98 -3.98
CA ARG B 341 33.72 -2.78 -4.67
C ARG B 341 34.56 -4.06 -4.57
N GLY B 342 35.04 -4.53 -5.72
CA GLY B 342 35.80 -5.77 -5.81
C GLY B 342 35.07 -6.90 -6.51
N VAL B 343 33.75 -6.76 -6.64
CA VAL B 343 32.90 -7.74 -7.32
C VAL B 343 32.15 -7.06 -8.47
N ASP B 344 31.86 -7.82 -9.51
CA ASP B 344 31.15 -7.30 -10.69
C ASP B 344 30.29 -8.40 -11.33
N PHE B 345 29.31 -7.99 -12.12
CA PHE B 345 28.40 -8.91 -12.78
C PHE B 345 29.00 -9.45 -14.08
N THR B 346 28.32 -10.43 -14.67
CA THR B 346 28.63 -10.91 -16.01
C THR B 346 27.38 -10.87 -16.90
N GLU B 347 27.52 -11.36 -18.13
CA GLU B 347 26.46 -11.26 -19.14
C GLU B 347 25.55 -12.50 -19.18
N ASP B 348 25.48 -13.23 -18.07
CA ASP B 348 24.48 -14.29 -17.90
C ASP B 348 23.08 -13.67 -17.96
N PRO B 349 22.28 -14.05 -18.98
CA PRO B 349 20.93 -13.47 -19.17
C PRO B 349 19.97 -13.69 -18.00
N LEU B 350 20.18 -14.77 -17.25
CA LEU B 350 19.36 -15.06 -16.07
C LEU B 350 19.70 -14.09 -14.94
N LEU B 351 20.99 -13.85 -14.72
CA LEU B 351 21.47 -12.92 -13.69
C LEU B 351 21.07 -11.48 -13.99
N GLN B 352 21.14 -11.09 -15.25
CA GLN B 352 20.82 -9.72 -15.69
C GLN B 352 19.41 -9.31 -15.28
N GLY B 353 18.45 -10.22 -15.45
CA GLY B 353 17.05 -9.95 -15.10
C GLY B 353 16.77 -9.98 -13.61
N ARG B 354 17.54 -10.76 -12.86
CA ARG B 354 17.42 -10.81 -11.40
C ARG B 354 17.66 -9.44 -10.75
N LEU B 355 18.68 -8.73 -11.25
CA LEU B 355 19.06 -7.42 -10.70
C LEU B 355 17.87 -6.47 -10.62
N TYR B 356 17.04 -6.47 -11.66
CA TYR B 356 15.80 -5.69 -11.68
C TYR B 356 14.76 -6.26 -10.71
N SER B 357 14.55 -7.57 -10.79
CA SER B 357 13.43 -8.24 -10.12
C SER B 357 13.41 -8.09 -8.60
N TYR B 358 14.57 -8.27 -7.97
CA TYR B 358 14.66 -8.29 -6.50
C TYR B 358 14.41 -6.93 -5.87
N LEU B 359 14.95 -5.88 -6.49
CA LEU B 359 14.73 -4.50 -6.00
C LEU B 359 13.26 -4.09 -6.18
N ASP B 360 12.66 -4.51 -7.28
CA ASP B 360 11.27 -4.20 -7.60
C ASP B 360 10.28 -4.87 -6.64
N THR B 361 10.52 -6.14 -6.32
CA THR B 361 9.60 -6.94 -5.51
C THR B 361 9.52 -6.48 -4.04
N GLN B 362 10.53 -5.75 -3.57
CA GLN B 362 10.53 -5.20 -2.21
C GLN B 362 9.44 -4.14 -2.01
N LEU B 363 9.08 -3.46 -3.10
CA LEU B 363 7.97 -2.50 -3.09
C LEU B 363 6.63 -3.18 -2.81
N ASN B 364 6.51 -4.44 -3.22
CA ASN B 364 5.33 -5.24 -2.95
C ASN B 364 5.27 -5.67 -1.48
N ARG B 365 6.35 -6.26 -1.00
CA ARG B 365 6.42 -6.78 0.37
C ARG B 365 6.40 -5.70 1.43
N HIS B 366 7.14 -4.62 1.21
CA HIS B 366 7.34 -3.56 2.22
C HIS B 366 6.49 -2.31 1.99
N ARG B 367 5.79 -2.26 0.86
CA ARG B 367 4.84 -1.18 0.55
C ARG B 367 5.49 0.21 0.59
N GLY B 368 6.76 0.28 0.23
CA GLY B 368 7.50 1.54 0.27
C GLY B 368 8.96 1.39 -0.10
N PRO B 369 9.66 2.53 -0.34
CA PRO B 369 11.05 2.53 -0.77
C PRO B 369 12.11 2.57 0.35
N ASN B 370 11.67 2.66 1.60
CA ASN B 370 12.58 2.75 2.75
C ASN B 370 12.74 1.43 3.51
N PHE B 371 12.79 0.33 2.78
CA PHE B 371 12.94 -1.01 3.37
C PHE B 371 14.39 -1.28 3.83
N GLU B 372 15.35 -0.54 3.29
CA GLU B 372 16.75 -0.67 3.71
C GLU B 372 17.02 -0.01 5.07
N GLN B 373 16.09 0.84 5.51
CA GLN B 373 16.18 1.48 6.84
C GLN B 373 15.75 0.55 7.98
N LEU B 374 15.15 -0.59 7.64
CA LEU B 374 14.76 -1.59 8.64
C LEU B 374 16.02 -2.17 9.31
N PRO B 375 15.98 -2.37 10.65
CA PRO B 375 17.15 -2.82 11.42
C PRO B 375 17.92 -3.98 10.81
N ILE B 376 17.22 -4.98 10.31
CA ILE B 376 17.84 -6.16 9.70
C ILE B 376 18.49 -5.81 8.35
N ASN B 377 17.93 -4.83 7.65
CA ASN B 377 18.42 -4.44 6.32
C ASN B 377 19.51 -3.36 6.32
N ARG B 378 19.74 -2.70 7.45
CA ARG B 378 20.71 -1.60 7.53
C ARG B 378 22.15 -2.09 7.38
N PRO B 379 22.99 -1.31 6.65
CA PRO B 379 24.41 -1.59 6.62
C PRO B 379 25.12 -1.01 7.85
N VAL B 380 26.31 -1.51 8.14
CA VAL B 380 27.11 -1.03 9.28
C VAL B 380 28.19 -0.02 8.87
N SER B 381 28.19 0.36 7.59
CA SER B 381 29.21 1.24 7.03
C SER B 381 28.73 2.68 6.79
N GLY B 382 27.47 2.95 7.11
CA GLY B 382 26.91 4.30 6.98
C GLY B 382 26.29 4.56 5.61
N VAL B 383 25.28 5.43 5.59
CA VAL B 383 24.56 5.78 4.36
C VAL B 383 24.49 7.30 4.21
N HIS B 384 25.05 7.80 3.10
CA HIS B 384 25.00 9.23 2.78
C HIS B 384 24.64 9.45 1.31
N ASN B 385 23.50 10.09 1.07
CA ASN B 385 23.07 10.44 -0.28
C ASN B 385 21.98 11.51 -0.26
N ASN B 386 21.44 11.83 -1.43
CA ASN B 386 20.37 12.81 -1.57
C ASN B 386 18.98 12.18 -1.73
N HIS B 387 18.81 10.98 -1.15
CA HIS B 387 17.51 10.33 -1.11
C HIS B 387 16.69 10.92 0.03
N ARG B 388 15.52 11.46 -0.29
CA ARG B 388 14.65 12.07 0.70
C ARG B 388 13.25 11.47 0.65
N ASP B 389 12.57 11.54 1.79
CA ASP B 389 11.14 11.22 1.87
C ASP B 389 10.86 9.73 1.67
N GLY B 390 9.71 9.41 1.07
CA GLY B 390 9.28 8.04 0.90
C GLY B 390 8.42 7.58 2.07
N GLN B 391 7.76 6.45 1.88
CA GLN B 391 6.85 5.90 2.90
C GLN B 391 7.63 5.41 4.13
N GLY B 392 7.27 5.93 5.29
CA GLY B 392 7.89 5.54 6.55
C GLY B 392 9.33 5.98 6.68
N GLN B 393 9.59 7.24 6.34
CA GLN B 393 10.94 7.82 6.43
C GLN B 393 11.37 7.89 7.90
N ALA B 394 12.42 7.15 8.24
CA ALA B 394 12.84 6.96 9.63
C ALA B 394 13.84 8.02 10.14
N TRP B 395 14.55 8.68 9.23
CA TRP B 395 15.58 9.64 9.62
C TRP B 395 15.17 11.09 9.36
N ILE B 396 15.98 12.01 9.88
CA ILE B 396 15.82 13.44 9.65
C ILE B 396 17.12 14.01 9.06
N HIS B 397 17.12 14.25 7.75
CA HIS B 397 18.32 14.70 7.06
C HIS B 397 18.60 16.18 7.32
N LYS B 398 19.86 16.49 7.65
CA LYS B 398 20.29 17.84 8.00
C LYS B 398 20.63 18.69 6.77
N ASN B 399 21.17 18.06 5.73
CA ASN B 399 21.54 18.75 4.50
C ASN B 399 20.32 19.23 3.71
N ILE B 400 20.08 20.54 3.71
CA ILE B 400 18.95 21.11 2.97
C ILE B 400 19.19 21.15 1.45
N HIS B 401 20.45 21.16 1.04
CA HIS B 401 20.80 21.17 -0.37
C HIS B 401 21.02 19.73 -0.87
N HIS B 402 19.90 19.09 -1.16
CA HIS B 402 19.83 17.66 -1.49
C HIS B 402 19.90 17.40 -3.00
N TYR B 403 21.03 17.80 -3.58
CA TYR B 403 21.25 17.65 -5.03
C TYR B 403 22.73 17.84 -5.38
N SER B 404 23.07 17.54 -6.63
CA SER B 404 24.43 17.73 -7.15
C SER B 404 24.43 17.86 -8.68
N PRO B 405 25.35 18.69 -9.24
CA PRO B 405 26.38 19.47 -8.57
C PRO B 405 25.80 20.70 -7.86
N SER B 406 26.54 21.22 -6.88
CA SER B 406 26.05 22.30 -6.05
C SER B 406 27.18 23.02 -5.29
N TYR B 407 27.13 24.35 -5.33
CA TYR B 407 28.05 25.19 -4.55
C TYR B 407 27.64 25.25 -3.08
N LEU B 408 26.34 25.30 -2.84
CA LEU B 408 25.80 25.53 -1.49
C LEU B 408 26.15 24.41 -0.50
N ASN B 409 26.15 23.16 -0.95
CA ASN B 409 26.56 22.03 -0.11
C ASN B 409 28.08 21.74 -0.17
N LYS B 410 28.79 22.53 -0.96
CA LYS B 410 30.25 22.40 -1.06
C LYS B 410 30.64 21.01 -1.57
N GLY B 411 29.89 20.52 -2.55
CA GLY B 411 30.23 19.26 -3.21
C GLY B 411 30.18 18.05 -2.28
N TYR B 412 29.26 18.07 -1.32
CA TYR B 412 29.06 16.96 -0.39
C TYR B 412 27.58 16.58 -0.29
N PRO B 413 27.25 15.28 -0.37
CA PRO B 413 28.14 14.12 -0.50
C PRO B 413 28.90 14.10 -1.84
N ALA B 414 30.19 13.80 -1.76
CA ALA B 414 31.08 13.82 -2.93
C ALA B 414 30.98 12.53 -3.74
N GLN B 415 31.42 12.61 -5.00
CA GLN B 415 31.40 11.47 -5.90
C GLN B 415 32.62 10.60 -5.66
N ALA B 416 32.44 9.29 -5.78
CA ALA B 416 33.53 8.32 -5.58
C ALA B 416 33.57 7.33 -6.73
N ASN B 417 34.77 7.08 -7.24
CA ASN B 417 34.97 6.11 -8.33
C ASN B 417 36.18 5.20 -8.05
N GLN B 418 36.85 4.76 -9.10
CA GLN B 418 37.89 3.75 -9.01
C GLN B 418 39.12 4.25 -8.25
N THR B 419 39.53 5.48 -8.53
CA THR B 419 40.73 6.07 -7.91
C THR B 419 40.42 7.01 -6.74
N VAL B 420 39.15 7.39 -6.58
CA VAL B 420 38.74 8.33 -5.53
C VAL B 420 37.57 7.79 -4.70
N GLY B 421 37.75 7.80 -3.38
CA GLY B 421 36.70 7.41 -2.43
C GLY B 421 36.37 5.92 -2.39
N ARG B 422 37.19 5.12 -3.05
CA ARG B 422 36.98 3.67 -3.16
C ARG B 422 35.53 3.32 -3.53
N GLY B 423 35.04 3.96 -4.59
CA GLY B 423 33.67 3.75 -5.06
C GLY B 423 33.57 2.59 -6.02
N PHE B 424 32.36 2.08 -6.21
CA PHE B 424 32.11 0.97 -7.13
C PHE B 424 32.51 1.33 -8.56
N PHE B 425 33.05 0.36 -9.28
CA PHE B 425 33.36 0.53 -10.70
C PHE B 425 33.19 -0.78 -11.46
N THR B 426 32.59 -0.71 -12.65
CA THR B 426 32.46 -1.85 -13.54
C THR B 426 33.84 -2.22 -14.07
N THR B 427 34.03 -3.52 -14.35
CA THR B 427 35.29 -4.02 -14.89
C THR B 427 35.70 -3.18 -16.12
N PRO B 428 36.80 -2.40 -15.99
CA PRO B 428 37.22 -1.48 -17.05
C PRO B 428 37.36 -2.11 -18.44
N GLY B 429 37.79 -3.37 -18.49
CA GLY B 429 38.04 -4.07 -19.75
C GLY B 429 36.81 -4.59 -20.49
N ARG B 430 35.64 -4.57 -19.85
CA ARG B 430 34.41 -5.06 -20.48
C ARG B 430 33.98 -4.23 -21.67
N THR B 431 33.40 -4.89 -22.67
CA THR B 431 32.94 -4.24 -23.89
C THR B 431 31.65 -4.85 -24.41
N ALA B 432 31.03 -4.17 -25.37
CA ALA B 432 29.82 -4.65 -26.04
C ALA B 432 30.03 -4.57 -27.55
N SER B 433 29.44 -5.51 -28.28
CA SER B 433 29.57 -5.57 -29.74
C SER B 433 28.47 -6.43 -30.37
N GLY B 434 27.93 -5.96 -31.48
CA GLY B 434 26.91 -6.70 -32.24
C GLY B 434 25.57 -5.98 -32.33
N VAL B 435 24.62 -6.62 -33.00
CA VAL B 435 23.29 -6.07 -33.20
C VAL B 435 22.44 -6.23 -31.93
N LEU B 436 21.52 -5.29 -31.72
CA LEU B 436 20.54 -5.40 -30.64
C LEU B 436 19.55 -6.50 -30.97
N ASN B 437 19.52 -7.54 -30.15
CA ASN B 437 18.77 -8.76 -30.46
C ASN B 437 17.96 -9.28 -29.28
N ARG B 438 16.81 -9.88 -29.60
CA ARG B 438 16.06 -10.70 -28.65
C ARG B 438 16.31 -12.17 -28.97
N GLU B 439 17.54 -12.63 -28.72
CA GLU B 439 17.94 -14.00 -29.02
C GLU B 439 18.78 -14.58 -27.89
N LEU B 440 19.01 -15.89 -27.95
CA LEU B 440 19.95 -16.56 -27.07
C LEU B 440 21.09 -17.13 -27.91
N SER B 441 22.29 -17.07 -27.35
CA SER B 441 23.50 -17.51 -28.06
C SER B 441 23.42 -18.98 -28.46
N ALA B 442 24.05 -19.32 -29.58
CA ALA B 442 24.09 -20.70 -30.07
C ALA B 442 24.92 -21.63 -29.17
N THR B 443 25.77 -21.04 -28.34
CA THR B 443 26.56 -21.77 -27.36
C THR B 443 25.73 -22.30 -26.18
N PHE B 444 24.47 -21.87 -26.08
CA PHE B 444 23.55 -22.33 -25.03
C PHE B 444 22.74 -23.57 -25.44
N ASP B 445 22.94 -24.06 -26.66
CA ASP B 445 22.04 -25.04 -27.27
C ASP B 445 22.07 -26.45 -26.68
N ASP B 446 23.16 -26.83 -26.03
CA ASP B 446 23.29 -28.16 -25.43
C ASP B 446 22.55 -28.24 -24.10
N HIS B 447 21.47 -29.02 -24.06
CA HIS B 447 20.64 -29.17 -22.86
C HIS B 447 20.74 -30.54 -22.19
N TYR B 448 21.42 -31.49 -22.84
CA TYR B 448 21.35 -32.90 -22.44
C TYR B 448 22.65 -33.54 -21.96
N THR B 449 23.80 -32.90 -22.22
CA THR B 449 25.10 -33.50 -21.92
C THR B 449 25.42 -33.53 -20.42
N GLN B 450 25.22 -32.39 -19.74
CA GLN B 450 25.53 -32.30 -18.31
C GLN B 450 24.55 -33.09 -17.40
N PRO B 451 23.24 -33.09 -17.71
CA PRO B 451 22.32 -34.02 -17.05
C PRO B 451 22.80 -35.48 -17.08
N ARG B 452 23.35 -35.92 -18.21
CA ARG B 452 23.93 -37.26 -18.32
C ARG B 452 25.21 -37.38 -17.49
N LEU B 453 26.01 -36.32 -17.49
CA LEU B 453 27.23 -36.24 -16.67
C LEU B 453 26.92 -36.34 -15.18
N PHE B 454 25.82 -35.71 -14.76
CA PHE B 454 25.37 -35.77 -13.36
C PHE B 454 24.92 -37.17 -12.97
N PHE B 455 24.13 -37.81 -13.83
CA PHE B 455 23.59 -39.15 -13.57
C PHE B 455 24.69 -40.22 -13.50
N ASN B 456 25.69 -40.09 -14.37
CA ASN B 456 26.83 -41.01 -14.38
C ASN B 456 27.68 -40.92 -13.10
N SER B 457 27.68 -39.74 -12.48
CA SER B 457 28.48 -39.49 -11.29
C SER B 457 27.81 -39.90 -9.98
N LEU B 458 26.63 -40.52 -10.06
CA LEU B 458 25.93 -41.04 -8.89
C LEU B 458 26.13 -42.54 -8.74
N THR B 459 25.99 -43.05 -7.52
CA THR B 459 26.11 -44.48 -7.23
C THR B 459 24.83 -45.20 -7.67
N PRO B 460 24.90 -46.53 -7.87
CA PRO B 460 23.74 -47.29 -8.37
C PRO B 460 22.43 -47.06 -7.62
N VAL B 461 22.49 -47.04 -6.29
CA VAL B 461 21.31 -46.79 -5.45
C VAL B 461 20.85 -45.33 -5.56
N GLU B 462 21.82 -44.41 -5.62
CA GLU B 462 21.54 -42.99 -5.85
C GLU B 462 20.88 -42.75 -7.20
N GLN B 463 21.32 -43.50 -8.20
CA GLN B 463 20.71 -43.47 -9.54
C GLN B 463 19.28 -44.01 -9.50
N GLN B 464 19.05 -45.01 -8.64
CA GLN B 464 17.72 -45.58 -8.45
C GLN B 464 16.78 -44.59 -7.74
N PHE B 465 17.31 -43.84 -6.77
CA PHE B 465 16.52 -42.81 -6.08
C PHE B 465 16.01 -41.75 -7.06
N VAL B 466 16.86 -41.38 -8.01
CA VAL B 466 16.51 -40.39 -9.04
C VAL B 466 15.39 -40.92 -9.94
N ILE B 467 15.53 -42.17 -10.38
CA ILE B 467 14.54 -42.82 -11.23
C ILE B 467 13.22 -43.07 -10.48
N ASN B 468 13.33 -43.53 -9.23
CA ASN B 468 12.15 -43.72 -8.38
C ASN B 468 11.41 -42.41 -8.09
N ALA B 469 12.16 -41.32 -8.02
CA ALA B 469 11.59 -39.98 -7.84
C ALA B 469 10.82 -39.54 -9.09
N ILE B 470 11.41 -39.77 -10.26
CA ILE B 470 10.77 -39.46 -11.55
C ILE B 470 9.52 -40.34 -11.74
N ARG B 471 9.64 -41.61 -11.37
CA ARG B 471 8.51 -42.56 -11.42
C ARG B 471 7.33 -42.09 -10.59
N PHE B 472 7.60 -41.59 -9.38
CA PHE B 472 6.56 -41.13 -8.47
C PHE B 472 5.81 -39.93 -9.05
N GLU B 473 6.55 -38.90 -9.42
CA GLU B 473 5.96 -37.64 -9.90
C GLU B 473 5.33 -37.77 -11.29
N ALA B 474 5.97 -38.51 -12.18
CA ALA B 474 5.48 -38.69 -13.56
C ALA B 474 4.17 -39.47 -13.62
N SER B 475 3.93 -40.32 -12.63
CA SER B 475 2.68 -41.09 -12.54
C SER B 475 1.46 -40.22 -12.17
N HIS B 476 1.72 -39.09 -11.51
CA HIS B 476 0.64 -38.14 -11.17
C HIS B 476 0.12 -37.38 -12.39
N VAL B 477 0.90 -37.35 -13.47
CA VAL B 477 0.52 -36.64 -14.69
C VAL B 477 -0.62 -37.37 -15.40
N THR B 478 -1.79 -36.73 -15.44
CA THR B 478 -2.99 -37.31 -16.04
C THR B 478 -2.94 -37.36 -17.57
N ASN B 479 -2.39 -36.31 -18.17
CA ASN B 479 -2.27 -36.25 -19.64
C ASN B 479 -1.22 -37.24 -20.15
N GLU B 480 -1.63 -38.11 -21.06
CA GLU B 480 -0.76 -39.17 -21.58
C GLU B 480 0.33 -38.63 -22.51
N GLN B 481 -0.01 -37.67 -23.35
CA GLN B 481 0.94 -37.07 -24.28
C GLN B 481 2.06 -36.31 -23.56
N VAL B 482 1.72 -35.72 -22.41
CA VAL B 482 2.72 -35.06 -21.56
C VAL B 482 3.72 -36.07 -21.00
N LYS B 483 3.23 -37.23 -20.61
CA LYS B 483 4.10 -38.33 -20.14
C LYS B 483 4.96 -38.88 -21.28
N LYS B 484 4.39 -38.93 -22.49
CA LYS B 484 5.14 -39.32 -23.68
C LYS B 484 6.23 -38.30 -24.03
N ASN B 485 5.92 -37.02 -23.84
CA ASN B 485 6.89 -35.94 -24.04
C ASN B 485 8.04 -35.99 -23.04
N VAL B 486 7.75 -36.41 -21.82
CA VAL B 486 8.77 -36.57 -20.78
C VAL B 486 9.74 -37.69 -21.12
N LEU B 487 9.20 -38.84 -21.54
CA LEU B 487 10.02 -39.99 -21.94
C LEU B 487 10.89 -39.67 -23.15
N GLU B 488 10.38 -38.83 -24.06
CA GLU B 488 11.14 -38.40 -25.24
C GLU B 488 12.37 -37.57 -24.85
N GLN B 489 12.20 -36.67 -23.89
CA GLN B 489 13.29 -35.83 -23.40
C GLN B 489 14.27 -36.61 -22.51
N LEU B 490 13.74 -37.51 -21.68
CA LEU B 490 14.55 -38.38 -20.85
C LEU B 490 15.42 -39.32 -21.70
N ASN B 491 14.87 -39.77 -22.82
CA ASN B 491 15.59 -40.64 -23.75
C ASN B 491 16.80 -39.95 -24.38
N LYS B 492 16.69 -38.65 -24.63
CA LYS B 492 17.80 -37.86 -25.16
C LYS B 492 18.96 -37.76 -24.17
N ILE B 493 18.65 -37.78 -22.88
CA ILE B 493 19.66 -37.80 -21.83
C ILE B 493 20.27 -39.19 -21.69
N SER B 494 19.40 -40.20 -21.55
CA SER B 494 19.83 -41.59 -21.43
C SER B 494 18.69 -42.55 -21.78
N ASN B 495 19.00 -43.59 -22.56
CA ASN B 495 18.01 -44.59 -22.96
C ASN B 495 17.58 -45.47 -21.77
N ASP B 496 18.55 -45.87 -20.96
CA ASP B 496 18.29 -46.72 -19.80
C ASP B 496 17.36 -46.02 -18.81
N VAL B 497 17.59 -44.74 -18.57
CA VAL B 497 16.74 -43.93 -17.69
C VAL B 497 15.32 -43.83 -18.23
N ALA B 498 15.18 -43.69 -19.55
CA ALA B 498 13.87 -43.61 -20.19
C ALA B 498 13.09 -44.92 -20.06
N LYS B 499 13.76 -46.04 -20.35
CA LYS B 499 13.15 -47.37 -20.26
C LYS B 499 12.69 -47.70 -18.83
N ARG B 500 13.54 -47.36 -17.86
CA ARG B 500 13.28 -47.66 -16.45
C ARG B 500 12.18 -46.77 -15.86
N VAL B 501 11.98 -45.58 -16.44
CA VAL B 501 10.87 -44.70 -16.05
C VAL B 501 9.58 -45.07 -16.80
N ALA B 502 9.73 -45.55 -18.04
CA ALA B 502 8.59 -45.92 -18.87
C ALA B 502 7.78 -47.09 -18.31
N VAL B 503 8.48 -48.09 -17.77
CA VAL B 503 7.83 -49.29 -17.24
C VAL B 503 6.84 -48.98 -16.11
N ALA B 504 7.16 -47.99 -15.28
CA ALA B 504 6.28 -47.56 -14.20
C ALA B 504 5.04 -46.84 -14.73
N LEU B 505 5.20 -46.14 -15.86
CA LEU B 505 4.09 -45.45 -16.52
C LEU B 505 3.30 -46.38 -17.45
N GLY B 506 3.83 -47.58 -17.69
CA GLY B 506 3.18 -48.55 -18.56
C GLY B 506 3.21 -48.18 -20.03
N LEU B 507 4.19 -47.36 -20.40
CA LEU B 507 4.37 -46.90 -21.79
C LEU B 507 5.62 -47.51 -22.40
N GLU B 508 5.59 -47.70 -23.72
CA GLU B 508 6.75 -48.18 -24.45
C GLU B 508 7.77 -47.05 -24.59
N ALA B 509 9.00 -47.31 -24.15
CA ALA B 509 10.07 -46.31 -24.21
C ALA B 509 10.51 -46.09 -25.66
N PRO B 510 10.88 -44.85 -26.02
CA PRO B 510 11.34 -44.59 -27.38
C PRO B 510 12.66 -45.29 -27.72
N GLN B 511 12.96 -45.35 -29.02
CA GLN B 511 14.22 -45.96 -29.49
C GLN B 511 15.41 -45.06 -29.13
N PRO B 512 16.59 -45.67 -28.91
CA PRO B 512 17.78 -44.90 -28.52
C PRO B 512 18.14 -43.75 -29.46
N ASP B 513 18.53 -42.63 -28.88
CA ASP B 513 19.01 -41.46 -29.63
C ASP B 513 20.39 -41.08 -29.08
N PRO B 514 21.46 -41.59 -29.71
CA PRO B 514 22.81 -41.50 -29.16
C PRO B 514 23.57 -40.18 -29.40
N THR B 515 22.83 -39.11 -29.73
CA THR B 515 23.45 -37.82 -30.04
C THR B 515 24.24 -37.23 -28.86
N TYR B 516 23.67 -37.35 -27.66
CA TYR B 516 24.24 -36.74 -26.45
C TYR B 516 24.72 -37.75 -25.39
N TYR B 517 24.72 -39.04 -25.72
CA TYR B 517 25.16 -40.06 -24.77
C TYR B 517 26.67 -40.03 -24.57
N HIS B 518 27.10 -40.23 -23.33
CA HIS B 518 28.52 -40.31 -22.98
C HIS B 518 28.73 -41.00 -21.64
N ASN B 519 29.98 -41.36 -21.35
CA ASN B 519 30.33 -42.09 -20.12
C ASN B 519 31.21 -41.30 -19.16
N ASN B 520 31.38 -40.00 -19.41
CA ASN B 520 32.15 -39.13 -18.51
C ASN B 520 31.51 -39.04 -17.12
N VAL B 521 32.36 -38.96 -16.10
CA VAL B 521 31.93 -38.79 -14.72
C VAL B 521 32.66 -37.60 -14.09
N THR B 522 32.06 -37.05 -13.03
CA THR B 522 32.63 -35.89 -12.33
C THR B 522 32.66 -36.14 -10.82
N ARG B 523 33.38 -35.27 -10.11
CA ARG B 523 33.63 -35.44 -8.68
C ARG B 523 32.71 -34.58 -7.81
N GLY B 524 32.21 -35.18 -6.72
CA GLY B 524 31.54 -34.43 -5.66
C GLY B 524 30.10 -34.03 -5.90
N VAL B 525 29.40 -34.78 -6.76
CA VAL B 525 27.98 -34.56 -6.99
C VAL B 525 27.13 -35.59 -6.23
N SER B 526 27.78 -36.42 -5.43
CA SER B 526 27.11 -37.49 -4.67
C SER B 526 26.90 -37.07 -3.23
N ILE B 527 26.12 -37.87 -2.50
CA ILE B 527 25.76 -37.58 -1.10
C ILE B 527 25.93 -38.80 -0.21
N PHE B 528 25.13 -39.83 -0.47
CA PHE B 528 25.17 -41.08 0.30
C PHE B 528 26.52 -41.78 0.13
N ASN B 529 27.21 -41.44 -0.95
CA ASN B 529 28.57 -41.90 -1.22
C ASN B 529 29.51 -41.76 -0.01
N GLU B 530 29.43 -40.60 0.66
CA GLU B 530 30.36 -40.24 1.73
C GLU B 530 29.79 -40.47 3.13
N SER B 531 30.68 -40.57 4.11
CA SER B 531 30.30 -40.65 5.52
C SER B 531 30.44 -39.28 6.18
N LEU B 532 29.68 -39.08 7.25
CA LEU B 532 29.67 -37.78 7.95
C LEU B 532 30.94 -37.56 8.78
N PRO B 533 31.49 -36.34 8.76
CA PRO B 533 32.70 -36.03 9.53
C PRO B 533 32.42 -35.89 11.03
N THR B 534 31.18 -35.58 11.38
CA THR B 534 30.77 -35.43 12.78
C THR B 534 29.35 -35.98 12.97
N ILE B 535 29.08 -36.49 14.17
CA ILE B 535 27.77 -37.03 14.52
C ILE B 535 27.11 -36.23 15.66
N ALA B 536 27.52 -34.98 15.80
CA ALA B 536 26.98 -34.10 16.84
C ALA B 536 25.61 -33.58 16.42
N THR B 537 24.74 -33.36 17.41
CA THR B 537 23.39 -32.85 17.17
C THR B 537 22.48 -33.90 16.52
N LEU B 538 23.05 -35.07 16.22
CA LEU B 538 22.28 -36.17 15.65
C LEU B 538 21.35 -36.78 16.68
N ARG B 539 20.28 -37.40 16.21
CA ARG B 539 19.15 -37.77 17.06
C ARG B 539 18.98 -39.28 17.22
N VAL B 540 18.88 -39.71 18.47
CA VAL B 540 18.67 -41.13 18.78
C VAL B 540 17.40 -41.30 19.60
N GLY B 541 16.55 -42.23 19.17
CA GLY B 541 15.29 -42.53 19.85
C GLY B 541 15.38 -43.82 20.64
N VAL B 542 15.36 -43.69 21.97
CA VAL B 542 15.45 -44.85 22.87
C VAL B 542 14.07 -45.36 23.24
N LEU B 543 13.67 -46.48 22.64
CA LEU B 543 12.37 -47.09 22.91
C LEU B 543 12.41 -47.89 24.21
N SER B 544 11.73 -47.38 25.24
CA SER B 544 11.70 -48.03 26.55
C SER B 544 10.26 -48.23 27.03
N THR B 545 10.12 -48.77 28.24
CA THR B 545 8.79 -49.01 28.83
C THR B 545 8.77 -48.68 30.32
N THR B 546 7.64 -48.17 30.80
CA THR B 546 7.48 -47.78 32.20
C THR B 546 7.37 -48.97 33.16
N LYS B 547 7.22 -50.18 32.63
CA LYS B 547 7.11 -51.40 33.42
C LYS B 547 8.40 -52.23 33.40
N GLY B 548 8.74 -52.81 34.56
CA GLY B 548 9.89 -53.71 34.68
C GLY B 548 11.23 -53.03 34.91
N GLY B 549 11.21 -51.74 35.23
CA GLY B 549 12.43 -50.99 35.51
C GLY B 549 13.36 -50.85 34.30
N SER B 550 12.77 -50.67 33.12
CA SER B 550 13.53 -50.53 31.88
C SER B 550 14.14 -49.13 31.73
N LEU B 551 13.61 -48.16 32.47
CA LEU B 551 14.10 -46.78 32.41
C LEU B 551 15.51 -46.61 32.98
N ASP B 552 15.87 -47.45 33.95
CA ASP B 552 17.21 -47.42 34.54
C ASP B 552 18.29 -47.69 33.50
N LYS B 553 18.09 -48.72 32.69
CA LYS B 553 19.01 -49.06 31.60
C LYS B 553 18.96 -48.01 30.49
N ALA B 554 17.76 -47.52 30.19
CA ALA B 554 17.55 -46.49 29.17
C ALA B 554 18.20 -45.16 29.55
N LYS B 555 18.16 -44.83 30.83
CA LYS B 555 18.78 -43.60 31.35
C LYS B 555 20.29 -43.67 31.27
N ALA B 556 20.85 -44.81 31.68
CA ALA B 556 22.29 -45.05 31.58
C ALA B 556 22.76 -45.14 30.13
N LEU B 557 21.89 -45.66 29.27
CA LEU B 557 22.14 -45.72 27.82
C LEU B 557 22.12 -44.31 27.22
N LYS B 558 21.15 -43.51 27.65
CA LYS B 558 21.03 -42.11 27.22
C LYS B 558 22.26 -41.30 27.63
N GLU B 559 22.60 -41.39 28.91
CA GLU B 559 23.73 -40.65 29.49
C GLU B 559 25.01 -40.84 28.68
N GLN B 560 25.25 -42.07 28.23
CA GLN B 560 26.44 -42.42 27.44
C GLN B 560 26.41 -41.84 26.03
N LEU B 561 25.27 -41.98 25.36
CA LEU B 561 25.10 -41.50 23.98
C LEU B 561 25.20 -39.99 23.86
N GLU B 562 24.70 -39.27 24.87
CA GLU B 562 24.74 -37.81 24.89
C GLU B 562 26.15 -37.26 25.12
N LYS B 563 27.06 -38.11 25.60
CA LYS B 563 28.45 -37.72 25.82
C LYS B 563 29.24 -37.58 24.51
N ASP B 564 28.73 -38.20 23.45
CA ASP B 564 29.31 -38.05 22.11
C ASP B 564 28.63 -36.93 21.31
N GLY B 565 27.79 -36.16 21.98
CA GLY B 565 27.18 -34.95 21.41
C GLY B 565 25.80 -35.17 20.81
N LEU B 566 25.25 -36.37 21.00
CA LEU B 566 23.95 -36.71 20.45
C LEU B 566 22.82 -36.17 21.30
N LYS B 567 21.71 -35.83 20.65
CA LYS B 567 20.47 -35.47 21.34
C LYS B 567 19.60 -36.73 21.46
N VAL B 568 19.51 -37.26 22.67
CA VAL B 568 18.81 -38.52 22.92
C VAL B 568 17.40 -38.28 23.47
N THR B 569 16.44 -39.10 23.05
CA THR B 569 15.06 -39.01 23.48
C THR B 569 14.56 -40.35 24.02
N VAL B 570 14.35 -40.42 25.33
CA VAL B 570 13.81 -41.62 25.97
C VAL B 570 12.31 -41.67 25.76
N ILE B 571 11.83 -42.78 25.18
CA ILE B 571 10.41 -42.94 24.86
C ILE B 571 9.77 -44.03 25.73
N ALA B 572 8.58 -43.73 26.25
CA ALA B 572 7.83 -44.66 27.09
C ALA B 572 6.33 -44.51 26.82
N GLU B 573 5.51 -45.26 27.56
CA GLU B 573 4.05 -45.18 27.43
C GLU B 573 3.54 -43.82 27.91
N TYR B 574 4.05 -43.37 29.05
CA TYR B 574 3.73 -42.05 29.58
C TYR B 574 4.98 -41.37 30.14
N LEU B 575 4.85 -40.08 30.45
CA LEU B 575 5.99 -39.27 30.89
C LEU B 575 6.38 -39.58 32.34
N ALA B 576 7.07 -40.70 32.53
CA ALA B 576 7.61 -41.07 33.84
C ALA B 576 8.91 -40.30 34.10
N SER B 577 9.55 -40.59 35.22
CA SER B 577 10.84 -39.97 35.56
C SER B 577 11.92 -40.46 34.60
N GLY B 578 12.53 -39.53 33.87
CA GLY B 578 13.55 -39.85 32.88
C GLY B 578 12.99 -40.13 31.49
N VAL B 579 11.70 -39.85 31.30
CA VAL B 579 11.05 -40.01 30.00
C VAL B 579 10.89 -38.64 29.34
N ASP B 580 11.33 -38.55 28.08
CA ASP B 580 11.33 -37.29 27.34
C ASP B 580 10.10 -37.13 26.44
N GLN B 581 9.60 -38.25 25.92
CA GLN B 581 8.53 -38.24 24.93
C GLN B 581 7.67 -39.49 25.04
N THR B 582 6.36 -39.35 24.82
CA THR B 582 5.44 -40.48 24.86
C THR B 582 5.42 -41.20 23.52
N TYR B 583 4.94 -42.45 23.52
CA TYR B 583 4.79 -43.23 22.29
C TYR B 583 3.79 -42.57 21.32
N SER B 584 2.75 -41.96 21.89
CA SER B 584 1.74 -41.25 21.10
C SER B 584 2.33 -40.06 20.34
N ALA B 585 3.24 -39.34 20.99
CA ALA B 585 3.87 -38.14 20.41
C ALA B 585 5.12 -38.48 19.60
N ALA B 586 5.53 -39.75 19.61
CA ALA B 586 6.78 -40.17 18.98
C ALA B 586 6.58 -40.69 17.55
N ASP B 587 7.62 -40.54 16.74
CA ASP B 587 7.64 -41.06 15.38
C ASP B 587 9.08 -41.31 14.93
N ALA B 588 9.25 -42.23 13.98
CA ALA B 588 10.58 -42.59 13.45
C ALA B 588 11.25 -41.45 12.67
N THR B 589 10.44 -40.59 12.07
CA THR B 589 10.93 -39.47 11.27
C THR B 589 11.76 -38.45 12.05
N ALA B 590 11.52 -38.36 13.36
CA ALA B 590 12.21 -37.40 14.22
C ALA B 590 13.64 -37.83 14.58
N PHE B 591 13.95 -39.11 14.40
CA PHE B 591 15.25 -39.65 14.84
C PHE B 591 16.13 -40.12 13.69
N ASP B 592 17.45 -40.07 13.91
CA ASP B 592 18.43 -40.60 12.97
C ASP B 592 18.69 -42.08 13.22
N ALA B 593 18.45 -42.53 14.45
CA ALA B 593 18.64 -43.94 14.83
C ALA B 593 17.62 -44.35 15.88
N VAL B 594 17.27 -45.63 15.88
CA VAL B 594 16.26 -46.18 16.80
C VAL B 594 16.85 -47.35 17.57
N VAL B 595 16.96 -47.19 18.89
CA VAL B 595 17.49 -48.24 19.77
C VAL B 595 16.44 -48.69 20.78
N VAL B 596 16.15 -49.99 20.79
CA VAL B 596 15.20 -50.57 21.73
C VAL B 596 15.91 -50.94 23.03
N ALA B 597 15.52 -50.29 24.12
CA ALA B 597 16.10 -50.56 25.44
C ALA B 597 15.70 -51.94 25.94
N GLU B 598 16.52 -52.52 26.81
CA GLU B 598 16.28 -53.87 27.33
C GLU B 598 15.02 -53.91 28.20
N GLY B 599 14.24 -54.98 28.03
CA GLY B 599 12.98 -55.15 28.75
C GLY B 599 11.82 -54.38 28.14
N ALA B 600 12.01 -53.87 26.92
CA ALA B 600 10.98 -53.13 26.20
C ALA B 600 10.37 -53.96 25.07
N GLU B 601 10.47 -55.28 25.18
CA GLU B 601 9.91 -56.20 24.19
C GLU B 601 8.41 -56.37 24.41
N ARG B 602 7.99 -56.21 25.66
CA ARG B 602 6.58 -56.31 26.04
C ARG B 602 5.66 -55.40 25.22
N VAL B 603 6.18 -54.23 24.83
CA VAL B 603 5.41 -53.26 24.04
C VAL B 603 5.33 -53.59 22.54
N PHE B 604 6.00 -54.66 22.11
CA PHE B 604 5.94 -55.12 20.72
C PHE B 604 4.99 -56.32 20.52
N SER B 605 4.57 -56.94 21.62
CA SER B 605 3.68 -58.09 21.56
C SER B 605 2.27 -57.74 22.05
N GLY B 606 1.33 -58.65 21.78
CA GLY B 606 -0.09 -58.53 22.15
C GLY B 606 -0.48 -57.37 23.04
N LYS B 607 -0.78 -57.66 24.31
CA LYS B 607 -0.96 -56.62 25.31
C LYS B 607 0.40 -56.01 25.61
N GLY B 608 0.45 -54.68 25.70
CA GLY B 608 1.70 -53.94 25.72
C GLY B 608 1.83 -53.15 24.44
N ALA B 609 1.51 -53.78 23.31
CA ALA B 609 1.41 -53.11 22.01
C ALA B 609 -0.05 -52.71 21.71
N MET B 610 -0.90 -52.76 22.73
CA MET B 610 -2.33 -52.51 22.59
C MET B 610 -2.84 -51.60 23.72
N SER B 611 -1.99 -50.67 24.16
CA SER B 611 -2.32 -49.77 25.26
C SER B 611 -3.27 -48.67 24.79
N PRO B 612 -4.14 -48.18 25.69
CA PRO B 612 -4.95 -47.00 25.37
C PRO B 612 -4.14 -45.71 25.24
N LEU B 613 -2.93 -45.68 25.81
CA LEU B 613 -2.08 -44.48 25.81
C LEU B 613 -1.52 -44.11 24.43
N PHE B 614 -1.47 -45.07 23.50
CA PHE B 614 -0.98 -44.81 22.15
C PHE B 614 -1.67 -45.69 21.10
N PRO B 615 -1.63 -45.28 19.82
CA PRO B 615 -2.27 -46.05 18.75
C PRO B 615 -1.67 -47.46 18.59
N ALA B 616 -2.49 -48.38 18.07
CA ALA B 616 -2.14 -49.80 17.99
C ALA B 616 -0.89 -50.06 17.13
N GLY B 617 0.09 -50.74 17.73
CA GLY B 617 1.31 -51.11 17.03
C GLY B 617 2.26 -49.95 16.75
N ARG B 618 2.20 -48.92 17.59
CA ARG B 618 3.05 -47.73 17.43
C ARG B 618 4.54 -48.04 17.69
N PRO B 619 4.86 -48.71 18.82
CA PRO B 619 6.27 -49.05 19.09
C PRO B 619 6.93 -49.87 17.97
N SER B 620 6.19 -50.83 17.41
CA SER B 620 6.69 -51.66 16.31
C SER B 620 6.82 -50.88 15.01
N GLN B 621 5.91 -49.92 14.80
CA GLN B 621 5.92 -49.09 13.59
C GLN B 621 7.13 -48.16 13.54
N ILE B 622 7.50 -47.61 14.69
CA ILE B 622 8.68 -46.75 14.81
C ILE B 622 9.96 -47.49 14.43
N LEU B 623 10.08 -48.72 14.92
CA LEU B 623 11.24 -49.57 14.60
C LEU B 623 11.19 -50.05 13.15
N THR B 624 9.99 -50.37 12.67
CA THR B 624 9.78 -50.79 11.29
C THR B 624 10.12 -49.66 10.32
N ASP B 625 9.58 -48.47 10.59
CA ASP B 625 9.87 -47.28 9.79
C ASP B 625 11.36 -46.95 9.79
N GLY B 626 11.97 -47.00 10.97
CA GLY B 626 13.40 -46.73 11.13
C GLY B 626 14.26 -47.66 10.30
N TYR B 627 13.95 -48.95 10.34
CA TYR B 627 14.67 -49.96 9.56
C TYR B 627 14.42 -49.80 8.05
N ARG B 628 13.16 -49.61 7.69
CA ARG B 628 12.77 -49.54 6.27
C ARG B 628 13.34 -48.30 5.57
N TRP B 629 13.50 -47.21 6.34
CA TRP B 629 14.09 -45.97 5.81
C TRP B 629 15.62 -45.95 5.88
N GLY B 630 16.23 -47.05 6.31
CA GLY B 630 17.68 -47.25 6.24
C GLY B 630 18.49 -46.66 7.37
N LYS B 631 17.85 -46.47 8.53
CA LYS B 631 18.53 -45.90 9.70
C LYS B 631 19.24 -46.98 10.50
N PRO B 632 20.32 -46.62 11.21
CA PRO B 632 20.92 -47.56 12.16
C PRO B 632 19.93 -47.94 13.27
N VAL B 633 19.63 -49.23 13.37
CA VAL B 633 18.70 -49.74 14.37
C VAL B 633 19.41 -50.70 15.31
N ALA B 634 18.97 -50.73 16.57
CA ALA B 634 19.62 -51.55 17.60
C ALA B 634 18.64 -52.10 18.63
N ALA B 635 19.14 -53.04 19.43
CA ALA B 635 18.35 -53.68 20.49
C ALA B 635 19.27 -54.27 21.56
N VAL B 636 19.20 -53.71 22.77
CA VAL B 636 20.11 -54.09 23.86
C VAL B 636 19.62 -55.31 24.63
N GLY B 637 20.45 -56.36 24.67
CA GLY B 637 20.18 -57.55 25.47
C GLY B 637 19.00 -58.37 24.96
N SER B 638 18.00 -58.55 25.81
CA SER B 638 16.78 -59.30 25.45
C SER B 638 15.89 -58.53 24.46
N ALA B 639 16.23 -57.27 24.19
CA ALA B 639 15.52 -56.46 23.19
C ALA B 639 15.62 -57.01 21.76
N LYS B 640 16.49 -58.00 21.57
CA LYS B 640 16.61 -58.72 20.28
C LYS B 640 15.29 -59.33 19.79
N LYS B 641 14.38 -59.64 20.72
CA LYS B 641 13.05 -60.13 20.39
C LYS B 641 12.24 -59.11 19.56
N ALA B 642 12.47 -57.83 19.82
CA ALA B 642 11.78 -56.74 19.13
C ALA B 642 12.20 -56.61 17.66
N LEU B 643 13.48 -56.85 17.39
CA LEU B 643 13.98 -56.86 16.01
C LEU B 643 13.48 -58.07 15.23
N GLN B 644 13.16 -59.15 15.95
CA GLN B 644 12.70 -60.39 15.33
C GLN B 644 11.20 -60.38 15.03
N SER B 645 10.46 -59.50 15.73
CA SER B 645 9.03 -59.36 15.52
C SER B 645 8.70 -58.71 14.17
N ILE B 646 9.66 -57.96 13.64
CA ILE B 646 9.51 -57.26 12.36
C ILE B 646 10.33 -57.91 11.24
N GLY B 647 10.87 -59.09 11.52
CA GLY B 647 11.54 -59.91 10.50
C GLY B 647 12.92 -59.39 10.09
N VAL B 648 13.58 -58.69 11.01
CA VAL B 648 14.91 -58.15 10.76
C VAL B 648 15.97 -59.01 11.44
N GLU B 649 16.92 -59.49 10.65
CA GLU B 649 18.06 -60.26 11.17
C GLU B 649 18.98 -59.35 11.98
N GLU B 650 19.56 -59.90 13.04
CA GLU B 650 20.36 -59.13 13.99
C GLU B 650 21.78 -58.84 13.50
N LYS B 651 22.23 -59.63 12.53
CA LYS B 651 23.58 -59.48 11.96
C LYS B 651 23.52 -59.16 10.46
N GLU B 652 22.93 -58.02 10.14
CA GLU B 652 23.08 -57.40 8.81
C GLU B 652 23.62 -55.98 8.99
N ALA B 653 23.97 -55.34 7.89
CA ALA B 653 24.53 -53.99 7.90
C ALA B 653 23.60 -52.98 8.57
N GLY B 654 24.11 -52.31 9.61
CA GLY B 654 23.35 -51.29 10.34
C GLY B 654 22.37 -51.83 11.37
N VAL B 655 22.49 -53.12 11.69
CA VAL B 655 21.68 -53.74 12.73
C VAL B 655 22.61 -54.25 13.83
N TYR B 656 22.43 -53.72 15.04
CA TYR B 656 23.34 -53.98 16.16
C TYR B 656 22.60 -54.63 17.32
N ALA B 657 23.18 -55.68 17.89
CA ALA B 657 22.56 -56.40 19.00
C ALA B 657 23.63 -56.90 19.98
N GLY B 658 23.29 -56.89 21.26
CA GLY B 658 24.20 -57.35 22.32
C GLY B 658 24.12 -56.51 23.57
N ALA B 659 25.26 -56.36 24.25
CA ALA B 659 25.34 -55.57 25.48
C ALA B 659 25.27 -54.07 25.21
N GLN B 660 25.16 -53.29 26.28
CA GLN B 660 25.02 -51.83 26.19
C GLN B 660 26.23 -51.17 25.51
N ASP B 661 27.42 -51.60 25.89
CA ASP B 661 28.67 -51.07 25.31
C ASP B 661 28.81 -51.40 23.83
N GLU B 662 28.30 -52.56 23.42
CA GLU B 662 28.35 -53.01 22.03
C GLU B 662 27.34 -52.26 21.16
N VAL B 663 26.15 -52.02 21.69
CA VAL B 663 25.09 -51.32 20.98
C VAL B 663 25.43 -49.84 20.77
N ILE B 664 26.00 -49.21 21.79
CA ILE B 664 26.40 -47.80 21.73
C ILE B 664 27.52 -47.57 20.73
N LYS B 665 28.52 -48.46 20.75
CA LYS B 665 29.66 -48.38 19.83
C LYS B 665 29.23 -48.56 18.37
N GLY B 666 28.25 -49.43 18.14
CA GLY B 666 27.76 -49.72 16.80
C GLY B 666 26.92 -48.59 16.21
N VAL B 667 25.98 -48.10 17.00
CA VAL B 667 25.08 -47.02 16.57
C VAL B 667 25.83 -45.73 16.24
N GLU B 668 26.79 -45.37 17.09
CA GLU B 668 27.65 -44.19 16.85
C GLU B 668 28.42 -44.32 15.55
N GLU B 669 28.82 -45.55 15.21
CA GLU B 669 29.51 -45.85 13.96
C GLU B 669 28.55 -45.84 12.77
N GLY B 670 27.32 -46.30 13.00
CA GLY B 670 26.31 -46.37 11.95
C GLY B 670 25.77 -45.00 11.55
N LEU B 671 25.77 -44.07 12.50
CA LEU B 671 25.31 -42.69 12.24
C LEU B 671 26.23 -41.93 11.30
N LYS B 672 27.51 -42.30 11.27
CA LYS B 672 28.46 -41.71 10.32
C LYS B 672 28.19 -42.19 8.90
N VAL B 673 27.81 -43.46 8.77
CA VAL B 673 27.31 -44.01 7.50
C VAL B 673 25.95 -43.38 7.19
N PHE B 674 25.17 -43.16 8.25
CA PHE B 674 23.89 -42.43 8.20
C PHE B 674 22.76 -43.21 7.53
N LYS B 675 22.95 -43.54 6.26
CA LYS B 675 21.95 -44.29 5.49
C LYS B 675 22.57 -45.56 4.93
N PHE B 676 21.90 -46.69 5.18
CA PHE B 676 22.35 -47.98 4.67
C PHE B 676 21.63 -48.34 3.37
N LEU B 677 22.36 -48.28 2.27
CA LEU B 677 21.78 -48.39 0.91
C LEU B 677 21.43 -49.82 0.49
N GLU B 678 21.95 -50.82 1.21
CA GLU B 678 21.70 -52.23 0.87
C GLU B 678 20.27 -52.70 1.15
N ARG B 679 19.48 -51.88 1.85
CA ARG B 679 18.08 -52.19 2.14
C ARG B 679 17.11 -51.66 1.08
N PHE B 680 17.66 -51.04 0.03
CA PHE B 680 16.88 -50.49 -1.07
C PHE B 680 17.19 -51.24 -2.36
N ALA B 681 16.14 -51.77 -3.00
CA ALA B 681 16.29 -52.62 -4.19
C ALA B 681 16.59 -51.80 -5.44
N VAL B 682 17.35 -52.39 -6.35
CA VAL B 682 17.71 -51.77 -7.63
C VAL B 682 16.99 -52.49 -8.77
N ASP B 683 16.79 -51.79 -9.87
CA ASP B 683 16.03 -52.31 -11.01
C ASP B 683 16.61 -53.58 -11.63
N GLY B 684 15.75 -54.31 -12.32
CA GLY B 684 16.07 -55.66 -12.83
C GLY B 684 15.32 -56.72 -12.05
N ASP B 685 15.16 -56.50 -10.74
CA ASP B 685 14.49 -57.44 -9.85
C ASP B 685 13.21 -56.85 -9.31
N GLU C 5 -31.47 -25.98 -14.75
CA GLU C 5 -30.07 -25.61 -15.09
C GLU C 5 -29.87 -24.11 -14.95
N VAL C 6 -29.38 -23.70 -13.77
CA VAL C 6 -29.05 -22.30 -13.49
C VAL C 6 -27.57 -22.20 -13.12
N ASP C 7 -26.86 -21.29 -13.80
CA ASP C 7 -25.44 -21.07 -13.52
C ASP C 7 -25.28 -20.08 -12.39
N ALA C 8 -24.56 -20.50 -11.34
CA ALA C 8 -24.31 -19.65 -10.18
C ALA C 8 -23.34 -18.52 -10.49
N ARG C 9 -22.44 -18.76 -11.44
CA ARG C 9 -21.41 -17.79 -11.82
C ARG C 9 -21.80 -17.02 -13.08
N GLN C 10 -23.09 -16.73 -13.22
CA GLN C 10 -23.63 -16.10 -14.43
C GLN C 10 -23.22 -14.63 -14.53
N ARG C 11 -23.28 -13.93 -13.41
CA ARG C 11 -22.95 -12.50 -13.36
C ARG C 11 -21.46 -12.23 -13.56
N LEU C 12 -20.62 -13.19 -13.18
CA LEU C 12 -19.16 -13.08 -13.31
C LEU C 12 -18.65 -13.26 -14.74
N LYS C 13 -19.51 -13.72 -15.65
CA LYS C 13 -19.12 -14.00 -17.04
C LYS C 13 -18.59 -12.79 -17.81
N GLU C 14 -19.03 -11.59 -17.42
CA GLU C 14 -18.62 -10.36 -18.11
C GLU C 14 -17.13 -10.04 -17.94
N VAL C 15 -16.56 -10.41 -16.79
CA VAL C 15 -15.15 -10.12 -16.49
C VAL C 15 -14.19 -11.26 -16.86
N GLU C 16 -14.70 -12.31 -17.51
CA GLU C 16 -13.89 -13.45 -17.90
C GLU C 16 -13.07 -13.16 -19.16
N VAL C 17 -11.84 -13.68 -19.19
CA VAL C 17 -10.91 -13.47 -20.30
C VAL C 17 -10.53 -14.79 -20.96
N ASP C 18 -10.77 -14.88 -22.27
CA ASP C 18 -10.43 -16.06 -23.06
C ASP C 18 -9.17 -15.77 -23.86
N ASP C 19 -8.14 -16.59 -23.66
CA ASP C 19 -6.84 -16.43 -24.34
C ASP C 19 -6.57 -17.49 -25.41
N ASN C 20 -7.61 -18.24 -25.79
CA ASN C 20 -7.48 -19.30 -26.80
C ASN C 20 -7.34 -18.71 -28.21
N GLY C 21 -6.31 -19.13 -28.92
CA GLY C 21 -6.05 -18.66 -30.30
C GLY C 21 -5.67 -17.20 -30.41
N GLN C 22 -5.12 -16.64 -29.33
CA GLN C 22 -4.75 -15.23 -29.28
C GLN C 22 -3.24 -15.05 -29.29
N PHE C 23 -2.77 -13.90 -29.76
CA PHE C 23 -1.36 -13.55 -29.72
C PHE C 23 -1.00 -12.93 -28.36
N MET C 24 0.27 -13.02 -27.99
CA MET C 24 0.78 -12.42 -26.75
C MET C 24 0.77 -10.91 -26.84
N THR C 25 0.34 -10.25 -25.77
CA THR C 25 0.33 -8.79 -25.69
C THR C 25 0.86 -8.30 -24.35
N THR C 26 1.07 -6.99 -24.26
CA THR C 26 1.39 -6.33 -22.98
C THR C 26 0.08 -6.02 -22.25
N ASP C 27 0.21 -5.49 -21.04
CA ASP C 27 -0.96 -5.06 -20.25
C ASP C 27 -1.58 -3.75 -20.77
N PHE C 28 -0.86 -3.06 -21.66
CA PHE C 28 -1.38 -1.85 -22.32
C PHE C 28 -1.68 -2.08 -23.80
N GLY C 29 -1.79 -3.35 -24.20
CA GLY C 29 -2.12 -3.71 -25.58
C GLY C 29 -0.92 -3.74 -26.50
N GLY C 30 -1.14 -4.25 -27.71
CA GLY C 30 -0.08 -4.39 -28.71
C GLY C 30 0.61 -5.74 -28.58
N ASN C 31 0.70 -6.46 -29.69
CA ASN C 31 1.27 -7.82 -29.70
C ASN C 31 2.78 -7.83 -29.46
N ILE C 32 3.26 -8.88 -28.81
CA ILE C 32 4.68 -9.00 -28.45
C ILE C 32 5.18 -10.45 -28.40
N GLU C 33 6.50 -10.59 -28.28
CA GLU C 33 7.13 -11.86 -27.86
C GLU C 33 7.86 -11.60 -26.54
N GLU C 34 7.80 -12.57 -25.63
CA GLU C 34 8.33 -12.39 -24.26
C GLU C 34 9.10 -13.61 -23.76
N GLN C 35 9.92 -14.20 -24.63
CA GLN C 35 10.76 -15.35 -24.27
C GLN C 35 12.26 -15.03 -24.33
N PHE C 36 12.61 -13.88 -24.92
CA PHE C 36 14.01 -13.46 -25.01
C PHE C 36 14.16 -12.02 -24.54
N SER C 37 15.13 -11.79 -23.66
CA SER C 37 15.47 -10.43 -23.23
C SER C 37 16.25 -9.71 -24.33
N LEU C 38 16.09 -8.39 -24.40
CA LEU C 38 16.79 -7.57 -25.39
C LEU C 38 18.24 -7.34 -24.94
N LYS C 39 19.19 -7.80 -25.75
CA LYS C 39 20.61 -7.78 -25.40
C LYS C 39 21.43 -6.95 -26.38
N ALA C 40 22.45 -6.28 -25.86
CA ALA C 40 23.37 -5.48 -26.66
C ALA C 40 24.52 -6.35 -27.14
N GLY C 41 24.23 -7.20 -28.12
CA GLY C 41 25.19 -8.18 -28.65
C GLY C 41 24.72 -9.60 -28.43
N GLY C 42 25.38 -10.55 -29.07
CA GLY C 42 25.04 -11.97 -28.96
C GLY C 42 25.15 -12.50 -27.53
N ARG C 43 26.23 -12.13 -26.85
CA ARG C 43 26.46 -12.50 -25.45
C ARG C 43 26.58 -11.23 -24.61
N GLY C 44 25.66 -10.30 -24.85
CA GLY C 44 25.70 -8.96 -24.22
C GLY C 44 24.79 -8.80 -23.03
N SER C 45 24.90 -7.65 -22.38
CA SER C 45 24.08 -7.31 -21.21
C SER C 45 22.66 -6.92 -21.64
N THR C 46 21.71 -7.11 -20.72
CA THR C 46 20.30 -6.80 -20.98
C THR C 46 20.08 -5.29 -20.95
N LEU C 47 19.37 -4.78 -21.96
CA LEU C 47 19.13 -3.33 -22.08
C LEU C 47 18.01 -2.89 -21.15
N LEU C 48 18.13 -1.68 -20.61
CA LEU C 48 17.10 -1.09 -19.76
C LEU C 48 15.85 -0.72 -20.55
N GLU C 49 16.00 -0.48 -21.86
CA GLU C 49 14.87 -0.12 -22.72
C GLU C 49 13.98 -1.32 -23.10
N ASP C 50 14.30 -2.51 -22.61
CA ASP C 50 13.45 -3.69 -22.80
C ASP C 50 12.19 -3.54 -21.96
N PHE C 51 11.21 -2.82 -22.52
CA PHE C 51 9.92 -2.59 -21.86
C PHE C 51 9.11 -3.87 -21.70
N ILE C 52 9.29 -4.81 -22.62
CA ILE C 52 8.58 -6.09 -22.60
C ILE C 52 9.01 -6.97 -21.43
N PHE C 53 10.30 -6.93 -21.09
CA PHE C 53 10.82 -7.70 -19.96
C PHE C 53 10.28 -7.18 -18.63
N ARG C 54 10.43 -5.87 -18.42
CA ARG C 54 10.08 -5.25 -17.14
C ARG C 54 8.58 -5.27 -16.85
N GLN C 55 7.75 -5.05 -17.86
CA GLN C 55 6.29 -5.10 -17.70
C GLN C 55 5.81 -6.52 -17.35
N LYS C 56 6.49 -7.52 -17.91
CA LYS C 56 6.19 -8.92 -17.58
C LYS C 56 6.65 -9.28 -16.17
N LEU C 57 7.89 -8.91 -15.84
CA LEU C 57 8.48 -9.23 -14.54
C LEU C 57 7.88 -8.42 -13.39
N GLN C 58 7.50 -7.17 -13.67
CA GLN C 58 6.87 -6.32 -12.65
C GLN C 58 5.57 -6.94 -12.14
N HIS C 59 4.77 -7.48 -13.05
CA HIS C 59 3.50 -8.10 -12.69
C HIS C 59 3.71 -9.38 -11.89
N PHE C 60 4.76 -10.13 -12.23
CA PHE C 60 5.13 -11.34 -11.49
C PHE C 60 5.62 -11.01 -10.07
N ASP C 61 6.50 -10.01 -9.99
CA ASP C 61 7.07 -9.58 -8.70
C ASP C 61 6.02 -9.10 -7.69
N HIS C 62 4.92 -8.56 -8.21
CA HIS C 62 3.85 -8.00 -7.37
C HIS C 62 2.58 -8.88 -7.35
N GLU C 63 2.74 -10.19 -7.56
CA GLU C 63 1.59 -11.11 -7.60
C GLU C 63 0.93 -11.34 -6.24
N ARG C 64 1.75 -11.34 -5.18
CA ARG C 64 1.30 -11.72 -3.85
C ARG C 64 0.61 -10.59 -3.10
N ILE C 65 -0.47 -10.94 -2.41
CA ILE C 65 -1.13 -10.04 -1.45
C ILE C 65 -1.03 -10.68 -0.07
N PRO C 66 -1.22 -9.89 1.00
CA PRO C 66 -1.15 -10.47 2.34
C PRO C 66 -2.27 -11.49 2.56
N GLU C 67 -1.94 -12.61 3.22
CA GLU C 67 -2.94 -13.61 3.57
C GLU C 67 -3.82 -13.09 4.69
N ARG C 68 -4.94 -13.79 4.92
CA ARG C 68 -5.85 -13.43 6.01
C ARG C 68 -5.14 -13.63 7.36
N VAL C 69 -5.36 -12.69 8.28
CA VAL C 69 -4.71 -12.74 9.60
C VAL C 69 -5.04 -14.05 10.32
N VAL C 70 -6.25 -14.54 10.13
CA VAL C 70 -6.66 -15.88 10.53
C VAL C 70 -7.48 -16.49 9.41
N HIS C 71 -7.60 -17.82 9.42
CA HIS C 71 -8.23 -18.57 8.34
C HIS C 71 -7.54 -18.31 6.99
N ALA C 72 -6.21 -18.37 7.00
CA ALA C 72 -5.41 -18.18 5.78
C ALA C 72 -5.56 -19.36 4.83
N ARG C 73 -5.53 -20.56 5.40
CA ARG C 73 -5.66 -21.81 4.64
C ARG C 73 -7.13 -22.14 4.42
N GLY C 74 -7.58 -22.08 3.17
CA GLY C 74 -8.97 -22.37 2.85
C GLY C 74 -9.25 -22.62 1.37
N ALA C 75 -10.49 -22.99 1.08
CA ALA C 75 -10.95 -23.25 -0.29
C ALA C 75 -12.46 -23.05 -0.39
N GLY C 76 -12.92 -22.58 -1.54
CA GLY C 76 -14.33 -22.24 -1.72
C GLY C 76 -14.98 -22.72 -3.01
N ALA C 77 -16.26 -22.41 -3.16
CA ALA C 77 -17.05 -22.80 -4.32
C ALA C 77 -18.38 -22.05 -4.39
N HIS C 78 -18.92 -21.92 -5.60
CA HIS C 78 -20.20 -21.24 -5.82
C HIS C 78 -21.39 -22.20 -5.67
N GLY C 79 -22.57 -21.63 -5.43
CA GLY C 79 -23.78 -22.42 -5.24
C GLY C 79 -25.08 -21.64 -5.35
N ILE C 80 -26.18 -22.30 -4.98
CA ILE C 80 -27.51 -21.71 -5.02
C ILE C 80 -28.28 -22.07 -3.73
N PHE C 81 -28.80 -21.05 -3.06
CA PHE C 81 -29.68 -21.26 -1.91
C PHE C 81 -31.14 -21.19 -2.35
N THR C 82 -31.96 -22.11 -1.83
CA THR C 82 -33.40 -22.15 -2.14
C THR C 82 -34.21 -22.13 -0.85
N SER C 83 -35.11 -21.16 -0.73
CA SER C 83 -35.98 -21.03 0.44
C SER C 83 -37.18 -21.96 0.31
N TYR C 84 -37.49 -22.68 1.38
CA TYR C 84 -38.62 -23.62 1.39
C TYR C 84 -39.98 -22.95 1.55
N GLY C 85 -40.00 -21.68 1.94
CA GLY C 85 -41.26 -20.96 2.14
C GLY C 85 -41.14 -19.47 2.34
N ASP C 86 -42.28 -18.83 2.56
CA ASP C 86 -42.35 -17.42 2.90
C ASP C 86 -42.18 -17.28 4.41
N TRP C 87 -41.08 -16.67 4.82
CA TRP C 87 -40.76 -16.50 6.25
C TRP C 87 -40.92 -15.05 6.70
N SER C 88 -41.94 -14.38 6.17
CA SER C 88 -42.26 -12.99 6.52
C SER C 88 -42.77 -12.86 7.96
N ASN C 89 -43.34 -13.94 8.49
CA ASN C 89 -43.82 -13.97 9.88
C ASN C 89 -42.70 -13.96 10.93
N ILE C 90 -41.47 -14.29 10.52
CA ILE C 90 -40.31 -14.30 11.42
C ILE C 90 -39.21 -13.31 11.04
N THR C 91 -39.12 -12.95 9.76
CA THR C 91 -38.07 -12.05 9.28
C THR C 91 -38.46 -11.32 8.00
N ALA C 92 -38.01 -10.07 7.88
CA ALA C 92 -38.25 -9.25 6.69
C ALA C 92 -37.20 -9.49 5.60
N ALA C 93 -36.26 -10.39 5.86
CA ALA C 93 -35.21 -10.76 4.89
C ALA C 93 -35.81 -11.15 3.54
N SER C 94 -35.31 -10.52 2.48
CA SER C 94 -35.86 -10.71 1.13
C SER C 94 -35.59 -12.10 0.56
N PHE C 95 -34.40 -12.63 0.83
CA PHE C 95 -34.01 -13.95 0.30
C PHE C 95 -34.76 -15.11 0.96
N LEU C 96 -35.43 -14.83 2.08
CA LEU C 96 -36.34 -15.77 2.73
C LEU C 96 -37.79 -15.30 2.59
N GLY C 97 -38.07 -14.57 1.52
CA GLY C 97 -39.37 -13.88 1.35
C GLY C 97 -40.43 -14.65 0.58
N ALA C 98 -40.07 -15.80 0.02
CA ALA C 98 -41.01 -16.60 -0.77
C ALA C 98 -40.54 -18.03 -0.97
N LYS C 99 -41.49 -18.92 -1.27
CA LYS C 99 -41.19 -20.33 -1.52
C LYS C 99 -40.52 -20.50 -2.88
N ASP C 100 -39.50 -21.35 -2.92
CA ASP C 100 -38.72 -21.63 -4.14
C ASP C 100 -37.96 -20.40 -4.66
N LYS C 101 -37.67 -19.44 -3.77
CA LYS C 101 -36.91 -18.26 -4.14
C LYS C 101 -35.43 -18.61 -4.12
N GLN C 102 -34.77 -18.47 -5.27
CA GLN C 102 -33.37 -18.85 -5.43
C GLN C 102 -32.44 -17.65 -5.32
N THR C 103 -31.33 -17.83 -4.62
CA THR C 103 -30.31 -16.80 -4.47
C THR C 103 -28.92 -17.42 -4.66
N PRO C 104 -28.05 -16.77 -5.46
CA PRO C 104 -26.67 -17.27 -5.60
C PRO C 104 -25.88 -17.12 -4.31
N VAL C 105 -24.94 -18.05 -4.08
CA VAL C 105 -24.10 -18.02 -2.89
C VAL C 105 -22.66 -18.44 -3.20
N PHE C 106 -21.74 -18.01 -2.34
CA PHE C 106 -20.36 -18.47 -2.35
C PHE C 106 -19.96 -18.87 -0.94
N VAL C 107 -19.41 -20.08 -0.81
CA VAL C 107 -18.97 -20.61 0.48
C VAL C 107 -17.48 -20.88 0.47
N ARG C 108 -16.79 -20.40 1.49
CA ARG C 108 -15.36 -20.69 1.69
C ARG C 108 -15.16 -21.40 3.02
N PHE C 109 -14.54 -22.58 2.97
CA PHE C 109 -14.17 -23.34 4.16
C PHE C 109 -12.69 -23.11 4.46
N SER C 110 -12.30 -23.33 5.71
CA SER C 110 -10.94 -23.02 6.15
C SER C 110 -10.61 -23.65 7.50
N THR C 111 -9.33 -23.61 7.86
CA THR C 111 -8.90 -23.79 9.24
C THR C 111 -8.72 -22.39 9.86
N VAL C 112 -8.01 -22.31 10.98
CA VAL C 112 -7.81 -21.04 11.69
C VAL C 112 -6.34 -20.63 11.75
N ALA C 113 -5.54 -21.45 12.43
CA ALA C 113 -4.17 -21.07 12.80
C ALA C 113 -3.19 -21.13 11.64
N GLY C 114 -3.33 -22.15 10.80
CA GLY C 114 -2.37 -22.40 9.74
C GLY C 114 -2.30 -21.30 8.70
N SER C 115 -1.09 -20.95 8.28
CA SER C 115 -0.88 -20.00 7.20
C SER C 115 -1.18 -20.66 5.85
N ARG C 116 -1.05 -19.89 4.78
CA ARG C 116 -1.22 -20.42 3.43
C ARG C 116 -0.16 -21.50 3.16
N GLY C 117 -0.61 -22.66 2.69
CA GLY C 117 0.28 -23.79 2.41
C GLY C 117 0.24 -24.88 3.47
N SER C 118 -0.33 -24.58 4.63
CA SER C 118 -0.46 -25.56 5.70
C SER C 118 -1.46 -26.66 5.32
N ALA C 119 -1.35 -27.80 6.00
CA ALA C 119 -2.15 -28.98 5.68
C ALA C 119 -3.63 -28.78 6.04
N ASP C 120 -4.50 -29.41 5.27
CA ASP C 120 -5.94 -29.39 5.52
C ASP C 120 -6.31 -30.20 6.77
N THR C 121 -5.66 -31.34 6.94
CA THR C 121 -6.01 -32.31 7.99
C THR C 121 -5.30 -32.07 9.33
N ALA C 122 -4.84 -30.85 9.57
CA ALA C 122 -4.32 -30.46 10.88
C ALA C 122 -5.48 -30.24 11.83
N ARG C 123 -5.28 -30.54 13.12
CA ARG C 123 -6.32 -30.34 14.13
C ARG C 123 -6.50 -28.85 14.41
N ASP C 124 -7.72 -28.36 14.17
CA ASP C 124 -8.05 -26.96 14.36
C ASP C 124 -9.56 -26.76 14.31
N VAL C 125 -10.03 -25.60 14.73
CA VAL C 125 -11.40 -25.18 14.48
C VAL C 125 -11.48 -24.81 13.00
N HIS C 126 -12.60 -25.14 12.35
CA HIS C 126 -12.75 -24.93 10.91
C HIS C 126 -13.78 -23.85 10.58
N GLY C 127 -13.49 -23.09 9.54
CA GLY C 127 -14.37 -22.01 9.09
C GLY C 127 -15.49 -22.49 8.19
N PHE C 128 -16.60 -21.74 8.24
CA PHE C 128 -17.77 -22.01 7.39
C PHE C 128 -18.44 -20.66 7.13
N ALA C 129 -17.93 -19.94 6.15
CA ALA C 129 -18.43 -18.61 5.79
C ALA C 129 -19.25 -18.69 4.50
N THR C 130 -20.48 -18.20 4.56
CA THR C 130 -21.40 -18.24 3.42
C THR C 130 -21.94 -16.84 3.12
N ARG C 131 -21.90 -16.46 1.85
CA ARG C 131 -22.44 -15.18 1.39
C ARG C 131 -23.72 -15.40 0.60
N PHE C 132 -24.72 -14.58 0.86
CA PHE C 132 -25.98 -14.59 0.11
C PHE C 132 -26.06 -13.36 -0.77
N TYR C 133 -25.88 -13.55 -2.08
CA TYR C 133 -26.00 -12.45 -3.04
C TYR C 133 -27.47 -12.13 -3.28
N THR C 134 -28.10 -11.49 -2.31
CA THR C 134 -29.55 -11.25 -2.33
C THR C 134 -29.89 -10.03 -3.17
N ASP C 135 -31.18 -9.85 -3.43
CA ASP C 135 -31.69 -8.69 -4.19
C ASP C 135 -31.76 -7.40 -3.38
N GLU C 136 -31.47 -7.48 -2.08
CA GLU C 136 -31.38 -6.30 -1.21
C GLU C 136 -30.04 -6.28 -0.45
N GLY C 137 -28.96 -6.55 -1.17
CA GLY C 137 -27.60 -6.46 -0.62
C GLY C 137 -27.00 -7.80 -0.21
N ASN C 138 -25.68 -7.83 -0.09
CA ASN C 138 -24.96 -9.04 0.32
C ASN C 138 -25.15 -9.32 1.81
N PHE C 139 -25.58 -10.55 2.13
CA PHE C 139 -25.71 -11.00 3.51
C PHE C 139 -24.74 -12.15 3.79
N ASP C 140 -23.86 -11.95 4.76
CA ASP C 140 -22.84 -12.95 5.11
C ASP C 140 -23.09 -13.60 6.46
N ILE C 141 -23.14 -14.94 6.46
CA ILE C 141 -23.12 -15.72 7.69
C ILE C 141 -21.72 -16.32 7.85
N VAL C 142 -20.84 -15.57 8.51
CA VAL C 142 -19.47 -16.01 8.75
C VAL C 142 -19.42 -16.86 10.02
N GLY C 143 -19.24 -18.17 9.85
CA GLY C 143 -19.33 -19.11 10.96
C GLY C 143 -18.24 -20.16 10.99
N ASN C 144 -18.38 -21.10 11.92
CA ASN C 144 -17.43 -22.21 12.09
C ASN C 144 -18.16 -23.55 12.11
N ASN C 145 -17.39 -24.64 12.17
CA ASN C 145 -17.94 -25.98 12.34
C ASN C 145 -18.17 -26.37 13.80
N ILE C 146 -17.86 -25.45 14.72
CA ILE C 146 -18.07 -25.63 16.16
C ILE C 146 -18.98 -24.53 16.68
N PRO C 147 -20.03 -24.90 17.45
CA PRO C 147 -21.07 -23.94 17.85
C PRO C 147 -20.64 -22.89 18.88
N VAL C 148 -19.57 -23.15 19.62
CA VAL C 148 -19.08 -22.21 20.64
C VAL C 148 -17.67 -21.72 20.32
N PHE C 149 -17.34 -20.52 20.81
CA PHE C 149 -16.02 -19.93 20.59
C PHE C 149 -15.23 -19.78 21.89
N PHE C 150 -13.91 -19.65 21.74
CA PHE C 150 -12.97 -19.60 22.87
C PHE C 150 -13.25 -18.48 23.88
N ILE C 151 -13.35 -17.25 23.38
CA ILE C 151 -13.40 -16.06 24.23
C ILE C 151 -14.79 -15.41 24.27
N GLN C 152 -14.99 -14.56 25.27
CA GLN C 152 -16.26 -13.89 25.52
C GLN C 152 -16.26 -12.41 25.14
N ASP C 153 -15.08 -11.84 24.90
CA ASP C 153 -14.93 -10.45 24.51
C ASP C 153 -13.96 -10.34 23.33
N ALA C 154 -14.32 -9.54 22.33
CA ALA C 154 -13.55 -9.41 21.09
C ALA C 154 -12.19 -8.73 21.27
N ILE C 155 -12.06 -7.95 22.33
CA ILE C 155 -10.79 -7.29 22.67
C ILE C 155 -9.67 -8.30 22.99
N ARG C 156 -10.06 -9.50 23.40
CA ARG C 156 -9.12 -10.58 23.76
C ARG C 156 -8.76 -11.49 22.58
N PHE C 157 -9.15 -11.12 21.37
CA PHE C 157 -8.90 -11.96 20.18
C PHE C 157 -7.42 -12.05 19.80
N PRO C 158 -6.70 -10.90 19.80
CA PRO C 158 -5.25 -10.95 19.51
C PRO C 158 -4.47 -11.83 20.49
N ASP C 159 -4.91 -11.85 21.75
CA ASP C 159 -4.29 -12.66 22.80
C ASP C 159 -4.49 -14.15 22.52
N LEU C 160 -5.71 -14.53 22.15
CA LEU C 160 -6.05 -15.91 21.81
C LEU C 160 -5.25 -16.39 20.60
N ILE C 161 -5.22 -15.58 19.55
CA ILE C 161 -4.56 -15.94 18.29
C ILE C 161 -3.04 -15.98 18.42
N HIS C 162 -2.46 -15.02 19.14
CA HIS C 162 -1.01 -15.01 19.39
C HIS C 162 -0.55 -16.27 20.13
N SER C 163 -1.38 -16.76 21.06
CA SER C 163 -1.06 -17.93 21.86
C SER C 163 -1.11 -19.23 21.05
N VAL C 164 -2.03 -19.31 20.10
CA VAL C 164 -2.22 -20.52 19.28
C VAL C 164 -1.33 -20.52 18.03
N LYS C 165 -1.05 -19.33 17.50
CA LYS C 165 -0.13 -19.17 16.37
C LYS C 165 1.29 -19.55 16.79
N PRO C 166 2.20 -19.77 15.81
CA PRO C 166 3.56 -20.19 16.15
C PRO C 166 4.30 -19.23 17.09
N SER C 167 5.27 -19.76 17.84
CA SER C 167 6.07 -18.96 18.77
C SER C 167 6.81 -17.88 18.01
N PRO C 168 6.78 -16.62 18.51
CA PRO C 168 7.26 -15.49 17.73
C PRO C 168 8.79 -15.43 17.55
N ASP C 169 9.52 -16.19 18.35
CA ASP C 169 10.99 -16.23 18.24
C ASP C 169 11.48 -17.09 17.06
N ASN C 170 10.89 -18.28 16.90
CA ASN C 170 11.29 -19.22 15.83
C ASN C 170 10.18 -19.56 14.83
N GLU C 171 8.95 -19.11 15.10
CA GLU C 171 7.76 -19.44 14.30
C GLU C 171 7.53 -20.96 14.21
N VAL C 172 7.50 -21.59 15.38
CA VAL C 172 7.22 -23.02 15.50
C VAL C 172 6.24 -23.24 16.66
N PRO C 173 5.27 -24.16 16.51
CA PRO C 173 4.96 -25.04 15.39
C PRO C 173 3.89 -24.48 14.43
N GLN C 174 3.88 -25.02 13.21
CA GLN C 174 2.93 -24.61 12.18
C GLN C 174 1.58 -25.31 12.35
N ALA C 175 0.50 -24.51 12.29
CA ALA C 175 -0.87 -25.02 12.27
C ALA C 175 -1.12 -26.08 13.35
N ALA C 176 -0.83 -25.71 14.60
CA ALA C 176 -0.99 -26.63 15.73
C ALA C 176 -1.08 -25.89 17.05
N THR C 177 -1.88 -26.42 17.96
CA THR C 177 -2.01 -25.88 19.33
C THR C 177 -1.17 -26.68 20.34
N ALA C 178 -0.41 -27.66 19.85
CA ALA C 178 0.41 -28.51 20.70
C ALA C 178 1.74 -27.84 21.05
N HIS C 179 1.65 -26.81 21.89
CA HIS C 179 2.84 -26.11 22.41
C HIS C 179 2.49 -25.29 23.66
N ASP C 180 3.53 -24.83 24.36
CA ASP C 180 3.38 -24.19 25.67
C ASP C 180 2.41 -23.02 25.71
N SER C 181 2.57 -22.10 24.76
CA SER C 181 1.80 -20.85 24.76
C SER C 181 0.29 -21.05 24.62
N ALA C 182 -0.11 -22.02 23.82
CA ALA C 182 -1.53 -22.31 23.58
C ALA C 182 -2.22 -22.81 24.84
N TRP C 183 -1.65 -23.83 25.46
CA TRP C 183 -2.21 -24.43 26.67
C TRP C 183 -2.01 -23.57 27.92
N ASP C 184 -1.07 -22.64 27.85
CA ASP C 184 -0.92 -21.63 28.89
C ASP C 184 -2.15 -20.72 28.89
N PHE C 185 -2.55 -20.29 27.69
CA PHE C 185 -3.74 -19.44 27.52
C PHE C 185 -5.04 -20.18 27.86
N PHE C 186 -5.14 -21.45 27.47
CA PHE C 186 -6.34 -22.25 27.74
C PHE C 186 -6.52 -22.44 29.25
N SER C 187 -5.42 -22.66 29.96
CA SER C 187 -5.45 -22.79 31.42
C SER C 187 -5.61 -21.44 32.12
N SER C 188 -5.01 -20.40 31.57
CA SER C 188 -5.08 -19.04 32.15
C SER C 188 -6.40 -18.33 31.84
N GLN C 189 -7.08 -18.77 30.78
CA GLN C 189 -8.38 -18.21 30.39
C GLN C 189 -9.40 -19.35 30.27
N PRO C 190 -10.02 -19.75 31.40
CA PRO C 190 -10.91 -20.91 31.48
C PRO C 190 -12.13 -20.92 30.53
N SER C 191 -12.50 -19.77 29.99
CA SER C 191 -13.61 -19.69 29.03
C SER C 191 -13.36 -20.47 27.75
N ALA C 192 -12.08 -20.67 27.41
CA ALA C 192 -11.68 -21.37 26.19
C ALA C 192 -11.88 -22.89 26.25
N LEU C 193 -12.09 -23.43 27.46
CA LEU C 193 -12.19 -24.88 27.67
C LEU C 193 -13.26 -25.58 26.83
N HIS C 194 -14.40 -24.92 26.66
CA HIS C 194 -15.54 -25.52 25.95
C HIS C 194 -15.20 -25.79 24.48
N THR C 195 -14.74 -24.77 23.78
CA THR C 195 -14.34 -24.89 22.38
C THR C 195 -13.11 -25.79 22.22
N LEU C 196 -12.26 -25.81 23.25
CA LEU C 196 -11.09 -26.70 23.28
C LEU C 196 -11.55 -28.14 23.16
N PHE C 197 -12.52 -28.53 23.99
CA PHE C 197 -13.09 -29.88 23.98
C PHE C 197 -13.70 -30.25 22.61
N TRP C 198 -14.42 -29.30 22.01
CA TRP C 198 -14.93 -29.47 20.64
C TRP C 198 -13.79 -29.67 19.64
N ALA C 199 -12.74 -28.86 19.80
CA ALA C 199 -11.56 -28.93 18.92
C ALA C 199 -10.74 -30.20 19.13
N MET C 200 -10.81 -30.80 20.32
CA MET C 200 -10.13 -32.05 20.63
C MET C 200 -10.94 -33.28 20.17
N SER C 201 -12.22 -33.07 19.86
CA SER C 201 -13.10 -34.15 19.40
C SER C 201 -12.99 -34.35 17.89
N GLY C 202 -13.97 -35.04 17.31
CA GLY C 202 -14.00 -35.29 15.86
C GLY C 202 -14.15 -34.06 14.99
N ASN C 203 -14.72 -32.99 15.54
CA ASN C 203 -14.88 -31.73 14.82
C ASN C 203 -13.55 -31.08 14.44
N GLY C 204 -12.51 -31.35 15.23
CA GLY C 204 -11.17 -30.82 14.96
C GLY C 204 -10.51 -31.41 13.73
N ILE C 205 -10.81 -32.68 13.44
CA ILE C 205 -10.23 -33.39 12.30
C ILE C 205 -11.32 -34.08 11.48
N PRO C 206 -12.13 -33.28 10.75
CA PRO C 206 -13.25 -33.83 10.00
C PRO C 206 -12.81 -34.55 8.71
N ARG C 207 -13.69 -35.41 8.21
CA ARG C 207 -13.44 -36.13 6.96
C ARG C 207 -13.25 -35.14 5.81
N SER C 208 -14.23 -34.27 5.62
CA SER C 208 -14.17 -33.24 4.59
C SER C 208 -15.03 -32.04 4.94
N TYR C 209 -14.97 -30.99 4.11
CA TYR C 209 -15.85 -29.83 4.25
C TYR C 209 -17.31 -30.24 4.09
N ARG C 210 -17.54 -31.20 3.21
CA ARG C 210 -18.89 -31.69 2.91
C ARG C 210 -19.52 -32.44 4.09
N HIS C 211 -18.67 -32.96 4.98
CA HIS C 211 -19.14 -33.69 6.17
C HIS C 211 -19.00 -32.86 7.45
N MET C 212 -19.27 -31.56 7.34
CA MET C 212 -19.26 -30.65 8.48
C MET C 212 -20.61 -29.97 8.65
N ASP C 213 -21.06 -29.84 9.88
CA ASP C 213 -22.16 -28.92 10.19
C ASP C 213 -21.59 -27.52 10.32
N GLY C 214 -22.45 -26.52 10.19
CA GLY C 214 -22.05 -25.12 10.30
C GLY C 214 -22.84 -24.40 11.38
N PHE C 215 -22.21 -23.41 12.00
CA PHE C 215 -22.83 -22.64 13.08
C PHE C 215 -22.47 -21.17 12.99
N GLY C 216 -23.47 -20.30 13.16
CA GLY C 216 -23.23 -18.86 13.28
C GLY C 216 -22.64 -18.49 14.62
N ILE C 217 -22.81 -19.37 15.60
CA ILE C 217 -22.28 -19.21 16.97
C ILE C 217 -23.03 -18.15 17.77
N HIS C 218 -22.96 -16.90 17.34
CA HIS C 218 -23.61 -15.79 18.03
C HIS C 218 -25.13 -15.89 17.97
N THR C 219 -25.77 -15.31 18.97
CA THR C 219 -27.20 -15.06 18.93
C THR C 219 -27.42 -13.80 18.12
N PHE C 220 -28.22 -13.90 17.06
CA PHE C 220 -28.59 -12.76 16.23
C PHE C 220 -30.07 -12.44 16.44
N ARG C 221 -30.54 -11.38 15.80
CA ARG C 221 -31.96 -11.01 15.82
C ARG C 221 -32.56 -11.10 14.42
N LEU C 222 -33.77 -11.66 14.35
CA LEU C 222 -34.57 -11.65 13.12
C LEU C 222 -35.75 -10.71 13.32
N VAL C 223 -35.83 -9.68 12.48
CA VAL C 223 -36.84 -8.62 12.63
C VAL C 223 -37.81 -8.60 11.46
N THR C 224 -39.08 -8.31 11.76
CA THR C 224 -40.13 -8.20 10.74
C THR C 224 -40.45 -6.73 10.44
N GLU C 225 -41.34 -6.50 9.48
CA GLU C 225 -41.75 -5.14 9.07
C GLU C 225 -42.15 -4.25 10.24
N ASP C 226 -42.98 -4.78 11.13
CA ASP C 226 -43.49 -4.03 12.29
C ASP C 226 -42.45 -3.77 13.39
N GLY C 227 -41.26 -4.36 13.25
CA GLY C 227 -40.15 -4.13 14.20
C GLY C 227 -40.05 -5.19 15.29
N LYS C 228 -41.00 -6.12 15.30
CA LYS C 228 -41.01 -7.21 16.29
C LYS C 228 -39.89 -8.19 15.99
N SER C 229 -39.13 -8.55 17.02
CA SER C 229 -37.90 -9.34 16.85
C SER C 229 -37.90 -10.64 17.65
N LYS C 230 -37.06 -11.57 17.20
CA LYS C 230 -36.83 -12.83 17.90
C LYS C 230 -35.33 -13.17 17.85
N LEU C 231 -34.82 -13.72 18.95
CA LEU C 231 -33.42 -14.14 19.03
C LEU C 231 -33.22 -15.40 18.18
N VAL C 232 -32.11 -15.45 17.45
CA VAL C 232 -31.88 -16.53 16.47
C VAL C 232 -30.45 -17.08 16.49
N LYS C 233 -30.35 -18.40 16.32
CA LYS C 233 -29.07 -19.09 16.14
C LYS C 233 -29.07 -19.75 14.75
N TRP C 234 -28.00 -19.53 13.99
CA TRP C 234 -27.89 -20.09 12.64
C TRP C 234 -27.27 -21.49 12.66
N HIS C 235 -27.85 -22.38 11.86
CA HIS C 235 -27.36 -23.77 11.73
C HIS C 235 -27.31 -24.21 10.27
N TRP C 236 -26.22 -24.87 9.90
CA TRP C 236 -26.12 -25.55 8.60
C TRP C 236 -26.08 -27.06 8.83
N LYS C 237 -27.08 -27.76 8.34
CA LYS C 237 -27.21 -29.21 8.55
C LYS C 237 -26.80 -29.96 7.29
N THR C 238 -25.65 -30.62 7.35
CA THR C 238 -25.10 -31.34 6.20
C THR C 238 -25.97 -32.53 5.80
N LYS C 239 -26.23 -32.64 4.50
CA LYS C 239 -27.00 -33.75 3.94
C LYS C 239 -26.13 -34.99 3.74
N GLN C 240 -24.81 -34.80 3.75
CA GLN C 240 -23.84 -35.88 3.58
C GLN C 240 -23.54 -36.58 4.91
N GLY C 241 -23.91 -35.94 6.02
CA GLY C 241 -23.71 -36.52 7.35
C GLY C 241 -22.35 -36.15 7.93
N LYS C 242 -22.27 -36.10 9.26
CA LYS C 242 -21.03 -35.78 9.95
C LYS C 242 -20.07 -36.98 9.93
N ALA C 243 -18.78 -36.70 9.76
CA ALA C 243 -17.76 -37.73 9.72
C ALA C 243 -16.39 -37.14 10.07
N ALA C 244 -15.55 -37.96 10.70
CA ALA C 244 -14.24 -37.52 11.17
C ALA C 244 -13.19 -38.62 11.07
N LEU C 245 -11.93 -38.22 11.02
CA LEU C 245 -10.79 -39.15 10.97
C LEU C 245 -10.25 -39.38 12.37
N VAL C 246 -9.26 -40.27 12.47
CA VAL C 246 -8.49 -40.45 13.70
C VAL C 246 -7.21 -39.61 13.58
N TRP C 247 -6.63 -39.26 14.73
CA TRP C 247 -5.48 -38.36 14.75
C TRP C 247 -4.26 -38.93 14.02
N GLU C 248 -3.95 -40.19 14.30
CA GLU C 248 -2.83 -40.90 13.66
C GLU C 248 -2.98 -40.98 12.13
N GLU C 249 -4.23 -41.01 11.68
CA GLU C 249 -4.55 -40.95 10.25
C GLU C 249 -4.34 -39.54 9.70
N ALA C 250 -4.81 -38.55 10.46
CA ALA C 250 -4.74 -37.14 10.05
C ALA C 250 -3.30 -36.63 9.91
N GLN C 251 -2.41 -37.09 10.78
CA GLN C 251 -1.00 -36.70 10.75
C GLN C 251 -0.31 -37.12 9.46
N VAL C 252 -0.47 -38.39 9.10
CA VAL C 252 0.14 -38.94 7.88
C VAL C 252 -0.49 -38.32 6.63
N LEU C 253 -1.79 -38.08 6.67
CA LEU C 253 -2.53 -37.47 5.55
C LEU C 253 -2.05 -36.04 5.27
N ALA C 254 -1.69 -35.31 6.32
CA ALA C 254 -1.20 -33.93 6.20
C ALA C 254 0.07 -33.84 5.35
N GLY C 255 0.90 -34.88 5.44
CA GLY C 255 2.14 -34.96 4.65
C GLY C 255 1.93 -35.58 3.28
N LYS C 256 1.12 -36.63 3.22
CA LYS C 256 0.84 -37.33 1.97
C LYS C 256 0.00 -36.49 0.99
N ASN C 257 -1.03 -35.84 1.51
CA ASN C 257 -1.86 -34.94 0.73
C ASN C 257 -2.35 -33.77 1.58
N ALA C 258 -1.62 -32.65 1.50
CA ALA C 258 -1.99 -31.43 2.22
C ALA C 258 -3.28 -30.82 1.66
N ASP C 259 -3.60 -31.13 0.40
CA ASP C 259 -4.76 -30.57 -0.29
C ASP C 259 -5.98 -31.51 -0.23
N PHE C 260 -6.07 -32.30 0.84
CA PHE C 260 -7.05 -33.37 0.94
C PHE C 260 -8.49 -32.86 0.86
N HIS C 261 -8.76 -31.75 1.53
CA HIS C 261 -10.12 -31.25 1.69
C HIS C 261 -10.58 -30.42 0.49
N ARG C 262 -9.70 -29.60 -0.06
CA ARG C 262 -10.02 -28.78 -1.23
C ARG C 262 -10.10 -29.62 -2.51
N GLN C 263 -9.30 -30.68 -2.58
CA GLN C 263 -9.39 -31.65 -3.67
C GLN C 263 -10.71 -32.41 -3.60
N ASP C 264 -11.08 -32.80 -2.38
CA ASP C 264 -12.33 -33.51 -2.12
C ASP C 264 -13.55 -32.69 -2.53
N LEU C 265 -13.56 -31.41 -2.16
CA LEU C 265 -14.65 -30.50 -2.51
C LEU C 265 -14.72 -30.27 -4.02
N TRP C 266 -13.55 -30.10 -4.62
CA TRP C 266 -13.43 -29.88 -6.08
C TRP C 266 -13.92 -31.10 -6.88
N ASP C 267 -13.42 -32.27 -6.51
CA ASP C 267 -13.78 -33.52 -7.20
C ASP C 267 -15.28 -33.82 -7.11
N ALA C 268 -15.87 -33.52 -5.96
CA ALA C 268 -17.31 -33.72 -5.74
C ALA C 268 -18.15 -32.91 -6.73
N ILE C 269 -17.77 -31.65 -6.93
CA ILE C 269 -18.49 -30.74 -7.83
C ILE C 269 -18.28 -31.11 -9.30
N GLU C 270 -17.04 -31.48 -9.66
CA GLU C 270 -16.72 -31.87 -11.03
C GLU C 270 -17.38 -33.19 -11.44
N SER C 271 -17.45 -34.14 -10.51
CA SER C 271 -18.02 -35.46 -10.77
C SER C 271 -19.56 -35.46 -10.81
N GLY C 272 -20.18 -34.34 -10.47
CA GLY C 272 -21.63 -34.21 -10.46
C GLY C 272 -22.25 -34.61 -9.13
N ASN C 273 -21.45 -34.56 -8.06
CA ASN C 273 -21.92 -34.88 -6.72
C ASN C 273 -21.82 -33.65 -5.81
N ALA C 274 -22.58 -32.62 -6.15
CA ALA C 274 -22.58 -31.37 -5.41
C ALA C 274 -23.13 -31.58 -3.99
N PRO C 275 -22.39 -31.08 -2.97
CA PRO C 275 -22.84 -31.20 -1.59
C PRO C 275 -23.95 -30.20 -1.26
N SER C 276 -24.77 -30.54 -0.27
CA SER C 276 -25.87 -29.68 0.15
C SER C 276 -25.93 -29.55 1.67
N TRP C 277 -26.47 -28.41 2.11
CA TRP C 277 -26.71 -28.14 3.53
C TRP C 277 -28.09 -27.53 3.70
N GLU C 278 -28.78 -27.88 4.78
CA GLU C 278 -30.07 -27.28 5.12
C GLU C 278 -29.85 -26.14 6.11
N LEU C 279 -30.37 -24.97 5.77
CA LEU C 279 -30.30 -23.80 6.67
C LEU C 279 -31.38 -23.95 7.74
N ALA C 280 -30.95 -24.06 9.00
CA ALA C 280 -31.85 -24.23 10.13
C ALA C 280 -31.64 -23.12 11.17
N VAL C 281 -32.67 -22.87 11.97
CA VAL C 281 -32.62 -21.82 12.99
C VAL C 281 -33.31 -22.23 14.30
N GLN C 282 -32.73 -21.78 15.42
CA GLN C 282 -33.35 -21.89 16.73
C GLN C 282 -33.89 -20.53 17.14
N LEU C 283 -35.22 -20.40 17.16
CA LEU C 283 -35.88 -19.14 17.52
C LEU C 283 -36.18 -19.08 19.01
N ILE C 284 -35.76 -18.00 19.65
CA ILE C 284 -36.03 -17.76 21.08
C ILE C 284 -36.63 -16.37 21.27
N ASP C 285 -37.55 -16.26 22.23
CA ASP C 285 -38.18 -14.98 22.55
C ASP C 285 -37.23 -14.09 23.34
N GLU C 286 -37.47 -12.78 23.29
CA GLU C 286 -36.60 -11.78 23.91
C GLU C 286 -36.48 -11.93 25.43
N ASP C 287 -37.61 -12.25 26.07
CA ASP C 287 -37.65 -12.37 27.53
C ASP C 287 -37.03 -13.67 28.08
N LYS C 288 -36.66 -14.59 27.18
CA LYS C 288 -36.04 -15.86 27.57
C LYS C 288 -34.55 -15.91 27.20
N ALA C 289 -33.89 -14.74 27.24
CA ALA C 289 -32.48 -14.64 26.91
C ALA C 289 -31.57 -15.26 27.98
N GLN C 290 -32.03 -15.22 29.24
CA GLN C 290 -31.28 -15.75 30.37
C GLN C 290 -32.12 -16.80 31.12
N ALA C 291 -32.84 -17.63 30.38
CA ALA C 291 -33.81 -18.55 30.95
C ALA C 291 -33.41 -20.03 30.91
N TYR C 292 -32.29 -20.34 30.25
CA TYR C 292 -31.86 -21.73 30.05
C TYR C 292 -30.56 -22.08 30.78
N GLY C 293 -30.32 -21.45 31.93
CA GLY C 293 -29.13 -21.73 32.75
C GLY C 293 -27.86 -21.05 32.27
N PHE C 294 -27.98 -20.16 31.30
CA PHE C 294 -26.85 -19.38 30.79
C PHE C 294 -27.35 -18.17 30.02
N ASP C 295 -26.43 -17.31 29.60
CA ASP C 295 -26.75 -16.10 28.85
C ASP C 295 -26.61 -16.34 27.35
N LEU C 296 -27.64 -15.99 26.58
CA LEU C 296 -27.62 -16.14 25.12
C LEU C 296 -26.68 -15.14 24.43
N LEU C 297 -26.30 -14.08 25.14
CA LEU C 297 -25.26 -13.15 24.67
C LEU C 297 -23.86 -13.72 24.83
N ASP C 298 -23.72 -14.79 25.60
CA ASP C 298 -22.43 -15.46 25.81
C ASP C 298 -22.12 -16.40 24.63
N PRO C 299 -21.04 -16.13 23.88
CA PRO C 299 -20.68 -16.98 22.73
C PRO C 299 -20.00 -18.30 23.09
N THR C 300 -19.62 -18.48 24.35
CA THR C 300 -19.03 -19.74 24.81
C THR C 300 -20.09 -20.79 25.19
N LYS C 301 -21.37 -20.44 25.01
CA LYS C 301 -22.48 -21.33 25.31
C LYS C 301 -23.30 -21.59 24.04
N PHE C 302 -23.84 -22.80 23.92
CA PHE C 302 -24.82 -23.11 22.87
C PHE C 302 -26.15 -23.54 23.51
N LEU C 303 -27.22 -23.48 22.73
CA LEU C 303 -28.56 -23.79 23.22
C LEU C 303 -28.94 -25.24 22.89
N PRO C 304 -29.13 -26.08 23.93
CA PRO C 304 -29.59 -27.46 23.71
C PRO C 304 -30.87 -27.54 22.89
N GLU C 305 -30.90 -28.47 21.94
CA GLU C 305 -32.00 -28.57 20.98
C GLU C 305 -33.32 -29.04 21.59
N GLU C 306 -33.26 -29.67 22.76
CA GLU C 306 -34.47 -30.08 23.48
C GLU C 306 -35.25 -28.88 24.03
N PHE C 307 -34.55 -27.77 24.29
CA PHE C 307 -35.20 -26.52 24.67
C PHE C 307 -35.80 -25.81 23.46
N ALA C 308 -35.01 -25.71 22.39
CA ALA C 308 -35.43 -25.05 21.15
C ALA C 308 -35.02 -25.89 19.94
N PRO C 309 -35.99 -26.58 19.30
CA PRO C 309 -35.66 -27.44 18.18
C PRO C 309 -35.36 -26.66 16.89
N LEU C 310 -34.63 -27.30 15.98
CA LEU C 310 -34.21 -26.66 14.73
C LEU C 310 -35.37 -26.55 13.75
N GLN C 311 -35.58 -25.34 13.22
CA GLN C 311 -36.60 -25.09 12.21
C GLN C 311 -35.94 -24.84 10.86
N VAL C 312 -36.15 -25.75 9.92
CA VAL C 312 -35.50 -25.68 8.60
C VAL C 312 -36.13 -24.61 7.72
N LEU C 313 -35.30 -23.68 7.24
CA LEU C 313 -35.76 -22.55 6.43
C LEU C 313 -35.58 -22.80 4.93
N GLY C 314 -34.44 -23.37 4.56
CA GLY C 314 -34.16 -23.67 3.15
C GLY C 314 -32.99 -24.63 2.96
N GLU C 315 -32.47 -24.68 1.75
CA GLU C 315 -31.34 -25.55 1.43
C GLU C 315 -30.34 -24.87 0.48
N MET C 316 -29.06 -25.11 0.73
CA MET C 316 -27.97 -24.59 -0.08
C MET C 316 -27.27 -25.75 -0.79
N THR C 317 -26.78 -25.50 -2.00
CA THR C 317 -26.09 -26.51 -2.79
C THR C 317 -24.95 -25.88 -3.60
N LEU C 318 -23.72 -26.31 -3.31
CA LEU C 318 -22.53 -25.82 -4.01
C LEU C 318 -22.28 -26.68 -5.25
N ASN C 319 -22.49 -26.10 -6.44
CA ASN C 319 -22.45 -26.86 -7.69
C ASN C 319 -21.53 -26.29 -8.80
N ARG C 320 -20.81 -25.22 -8.49
CA ARG C 320 -19.90 -24.61 -9.46
C ARG C 320 -18.55 -24.26 -8.82
N ASN C 321 -17.48 -24.82 -9.36
CA ASN C 321 -16.12 -24.46 -8.96
C ASN C 321 -15.69 -23.15 -9.62
N PRO C 322 -14.76 -22.41 -8.99
CA PRO C 322 -14.25 -21.18 -9.58
C PRO C 322 -13.31 -21.42 -10.76
N MET C 323 -13.27 -20.47 -11.68
CA MET C 323 -12.38 -20.54 -12.84
C MET C 323 -10.95 -20.16 -12.44
N ASN C 324 -10.83 -19.13 -11.62
CA ASN C 324 -9.54 -18.71 -11.05
C ASN C 324 -9.62 -18.68 -9.53
N TYR C 325 -8.68 -19.33 -8.86
CA TYR C 325 -8.67 -19.42 -7.40
C TYR C 325 -8.43 -18.06 -6.74
N PHE C 326 -7.39 -17.37 -7.18
CA PHE C 326 -6.99 -16.10 -6.56
C PHE C 326 -8.05 -15.02 -6.72
N ALA C 327 -8.50 -14.83 -7.96
CA ALA C 327 -9.48 -13.79 -8.28
C ALA C 327 -10.77 -13.93 -7.47
N GLU C 328 -11.16 -15.17 -7.20
CA GLU C 328 -12.45 -15.47 -6.58
C GLU C 328 -12.31 -15.89 -5.11
N THR C 329 -11.60 -17.00 -4.90
CA THR C 329 -11.55 -17.63 -3.57
C THR C 329 -10.63 -16.89 -2.60
N GLU C 330 -9.48 -16.44 -3.11
CA GLU C 330 -8.51 -15.71 -2.28
C GLU C 330 -8.97 -14.27 -2.03
N GLN C 331 -9.55 -13.63 -3.04
CA GLN C 331 -9.90 -12.20 -2.97
C GLN C 331 -11.23 -11.88 -2.28
N ILE C 332 -12.09 -12.88 -2.08
CA ILE C 332 -13.40 -12.63 -1.46
C ILE C 332 -13.22 -12.11 -0.03
N SER C 333 -14.06 -11.15 0.34
CA SER C 333 -13.92 -10.43 1.62
C SER C 333 -15.18 -10.54 2.48
N PHE C 334 -15.27 -11.61 3.26
CA PHE C 334 -16.40 -11.83 4.16
C PHE C 334 -16.41 -10.84 5.31
N GLN C 335 -17.61 -10.45 5.74
CA GLN C 335 -17.80 -9.55 6.88
C GLN C 335 -19.09 -9.90 7.62
N PRO C 336 -19.01 -10.14 8.95
CA PRO C 336 -20.20 -10.24 9.79
C PRO C 336 -21.09 -8.99 9.74
N GLY C 337 -20.50 -7.84 9.47
CA GLY C 337 -21.23 -6.58 9.36
C GLY C 337 -22.02 -6.42 8.07
N HIS C 338 -21.83 -7.33 7.12
CA HIS C 338 -22.64 -7.39 5.91
C HIS C 338 -24.04 -7.90 6.25
N ILE C 339 -24.92 -6.98 6.63
CA ILE C 339 -26.27 -7.34 7.07
C ILE C 339 -27.33 -6.70 6.18
N VAL C 340 -28.47 -7.36 6.07
CA VAL C 340 -29.60 -6.87 5.25
C VAL C 340 -30.83 -6.61 6.11
N ARG C 341 -31.79 -5.91 5.51
CA ARG C 341 -33.07 -5.62 6.15
C ARG C 341 -33.75 -6.92 6.57
N GLY C 342 -34.12 -7.01 7.84
CA GLY C 342 -34.75 -8.21 8.40
C GLY C 342 -33.90 -8.91 9.46
N VAL C 343 -32.61 -8.57 9.50
CA VAL C 343 -31.68 -9.14 10.48
C VAL C 343 -31.04 -8.02 11.30
N ASP C 344 -30.61 -8.33 12.51
CA ASP C 344 -30.00 -7.34 13.40
C ASP C 344 -29.01 -7.99 14.38
N PHE C 345 -28.06 -7.20 14.86
CA PHE C 345 -27.03 -7.69 15.79
C PHE C 345 -27.55 -7.74 17.21
N THR C 346 -26.77 -8.40 18.08
CA THR C 346 -27.06 -8.44 19.52
C THR C 346 -25.87 -7.90 20.31
N GLU C 347 -26.04 -7.77 21.62
CA GLU C 347 -25.01 -7.22 22.50
C GLU C 347 -23.96 -8.25 22.94
N ASP C 348 -23.78 -9.29 22.13
CA ASP C 348 -22.69 -10.25 22.32
C ASP C 348 -21.36 -9.51 22.16
N PRO C 349 -20.58 -9.38 23.25
CA PRO C 349 -19.35 -8.58 23.20
C PRO C 349 -18.32 -9.07 22.17
N LEU C 350 -18.36 -10.35 21.85
CA LEU C 350 -17.47 -10.94 20.85
C LEU C 350 -17.88 -10.55 19.44
N LEU C 351 -19.19 -10.59 19.18
CA LEU C 351 -19.76 -10.18 17.88
C LEU C 351 -19.57 -8.68 17.64
N GLN C 352 -19.76 -7.88 18.69
CA GLN C 352 -19.65 -6.43 18.60
C GLN C 352 -18.30 -5.98 18.04
N GLY C 353 -17.23 -6.57 18.55
CA GLY C 353 -15.88 -6.23 18.11
C GLY C 353 -15.52 -6.71 16.72
N ARG C 354 -16.08 -7.85 16.32
CA ARG C 354 -15.87 -8.39 14.96
C ARG C 354 -16.32 -7.41 13.89
N LEU C 355 -17.48 -6.79 14.10
CA LEU C 355 -18.03 -5.81 13.16
C LEU C 355 -16.98 -4.77 12.73
N TYR C 356 -16.13 -4.37 13.67
CA TYR C 356 -15.03 -3.45 13.38
C TYR C 356 -13.88 -4.13 12.63
N SER C 357 -13.47 -5.31 13.10
CA SER C 357 -12.24 -5.97 12.64
C SER C 357 -12.24 -6.36 11.15
N TYR C 358 -13.34 -6.96 10.70
CA TYR C 358 -13.43 -7.49 9.33
C TYR C 358 -13.38 -6.39 8.27
N LEU C 359 -13.97 -5.23 8.56
CA LEU C 359 -13.94 -4.09 7.64
C LEU C 359 -12.55 -3.48 7.56
N ASP C 360 -11.92 -3.31 8.74
CA ASP C 360 -10.59 -2.72 8.83
C ASP C 360 -9.51 -3.58 8.17
N THR C 361 -9.62 -4.91 8.34
CA THR C 361 -8.59 -5.84 7.86
C THR C 361 -8.51 -5.93 6.33
N GLN C 362 -9.57 -5.54 5.63
CA GLN C 362 -9.58 -5.53 4.16
C GLN C 362 -8.62 -4.48 3.61
N LEU C 363 -8.44 -3.39 4.35
CA LEU C 363 -7.50 -2.34 3.98
C LEU C 363 -6.06 -2.85 3.94
N ASN C 364 -5.74 -3.82 4.81
CA ASN C 364 -4.44 -4.48 4.80
C ASN C 364 -4.30 -5.43 3.62
N ARG C 365 -5.31 -6.26 3.42
CA ARG C 365 -5.30 -7.27 2.35
C ARG C 365 -5.38 -6.67 0.95
N HIS C 366 -6.30 -5.72 0.76
CA HIS C 366 -6.58 -5.15 -0.57
C HIS C 366 -5.86 -3.84 -0.86
N ARG C 367 -5.28 -3.22 0.17
CA ARG C 367 -4.51 -1.97 0.02
C ARG C 367 -5.32 -0.85 -0.64
N GLY C 368 -6.58 -0.73 -0.24
CA GLY C 368 -7.48 0.31 -0.74
C GLY C 368 -8.90 0.16 -0.22
N PRO C 369 -9.73 1.21 -0.36
CA PRO C 369 -11.11 1.17 0.12
C PRO C 369 -12.13 0.64 -0.89
N ASN C 370 -11.70 0.34 -2.12
CA ASN C 370 -12.60 -0.13 -3.18
C ASN C 370 -12.53 -1.65 -3.40
N PHE C 371 -12.43 -2.40 -2.31
CA PHE C 371 -12.40 -3.86 -2.38
C PHE C 371 -13.77 -4.48 -2.71
N GLU C 372 -14.85 -3.75 -2.40
CA GLU C 372 -16.21 -4.22 -2.70
C GLU C 372 -16.53 -4.17 -4.19
N GLN C 373 -15.77 -3.36 -4.94
CA GLN C 373 -15.93 -3.26 -6.39
C GLN C 373 -15.37 -4.47 -7.15
N LEU C 374 -14.54 -5.28 -6.48
CA LEU C 374 -14.01 -6.50 -7.09
C LEU C 374 -15.15 -7.47 -7.42
N PRO C 375 -15.14 -8.06 -8.64
CA PRO C 375 -16.22 -8.90 -9.16
C PRO C 375 -16.84 -9.88 -8.16
N ILE C 376 -15.99 -10.57 -7.40
CA ILE C 376 -16.45 -11.56 -6.42
C ILE C 376 -17.15 -10.88 -5.23
N ASN C 377 -16.72 -9.68 -4.89
CA ASN C 377 -17.30 -8.90 -3.79
C ASN C 377 -18.53 -8.07 -4.18
N ARG C 378 -18.77 -7.91 -5.48
CA ARG C 378 -19.88 -7.09 -5.98
C ARG C 378 -21.24 -7.72 -5.69
N PRO C 379 -22.22 -6.90 -5.24
CA PRO C 379 -23.59 -7.38 -5.09
C PRO C 379 -24.32 -7.39 -6.43
N VAL C 380 -25.48 -8.06 -6.46
CA VAL C 380 -26.31 -8.13 -7.67
C VAL C 380 -27.51 -7.18 -7.59
N SER C 381 -27.53 -6.32 -6.56
CA SER C 381 -28.70 -5.49 -6.26
C SER C 381 -28.52 -4.01 -6.60
N GLY C 382 -27.29 -3.60 -6.89
CA GLY C 382 -26.99 -2.21 -7.28
C GLY C 382 -26.41 -1.39 -6.14
N VAL C 383 -25.52 -0.47 -6.48
CA VAL C 383 -24.85 0.39 -5.50
C VAL C 383 -25.02 1.86 -5.85
N HIS C 384 -25.73 2.61 -5.00
CA HIS C 384 -25.95 4.05 -5.21
C HIS C 384 -25.68 4.84 -3.93
N ASN C 385 -24.61 5.63 -3.96
CA ASN C 385 -24.22 6.48 -2.83
C ASN C 385 -23.27 7.59 -3.26
N ASN C 386 -22.88 8.45 -2.32
CA ASN C 386 -21.97 9.57 -2.60
C ASN C 386 -20.48 9.26 -2.36
N HIS C 387 -20.13 7.97 -2.34
CA HIS C 387 -18.75 7.54 -2.14
C HIS C 387 -17.94 7.74 -3.42
N ARG C 388 -16.90 8.57 -3.34
CA ARG C 388 -16.07 8.88 -4.50
C ARG C 388 -14.62 8.52 -4.29
N ASP C 389 -13.92 8.28 -5.39
CA ASP C 389 -12.46 8.20 -5.41
C ASP C 389 -11.93 6.96 -4.70
N GLY C 390 -10.77 7.10 -4.04
CA GLY C 390 -10.09 5.98 -3.41
C GLY C 390 -9.15 5.29 -4.38
N GLN C 391 -8.38 4.35 -3.86
CA GLN C 391 -7.42 3.58 -4.66
C GLN C 391 -8.14 2.54 -5.53
N GLY C 392 -7.86 2.57 -6.82
CA GLY C 392 -8.42 1.60 -7.76
C GLY C 392 -9.90 1.80 -8.05
N GLN C 393 -10.32 3.06 -8.17
CA GLN C 393 -11.71 3.38 -8.51
C GLN C 393 -12.02 2.92 -9.94
N ALA C 394 -12.93 1.94 -10.05
CA ALA C 394 -13.23 1.29 -11.32
C ALA C 394 -14.46 1.87 -12.04
N TRP C 395 -15.22 2.73 -11.37
CA TRP C 395 -16.42 3.32 -11.95
C TRP C 395 -16.23 4.80 -12.27
N ILE C 396 -17.19 5.35 -13.02
CA ILE C 396 -17.21 6.78 -13.36
C ILE C 396 -18.58 7.35 -12.99
N HIS C 397 -18.63 8.06 -11.86
CA HIS C 397 -19.89 8.58 -11.33
C HIS C 397 -20.42 9.75 -12.14
N LYS C 398 -21.74 9.76 -12.38
CA LYS C 398 -22.41 10.80 -13.17
C LYS C 398 -22.84 11.99 -12.32
N ASN C 399 -23.31 11.71 -11.11
CA ASN C 399 -23.79 12.75 -10.19
C ASN C 399 -22.66 13.62 -9.66
N ILE C 400 -22.57 14.85 -10.16
CA ILE C 400 -21.53 15.79 -9.72
C ILE C 400 -21.80 16.36 -8.33
N HIS C 401 -23.07 16.29 -7.88
CA HIS C 401 -23.46 16.75 -6.55
C HIS C 401 -23.43 15.59 -5.57
N HIS C 402 -22.21 15.21 -5.22
CA HIS C 402 -21.93 14.05 -4.34
C HIS C 402 -22.03 14.41 -2.86
N TYR C 403 -23.21 14.81 -2.43
CA TYR C 403 -23.45 15.20 -1.03
C TYR C 403 -24.96 15.27 -0.72
N SER C 404 -25.27 15.18 0.58
CA SER C 404 -26.64 15.20 1.07
C SER C 404 -26.72 15.95 2.41
N PRO C 405 -27.75 16.77 2.62
CA PRO C 405 -28.86 17.09 1.72
C PRO C 405 -28.46 18.08 0.62
N SER C 406 -29.31 18.20 -0.40
CA SER C 406 -29.00 19.04 -1.56
C SER C 406 -30.24 19.31 -2.41
N TYR C 407 -30.31 20.53 -2.95
CA TYR C 407 -31.35 20.92 -3.91
C TYR C 407 -30.94 20.50 -5.33
N LEU C 408 -29.66 20.66 -5.63
CA LEU C 408 -29.13 20.44 -6.99
C LEU C 408 -29.24 19.00 -7.49
N ASN C 409 -29.10 18.03 -6.59
CA ASN C 409 -29.25 16.61 -6.95
C ASN C 409 -30.69 16.08 -6.81
N LYS C 410 -31.61 16.96 -6.42
CA LYS C 410 -33.03 16.64 -6.28
C LYS C 410 -33.31 15.54 -5.23
N GLY C 411 -32.45 15.46 -4.22
CA GLY C 411 -32.60 14.49 -3.15
C GLY C 411 -32.29 13.05 -3.51
N TYR C 412 -31.51 12.85 -4.57
CA TYR C 412 -31.10 11.51 -5.00
C TYR C 412 -29.57 11.40 -5.04
N PRO C 413 -29.01 10.27 -4.54
CA PRO C 413 -29.68 9.11 -3.97
C PRO C 413 -30.40 9.42 -2.65
N ALA C 414 -31.61 8.90 -2.52
CA ALA C 414 -32.50 9.25 -1.40
C ALA C 414 -32.30 8.37 -0.19
N GLN C 415 -32.75 8.86 0.96
CA GLN C 415 -32.64 8.13 2.22
C GLN C 415 -33.66 7.00 2.26
N ALA C 416 -33.36 5.98 3.07
CA ALA C 416 -34.26 4.83 3.22
C ALA C 416 -34.27 4.37 4.68
N ASN C 417 -35.48 4.19 5.22
CA ASN C 417 -35.65 3.71 6.59
C ASN C 417 -36.67 2.56 6.66
N GLN C 418 -37.35 2.42 7.80
CA GLN C 418 -38.25 1.31 8.05
C GLN C 418 -39.50 1.38 7.15
N THR C 419 -40.08 2.57 7.05
CA THR C 419 -41.36 2.75 6.34
C THR C 419 -41.20 3.17 4.88
N VAL C 420 -40.00 3.57 4.47
CA VAL C 420 -39.75 4.05 3.11
C VAL C 420 -38.49 3.43 2.49
N GLY C 421 -38.64 2.84 1.30
CA GLY C 421 -37.52 2.34 0.51
C GLY C 421 -36.90 1.03 0.99
N ARG C 422 -37.58 0.35 1.91
CA ARG C 422 -37.09 -0.91 2.49
C ARG C 422 -35.64 -0.79 2.95
N GLY C 423 -35.35 0.24 3.73
CA GLY C 423 -34.01 0.48 4.24
C GLY C 423 -33.78 -0.25 5.56
N PHE C 424 -32.51 -0.59 5.82
CA PHE C 424 -32.14 -1.27 7.07
C PHE C 424 -32.53 -0.43 8.28
N PHE C 425 -32.96 -1.09 9.36
CA PHE C 425 -33.27 -0.41 10.61
C PHE C 425 -32.92 -1.29 11.81
N THR C 426 -32.38 -0.66 12.85
CA THR C 426 -32.12 -1.33 14.12
C THR C 426 -33.44 -1.66 14.80
N THR C 427 -33.47 -2.77 15.54
CA THR C 427 -34.67 -3.20 16.25
C THR C 427 -35.21 -2.07 17.14
N PRO C 428 -36.40 -1.53 16.82
CA PRO C 428 -36.99 -0.42 17.58
C PRO C 428 -37.09 -0.66 19.09
N GLY C 429 -37.33 -1.91 19.49
CA GLY C 429 -37.48 -2.26 20.91
C GLY C 429 -36.21 -2.26 21.73
N ARG C 430 -35.05 -2.34 21.07
CA ARG C 430 -33.77 -2.39 21.78
C ARG C 430 -33.46 -1.08 22.52
N THR C 431 -32.89 -1.21 23.70
CA THR C 431 -32.54 -0.07 24.55
C THR C 431 -31.21 -0.31 25.26
N ALA C 432 -30.69 0.76 25.86
CA ALA C 432 -29.47 0.69 26.67
C ALA C 432 -29.80 1.20 28.07
N SER C 433 -29.10 0.65 29.07
CA SER C 433 -29.32 1.03 30.46
C SER C 433 -28.14 0.66 31.34
N GLY C 434 -27.78 1.58 32.24
CA GLY C 434 -26.67 1.36 33.19
C GLY C 434 -25.46 2.23 32.91
N VAL C 435 -24.42 2.03 33.71
CA VAL C 435 -23.20 2.82 33.63
C VAL C 435 -22.30 2.38 32.47
N LEU C 436 -21.49 3.30 31.96
CA LEU C 436 -20.45 2.98 30.99
C LEU C 436 -19.32 2.26 31.72
N ASN C 437 -19.00 1.04 31.26
CA ASN C 437 -18.13 0.14 32.00
C ASN C 437 -17.20 -0.67 31.11
N ARG C 438 -16.02 -1.00 31.64
CA ARG C 438 -15.14 -2.02 31.06
C ARG C 438 -15.25 -3.28 31.90
N GLU C 439 -16.43 -3.89 31.85
CA GLU C 439 -16.70 -5.11 32.62
C GLU C 439 -17.38 -6.16 31.75
N LEU C 440 -17.44 -7.38 32.28
CA LEU C 440 -18.20 -8.47 31.67
C LEU C 440 -19.27 -8.89 32.66
N SER C 441 -20.41 -9.32 32.14
CA SER C 441 -21.58 -9.67 32.97
C SER C 441 -21.30 -10.85 33.90
N ALA C 442 -21.97 -10.86 35.05
CA ALA C 442 -21.86 -11.95 36.02
C ALA C 442 -22.51 -13.25 35.50
N THR C 443 -23.39 -13.11 34.51
CA THR C 443 -24.01 -14.25 33.84
C THR C 443 -23.05 -15.01 32.92
N PHE C 444 -21.86 -14.45 32.68
CA PHE C 444 -20.82 -15.07 31.85
C PHE C 444 -19.82 -15.88 32.68
N ASP C 445 -20.02 -15.93 34.00
CA ASP C 445 -19.01 -16.47 34.92
C ASP C 445 -18.78 -17.98 34.85
N ASP C 446 -19.79 -18.74 34.45
CA ASP C 446 -19.68 -20.20 34.39
C ASP C 446 -18.89 -20.63 33.15
N HIS C 447 -17.78 -21.34 33.38
CA HIS C 447 -16.90 -21.80 32.29
C HIS C 447 -16.74 -23.32 32.21
N TYR C 448 -17.37 -24.05 33.14
CA TYR C 448 -17.12 -25.49 33.29
C TYR C 448 -18.34 -26.41 33.09
N THR C 449 -19.55 -25.85 33.14
CA THR C 449 -20.78 -26.65 33.06
C THR C 449 -20.98 -27.27 31.67
N GLN C 450 -20.93 -26.45 30.64
CA GLN C 450 -21.18 -26.92 29.26
C GLN C 450 -20.07 -27.81 28.68
N PRO C 451 -18.79 -27.50 28.97
CA PRO C 451 -17.72 -28.45 28.64
C PRO C 451 -18.00 -29.87 29.15
N ARG C 452 -18.54 -29.97 30.37
CA ARG C 452 -18.93 -31.26 30.96
C ARG C 452 -20.17 -31.83 30.24
N LEU C 453 -21.11 -30.95 29.91
CA LEU C 453 -22.31 -31.33 29.14
C LEU C 453 -21.95 -31.93 27.79
N PHE C 454 -20.95 -31.34 27.12
CA PHE C 454 -20.48 -31.82 25.82
C PHE C 454 -19.81 -33.19 25.95
N PHE C 455 -18.96 -33.34 26.95
CA PHE C 455 -18.24 -34.59 27.20
C PHE C 455 -19.18 -35.76 27.53
N ASN C 456 -20.26 -35.46 28.28
CA ASN C 456 -21.25 -36.47 28.65
C ASN C 456 -22.05 -36.99 27.46
N SER C 457 -22.26 -36.14 26.47
CA SER C 457 -23.09 -36.46 25.31
C SER C 457 -22.40 -37.32 24.25
N LEU C 458 -21.08 -37.49 24.38
CA LEU C 458 -20.31 -38.32 23.46
C LEU C 458 -20.33 -39.78 23.89
N THR C 459 -19.95 -40.66 22.96
CA THR C 459 -19.85 -42.10 23.23
C THR C 459 -18.53 -42.41 23.95
N PRO C 460 -18.42 -43.60 24.58
CA PRO C 460 -17.19 -43.97 25.30
C PRO C 460 -15.91 -43.86 24.46
N VAL C 461 -15.99 -44.24 23.19
CA VAL C 461 -14.83 -44.18 22.28
C VAL C 461 -14.53 -42.75 21.84
N GLU C 462 -15.60 -41.97 21.63
CA GLU C 462 -15.46 -40.53 21.32
C GLU C 462 -14.87 -39.77 22.50
N GLN C 463 -15.30 -40.12 23.71
CA GLN C 463 -14.72 -39.58 24.93
C GLN C 463 -13.24 -39.94 25.03
N GLN C 464 -12.90 -41.17 24.64
CA GLN C 464 -11.51 -41.64 24.62
C GLN C 464 -10.68 -40.89 23.58
N PHE C 465 -11.26 -40.58 22.42
CA PHE C 465 -10.57 -39.79 21.39
C PHE C 465 -10.24 -38.39 21.90
N VAL C 466 -11.19 -37.78 22.61
CA VAL C 466 -11.01 -36.43 23.15
C VAL C 466 -9.88 -36.40 24.19
N ILE C 467 -9.87 -37.40 25.07
CA ILE C 467 -8.84 -37.52 26.11
C ILE C 467 -7.47 -37.82 25.51
N ASN C 468 -7.42 -38.75 24.55
CA ASN C 468 -6.18 -39.08 23.84
C ASN C 468 -5.62 -37.90 23.04
N ALA C 469 -6.49 -37.02 22.58
CA ALA C 469 -6.09 -35.80 21.89
C ALA C 469 -5.43 -34.81 22.85
N ILE C 470 -5.99 -34.68 24.04
CA ILE C 470 -5.42 -33.84 25.09
C ILE C 470 -4.11 -34.41 25.60
N ARG C 471 -4.07 -35.73 25.78
CA ARG C 471 -2.85 -36.44 26.17
C ARG C 471 -1.70 -36.17 25.19
N PHE C 472 -2.00 -36.19 23.91
CA PHE C 472 -1.01 -35.95 22.86
C PHE C 472 -0.46 -34.53 22.91
N GLU C 473 -1.34 -33.54 22.94
CA GLU C 473 -0.94 -32.13 22.88
C GLU C 473 -0.36 -31.61 24.21
N ALA C 474 -0.87 -32.10 25.32
CA ALA C 474 -0.39 -31.68 26.65
C ALA C 474 1.03 -32.19 26.94
N SER C 475 1.39 -33.31 26.33
CA SER C 475 2.73 -33.89 26.48
C SER C 475 3.83 -33.08 25.80
N HIS C 476 3.44 -32.26 24.82
CA HIS C 476 4.39 -31.36 24.13
C HIS C 476 4.81 -30.16 24.99
N VAL C 477 4.02 -29.85 26.02
CA VAL C 477 4.30 -28.70 26.90
C VAL C 477 5.54 -28.97 27.75
N THR C 478 6.57 -28.15 27.55
CA THR C 478 7.83 -28.27 28.27
C THR C 478 7.73 -27.82 29.73
N ASN C 479 6.95 -26.77 29.97
CA ASN C 479 6.78 -26.21 31.32
C ASN C 479 5.91 -27.11 32.19
N GLU C 480 6.42 -27.45 33.38
CA GLU C 480 5.72 -28.34 34.30
C GLU C 480 4.51 -27.68 34.97
N GLN C 481 4.66 -26.42 35.34
CA GLN C 481 3.58 -25.68 36.01
C GLN C 481 2.39 -25.42 35.09
N VAL C 482 2.67 -25.23 33.80
CA VAL C 482 1.62 -25.05 32.79
C VAL C 482 0.75 -26.31 32.68
N LYS C 483 1.40 -27.48 32.73
CA LYS C 483 0.70 -28.76 32.72
C LYS C 483 -0.12 -28.99 33.99
N LYS C 484 0.39 -28.50 35.12
CA LYS C 484 -0.34 -28.55 36.40
C LYS C 484 -1.57 -27.63 36.36
N ASN C 485 -1.42 -26.49 35.71
CA ASN C 485 -2.55 -25.55 35.51
C ASN C 485 -3.61 -26.13 34.58
N VAL C 486 -3.19 -26.93 33.61
CA VAL C 486 -4.13 -27.60 32.69
C VAL C 486 -4.93 -28.68 33.43
N LEU C 487 -4.24 -29.48 34.24
CA LEU C 487 -4.88 -30.54 35.03
C LEU C 487 -5.87 -29.96 36.06
N GLU C 488 -5.52 -28.82 36.62
CA GLU C 488 -6.38 -28.13 37.59
C GLU C 488 -7.70 -27.69 36.94
N GLN C 489 -7.61 -27.14 35.73
CA GLN C 489 -8.79 -26.66 34.99
C GLN C 489 -9.63 -27.81 34.45
N LEU C 490 -8.98 -28.89 34.02
CA LEU C 490 -9.67 -30.09 33.56
C LEU C 490 -10.37 -30.82 34.71
N ASN C 491 -9.79 -30.73 35.90
CA ASN C 491 -10.38 -31.34 37.10
C ASN C 491 -11.71 -30.68 37.48
N LYS C 492 -11.83 -29.38 37.23
CA LYS C 492 -13.06 -28.64 37.47
C LYS C 492 -14.18 -29.07 36.52
N ILE C 493 -13.81 -29.45 35.30
CA ILE C 493 -14.75 -29.99 34.33
C ILE C 493 -15.16 -31.41 34.72
N SER C 494 -14.16 -32.27 34.94
CA SER C 494 -14.40 -33.67 35.31
C SER C 494 -13.17 -34.29 35.97
N ASN C 495 -13.37 -34.93 37.12
CA ASN C 495 -12.29 -35.63 37.84
C ASN C 495 -11.78 -36.84 37.05
N ASP C 496 -12.70 -37.56 36.43
CA ASP C 496 -12.38 -38.72 35.60
C ASP C 496 -11.46 -38.35 34.44
N VAL C 497 -11.80 -37.27 33.75
CA VAL C 497 -11.00 -36.77 32.62
C VAL C 497 -9.62 -36.30 33.10
N ALA C 498 -9.59 -35.60 34.23
CA ALA C 498 -8.35 -35.07 34.80
C ALA C 498 -7.40 -36.19 35.24
N LYS C 499 -7.96 -37.25 35.82
CA LYS C 499 -7.17 -38.41 36.27
C LYS C 499 -6.55 -39.17 35.09
N ARG C 500 -7.35 -39.40 34.05
CA ARG C 500 -6.90 -40.13 32.88
C ARG C 500 -5.83 -39.34 32.12
N VAL C 501 -6.08 -38.06 31.89
CA VAL C 501 -5.10 -37.17 31.24
C VAL C 501 -3.80 -37.08 32.06
N ALA C 502 -3.92 -37.10 33.38
CA ALA C 502 -2.76 -37.01 34.28
C ALA C 502 -1.83 -38.21 34.20
N VAL C 503 -2.36 -39.36 33.75
CA VAL C 503 -1.57 -40.57 33.60
C VAL C 503 -0.50 -40.41 32.51
N ALA C 504 -0.90 -39.82 31.39
CA ALA C 504 0.01 -39.59 30.26
C ALA C 504 1.11 -38.58 30.57
N LEU C 505 0.75 -37.54 31.32
CA LEU C 505 1.70 -36.49 31.73
C LEU C 505 2.59 -36.92 32.89
N GLY C 506 2.22 -38.01 33.57
CA GLY C 506 2.99 -38.53 34.70
C GLY C 506 2.89 -37.68 35.95
N LEU C 507 1.79 -36.93 36.06
CA LEU C 507 1.53 -36.10 37.23
C LEU C 507 0.48 -36.76 38.12
N GLU C 508 0.36 -36.25 39.34
CA GLU C 508 -0.60 -36.77 40.30
C GLU C 508 -2.01 -36.32 39.94
N ALA C 509 -2.94 -37.27 39.88
CA ALA C 509 -4.34 -36.97 39.64
C ALA C 509 -4.94 -36.29 40.88
N PRO C 510 -5.40 -35.04 40.75
CA PRO C 510 -5.85 -34.28 41.91
C PRO C 510 -7.19 -34.74 42.46
N GLN C 511 -7.52 -34.28 43.66
CA GLN C 511 -8.77 -34.65 44.33
C GLN C 511 -9.97 -33.97 43.65
N PRO C 512 -11.16 -34.60 43.72
CA PRO C 512 -12.35 -34.06 43.07
C PRO C 512 -12.76 -32.66 43.52
N ASP C 513 -13.22 -31.85 42.56
CA ASP C 513 -13.80 -30.54 42.83
C ASP C 513 -15.22 -30.54 42.25
N PRO C 514 -16.23 -30.88 43.08
CA PRO C 514 -17.58 -31.18 42.59
C PRO C 514 -18.49 -29.98 42.33
N THR C 515 -17.93 -28.77 42.28
CA THR C 515 -18.73 -27.56 42.12
C THR C 515 -19.51 -27.49 40.78
N TYR C 516 -18.92 -28.06 39.73
CA TYR C 516 -19.52 -28.01 38.39
C TYR C 516 -19.79 -29.38 37.76
N TYR C 517 -19.69 -30.45 38.55
CA TYR C 517 -19.97 -31.80 38.03
C TYR C 517 -21.47 -32.02 37.83
N HIS C 518 -21.82 -32.66 36.73
CA HIS C 518 -23.21 -33.01 36.43
C HIS C 518 -23.30 -34.13 35.40
N ASN C 519 -24.47 -34.77 35.32
CA ASN C 519 -24.68 -35.94 34.47
C ASN C 519 -25.62 -35.69 33.28
N ASN C 520 -25.97 -34.42 33.04
CA ASN C 520 -26.86 -34.07 31.94
C ASN C 520 -26.24 -34.34 30.56
N VAL C 521 -27.10 -34.70 29.61
CA VAL C 521 -26.69 -35.03 28.25
C VAL C 521 -27.55 -34.26 27.24
N THR C 522 -26.93 -33.86 26.13
CA THR C 522 -27.62 -33.10 25.09
C THR C 522 -27.61 -33.85 23.75
N ARG C 523 -28.47 -33.39 22.83
CA ARG C 523 -28.71 -34.06 21.56
C ARG C 523 -27.77 -33.59 20.46
N GLY C 524 -27.25 -34.55 19.68
CA GLY C 524 -26.62 -34.27 18.39
C GLY C 524 -25.28 -33.56 18.40
N VAL C 525 -24.47 -33.80 19.42
CA VAL C 525 -23.09 -33.29 19.47
C VAL C 525 -22.08 -34.36 19.06
N SER C 526 -22.57 -35.57 18.80
CA SER C 526 -21.74 -36.71 18.45
C SER C 526 -21.55 -36.81 16.93
N ILE C 527 -20.48 -37.51 16.53
CA ILE C 527 -20.18 -37.74 15.11
C ILE C 527 -20.17 -39.23 14.77
N PHE C 528 -19.39 -40.00 15.52
CA PHE C 528 -19.19 -41.43 15.25
C PHE C 528 -20.38 -42.33 15.64
N ASN C 529 -21.39 -41.74 16.29
CA ASN C 529 -22.58 -42.48 16.72
C ASN C 529 -23.58 -42.72 15.58
N GLU C 530 -23.62 -41.81 14.62
CA GLU C 530 -24.57 -41.85 13.51
C GLU C 530 -23.97 -42.47 12.25
N SER C 531 -24.76 -43.26 11.54
CA SER C 531 -24.37 -43.82 10.25
C SER C 531 -24.65 -42.82 9.13
N LEU C 532 -23.89 -42.92 8.05
CA LEU C 532 -24.01 -41.97 6.92
C LEU C 532 -25.29 -42.23 6.12
N PRO C 533 -25.96 -41.15 5.67
CA PRO C 533 -27.18 -41.29 4.88
C PRO C 533 -26.91 -41.74 3.44
N THR C 534 -25.70 -41.46 2.95
CA THR C 534 -25.29 -41.88 1.61
C THR C 534 -23.81 -42.21 1.57
N ILE C 535 -23.43 -43.09 0.65
CA ILE C 535 -22.03 -43.46 0.43
C ILE C 535 -21.49 -42.94 -0.91
N ALA C 536 -22.22 -42.03 -1.52
CA ALA C 536 -21.81 -41.42 -2.79
C ALA C 536 -20.49 -40.70 -2.62
N THR C 537 -19.62 -40.81 -3.62
CA THR C 537 -18.35 -40.09 -3.67
C THR C 537 -17.28 -40.67 -2.74
N LEU C 538 -17.67 -41.64 -1.91
CA LEU C 538 -16.74 -42.26 -0.96
C LEU C 538 -15.71 -43.08 -1.71
N ARG C 539 -14.48 -43.07 -1.20
CA ARG C 539 -13.32 -43.52 -1.95
C ARG C 539 -12.88 -44.93 -1.54
N VAL C 540 -12.67 -45.78 -2.54
CA VAL C 540 -12.32 -47.18 -2.32
C VAL C 540 -11.05 -47.55 -3.08
N GLY C 541 -10.05 -48.04 -2.35
CA GLY C 541 -8.77 -48.44 -2.94
C GLY C 541 -8.68 -49.95 -3.16
N VAL C 542 -8.61 -50.36 -4.41
CA VAL C 542 -8.52 -51.77 -4.77
C VAL C 542 -7.07 -52.20 -5.00
N LEU C 543 -6.50 -52.92 -4.03
CA LEU C 543 -5.13 -53.41 -4.13
C LEU C 543 -5.07 -54.63 -5.06
N SER C 544 -4.40 -54.46 -6.20
CA SER C 544 -4.28 -55.51 -7.21
C SER C 544 -2.83 -55.69 -7.62
N THR C 545 -2.60 -56.57 -8.60
CA THR C 545 -1.26 -56.84 -9.13
C THR C 545 -1.29 -57.05 -10.65
N THR C 546 -0.16 -56.79 -11.30
CA THR C 546 -0.05 -56.90 -12.76
C THR C 546 0.36 -58.30 -13.24
N LYS C 547 0.33 -59.28 -12.35
CA LYS C 547 0.73 -60.66 -12.68
C LYS C 547 -0.30 -61.68 -12.18
N GLY C 548 -0.84 -62.45 -13.11
CA GLY C 548 -1.77 -63.55 -12.78
C GLY C 548 -3.24 -63.26 -13.02
N GLY C 549 -3.52 -62.26 -13.85
CA GLY C 549 -4.90 -61.89 -14.21
C GLY C 549 -5.73 -61.35 -13.05
N SER C 550 -5.07 -60.68 -12.12
CA SER C 550 -5.73 -60.08 -10.96
C SER C 550 -6.46 -58.79 -11.33
N LEU C 551 -5.96 -58.11 -12.37
CA LEU C 551 -6.53 -56.82 -12.81
C LEU C 551 -7.92 -56.97 -13.42
N ASP C 552 -8.14 -58.06 -14.16
CA ASP C 552 -9.44 -58.31 -14.80
C ASP C 552 -10.56 -58.48 -13.78
N LYS C 553 -10.26 -59.18 -12.69
CA LYS C 553 -11.21 -59.33 -11.58
C LYS C 553 -11.37 -58.03 -10.79
N ALA C 554 -10.29 -57.26 -10.72
CA ALA C 554 -10.30 -55.95 -10.08
C ALA C 554 -11.08 -54.92 -10.91
N LYS C 555 -11.07 -55.11 -12.23
CA LYS C 555 -11.84 -54.26 -13.15
C LYS C 555 -13.33 -54.46 -12.93
N ALA C 556 -13.75 -55.72 -12.83
CA ALA C 556 -15.14 -56.07 -12.54
C ALA C 556 -15.56 -55.61 -11.14
N LEU C 557 -14.62 -55.68 -10.20
CA LEU C 557 -14.84 -55.18 -8.84
C LEU C 557 -15.06 -53.67 -8.82
N LYS C 558 -14.29 -52.96 -9.65
CA LYS C 558 -14.40 -51.51 -9.76
C LYS C 558 -15.74 -51.08 -10.40
N GLU C 559 -15.99 -51.60 -11.60
CA GLU C 559 -17.18 -51.23 -12.39
C GLU C 559 -18.50 -51.39 -11.63
N GLN C 560 -18.64 -52.50 -10.92
CA GLN C 560 -19.84 -52.78 -10.13
C GLN C 560 -19.93 -51.86 -8.91
N LEU C 561 -18.78 -51.61 -8.28
CA LEU C 561 -18.70 -50.77 -7.09
C LEU C 561 -18.91 -49.29 -7.41
N GLU C 562 -18.49 -48.86 -8.59
CA GLU C 562 -18.71 -47.49 -9.06
C GLU C 562 -20.17 -47.24 -9.46
N LYS C 563 -20.92 -48.31 -9.72
CA LYS C 563 -22.35 -48.22 -10.06
C LYS C 563 -23.21 -47.67 -8.92
N ASP C 564 -22.73 -47.82 -7.69
CA ASP C 564 -23.41 -47.29 -6.50
C ASP C 564 -22.86 -45.93 -6.05
N GLY C 565 -22.13 -45.25 -6.94
CA GLY C 565 -21.67 -43.88 -6.69
C GLY C 565 -20.33 -43.72 -6.00
N LEU C 566 -19.59 -44.82 -5.85
CA LEU C 566 -18.27 -44.80 -5.22
C LEU C 566 -17.17 -44.44 -6.22
N LYS C 567 -16.09 -43.85 -5.71
CA LYS C 567 -14.91 -43.52 -6.51
C LYS C 567 -13.81 -44.55 -6.24
N VAL C 568 -13.52 -45.38 -7.23
CA VAL C 568 -12.60 -46.49 -7.07
C VAL C 568 -11.24 -46.22 -7.73
N THR C 569 -10.17 -46.65 -7.06
CA THR C 569 -8.81 -46.51 -7.58
C THR C 569 -8.09 -47.85 -7.50
N VAL C 570 -7.87 -48.46 -8.66
CA VAL C 570 -7.18 -49.75 -8.76
C VAL C 570 -5.67 -49.56 -8.62
N ILE C 571 -5.08 -50.22 -7.64
CA ILE C 571 -3.65 -50.08 -7.34
C ILE C 571 -2.86 -51.26 -7.90
N ALA C 572 -1.75 -50.96 -8.58
CA ALA C 572 -0.85 -51.97 -9.12
C ALA C 572 0.60 -51.52 -9.01
N GLU C 573 1.53 -52.36 -9.45
CA GLU C 573 2.96 -52.05 -9.38
C GLU C 573 3.32 -50.94 -10.38
N TYR C 574 2.69 -50.97 -11.55
CA TYR C 574 2.85 -49.93 -12.55
C TYR C 574 1.53 -49.63 -13.28
N LEU C 575 1.53 -48.57 -14.08
CA LEU C 575 0.31 -48.12 -14.77
C LEU C 575 -0.03 -49.02 -15.98
N ALA C 576 -0.50 -50.22 -15.69
CA ALA C 576 -0.98 -51.14 -16.72
C ALA C 576 -2.40 -50.72 -17.14
N SER C 577 -2.94 -51.41 -18.15
CA SER C 577 -4.29 -51.13 -18.62
C SER C 577 -5.33 -51.47 -17.54
N GLY C 578 -6.06 -50.47 -17.08
CA GLY C 578 -7.04 -50.64 -16.01
C GLY C 578 -6.54 -50.18 -14.64
N VAL C 579 -5.26 -49.81 -14.58
CA VAL C 579 -4.64 -49.34 -13.34
C VAL C 579 -4.76 -47.82 -13.24
N ASP C 580 -5.18 -47.33 -12.07
CA ASP C 580 -5.39 -45.90 -11.83
C ASP C 580 -4.21 -45.24 -11.13
N GLN C 581 -3.50 -46.01 -10.30
CA GLN C 581 -2.43 -45.46 -9.46
C GLN C 581 -1.38 -46.54 -9.14
N THR C 582 -0.13 -46.10 -8.95
CA THR C 582 0.95 -47.00 -8.56
C THR C 582 0.99 -47.20 -7.05
N TYR C 583 1.61 -48.29 -6.61
CA TYR C 583 1.80 -48.55 -5.17
C TYR C 583 2.71 -47.48 -4.54
N SER C 584 3.69 -46.99 -5.30
CA SER C 584 4.59 -45.94 -4.84
C SER C 584 3.85 -44.64 -4.54
N ALA C 585 2.78 -44.36 -5.30
CA ALA C 585 1.97 -43.16 -5.14
C ALA C 585 0.75 -43.38 -4.24
N ALA C 586 0.58 -44.62 -3.76
CA ALA C 586 -0.61 -45.00 -3.00
C ALA C 586 -0.38 -44.86 -1.49
N ASP C 587 -1.47 -44.57 -0.77
CA ASP C 587 -1.47 -44.50 0.69
C ASP C 587 -2.89 -44.73 1.21
N ALA C 588 -2.99 -45.31 2.40
CA ALA C 588 -4.29 -45.65 3.00
C ALA C 588 -5.16 -44.42 3.30
N THR C 589 -4.53 -43.30 3.61
CA THR C 589 -5.24 -42.06 3.97
C THR C 589 -6.15 -41.51 2.87
N ALA C 590 -5.82 -41.83 1.61
CA ALA C 590 -6.57 -41.36 0.46
C ALA C 590 -7.84 -42.16 0.16
N PHE C 591 -8.11 -43.20 0.95
CA PHE C 591 -9.28 -44.05 0.76
C PHE C 591 -10.11 -44.20 2.02
N ASP C 592 -11.41 -44.41 1.84
CA ASP C 592 -12.33 -44.70 2.95
C ASP C 592 -12.41 -46.20 3.22
N ALA C 593 -12.19 -47.00 2.17
CA ALA C 593 -12.17 -48.46 2.28
C ALA C 593 -11.00 -49.03 1.49
N VAL C 594 -10.50 -50.18 1.95
CA VAL C 594 -9.36 -50.85 1.30
C VAL C 594 -9.69 -52.32 1.05
N VAL C 595 -9.80 -52.68 -0.23
CA VAL C 595 -10.12 -54.06 -0.63
C VAL C 595 -8.97 -54.68 -1.43
N VAL C 596 -8.65 -55.92 -1.11
CA VAL C 596 -7.58 -56.65 -1.79
C VAL C 596 -8.18 -57.52 -2.90
N ALA C 597 -7.77 -57.27 -4.14
CA ALA C 597 -8.28 -58.01 -5.30
C ALA C 597 -7.79 -59.46 -5.31
N GLU C 598 -8.48 -60.28 -6.10
CA GLU C 598 -8.18 -61.71 -6.18
C GLU C 598 -6.82 -62.00 -6.83
N GLY C 599 -5.97 -62.71 -6.09
CA GLY C 599 -4.62 -63.03 -6.56
C GLY C 599 -3.57 -61.99 -6.18
N ALA C 600 -3.98 -61.01 -5.39
CA ALA C 600 -3.10 -59.91 -4.98
C ALA C 600 -2.32 -60.21 -3.69
N GLU C 601 -2.50 -61.41 -3.14
CA GLU C 601 -1.77 -61.82 -1.93
C GLU C 601 -0.27 -62.04 -2.16
N ARG C 602 0.12 -62.20 -3.42
CA ARG C 602 1.52 -62.37 -3.80
C ARG C 602 2.41 -61.18 -3.42
N VAL C 603 1.82 -59.98 -3.44
CA VAL C 603 2.56 -58.74 -3.14
C VAL C 603 2.62 -58.40 -1.64
N PHE C 604 2.07 -59.27 -0.79
CA PHE C 604 2.05 -59.03 0.65
C PHE C 604 3.18 -59.75 1.41
N SER C 605 3.96 -60.57 0.71
CA SER C 605 5.05 -61.31 1.33
C SER C 605 6.07 -61.83 0.32
N GLY C 606 7.35 -61.75 0.69
CA GLY C 606 8.43 -62.37 -0.07
C GLY C 606 8.81 -61.65 -1.35
N LYS C 607 8.84 -62.39 -2.46
CA LYS C 607 9.33 -61.89 -3.74
C LYS C 607 8.48 -60.77 -4.34
N GLY C 608 7.16 -60.96 -4.31
CA GLY C 608 6.22 -59.94 -4.81
C GLY C 608 6.20 -58.68 -3.97
N ALA C 609 6.44 -58.84 -2.67
CA ALA C 609 6.43 -57.71 -1.73
C ALA C 609 7.66 -56.81 -1.87
N MET C 610 8.73 -57.35 -2.45
CA MET C 610 9.95 -56.58 -2.69
C MET C 610 10.10 -56.27 -4.18
N SER C 611 10.01 -54.99 -4.50
CA SER C 611 10.16 -54.52 -5.88
C SER C 611 10.76 -53.12 -5.90
N PRO C 612 11.60 -52.80 -6.91
CA PRO C 612 12.10 -51.43 -7.05
C PRO C 612 11.02 -50.39 -7.40
N LEU C 613 9.86 -50.86 -7.84
CA LEU C 613 8.75 -49.98 -8.23
C LEU C 613 8.01 -49.34 -7.05
N PHE C 614 8.21 -49.85 -5.84
CA PHE C 614 7.61 -49.25 -4.64
C PHE C 614 8.42 -49.55 -3.38
N PRO C 615 8.30 -48.69 -2.34
CA PRO C 615 9.02 -48.91 -1.08
C PRO C 615 8.67 -50.23 -0.40
N ALA C 616 9.64 -50.78 0.33
CA ALA C 616 9.52 -52.11 0.93
C ALA C 616 8.30 -52.22 1.85
N GLY C 617 7.47 -53.23 1.58
CA GLY C 617 6.29 -53.51 2.40
C GLY C 617 5.18 -52.49 2.26
N ARG C 618 5.03 -51.91 1.08
CA ARG C 618 4.02 -50.87 0.83
C ARG C 618 2.59 -51.45 0.79
N PRO C 619 2.35 -52.51 -0.01
CA PRO C 619 1.00 -53.08 -0.06
C PRO C 619 0.43 -53.49 1.29
N SER C 620 1.25 -54.13 2.11
CA SER C 620 0.85 -54.56 3.45
C SER C 620 0.63 -53.38 4.41
N GLN C 621 1.43 -52.33 4.25
CA GLN C 621 1.32 -51.13 5.08
C GLN C 621 0.00 -50.39 4.84
N ILE C 622 -0.42 -50.33 3.58
CA ILE C 622 -1.69 -49.72 3.19
C ILE C 622 -2.89 -50.45 3.82
N LEU C 623 -2.87 -51.77 3.78
CA LEU C 623 -3.92 -52.60 4.36
C LEU C 623 -3.89 -52.52 5.89
N THR C 624 -2.69 -52.51 6.45
CA THR C 624 -2.50 -52.38 7.91
C THR C 624 -3.06 -51.03 8.40
N ASP C 625 -2.64 -49.96 7.75
CA ASP C 625 -3.09 -48.60 8.09
C ASP C 625 -4.62 -48.47 8.03
N GLY C 626 -5.21 -48.98 6.96
CA GLY C 626 -6.66 -48.96 6.77
C GLY C 626 -7.40 -49.64 7.91
N TYR C 627 -6.93 -50.82 8.29
CA TYR C 627 -7.49 -51.58 9.42
C TYR C 627 -7.21 -50.89 10.75
N ARG C 628 -6.00 -50.35 10.89
CA ARG C 628 -5.59 -49.72 12.15
C ARG C 628 -6.36 -48.43 12.43
N TRP C 629 -6.69 -47.70 11.36
CA TRP C 629 -7.46 -46.45 11.46
C TRP C 629 -8.98 -46.66 11.45
N GLY C 630 -9.41 -47.91 11.33
CA GLY C 630 -10.83 -48.28 11.49
C GLY C 630 -11.67 -48.27 10.24
N LYS C 631 -11.04 -48.45 9.08
CA LYS C 631 -11.75 -48.44 7.80
C LYS C 631 -12.33 -49.81 7.47
N PRO C 632 -13.40 -49.86 6.66
CA PRO C 632 -13.85 -51.15 6.14
C PRO C 632 -12.78 -51.80 5.26
N VAL C 633 -12.27 -52.94 5.69
CA VAL C 633 -11.26 -53.70 4.95
C VAL C 633 -11.88 -54.97 4.36
N ALA C 634 -11.31 -55.46 3.27
CA ALA C 634 -11.84 -56.64 2.60
C ALA C 634 -10.79 -57.39 1.75
N ALA C 635 -11.18 -58.58 1.32
CA ALA C 635 -10.31 -59.43 0.48
C ALA C 635 -11.15 -60.45 -0.29
N VAL C 636 -11.00 -60.47 -1.61
CA VAL C 636 -11.82 -61.31 -2.48
C VAL C 636 -11.14 -62.66 -2.78
N GLY C 637 -11.81 -63.74 -2.41
CA GLY C 637 -11.37 -65.10 -2.73
C GLY C 637 -10.08 -65.51 -2.06
N SER C 638 -9.07 -65.83 -2.87
CA SER C 638 -7.77 -66.29 -2.36
C SER C 638 -6.93 -65.16 -1.74
N ALA C 639 -7.39 -63.92 -1.91
CA ALA C 639 -6.73 -62.75 -1.32
C ALA C 639 -6.91 -62.63 0.20
N LYS C 640 -7.64 -63.59 0.80
CA LYS C 640 -7.82 -63.64 2.26
C LYS C 640 -6.52 -63.85 3.03
N LYS C 641 -5.52 -64.43 2.38
CA LYS C 641 -4.19 -64.60 2.98
C LYS C 641 -3.50 -63.28 3.31
N ALA C 642 -3.86 -62.23 2.58
CA ALA C 642 -3.35 -60.87 2.84
C ALA C 642 -3.78 -60.36 4.22
N LEU C 643 -5.01 -60.67 4.60
CA LEU C 643 -5.54 -60.31 5.92
C LEU C 643 -4.85 -61.10 7.03
N GLN C 644 -4.48 -62.35 6.73
CA GLN C 644 -3.80 -63.22 7.68
C GLN C 644 -2.36 -62.80 7.95
N SER C 645 -1.71 -62.19 6.96
CA SER C 645 -0.32 -61.73 7.08
C SER C 645 -0.19 -60.57 8.06
N ILE C 646 -1.19 -59.68 8.07
CA ILE C 646 -1.22 -58.55 9.02
C ILE C 646 -1.80 -58.93 10.39
N GLY C 647 -2.31 -60.15 10.52
CA GLY C 647 -2.84 -60.65 11.79
C GLY C 647 -4.24 -60.15 12.08
N VAL C 648 -5.10 -60.23 11.07
CA VAL C 648 -6.51 -59.85 11.20
C VAL C 648 -7.41 -61.06 10.93
N GLU C 649 -8.24 -61.39 11.91
CA GLU C 649 -9.20 -62.48 11.76
C GLU C 649 -10.32 -62.10 10.81
N GLU C 650 -10.70 -63.05 9.95
CA GLU C 650 -11.62 -62.76 8.86
C GLU C 650 -13.07 -62.56 9.33
N LYS C 651 -13.31 -62.86 10.60
CA LYS C 651 -14.61 -62.62 11.23
C LYS C 651 -14.53 -61.53 12.30
N GLU C 652 -14.00 -60.37 11.93
CA GLU C 652 -14.08 -59.16 12.76
C GLU C 652 -15.13 -58.22 12.17
N ALA C 653 -15.67 -57.35 13.03
CA ALA C 653 -16.60 -56.30 12.59
C ALA C 653 -15.88 -55.31 11.68
N GLY C 654 -16.34 -55.21 10.44
CA GLY C 654 -15.73 -54.32 9.44
C GLY C 654 -14.73 -55.00 8.52
N VAL C 655 -14.53 -56.31 8.72
CA VAL C 655 -13.65 -57.10 7.86
C VAL C 655 -14.51 -58.09 7.06
N TYR C 656 -14.33 -58.08 5.74
CA TYR C 656 -15.19 -58.85 4.83
C TYR C 656 -14.39 -59.72 3.87
N ALA C 657 -14.57 -61.03 3.99
CA ALA C 657 -13.86 -62.00 3.16
C ALA C 657 -14.84 -62.98 2.52
N GLY C 658 -14.58 -63.36 1.27
CA GLY C 658 -15.41 -64.30 0.54
C GLY C 658 -15.42 -64.04 -0.96
N ALA C 659 -16.59 -64.21 -1.57
CA ALA C 659 -16.77 -63.99 -3.01
C ALA C 659 -16.79 -62.50 -3.34
N GLN C 660 -16.74 -62.19 -4.64
CA GLN C 660 -16.68 -60.80 -5.11
C GLN C 660 -17.95 -60.02 -4.77
N ASP C 661 -19.10 -60.58 -5.15
CA ASP C 661 -20.41 -59.98 -4.83
C ASP C 661 -20.67 -59.96 -3.32
N GLU C 662 -20.10 -60.93 -2.61
CA GLU C 662 -20.17 -60.98 -1.15
C GLU C 662 -19.26 -59.93 -0.48
N VAL C 663 -18.26 -59.45 -1.22
CA VAL C 663 -17.37 -58.39 -0.74
C VAL C 663 -17.95 -57.00 -1.06
N ILE C 664 -18.49 -56.84 -2.27
CA ILE C 664 -19.11 -55.58 -2.69
C ILE C 664 -20.15 -55.14 -1.66
N LYS C 665 -21.13 -56.01 -1.42
CA LYS C 665 -22.07 -55.82 -0.30
C LYS C 665 -21.32 -56.09 1.00
N GLY C 666 -21.60 -55.28 2.01
CA GLY C 666 -20.88 -55.35 3.29
C GLY C 666 -19.85 -54.24 3.38
N VAL C 667 -19.03 -54.11 2.36
CA VAL C 667 -18.12 -52.96 2.21
C VAL C 667 -18.93 -51.68 2.00
N GLU C 668 -19.97 -51.77 1.18
CA GLU C 668 -20.92 -50.68 0.99
C GLU C 668 -21.70 -50.42 2.28
N GLU C 669 -22.07 -51.50 2.98
CA GLU C 669 -22.70 -51.41 4.29
C GLU C 669 -21.75 -50.87 5.36
N GLY C 670 -20.46 -51.22 5.24
CA GLY C 670 -19.44 -50.77 6.17
C GLY C 670 -19.06 -49.31 6.04
N LEU C 671 -19.14 -48.79 4.81
CA LEU C 671 -18.85 -47.37 4.54
C LEU C 671 -19.87 -46.43 5.20
N LYS C 672 -21.11 -46.91 5.35
CA LYS C 672 -22.14 -46.14 6.06
C LYS C 672 -21.84 -46.03 7.54
N VAL C 673 -21.30 -47.10 8.13
CA VAL C 673 -20.78 -47.06 9.49
C VAL C 673 -19.51 -46.21 9.54
N PHE C 674 -18.72 -46.32 8.46
CA PHE C 674 -17.56 -45.46 8.20
C PHE C 674 -16.35 -45.79 9.07
N LYS C 675 -16.46 -45.57 10.39
CA LYS C 675 -15.41 -45.92 11.34
C LYS C 675 -15.90 -46.99 12.31
N PHE C 676 -15.10 -48.03 12.48
CA PHE C 676 -15.39 -49.12 13.41
C PHE C 676 -14.64 -48.89 14.73
N LEU C 677 -15.39 -48.44 15.74
CA LEU C 677 -14.81 -47.97 17.01
C LEU C 677 -14.31 -49.08 17.94
N GLU C 678 -14.71 -50.33 17.67
CA GLU C 678 -14.27 -51.47 18.50
C GLU C 678 -12.77 -51.78 18.40
N ARG C 679 -12.12 -51.27 17.35
CA ARG C 679 -10.68 -51.49 17.14
C ARG C 679 -9.79 -50.54 17.96
N PHE C 680 -10.40 -49.63 18.72
CA PHE C 680 -9.66 -48.66 19.53
C PHE C 680 -9.79 -48.97 21.01
N ALA C 681 -8.66 -48.99 21.72
CA ALA C 681 -8.60 -49.39 23.12
C ALA C 681 -9.10 -48.29 24.04
N VAL C 682 -10.05 -48.64 24.91
CA VAL C 682 -10.54 -47.74 25.94
C VAL C 682 -9.71 -47.87 27.21
N ASP C 683 -9.71 -46.83 28.05
CA ASP C 683 -8.92 -46.83 29.28
C ASP C 683 -9.37 -47.92 30.24
N GLY C 684 -8.39 -48.52 30.91
CA GLY C 684 -8.61 -49.74 31.69
C GLY C 684 -8.41 -50.97 30.81
N ASP C 685 -9.18 -52.02 31.10
CA ASP C 685 -9.16 -53.25 30.30
C ASP C 685 -7.76 -53.84 30.17
N GLU D 5 16.08 26.49 28.33
CA GLU D 5 17.37 26.34 27.58
C GLU D 5 17.52 24.95 26.93
N VAL D 6 16.71 23.99 27.36
CA VAL D 6 16.71 22.65 26.77
C VAL D 6 16.08 22.68 25.38
N ASP D 7 16.69 21.97 24.44
CA ASP D 7 16.20 21.92 23.05
C ASP D 7 14.89 21.14 22.98
N ALA D 8 13.93 21.68 22.22
CA ALA D 8 12.62 21.07 22.08
C ALA D 8 12.66 19.78 21.25
N ARG D 9 13.64 19.69 20.36
CA ARG D 9 13.78 18.53 19.47
C ARG D 9 14.94 17.60 19.89
N GLN D 10 15.25 17.60 21.18
CA GLN D 10 16.41 16.87 21.70
C GLN D 10 16.31 15.36 21.45
N ARG D 11 15.11 14.82 21.60
CA ARG D 11 14.84 13.39 21.39
C ARG D 11 15.04 12.95 19.93
N LEU D 12 14.85 13.88 19.00
CA LEU D 12 14.96 13.60 17.57
C LEU D 12 16.40 13.63 17.03
N LYS D 13 17.35 14.05 17.87
CA LYS D 13 18.75 14.17 17.45
C LYS D 13 19.40 12.83 17.07
N GLU D 14 18.97 11.75 17.72
CA GLU D 14 19.52 10.42 17.46
C GLU D 14 19.25 9.90 16.04
N VAL D 15 18.14 10.35 15.44
CA VAL D 15 17.75 9.94 14.10
C VAL D 15 18.23 10.92 13.00
N GLU D 16 18.93 11.98 13.39
CA GLU D 16 19.44 12.96 12.44
C GLU D 16 20.68 12.45 11.70
N VAL D 17 20.79 12.79 10.42
CA VAL D 17 21.88 12.32 9.56
C VAL D 17 22.66 13.50 8.95
N ASP D 18 23.95 13.53 9.21
CA ASP D 18 24.85 14.56 8.68
C ASP D 18 25.64 14.00 7.50
N ASP D 19 25.45 14.60 6.32
CA ASP D 19 26.09 14.15 5.09
C ASP D 19 27.32 14.98 4.70
N ASN D 20 27.69 15.93 5.55
CA ASN D 20 28.86 16.78 5.31
C ASN D 20 30.17 16.01 5.46
N GLY D 21 31.07 16.20 4.51
CA GLY D 21 32.39 15.54 4.53
C GLY D 21 32.32 14.04 4.28
N GLN D 22 31.38 13.63 3.44
CA GLN D 22 31.14 12.21 3.16
C GLN D 22 31.11 11.95 1.66
N PHE D 23 31.36 10.70 1.28
CA PHE D 23 31.20 10.26 -0.10
C PHE D 23 29.78 9.77 -0.33
N MET D 24 29.34 9.82 -1.59
CA MET D 24 28.00 9.37 -1.96
C MET D 24 27.92 7.85 -1.85
N THR D 25 26.80 7.36 -1.32
CA THR D 25 26.59 5.92 -1.14
C THR D 25 25.19 5.49 -1.57
N THR D 26 24.96 4.18 -1.61
CA THR D 26 23.63 3.62 -1.81
C THR D 26 22.91 3.51 -0.47
N ASP D 27 21.66 3.08 -0.50
CA ASP D 27 20.87 2.89 0.72
C ASP D 27 21.27 1.61 1.48
N PHE D 28 22.03 0.74 0.82
CA PHE D 28 22.56 -0.48 1.45
C PHE D 28 24.08 -0.39 1.66
N GLY D 29 24.61 0.83 1.67
CA GLY D 29 26.03 1.08 1.90
C GLY D 29 26.89 0.89 0.66
N GLY D 30 28.17 1.25 0.81
CA GLY D 30 29.13 1.16 -0.29
C GLY D 30 29.17 2.47 -1.07
N ASN D 31 30.37 3.04 -1.21
CA ASN D 31 30.54 4.32 -1.91
C ASN D 31 30.29 4.18 -3.40
N ILE D 32 29.71 5.22 -4.00
CA ILE D 32 29.32 5.21 -5.41
C ILE D 32 29.40 6.58 -6.07
N GLU D 33 29.12 6.61 -7.37
CA GLU D 33 28.76 7.84 -8.07
C GLU D 33 27.40 7.64 -8.73
N GLU D 34 26.72 8.75 -9.01
CA GLU D 34 25.35 8.73 -9.54
C GLU D 34 25.07 9.92 -10.46
N GLN D 35 26.05 10.24 -11.30
CA GLN D 35 25.93 11.32 -12.27
C GLN D 35 25.99 10.84 -13.72
N PHE D 36 26.20 9.53 -13.91
CA PHE D 36 26.25 8.94 -15.24
C PHE D 36 25.61 7.56 -15.24
N SER D 37 24.74 7.31 -16.21
CA SER D 37 24.17 5.98 -16.41
C SER D 37 25.20 5.08 -17.08
N LEU D 38 25.13 3.79 -16.79
CA LEU D 38 26.02 2.81 -17.41
C LEU D 38 25.52 2.48 -18.81
N LYS D 39 26.34 2.74 -19.82
CA LYS D 39 25.96 2.60 -21.22
C LYS D 39 26.81 1.57 -21.96
N ALA D 40 26.22 0.94 -22.97
CA ALA D 40 26.91 -0.03 -23.81
C ALA D 40 27.54 0.66 -25.02
N GLY D 41 28.67 1.33 -24.78
CA GLY D 41 29.32 2.14 -25.81
C GLY D 41 29.23 3.63 -25.50
N GLY D 42 29.95 4.42 -26.29
CA GLY D 42 30.01 5.87 -26.09
C GLY D 42 28.67 6.56 -26.25
N ARG D 43 27.93 6.17 -27.28
CA ARG D 43 26.56 6.62 -27.51
C ARG D 43 25.61 5.43 -27.45
N GLY D 44 25.65 4.72 -26.33
CA GLY D 44 24.96 3.44 -26.19
C GLY D 44 23.71 3.51 -25.35
N SER D 45 22.94 2.41 -25.37
CA SER D 45 21.74 2.29 -24.56
C SER D 45 22.09 2.00 -23.10
N THR D 46 21.24 2.44 -22.18
CA THR D 46 21.45 2.24 -20.74
C THR D 46 21.24 0.77 -20.36
N LEU D 47 22.13 0.24 -19.53
CA LEU D 47 22.09 -1.17 -19.13
C LEU D 47 21.14 -1.42 -17.96
N LEU D 48 20.52 -2.60 -17.95
CA LEU D 48 19.62 -3.01 -16.88
C LEU D 48 20.39 -3.38 -15.61
N GLU D 49 21.66 -3.76 -15.77
CA GLU D 49 22.52 -4.12 -14.65
C GLU D 49 23.01 -2.91 -13.85
N ASP D 50 22.62 -1.72 -14.28
CA ASP D 50 22.98 -0.47 -13.61
C ASP D 50 22.17 -0.31 -12.32
N PHE D 51 22.72 -0.86 -11.24
CA PHE D 51 22.04 -0.88 -9.94
C PHE D 51 22.03 0.49 -9.26
N ILE D 52 23.01 1.33 -9.59
CA ILE D 52 23.14 2.67 -8.99
C ILE D 52 22.06 3.62 -9.53
N PHE D 53 21.72 3.49 -10.80
CA PHE D 53 20.67 4.29 -11.42
C PHE D 53 19.29 3.95 -10.83
N ARG D 54 18.98 2.65 -10.78
CA ARG D 54 17.65 2.19 -10.38
C ARG D 54 17.34 2.42 -8.90
N GLN D 55 18.31 2.19 -8.02
CA GLN D 55 18.14 2.43 -6.59
C GLN D 55 17.95 3.93 -6.29
N LYS D 56 18.59 4.78 -7.07
CA LYS D 56 18.43 6.24 -6.95
C LYS D 56 17.06 6.68 -7.45
N LEU D 57 16.68 6.20 -8.65
CA LEU D 57 15.41 6.57 -9.27
C LEU D 57 14.20 5.96 -8.57
N GLN D 58 14.33 4.72 -8.10
CA GLN D 58 13.23 4.07 -7.38
C GLN D 58 12.80 4.88 -6.15
N HIS D 59 13.77 5.40 -5.42
CA HIS D 59 13.47 6.19 -4.23
C HIS D 59 12.79 7.50 -4.60
N PHE D 60 13.27 8.14 -5.68
CA PHE D 60 12.65 9.37 -6.19
C PHE D 60 11.22 9.12 -6.67
N ASP D 61 11.03 8.03 -7.40
CA ASP D 61 9.72 7.67 -7.94
C ASP D 61 8.67 7.40 -6.85
N HIS D 62 9.14 6.97 -5.66
CA HIS D 62 8.25 6.64 -4.55
C HIS D 62 8.32 7.65 -3.40
N GLU D 63 8.66 8.91 -3.71
CA GLU D 63 8.80 9.95 -2.69
C GLU D 63 7.45 10.40 -2.10
N ARG D 64 6.45 10.53 -2.96
CA ARG D 64 5.16 11.09 -2.58
C ARG D 64 4.27 10.11 -1.82
N ILE D 65 3.64 10.61 -0.76
CA ILE D 65 2.61 9.88 -0.03
C ILE D 65 1.29 10.64 -0.19
N PRO D 66 0.15 9.99 0.12
CA PRO D 66 -1.12 10.71 0.00
C PRO D 66 -1.21 11.88 0.99
N GLU D 67 -1.73 13.02 0.51
CA GLU D 67 -1.94 14.18 1.38
C GLU D 67 -3.13 13.90 2.30
N ARG D 68 -3.29 14.77 3.31
CA ARG D 68 -4.39 14.64 4.26
C ARG D 68 -5.72 14.86 3.54
N VAL D 69 -6.71 14.04 3.86
CA VAL D 69 -8.03 14.12 3.22
C VAL D 69 -8.66 15.52 3.42
N VAL D 70 -8.39 16.11 4.58
CA VAL D 70 -8.68 17.52 4.84
C VAL D 70 -7.49 18.12 5.58
N HIS D 71 -7.34 19.45 5.47
CA HIS D 71 -6.18 20.17 6.02
C HIS D 71 -4.86 19.72 5.38
N ALA D 72 -4.87 19.59 4.05
CA ALA D 72 -3.67 19.17 3.30
C ALA D 72 -2.61 20.26 3.29
N ARG D 73 -3.05 21.51 3.19
CA ARG D 73 -2.15 22.67 3.17
C ARG D 73 -1.91 23.18 4.59
N GLY D 74 -0.67 23.08 5.05
CA GLY D 74 -0.32 23.53 6.40
C GLY D 74 1.17 23.57 6.70
N ALA D 75 1.50 24.07 7.89
CA ALA D 75 2.89 24.16 8.35
C ALA D 75 2.94 24.15 9.88
N GLY D 76 4.11 23.82 10.43
CA GLY D 76 4.27 23.70 11.88
C GLY D 76 5.66 23.90 12.43
N ALA D 77 5.80 23.69 13.74
CA ALA D 77 7.08 23.85 14.44
C ALA D 77 7.03 23.23 15.84
N HIS D 78 8.22 23.06 16.43
CA HIS D 78 8.35 22.50 17.77
C HIS D 78 8.32 23.61 18.83
N GLY D 79 8.06 23.24 20.07
CA GLY D 79 7.98 24.20 21.17
C GLY D 79 7.95 23.58 22.55
N ILE D 80 7.68 24.44 23.55
CA ILE D 80 7.62 24.02 24.95
C ILE D 80 6.36 24.59 25.62
N PHE D 81 5.61 23.73 26.30
CA PHE D 81 4.49 24.16 27.14
C PHE D 81 4.92 24.17 28.60
N THR D 82 4.51 25.19 29.33
CA THR D 82 4.82 25.32 30.76
C THR D 82 3.55 25.54 31.56
N SER D 83 3.33 24.69 32.56
CA SER D 83 2.15 24.79 33.43
C SER D 83 2.37 25.84 34.52
N TYR D 84 1.40 26.72 34.68
CA TYR D 84 1.49 27.79 35.69
C TYR D 84 1.26 27.31 37.13
N GLY D 85 0.66 26.14 37.31
CA GLY D 85 0.40 25.63 38.66
C GLY D 85 0.03 24.16 38.73
N ASP D 86 -0.22 23.72 39.96
CA ASP D 86 -0.66 22.35 40.23
C ASP D 86 -2.18 22.29 40.06
N TRP D 87 -2.62 21.64 38.98
CA TRP D 87 -4.05 21.54 38.66
C TRP D 87 -4.62 20.16 38.97
N SER D 88 -4.15 19.57 40.07
CA SER D 88 -4.65 18.28 40.55
C SER D 88 -6.07 18.41 41.12
N ASN D 89 -6.42 19.63 41.54
CA ASN D 89 -7.78 19.92 42.03
C ASN D 89 -8.89 19.78 40.98
N ILE D 90 -8.52 19.91 39.70
CA ILE D 90 -9.51 19.81 38.60
C ILE D 90 -9.26 18.66 37.61
N THR D 91 -8.01 18.19 37.51
CA THR D 91 -7.67 17.12 36.57
C THR D 91 -6.48 16.28 37.03
N ALA D 92 -6.49 15.00 36.63
CA ALA D 92 -5.40 14.07 36.96
C ALA D 92 -4.30 14.02 35.89
N ALA D 93 -4.38 14.93 34.91
CA ALA D 93 -3.39 15.01 33.84
C ALA D 93 -2.01 15.39 34.40
N SER D 94 -1.00 14.58 34.07
CA SER D 94 0.35 14.75 34.62
C SER D 94 1.04 16.02 34.12
N PHE D 95 0.78 16.40 32.88
CA PHE D 95 1.38 17.60 32.28
C PHE D 95 0.83 18.91 32.85
N LEU D 96 -0.24 18.82 33.63
CA LEU D 96 -0.79 19.97 34.36
C LEU D 96 -0.70 19.77 35.87
N GLY D 97 0.10 18.80 36.30
CA GLY D 97 0.13 18.36 37.70
C GLY D 97 1.12 19.07 38.62
N ALA D 98 1.83 20.08 38.11
CA ALA D 98 2.83 20.78 38.92
C ALA D 98 3.17 22.16 38.37
N LYS D 99 3.66 23.03 39.25
CA LYS D 99 4.08 24.38 38.89
C LYS D 99 5.43 24.34 38.16
N ASP D 100 5.52 25.07 37.06
CA ASP D 100 6.74 25.16 36.23
C ASP D 100 7.11 23.85 35.53
N LYS D 101 6.17 22.91 35.42
CA LYS D 101 6.40 21.65 34.74
C LYS D 101 6.36 21.85 33.23
N GLN D 102 7.44 21.49 32.56
CA GLN D 102 7.57 21.72 31.11
C GLN D 102 7.34 20.43 30.32
N THR D 103 6.63 20.57 29.20
CA THR D 103 6.37 19.47 28.28
C THR D 103 6.67 19.92 26.85
N PRO D 104 7.44 19.12 26.10
CA PRO D 104 7.66 19.42 24.68
C PRO D 104 6.36 19.36 23.89
N VAL D 105 6.24 20.21 22.86
CA VAL D 105 5.04 20.25 22.02
C VAL D 105 5.39 20.46 20.55
N PHE D 106 4.49 19.99 19.69
CA PHE D 106 4.55 20.27 18.26
C PHE D 106 3.18 20.76 17.81
N VAL D 107 3.16 21.90 17.12
CA VAL D 107 1.91 22.49 16.63
C VAL D 107 1.93 22.59 15.11
N ARG D 108 0.83 22.21 14.48
CA ARG D 108 0.66 22.33 13.03
C ARG D 108 -0.55 23.19 12.71
N PHE D 109 -0.32 24.28 11.99
CA PHE D 109 -1.40 25.13 11.50
C PHE D 109 -1.72 24.77 10.06
N SER D 110 -2.95 25.04 9.63
CA SER D 110 -3.40 24.64 8.30
C SER D 110 -4.67 25.38 7.88
N THR D 111 -4.99 25.29 6.60
CA THR D 111 -6.34 25.57 6.10
C THR D 111 -7.14 24.27 6.10
N VAL D 112 -8.20 24.18 5.29
CA VAL D 112 -9.11 23.05 5.31
C VAL D 112 -9.31 22.43 3.93
N ALA D 113 -9.90 23.19 3.03
CA ALA D 113 -10.37 22.67 1.74
C ALA D 113 -9.25 22.49 0.72
N GLY D 114 -8.33 23.44 0.68
CA GLY D 114 -7.26 23.46 -0.30
C GLY D 114 -6.34 22.25 -0.26
N SER D 115 -5.90 21.81 -1.44
CA SER D 115 -4.94 20.71 -1.55
C SER D 115 -3.54 21.23 -1.27
N ARG D 116 -2.55 20.33 -1.32
CA ARG D 116 -1.15 20.72 -1.17
C ARG D 116 -0.76 21.62 -2.33
N GLY D 117 -0.15 22.77 -2.00
CA GLY D 117 0.24 23.77 -3.00
C GLY D 117 -0.68 24.97 -3.08
N SER D 118 -1.85 24.88 -2.45
CA SER D 118 -2.81 25.99 -2.44
C SER D 118 -2.31 27.14 -1.57
N ALA D 119 -2.94 28.30 -1.74
CA ALA D 119 -2.50 29.52 -1.07
C ALA D 119 -2.80 29.52 0.43
N ASP D 120 -1.93 30.17 1.19
CA ASP D 120 -2.14 30.36 2.64
C ASP D 120 -3.27 31.35 2.91
N THR D 121 -3.34 32.40 2.10
CA THR D 121 -4.27 33.52 2.32
C THR D 121 -5.63 33.36 1.63
N ALA D 122 -6.04 32.13 1.36
CA ALA D 122 -7.39 31.84 0.88
C ALA D 122 -8.37 31.87 2.06
N ARG D 123 -9.61 32.27 1.79
CA ARG D 123 -10.64 32.32 2.83
C ARG D 123 -11.06 30.91 3.21
N ASP D 124 -10.81 30.54 4.47
CA ASP D 124 -11.13 29.20 4.96
C ASP D 124 -11.08 29.14 6.49
N VAL D 125 -11.69 28.09 7.04
CA VAL D 125 -11.49 27.75 8.45
C VAL D 125 -10.06 27.22 8.59
N HIS D 126 -9.40 27.58 9.67
CA HIS D 126 -8.00 27.21 9.87
C HIS D 126 -7.82 26.18 10.99
N GLY D 127 -6.80 25.34 10.82
CA GLY D 127 -6.48 24.29 11.79
C GLY D 127 -5.53 24.78 12.87
N PHE D 128 -5.70 24.24 14.06
CA PHE D 128 -4.85 24.54 15.21
C PHE D 128 -4.66 23.23 16.00
N ALA D 129 -3.74 22.40 15.53
CA ALA D 129 -3.49 21.08 16.12
C ALA D 129 -2.22 21.12 16.97
N THR D 130 -2.37 20.80 18.26
CA THR D 130 -1.26 20.81 19.20
C THR D 130 -1.10 19.47 19.91
N ARG D 131 0.13 18.96 19.95
CA ARG D 131 0.45 17.72 20.65
C ARG D 131 1.29 18.01 21.88
N PHE D 132 0.95 17.35 22.99
CA PHE D 132 1.74 17.41 24.21
C PHE D 132 2.46 16.08 24.40
N TYR D 133 3.78 16.07 24.23
CA TYR D 133 4.59 14.88 24.47
C TYR D 133 4.80 14.69 25.97
N THR D 134 3.75 14.25 26.65
CA THR D 134 3.73 14.19 28.11
C THR D 134 4.37 12.90 28.61
N ASP D 135 4.63 12.86 29.92
CA ASP D 135 5.24 11.68 30.55
C ASP D 135 4.25 10.53 30.81
N GLU D 136 3.01 10.70 30.37
CA GLU D 136 2.01 9.62 30.40
C GLU D 136 1.31 9.49 29.04
N GLY D 137 2.09 9.53 27.98
CA GLY D 137 1.59 9.37 26.61
C GLY D 137 1.35 10.68 25.89
N ASN D 138 1.14 10.59 24.58
CA ASN D 138 0.86 11.75 23.76
C ASN D 138 -0.59 12.21 23.93
N PHE D 139 -0.76 13.50 24.23
CA PHE D 139 -2.09 14.11 24.33
C PHE D 139 -2.24 15.16 23.23
N ASP D 140 -3.30 15.03 22.44
CA ASP D 140 -3.55 15.95 21.32
C ASP D 140 -4.82 16.76 21.52
N ILE D 141 -4.69 18.08 21.31
CA ILE D 141 -5.84 18.96 21.19
C ILE D 141 -5.94 19.42 19.74
N VAL D 142 -6.66 18.64 18.93
CA VAL D 142 -6.85 18.96 17.52
C VAL D 142 -8.01 19.95 17.39
N GLY D 143 -7.67 21.21 17.10
CA GLY D 143 -8.66 22.29 17.08
C GLY D 143 -8.62 23.16 15.85
N ASN D 144 -9.46 24.19 15.86
CA ASN D 144 -9.50 25.21 14.80
C ASN D 144 -9.43 26.61 15.39
N ASN D 145 -9.32 27.62 14.53
CA ASN D 145 -9.33 29.03 14.96
C ASN D 145 -10.75 29.61 15.09
N ILE D 146 -11.76 28.76 14.91
CA ILE D 146 -13.16 29.14 15.07
C ILE D 146 -13.80 28.19 16.11
N PRO D 147 -14.53 28.74 17.10
CA PRO D 147 -15.03 27.94 18.23
C PRO D 147 -16.21 27.01 17.92
N VAL D 148 -16.76 27.08 16.72
CA VAL D 148 -17.86 26.20 16.31
C VAL D 148 -17.62 25.61 14.92
N PHE D 149 -18.16 24.41 14.70
CA PHE D 149 -18.00 23.71 13.41
C PHE D 149 -19.33 23.64 12.65
N PHE D 150 -19.24 23.35 11.35
CA PHE D 150 -20.39 23.34 10.45
C PHE D 150 -21.50 22.36 10.87
N ILE D 151 -21.12 21.12 11.12
CA ILE D 151 -22.10 20.03 11.29
C ILE D 151 -22.17 19.48 12.72
N GLN D 152 -23.31 18.85 13.01
CA GLN D 152 -23.62 18.36 14.37
C GLN D 152 -23.37 16.85 14.53
N ASP D 153 -23.28 16.13 13.41
CA ASP D 153 -23.01 14.70 13.43
C ASP D 153 -21.83 14.38 12.50
N ALA D 154 -20.94 13.51 12.95
CA ALA D 154 -19.71 13.17 12.20
C ALA D 154 -19.97 12.37 10.93
N ILE D 155 -21.11 11.68 10.87
CA ILE D 155 -21.52 10.94 9.68
C ILE D 155 -21.73 11.85 8.46
N ARG D 156 -22.02 13.13 8.73
CA ARG D 156 -22.25 14.14 7.69
C ARG D 156 -20.97 14.85 7.24
N PHE D 157 -19.81 14.41 7.72
CA PHE D 157 -18.54 15.06 7.39
C PHE D 157 -18.14 14.94 5.90
N PRO D 158 -18.31 13.74 5.31
CA PRO D 158 -18.06 13.61 3.87
C PRO D 158 -18.98 14.48 3.01
N ASP D 159 -20.21 14.67 3.47
CA ASP D 159 -21.18 15.54 2.77
C ASP D 159 -20.75 17.00 2.81
N LEU D 160 -20.24 17.43 3.95
CA LEU D 160 -19.73 18.79 4.13
C LEU D 160 -18.49 19.04 3.27
N ILE D 161 -17.54 18.12 3.34
CA ILE D 161 -16.25 18.26 2.67
C ILE D 161 -16.36 18.11 1.15
N HIS D 162 -17.24 17.22 0.69
CA HIS D 162 -17.50 17.07 -0.76
C HIS D 162 -18.08 18.35 -1.36
N SER D 163 -18.96 19.01 -0.60
CA SER D 163 -19.64 20.21 -1.07
C SER D 163 -18.72 21.43 -1.16
N VAL D 164 -17.83 21.57 -0.19
CA VAL D 164 -16.92 22.72 -0.13
C VAL D 164 -15.70 22.59 -1.04
N LYS D 165 -15.23 21.35 -1.22
CA LYS D 165 -14.09 21.06 -2.10
C LYS D 165 -14.50 21.16 -3.57
N PRO D 166 -13.52 21.19 -4.49
CA PRO D 166 -13.83 21.45 -5.91
C PRO D 166 -14.84 20.48 -6.52
N SER D 167 -15.61 20.96 -7.49
CA SER D 167 -16.61 20.15 -8.17
C SER D 167 -15.94 18.94 -8.84
N PRO D 168 -16.48 17.73 -8.60
CA PRO D 168 -15.79 16.49 -8.97
C PRO D 168 -15.64 16.23 -10.48
N ASP D 169 -16.41 16.94 -11.30
CA ASP D 169 -16.34 16.79 -12.76
C ASP D 169 -15.11 17.48 -13.37
N ASN D 170 -14.80 18.69 -12.90
CA ASN D 170 -13.65 19.46 -13.40
C ASN D 170 -12.60 19.81 -12.35
N GLU D 171 -12.89 19.51 -11.09
CA GLU D 171 -12.04 19.89 -9.95
C GLU D 171 -11.80 21.40 -9.90
N VAL D 172 -12.90 22.16 -9.91
CA VAL D 172 -12.88 23.62 -9.80
C VAL D 172 -14.03 24.05 -8.87
N PRO D 173 -13.82 25.07 -8.01
CA PRO D 173 -12.63 25.89 -7.81
C PRO D 173 -11.69 25.37 -6.73
N GLN D 174 -10.43 25.79 -6.79
CA GLN D 174 -9.39 25.36 -5.85
C GLN D 174 -9.42 26.20 -4.57
N ALA D 175 -9.49 25.52 -3.43
CA ALA D 175 -9.39 26.15 -2.12
C ALA D 175 -10.34 27.34 -1.97
N ALA D 176 -11.62 27.10 -2.25
CA ALA D 176 -12.63 28.15 -2.18
C ALA D 176 -14.03 27.56 -1.97
N THR D 177 -14.83 28.24 -1.16
CA THR D 177 -16.22 27.87 -0.93
C THR D 177 -17.17 28.67 -1.83
N ALA D 178 -16.61 29.53 -2.67
CA ALA D 178 -17.39 30.39 -3.55
C ALA D 178 -17.83 29.65 -4.82
N HIS D 179 -18.76 28.72 -4.66
CA HIS D 179 -19.33 27.97 -5.79
C HIS D 179 -20.65 27.32 -5.40
N ASP D 180 -21.38 26.84 -6.41
CA ASP D 180 -22.76 26.34 -6.24
C ASP D 180 -22.92 25.29 -5.14
N SER D 181 -22.09 24.25 -5.18
CA SER D 181 -22.23 23.11 -4.26
C SER D 181 -22.03 23.46 -2.80
N ALA D 182 -21.10 24.37 -2.52
CA ALA D 182 -20.83 24.81 -1.14
C ALA D 182 -22.03 25.54 -0.54
N TRP D 183 -22.54 26.53 -1.26
CA TRP D 183 -23.69 27.33 -0.81
C TRP D 183 -25.02 26.60 -0.96
N ASP D 184 -25.03 25.50 -1.71
CA ASP D 184 -26.17 24.59 -1.76
C ASP D 184 -26.28 23.86 -0.41
N PHE D 185 -25.13 23.42 0.10
CA PHE D 185 -25.06 22.67 1.36
C PHE D 185 -25.33 23.56 2.58
N PHE D 186 -24.82 24.78 2.57
CA PHE D 186 -25.03 25.72 3.68
C PHE D 186 -26.51 26.06 3.86
N SER D 187 -27.20 26.24 2.73
CA SER D 187 -28.64 26.53 2.74
C SER D 187 -29.48 25.29 3.04
N SER D 188 -29.06 24.13 2.52
CA SER D 188 -29.76 22.86 2.74
C SER D 188 -29.53 22.32 4.15
N GLN D 189 -28.33 22.55 4.68
CA GLN D 189 -27.97 22.16 6.04
C GLN D 189 -27.66 23.42 6.86
N PRO D 190 -28.72 24.08 7.39
CA PRO D 190 -28.58 25.38 8.05
C PRO D 190 -27.80 25.41 9.38
N SER D 191 -27.42 24.25 9.90
CA SER D 191 -26.54 24.19 11.08
C SER D 191 -25.15 24.76 10.77
N ALA D 192 -24.77 24.72 9.50
CA ALA D 192 -23.48 25.22 9.04
C ALA D 192 -23.39 26.75 8.98
N LEU D 193 -24.53 27.44 9.11
CA LEU D 193 -24.60 28.89 9.02
C LEU D 193 -23.69 29.63 10.00
N HIS D 194 -23.55 29.09 11.21
CA HIS D 194 -22.76 29.73 12.27
C HIS D 194 -21.28 29.80 11.90
N THR D 195 -20.70 28.65 11.57
CA THR D 195 -19.30 28.58 11.13
C THR D 195 -19.07 29.36 9.83
N LEU D 196 -20.10 29.43 8.99
CA LEU D 196 -20.07 30.23 7.77
C LEU D 196 -19.77 31.69 8.10
N PHE D 197 -20.52 32.24 9.06
CA PHE D 197 -20.35 33.64 9.48
C PHE D 197 -18.95 33.93 10.04
N TRP D 198 -18.42 33.01 10.85
CA TRP D 198 -17.05 33.10 11.35
C TRP D 198 -16.05 33.06 10.19
N ALA D 199 -16.31 32.17 9.23
CA ALA D 199 -15.44 32.02 8.05
C ALA D 199 -15.50 33.22 7.11
N MET D 200 -16.62 33.96 7.12
CA MET D 200 -16.78 35.16 6.30
C MET D 200 -16.24 36.41 6.98
N SER D 201 -15.95 36.31 8.28
CA SER D 201 -15.36 37.42 9.04
C SER D 201 -13.83 37.37 8.95
N GLY D 202 -13.16 38.10 9.84
CA GLY D 202 -11.69 38.15 9.89
C GLY D 202 -11.00 36.82 10.16
N ASN D 203 -11.70 35.88 10.78
CA ASN D 203 -11.16 34.55 11.05
C ASN D 203 -10.90 33.73 9.80
N GLY D 204 -11.58 34.08 8.70
CA GLY D 204 -11.36 33.43 7.41
C GLY D 204 -10.07 33.84 6.73
N ILE D 205 -9.65 35.08 6.94
CA ILE D 205 -8.41 35.59 6.35
C ILE D 205 -7.53 36.27 7.42
N PRO D 206 -6.93 35.45 8.32
CA PRO D 206 -6.09 36.00 9.37
C PRO D 206 -4.75 36.52 8.85
N ARG D 207 -4.13 37.42 9.60
CA ARG D 207 -2.81 37.96 9.26
C ARG D 207 -1.79 36.84 9.19
N SER D 208 -1.71 36.04 10.25
CA SER D 208 -0.80 34.90 10.31
C SER D 208 -1.29 33.85 11.29
N TYR D 209 -0.55 32.74 11.37
CA TYR D 209 -0.82 31.69 12.38
C TYR D 209 -0.61 32.23 13.79
N ARG D 210 0.35 33.14 13.93
CA ARG D 210 0.69 33.73 15.23
C ARG D 210 -0.43 34.62 15.76
N HIS D 211 -1.22 35.17 14.84
CA HIS D 211 -2.32 36.08 15.20
C HIS D 211 -3.68 35.39 15.16
N MET D 212 -3.72 34.12 15.60
CA MET D 212 -4.97 33.38 15.72
C MET D 212 -5.18 32.92 17.16
N ASP D 213 -6.43 32.91 17.59
CA ASP D 213 -6.83 32.14 18.76
C ASP D 213 -7.13 30.71 18.30
N GLY D 214 -7.14 29.78 19.26
CA GLY D 214 -7.41 28.37 18.97
C GLY D 214 -8.49 27.83 19.87
N PHE D 215 -9.25 26.86 19.36
CA PHE D 215 -10.38 26.28 20.09
C PHE D 215 -10.46 24.77 19.89
N GLY D 216 -10.66 24.04 20.99
CA GLY D 216 -10.95 22.61 20.92
C GLY D 216 -12.36 22.35 20.40
N ILE D 217 -13.21 23.36 20.51
CA ILE D 217 -14.59 23.35 19.98
C ILE D 217 -15.54 22.47 20.79
N HIS D 218 -15.23 21.18 20.87
CA HIS D 218 -16.08 20.23 21.61
C HIS D 218 -15.97 20.43 23.13
N THR D 219 -17.05 20.07 23.82
CA THR D 219 -17.03 19.97 25.27
C THR D 219 -16.34 18.67 25.63
N PHE D 220 -15.25 18.75 26.40
CA PHE D 220 -14.55 17.57 26.91
C PHE D 220 -14.79 17.44 28.41
N ARG D 221 -14.27 16.35 28.98
CA ARG D 221 -14.33 16.13 30.43
C ARG D 221 -12.93 16.12 31.03
N LEU D 222 -12.79 16.75 32.20
CA LEU D 222 -11.57 16.68 33.00
C LEU D 222 -11.85 15.92 34.29
N VAL D 223 -11.14 14.82 34.49
CA VAL D 223 -11.40 13.91 35.60
C VAL D 223 -10.29 13.95 36.64
N THR D 224 -10.67 13.96 37.92
CA THR D 224 -9.72 13.95 39.03
C THR D 224 -9.37 12.50 39.42
N GLU D 225 -8.55 12.34 40.45
CA GLU D 225 -8.09 11.01 40.88
C GLU D 225 -9.24 10.14 41.44
N ASP D 226 -10.24 10.79 42.04
CA ASP D 226 -11.36 10.09 42.68
C ASP D 226 -12.54 9.80 41.74
N GLY D 227 -12.44 10.24 40.49
CA GLY D 227 -13.47 9.96 39.48
C GLY D 227 -14.42 11.12 39.19
N LYS D 228 -14.39 12.15 40.02
CA LYS D 228 -15.24 13.33 39.83
C LYS D 228 -14.80 14.10 38.58
N SER D 229 -15.76 14.65 37.84
CA SER D 229 -15.50 15.29 36.56
C SER D 229 -16.16 16.65 36.42
N LYS D 230 -15.68 17.40 35.41
CA LYS D 230 -16.24 18.70 35.05
C LYS D 230 -16.18 18.88 33.53
N LEU D 231 -17.16 19.57 32.98
CA LEU D 231 -17.22 19.84 31.54
C LEU D 231 -16.26 20.98 31.20
N VAL D 232 -15.51 20.83 30.11
CA VAL D 232 -14.43 21.76 29.77
C VAL D 232 -14.39 22.13 28.28
N LYS D 233 -14.07 23.40 28.02
CA LYS D 233 -13.81 23.91 26.68
C LYS D 233 -12.36 24.39 26.62
N TRP D 234 -11.62 23.97 25.60
CA TRP D 234 -10.22 24.36 25.43
C TRP D 234 -10.10 25.67 24.64
N HIS D 235 -9.22 26.55 25.11
CA HIS D 235 -8.97 27.84 24.45
C HIS D 235 -7.47 28.14 24.38
N TRP D 236 -7.02 28.54 23.20
CA TRP D 236 -5.66 29.07 23.01
C TRP D 236 -5.75 30.58 22.81
N LYS D 237 -5.15 31.33 23.72
CA LYS D 237 -5.17 32.78 23.66
C LYS D 237 -3.84 33.33 23.15
N THR D 238 -3.88 33.96 21.98
CA THR D 238 -2.67 34.49 21.35
C THR D 238 -2.11 35.71 22.09
N LYS D 239 -0.82 35.68 22.37
CA LYS D 239 -0.12 36.78 23.03
C LYS D 239 0.34 37.84 22.02
N GLN D 240 0.30 37.50 20.74
CA GLN D 240 0.63 38.42 19.66
C GLN D 240 -0.57 39.29 19.26
N GLY D 241 -1.75 38.93 19.75
CA GLY D 241 -2.98 39.67 19.44
C GLY D 241 -3.60 39.21 18.14
N LYS D 242 -4.93 39.32 18.04
CA LYS D 242 -5.65 38.93 16.84
C LYS D 242 -5.51 39.98 15.75
N ALA D 243 -5.32 39.52 14.52
CA ALA D 243 -5.17 40.40 13.36
C ALA D 243 -5.66 39.70 12.09
N ALA D 244 -6.32 40.46 11.21
CA ALA D 244 -6.88 39.91 9.97
C ALA D 244 -6.68 40.86 8.79
N LEU D 245 -6.60 40.26 7.60
CA LEU D 245 -6.44 41.01 6.34
C LEU D 245 -7.79 41.40 5.77
N VAL D 246 -7.77 42.15 4.68
CA VAL D 246 -8.96 42.41 3.87
C VAL D 246 -8.95 41.43 2.68
N TRP D 247 -10.12 41.16 2.13
CA TRP D 247 -10.26 40.13 1.10
C TRP D 247 -9.54 40.49 -0.21
N GLU D 248 -9.73 41.71 -0.68
CA GLU D 248 -9.06 42.19 -1.89
C GLU D 248 -7.53 42.12 -1.79
N GLU D 249 -7.03 42.28 -0.56
CA GLU D 249 -5.60 42.11 -0.27
C GLU D 249 -5.23 40.63 -0.28
N ALA D 250 -6.06 39.81 0.34
CA ALA D 250 -5.83 38.36 0.45
C ALA D 250 -5.74 37.66 -0.90
N GLN D 251 -6.58 38.09 -1.84
CA GLN D 251 -6.58 37.54 -3.20
C GLN D 251 -5.25 37.76 -3.91
N VAL D 252 -4.77 39.00 -3.86
CA VAL D 252 -3.50 39.38 -4.49
C VAL D 252 -2.32 38.67 -3.82
N LEU D 253 -2.37 38.57 -2.50
CA LEU D 253 -1.31 37.91 -1.73
C LEU D 253 -1.22 36.41 -2.03
N ALA D 254 -2.35 35.81 -2.39
CA ALA D 254 -2.41 34.39 -2.73
C ALA D 254 -1.53 34.07 -3.94
N GLY D 255 -1.48 34.99 -4.90
CA GLY D 255 -0.67 34.83 -6.10
C GLY D 255 0.76 35.32 -5.93
N LYS D 256 0.92 36.46 -5.24
CA LYS D 256 2.24 37.05 -5.01
C LYS D 256 3.11 36.20 -4.08
N ASN D 257 2.48 35.61 -3.06
CA ASN D 257 3.18 34.74 -2.12
C ASN D 257 2.22 33.73 -1.47
N ALA D 258 2.15 32.53 -2.03
CA ALA D 258 1.31 31.45 -1.51
C ALA D 258 1.85 30.88 -0.19
N ASP D 259 3.11 31.16 0.10
CA ASP D 259 3.77 30.67 1.32
C ASP D 259 3.83 31.76 2.40
N PHE D 260 2.79 32.59 2.47
CA PHE D 260 2.81 33.78 3.34
C PHE D 260 2.86 33.42 4.83
N HIS D 261 1.96 32.54 5.27
CA HIS D 261 1.83 32.21 6.69
C HIS D 261 2.96 31.32 7.22
N ARG D 262 3.38 30.34 6.42
CA ARG D 262 4.44 29.41 6.85
C ARG D 262 5.81 30.08 6.89
N GLN D 263 6.06 30.99 5.94
CA GLN D 263 7.30 31.76 5.94
C GLN D 263 7.30 32.79 7.06
N ASP D 264 6.13 33.34 7.38
CA ASP D 264 5.97 34.25 8.51
C ASP D 264 6.29 33.57 9.84
N LEU D 265 5.78 32.35 10.02
CA LEU D 265 6.05 31.56 11.22
C LEU D 265 7.52 31.15 11.30
N TRP D 266 8.10 30.83 10.15
CA TRP D 266 9.51 30.43 10.06
C TRP D 266 10.45 31.59 10.38
N ASP D 267 10.17 32.75 9.79
CA ASP D 267 11.01 33.94 10.01
C ASP D 267 10.92 34.48 11.44
N ALA D 268 9.76 34.28 12.07
CA ALA D 268 9.54 34.71 13.46
C ALA D 268 10.41 33.92 14.44
N ILE D 269 10.44 32.60 14.25
CA ILE D 269 11.22 31.71 15.11
C ILE D 269 12.73 31.86 14.89
N GLU D 270 13.14 32.06 13.64
CA GLU D 270 14.56 32.22 13.29
C GLU D 270 15.12 33.55 13.80
N SER D 271 14.29 34.60 13.78
CA SER D 271 14.71 35.94 14.20
C SER D 271 14.74 36.12 15.73
N GLY D 272 14.33 35.08 16.47
CA GLY D 272 14.31 35.12 17.93
C GLY D 272 13.06 35.77 18.48
N ASN D 273 11.95 35.62 17.74
CA ASN D 273 10.66 36.15 18.14
C ASN D 273 9.63 35.04 18.17
N ALA D 274 9.85 34.07 19.05
CA ALA D 274 9.00 32.89 19.15
C ALA D 274 7.58 33.27 19.61
N PRO D 275 6.55 32.87 18.84
CA PRO D 275 5.18 33.17 19.24
C PRO D 275 4.72 32.30 20.41
N SER D 276 3.82 32.84 21.21
CA SER D 276 3.32 32.12 22.38
C SER D 276 1.81 32.25 22.54
N TRP D 277 1.20 31.21 23.10
CA TRP D 277 -0.22 31.18 23.42
C TRP D 277 -0.41 30.77 24.88
N GLU D 278 -1.49 31.25 25.49
CA GLU D 278 -1.87 30.82 26.84
C GLU D 278 -3.02 29.81 26.77
N LEU D 279 -2.84 28.67 27.43
CA LEU D 279 -3.88 27.65 27.49
C LEU D 279 -4.90 28.02 28.56
N ALA D 280 -6.14 28.24 28.12
CA ALA D 280 -7.24 28.61 29.02
C ALA D 280 -8.41 27.63 28.89
N VAL D 281 -9.22 27.54 29.94
CA VAL D 281 -10.34 26.61 29.96
C VAL D 281 -11.59 27.21 30.62
N GLN D 282 -12.76 26.89 30.06
CA GLN D 282 -14.05 27.23 30.65
C GLN D 282 -14.60 26.01 31.39
N LEU D 283 -14.61 26.09 32.72
CA LEU D 283 -15.03 24.97 33.57
C LEU D 283 -16.46 25.15 34.10
N ILE D 284 -17.31 24.15 33.86
CA ILE D 284 -18.68 24.14 34.37
C ILE D 284 -19.07 22.73 34.83
N ASP D 285 -20.07 22.66 35.71
CA ASP D 285 -20.53 21.39 36.28
C ASP D 285 -21.26 20.53 35.25
N GLU D 286 -21.47 19.26 35.62
CA GLU D 286 -22.19 18.30 34.79
C GLU D 286 -23.65 18.70 34.58
N ASP D 287 -24.24 19.32 35.61
CA ASP D 287 -25.66 19.72 35.59
C ASP D 287 -25.93 21.00 34.79
N LYS D 288 -24.91 21.56 34.15
CA LYS D 288 -25.04 22.75 33.30
C LYS D 288 -25.06 22.40 31.81
N ALA D 289 -25.33 21.14 31.49
CA ALA D 289 -25.28 20.64 30.11
C ALA D 289 -26.29 21.35 29.21
N GLN D 290 -27.50 21.59 29.73
CA GLN D 290 -28.58 22.21 28.99
C GLN D 290 -29.14 23.42 29.76
N ALA D 291 -28.23 24.20 30.34
CA ALA D 291 -28.60 25.29 31.26
C ALA D 291 -28.59 26.68 30.63
N TYR D 292 -27.74 26.89 29.63
CA TYR D 292 -27.48 28.24 29.09
C TYR D 292 -28.12 28.50 27.73
N GLY D 293 -29.32 27.95 27.51
CA GLY D 293 -30.08 28.18 26.27
C GLY D 293 -29.67 27.31 25.09
N PHE D 294 -28.71 26.42 25.30
CA PHE D 294 -28.27 25.47 24.27
C PHE D 294 -27.65 24.24 24.90
N ASP D 295 -27.37 23.24 24.08
CA ASP D 295 -26.79 21.97 24.53
C ASP D 295 -25.27 22.01 24.40
N LEU D 296 -24.57 21.69 25.48
CA LEU D 296 -23.10 21.68 25.48
C LEU D 296 -22.50 20.58 24.61
N LEU D 297 -23.28 19.54 24.31
CA LEU D 297 -22.88 18.48 23.40
C LEU D 297 -22.94 18.90 21.93
N ASP D 298 -23.55 20.05 21.66
CA ASP D 298 -23.69 20.58 20.29
C ASP D 298 -22.42 21.34 19.88
N PRO D 299 -21.70 20.86 18.85
CA PRO D 299 -20.47 21.54 18.41
C PRO D 299 -20.70 22.81 17.59
N THR D 300 -21.94 23.07 17.18
CA THR D 300 -22.28 24.30 16.46
C THR D 300 -22.54 25.50 17.39
N LYS D 301 -22.37 25.29 18.69
CA LYS D 301 -22.57 26.33 19.70
C LYS D 301 -21.30 26.55 20.52
N PHE D 302 -21.05 27.81 20.89
CA PHE D 302 -20.00 28.14 21.86
C PHE D 302 -20.64 28.68 23.14
N LEU D 303 -19.91 28.58 24.24
CA LEU D 303 -20.37 29.06 25.54
C LEU D 303 -19.84 30.48 25.79
N PRO D 304 -20.75 31.49 25.82
CA PRO D 304 -20.32 32.87 26.11
C PRO D 304 -19.55 32.99 27.42
N GLU D 305 -18.52 33.84 27.41
CA GLU D 305 -17.66 34.03 28.59
C GLU D 305 -18.37 34.68 29.78
N GLU D 306 -19.55 35.25 29.54
CA GLU D 306 -20.38 35.84 30.59
C GLU D 306 -20.94 34.78 31.54
N PHE D 307 -21.13 33.56 31.04
CA PHE D 307 -21.63 32.43 31.84
C PHE D 307 -20.50 31.62 32.47
N ALA D 308 -19.33 31.61 31.81
CA ALA D 308 -18.17 30.87 32.31
C ALA D 308 -16.87 31.53 31.85
N PRO D 309 -16.13 32.17 32.79
CA PRO D 309 -14.92 32.90 32.42
C PRO D 309 -13.73 31.99 32.13
N LEU D 310 -12.74 32.52 31.39
CA LEU D 310 -11.54 31.78 31.04
C LEU D 310 -10.61 31.63 32.25
N GLN D 311 -10.09 30.42 32.43
CA GLN D 311 -9.19 30.11 33.54
C GLN D 311 -7.85 29.63 32.98
N VAL D 312 -6.84 30.48 33.08
CA VAL D 312 -5.54 30.23 32.46
C VAL D 312 -4.75 29.16 33.22
N LEU D 313 -4.36 28.11 32.50
CA LEU D 313 -3.64 26.96 33.09
C LEU D 313 -2.13 27.02 32.84
N GLY D 314 -1.73 27.50 31.66
CA GLY D 314 -0.32 27.59 31.32
C GLY D 314 -0.04 28.41 30.08
N GLU D 315 1.16 28.22 29.53
CA GLU D 315 1.59 28.93 28.32
C GLU D 315 2.45 28.05 27.44
N MET D 316 2.20 28.10 26.13
CA MET D 316 2.97 27.38 25.13
C MET D 316 3.77 28.37 24.30
N THR D 317 5.01 28.00 23.96
CA THR D 317 5.88 28.83 23.13
C THR D 317 6.58 27.98 22.07
N LEU D 318 6.41 28.37 20.81
CA LEU D 318 7.01 27.65 19.68
C LEU D 318 8.34 28.29 19.29
N ASN D 319 9.44 27.58 19.57
CA ASN D 319 10.79 28.15 19.44
C ASN D 319 11.79 27.36 18.58
N ARG D 320 11.37 26.26 17.98
CA ARG D 320 12.24 25.44 17.13
C ARG D 320 11.55 25.03 15.84
N ASN D 321 12.11 25.46 14.71
CA ASN D 321 11.63 25.02 13.39
C ASN D 321 12.08 23.59 13.11
N PRO D 322 11.37 22.89 12.20
CA PRO D 322 11.82 21.56 11.79
C PRO D 322 13.03 21.64 10.86
N MET D 323 13.83 20.58 10.82
CA MET D 323 15.00 20.52 9.94
C MET D 323 14.66 19.85 8.60
N ASN D 324 13.74 18.89 8.65
CA ASN D 324 13.15 18.32 7.44
C ASN D 324 11.64 18.41 7.54
N TYR D 325 11.03 19.13 6.59
CA TYR D 325 9.59 19.39 6.59
C TYR D 325 8.79 18.09 6.48
N PHE D 326 9.14 17.26 5.50
CA PHE D 326 8.41 16.01 5.24
C PHE D 326 8.46 15.06 6.44
N ALA D 327 9.68 14.79 6.92
CA ALA D 327 9.90 13.81 7.98
C ALA D 327 9.15 14.17 9.26
N GLU D 328 9.11 15.46 9.58
CA GLU D 328 8.48 15.95 10.80
C GLU D 328 7.06 16.43 10.55
N THR D 329 6.93 17.52 9.79
CA THR D 329 5.66 18.22 9.64
C THR D 329 4.63 17.43 8.84
N GLU D 330 5.03 16.95 7.67
CA GLU D 330 4.13 16.19 6.79
C GLU D 330 3.73 14.85 7.40
N GLN D 331 4.68 14.15 8.01
CA GLN D 331 4.45 12.79 8.52
C GLN D 331 3.70 12.73 9.86
N ILE D 332 3.66 13.83 10.61
CA ILE D 332 3.00 13.83 11.92
C ILE D 332 1.52 13.47 11.79
N SER D 333 1.02 12.69 12.75
CA SER D 333 -0.32 12.10 12.66
C SER D 333 -1.14 12.41 13.91
N PHE D 334 -1.80 13.57 13.91
CA PHE D 334 -2.64 13.99 15.02
C PHE D 334 -3.90 13.14 15.13
N GLN D 335 -4.37 12.95 16.35
CA GLN D 335 -5.61 12.21 16.63
C GLN D 335 -6.30 12.78 17.86
N PRO D 336 -7.62 13.04 17.78
CA PRO D 336 -8.41 13.40 18.96
C PRO D 336 -8.60 12.21 19.91
N GLY D 337 -8.34 11.01 19.40
CA GLY D 337 -8.34 9.81 20.22
C GLY D 337 -7.11 9.69 21.11
N HIS D 338 -6.09 10.49 20.82
CA HIS D 338 -4.87 10.55 21.64
C HIS D 338 -5.18 11.22 22.98
N ILE D 339 -5.68 10.43 23.92
CA ILE D 339 -6.09 10.94 25.23
C ILE D 339 -5.30 10.27 26.36
N VAL D 340 -5.08 11.03 27.43
CA VAL D 340 -4.32 10.55 28.59
C VAL D 340 -5.19 10.54 29.84
N ARG D 341 -4.67 9.91 30.90
CA ARG D 341 -5.32 9.87 32.20
C ARG D 341 -5.59 11.29 32.69
N GLY D 342 -6.80 11.51 33.21
CA GLY D 342 -7.22 12.84 33.68
C GLY D 342 -8.13 13.57 32.72
N VAL D 343 -8.30 13.04 31.52
CA VAL D 343 -9.19 13.61 30.50
C VAL D 343 -10.16 12.53 30.02
N ASP D 344 -11.29 12.95 29.47
CA ASP D 344 -12.30 12.01 28.96
C ASP D 344 -13.20 12.67 27.91
N PHE D 345 -13.79 11.85 27.04
CA PHE D 345 -14.65 12.35 25.96
C PHE D 345 -16.04 12.68 26.48
N THR D 346 -16.87 13.22 25.60
CA THR D 346 -18.29 13.44 25.86
C THR D 346 -19.13 12.83 24.72
N GLU D 347 -20.45 12.90 24.86
CA GLU D 347 -21.37 12.33 23.87
C GLU D 347 -21.70 13.29 22.71
N ASP D 348 -20.78 14.21 22.43
CA ASP D 348 -20.86 15.06 21.24
C ASP D 348 -20.79 14.17 19.99
N PRO D 349 -21.89 14.09 19.21
CA PRO D 349 -21.92 13.17 18.07
C PRO D 349 -20.83 13.41 17.01
N LEU D 350 -20.40 14.66 16.87
CA LEU D 350 -19.32 15.00 15.94
C LEU D 350 -17.97 14.48 16.45
N LEU D 351 -17.71 14.70 17.73
CA LEU D 351 -16.48 14.20 18.38
C LEU D 351 -16.41 12.68 18.36
N GLN D 352 -17.55 12.04 18.67
CA GLN D 352 -17.66 10.57 18.72
C GLN D 352 -17.14 9.91 17.44
N GLY D 353 -17.49 10.47 16.29
CA GLY D 353 -17.09 9.93 14.99
C GLY D 353 -15.64 10.19 14.62
N ARG D 354 -15.09 11.30 15.12
CA ARG D 354 -13.69 11.66 14.86
C ARG D 354 -12.71 10.63 15.44
N LEU D 355 -13.06 10.05 16.58
CA LEU D 355 -12.20 9.06 17.25
C LEU D 355 -11.89 7.87 16.35
N TYR D 356 -12.88 7.46 15.55
CA TYR D 356 -12.70 6.40 14.56
C TYR D 356 -11.91 6.88 13.34
N SER D 357 -12.31 8.03 12.82
CA SER D 357 -11.84 8.53 11.52
C SER D 357 -10.34 8.80 11.45
N TYR D 358 -9.80 9.42 12.50
CA TYR D 358 -8.39 9.82 12.52
C TYR D 358 -7.44 8.63 12.61
N LEU D 359 -7.83 7.62 13.37
CA LEU D 359 -7.05 6.37 13.47
C LEU D 359 -7.08 5.58 12.16
N ASP D 360 -8.23 5.61 11.49
CA ASP D 360 -8.43 4.90 10.22
C ASP D 360 -7.68 5.58 9.07
N THR D 361 -7.71 6.91 9.04
CA THR D 361 -7.11 7.67 7.94
C THR D 361 -5.58 7.57 7.87
N GLN D 362 -4.94 7.20 8.98
CA GLN D 362 -3.49 6.99 9.02
C GLN D 362 -3.06 5.74 8.25
N LEU D 363 -3.98 4.78 8.12
CA LEU D 363 -3.73 3.58 7.33
C LEU D 363 -3.56 3.92 5.85
N ASN D 364 -4.28 4.93 5.39
CA ASN D 364 -4.17 5.40 4.00
C ASN D 364 -2.89 6.21 3.78
N ARG D 365 -2.62 7.15 4.69
CA ARG D 365 -1.48 8.04 4.54
C ARG D 365 -0.12 7.34 4.71
N HIS D 366 -0.01 6.51 5.74
CA HIS D 366 1.26 5.83 6.05
C HIS D 366 1.35 4.41 5.50
N ARG D 367 0.26 3.93 4.91
CA ARG D 367 0.19 2.61 4.27
C ARG D 367 0.67 1.46 5.18
N GLY D 368 0.29 1.54 6.45
CA GLY D 368 0.61 0.49 7.40
C GLY D 368 0.22 0.85 8.83
N PRO D 369 0.31 -0.12 9.75
CA PRO D 369 -0.11 0.05 11.14
C PRO D 369 0.90 0.75 12.05
N ASN D 370 2.16 0.78 11.63
CA ASN D 370 3.27 1.17 12.51
C ASN D 370 3.69 2.63 12.39
N PHE D 371 2.71 3.51 12.28
CA PHE D 371 2.94 4.93 12.04
C PHE D 371 3.31 5.69 13.32
N GLU D 372 2.99 5.11 14.48
CA GLU D 372 3.33 5.70 15.77
C GLU D 372 4.81 5.53 16.11
N GLN D 373 5.48 4.59 15.44
CA GLN D 373 6.91 4.36 15.62
C GLN D 373 7.79 5.42 14.95
N LEU D 374 7.21 6.22 14.06
CA LEU D 374 7.96 7.31 13.39
C LEU D 374 8.42 8.34 14.41
N PRO D 375 9.68 8.83 14.29
CA PRO D 375 10.29 9.73 15.27
C PRO D 375 9.41 10.89 15.75
N ILE D 376 8.66 11.50 14.83
CA ILE D 376 7.79 12.62 15.17
C ILE D 376 6.54 12.16 15.96
N ASN D 377 6.10 10.93 15.70
CA ASN D 377 4.92 10.37 16.36
C ASN D 377 5.18 9.67 17.69
N ARG D 378 6.46 9.38 17.98
CA ARG D 378 6.82 8.62 19.18
C ARG D 378 6.60 9.41 20.47
N PRO D 379 6.09 8.74 21.52
CA PRO D 379 5.99 9.36 22.83
C PRO D 379 7.31 9.31 23.58
N VAL D 380 7.38 10.04 24.70
CA VAL D 380 8.57 10.05 25.57
C VAL D 380 8.36 9.26 26.85
N SER D 381 7.21 8.61 26.98
CA SER D 381 6.82 7.89 28.19
C SER D 381 7.06 6.37 28.11
N GLY D 382 7.34 5.88 26.90
CA GLY D 382 7.61 4.45 26.69
C GLY D 382 6.40 3.68 26.19
N VAL D 383 6.66 2.68 25.35
CA VAL D 383 5.61 1.84 24.76
C VAL D 383 5.84 0.37 25.13
N HIS D 384 4.91 -0.20 25.89
CA HIS D 384 4.99 -1.61 26.31
C HIS D 384 3.63 -2.29 26.12
N ASN D 385 3.55 -3.16 25.12
CA ASN D 385 2.32 -3.92 24.85
C ASN D 385 2.59 -5.16 23.98
N ASN D 386 1.55 -5.96 23.76
CA ASN D 386 1.66 -7.20 22.97
C ASN D 386 1.42 -7.03 21.46
N HIS D 387 1.55 -5.80 20.96
CA HIS D 387 1.42 -5.52 19.54
C HIS D 387 2.66 -6.01 18.80
N ARG D 388 2.45 -6.89 17.82
CA ARG D 388 3.56 -7.46 17.06
C ARG D 388 3.38 -7.24 15.57
N ASP D 389 4.50 -7.25 14.85
CA ASP D 389 4.51 -7.36 13.39
C ASP D 389 3.97 -6.09 12.70
N GLY D 390 3.35 -6.28 11.54
CA GLY D 390 2.86 -5.16 10.74
C GLY D 390 3.92 -4.63 9.80
N GLN D 391 3.49 -3.78 8.87
CA GLN D 391 4.40 -3.23 7.88
C GLN D 391 5.35 -2.19 8.50
N GLY D 392 6.63 -2.33 8.21
CA GLY D 392 7.66 -1.40 8.70
C GLY D 392 7.90 -1.51 10.19
N GLN D 393 7.79 -2.71 10.73
CA GLN D 393 8.05 -2.95 12.16
C GLN D 393 9.50 -2.59 12.49
N ALA D 394 9.66 -1.51 13.25
CA ALA D 394 10.98 -0.92 13.53
C ALA D 394 11.73 -1.56 14.69
N TRP D 395 10.99 -2.20 15.61
CA TRP D 395 11.59 -2.75 16.82
C TRP D 395 11.72 -4.27 16.78
N ILE D 396 12.45 -4.81 17.76
CA ILE D 396 12.59 -6.25 17.95
C ILE D 396 12.18 -6.60 19.38
N HIS D 397 10.99 -7.21 19.52
CA HIS D 397 10.43 -7.50 20.84
C HIS D 397 11.10 -8.73 21.48
N LYS D 398 11.40 -8.61 22.77
CA LYS D 398 12.10 -9.66 23.52
C LYS D 398 11.13 -10.66 24.16
N ASN D 399 9.96 -10.18 24.59
CA ASN D 399 8.94 -11.05 25.18
C ASN D 399 8.34 -11.97 24.13
N ILE D 400 8.67 -13.25 24.22
CA ILE D 400 8.16 -14.25 23.28
C ILE D 400 6.73 -14.71 23.60
N HIS D 401 6.20 -14.24 24.74
CA HIS D 401 4.85 -14.58 25.18
C HIS D 401 3.93 -13.37 25.02
N HIS D 402 3.56 -13.12 23.77
CA HIS D 402 2.85 -11.90 23.38
C HIS D 402 1.33 -12.03 23.52
N TYR D 403 0.90 -12.29 24.76
CA TYR D 403 -0.53 -12.45 25.05
C TYR D 403 -0.84 -12.29 26.54
N SER D 404 -2.13 -12.14 26.84
CA SER D 404 -2.61 -11.95 28.21
C SER D 404 -4.03 -12.54 28.33
N PRO D 405 -4.33 -13.21 29.46
CA PRO D 405 -3.48 -13.48 30.62
C PRO D 405 -2.51 -14.64 30.35
N SER D 406 -1.47 -14.73 31.18
CA SER D 406 -0.41 -15.72 30.96
C SER D 406 0.43 -15.95 32.21
N TYR D 407 0.78 -17.21 32.46
CA TYR D 407 1.69 -17.58 33.54
C TYR D 407 3.15 -17.42 33.09
N LEU D 408 3.41 -17.73 31.82
CA LEU D 408 4.78 -17.77 31.28
C LEU D 408 5.47 -16.41 31.28
N ASN D 409 4.71 -15.33 31.04
CA ASN D 409 5.27 -13.97 31.06
C ASN D 409 5.19 -13.28 32.43
N LYS D 410 4.68 -14.01 33.43
CA LYS D 410 4.59 -13.54 34.82
C LYS D 410 3.68 -12.31 34.98
N GLY D 411 2.63 -12.24 34.18
CA GLY D 411 1.66 -11.15 34.24
C GLY D 411 2.17 -9.81 33.77
N TYR D 412 3.18 -9.82 32.90
CA TYR D 412 3.74 -8.60 32.32
C TYR D 412 3.73 -8.67 30.79
N PRO D 413 3.39 -7.55 30.11
CA PRO D 413 3.00 -6.25 30.66
C PRO D 413 1.66 -6.28 31.38
N ALA D 414 1.60 -5.64 32.54
CA ALA D 414 0.47 -5.76 33.45
C ALA D 414 -0.67 -4.79 33.13
N GLN D 415 -1.85 -5.13 33.64
CA GLN D 415 -3.05 -4.31 33.45
C GLN D 415 -3.02 -3.11 34.39
N ALA D 416 -3.46 -1.96 33.89
CA ALA D 416 -3.49 -0.72 34.67
C ALA D 416 -4.87 -0.07 34.58
N ASN D 417 -5.37 0.40 35.73
CA ASN D 417 -6.67 1.06 35.79
C ASN D 417 -6.65 2.31 36.68
N GLN D 418 -7.80 2.66 37.24
CA GLN D 418 -7.94 3.87 38.06
C GLN D 418 -7.07 3.80 39.31
N THR D 419 -7.15 2.70 40.03
CA THR D 419 -6.44 2.54 41.31
C THR D 419 -4.99 2.08 41.16
N VAL D 420 -4.71 1.31 40.11
CA VAL D 420 -3.39 0.69 39.92
C VAL D 420 -2.74 1.07 38.59
N GLY D 421 -1.47 1.44 38.64
CA GLY D 421 -0.66 1.70 37.44
C GLY D 421 -0.94 3.01 36.73
N ARG D 422 -1.72 3.88 37.35
CA ARG D 422 -2.11 5.17 36.75
C ARG D 422 -2.57 5.01 35.29
N GLY D 423 -3.50 4.08 35.08
CA GLY D 423 -4.03 3.80 33.75
C GLY D 423 -5.26 4.63 33.43
N PHE D 424 -5.55 4.79 32.14
CA PHE D 424 -6.73 5.53 31.70
C PHE D 424 -8.01 4.89 32.26
N PHE D 425 -8.99 5.73 32.56
CA PHE D 425 -10.32 5.25 32.95
C PHE D 425 -11.40 6.24 32.50
N THR D 426 -12.50 5.69 32.00
CA THR D 426 -13.67 6.49 31.64
C THR D 426 -14.30 7.02 32.93
N THR D 427 -14.93 8.19 32.84
CA THR D 427 -15.59 8.81 34.00
C THR D 427 -16.61 7.82 34.58
N PRO D 428 -16.38 7.37 35.83
CA PRO D 428 -17.22 6.33 36.43
C PRO D 428 -18.71 6.64 36.51
N GLY D 429 -19.04 7.93 36.63
CA GLY D 429 -20.43 8.37 36.75
C GLY D 429 -21.25 8.36 35.47
N ARG D 430 -20.58 8.25 34.32
CA ARG D 430 -21.26 8.29 33.02
C ARG D 430 -22.23 7.13 32.81
N THR D 431 -23.43 7.46 32.35
CA THR D 431 -24.48 6.48 32.14
C THR D 431 -25.11 6.61 30.75
N ALA D 432 -25.66 5.51 30.27
CA ALA D 432 -26.45 5.48 29.05
C ALA D 432 -27.88 5.07 29.42
N SER D 433 -28.86 5.70 28.79
CA SER D 433 -30.27 5.38 29.06
C SER D 433 -31.17 5.82 27.91
N GLY D 434 -32.03 4.90 27.46
CA GLY D 434 -32.97 5.16 26.37
C GLY D 434 -32.88 4.15 25.25
N VAL D 435 -33.73 4.33 24.24
CA VAL D 435 -33.77 3.46 23.07
C VAL D 435 -32.57 3.70 22.15
N LEU D 436 -32.15 2.67 21.44
CA LEU D 436 -31.12 2.79 20.42
C LEU D 436 -31.72 3.49 19.20
N ASN D 437 -31.13 4.63 18.83
CA ASN D 437 -31.71 5.52 17.83
C ASN D 437 -30.70 6.04 16.81
N ARG D 438 -31.18 6.27 15.59
CA ARG D 438 -30.46 7.09 14.61
C ARG D 438 -31.15 8.45 14.54
N GLU D 439 -31.00 9.23 15.61
CA GLU D 439 -31.60 10.56 15.70
C GLU D 439 -30.63 11.57 16.30
N LEU D 440 -30.98 12.84 16.18
CA LEU D 440 -30.34 13.91 16.95
C LEU D 440 -31.32 14.41 17.99
N SER D 441 -30.80 14.95 19.09
CA SER D 441 -31.63 15.47 20.18
C SER D 441 -32.42 16.69 19.73
N ALA D 442 -33.55 16.93 20.40
CA ALA D 442 -34.40 18.08 20.11
C ALA D 442 -33.76 19.40 20.57
N THR D 443 -32.75 19.31 21.43
CA THR D 443 -31.99 20.48 21.90
C THR D 443 -30.98 21.01 20.86
N PHE D 444 -30.81 20.29 19.76
CA PHE D 444 -29.89 20.68 18.68
C PHE D 444 -30.58 21.48 17.57
N ASP D 445 -31.87 21.74 17.70
CA ASP D 445 -32.70 22.26 16.61
C ASP D 445 -32.45 23.73 16.24
N ASP D 446 -31.99 24.53 17.20
CA ASP D 446 -31.78 25.97 16.97
C ASP D 446 -30.48 26.21 16.19
N HIS D 447 -30.60 26.70 14.96
CA HIS D 447 -29.44 26.92 14.08
C HIS D 447 -29.17 28.41 13.78
N TYR D 448 -29.96 29.31 14.36
CA TYR D 448 -29.97 30.73 13.95
C TYR D 448 -29.65 31.74 15.04
N THR D 449 -29.83 31.37 16.31
CA THR D 449 -29.67 32.31 17.42
C THR D 449 -28.22 32.76 17.64
N GLN D 450 -27.29 31.82 17.63
CA GLN D 450 -25.88 32.12 17.86
C GLN D 450 -25.20 32.87 16.69
N PRO D 451 -25.47 32.46 15.43
CA PRO D 451 -25.07 33.28 14.29
C PRO D 451 -25.44 34.75 14.42
N ARG D 452 -26.65 35.02 14.91
CA ARG D 452 -27.12 36.39 15.15
C ARG D 452 -26.33 37.03 16.28
N LEU D 453 -26.06 36.27 17.33
CA LEU D 453 -25.24 36.72 18.47
C LEU D 453 -23.84 37.14 18.02
N PHE D 454 -23.24 36.31 17.16
CA PHE D 454 -21.91 36.59 16.62
C PHE D 454 -21.90 37.84 15.74
N PHE D 455 -22.93 37.99 14.90
CA PHE D 455 -23.05 39.15 14.01
C PHE D 455 -23.26 40.45 14.78
N ASN D 456 -24.04 40.38 15.87
CA ASN D 456 -24.28 41.53 16.74
C ASN D 456 -23.03 41.97 17.51
N SER D 457 -22.16 41.01 17.80
CA SER D 457 -20.97 41.25 18.61
C SER D 457 -19.77 41.77 17.80
N LEU D 458 -19.99 42.05 16.51
CA LEU D 458 -18.98 42.67 15.65
C LEU D 458 -19.22 44.17 15.53
N THR D 459 -18.17 44.90 15.19
CA THR D 459 -18.25 46.34 14.95
C THR D 459 -18.89 46.61 13.58
N PRO D 460 -19.46 47.82 13.37
CA PRO D 460 -20.11 48.17 12.10
C PRO D 460 -19.30 47.83 10.85
N VAL D 461 -18.00 48.14 10.87
CA VAL D 461 -17.12 47.85 9.74
C VAL D 461 -16.86 46.34 9.61
N GLU D 462 -16.73 45.66 10.75
CA GLU D 462 -16.57 44.20 10.77
C GLU D 462 -17.83 43.49 10.26
N GLN D 463 -19.00 44.05 10.55
CA GLN D 463 -20.27 43.55 10.02
C GLN D 463 -20.33 43.73 8.50
N GLN D 464 -19.71 44.80 8.00
CA GLN D 464 -19.65 45.07 6.56
C GLN D 464 -18.78 44.04 5.83
N PHE D 465 -17.65 43.68 6.44
CA PHE D 465 -16.75 42.68 5.86
C PHE D 465 -17.43 41.33 5.67
N VAL D 466 -18.23 40.93 6.65
CA VAL D 466 -18.97 39.67 6.60
C VAL D 466 -20.01 39.69 5.48
N ILE D 467 -20.74 40.80 5.37
CA ILE D 467 -21.74 40.98 4.33
C ILE D 467 -21.10 41.05 2.94
N ASN D 468 -20.03 41.82 2.82
CA ASN D 468 -19.27 41.92 1.56
C ASN D 468 -18.67 40.58 1.13
N ALA D 469 -18.28 39.77 2.12
CA ALA D 469 -17.73 38.43 1.86
C ALA D 469 -18.81 37.50 1.33
N ILE D 470 -20.00 37.55 1.93
CA ILE D 470 -21.15 36.77 1.46
C ILE D 470 -21.59 37.21 0.07
N ARG D 471 -21.64 38.52 -0.14
CA ARG D 471 -21.94 39.10 -1.45
C ARG D 471 -21.02 38.57 -2.55
N PHE D 472 -19.73 38.58 -2.26
CA PHE D 472 -18.70 38.11 -3.19
C PHE D 472 -18.91 36.64 -3.55
N GLU D 473 -19.00 35.79 -2.53
CA GLU D 473 -19.12 34.35 -2.73
C GLU D 473 -20.47 33.91 -3.29
N ALA D 474 -21.55 34.56 -2.84
CA ALA D 474 -22.90 34.24 -3.31
C ALA D 474 -23.13 34.62 -4.77
N SER D 475 -22.41 35.64 -5.25
CA SER D 475 -22.53 36.08 -6.64
C SER D 475 -21.93 35.07 -7.64
N HIS D 476 -21.03 34.22 -7.16
CA HIS D 476 -20.44 33.16 -7.99
C HIS D 476 -21.39 31.98 -8.22
N VAL D 477 -22.47 31.91 -7.43
CA VAL D 477 -23.47 30.85 -7.57
C VAL D 477 -24.31 31.09 -8.82
N THR D 478 -24.22 30.15 -9.77
CA THR D 478 -24.96 30.25 -11.03
C THR D 478 -26.45 29.96 -10.87
N ASN D 479 -26.77 28.95 -10.07
CA ASN D 479 -28.17 28.55 -9.86
C ASN D 479 -28.97 29.61 -9.12
N GLU D 480 -30.10 30.01 -9.72
CA GLU D 480 -30.96 31.05 -9.15
C GLU D 480 -31.65 30.60 -7.87
N GLN D 481 -32.20 29.39 -7.88
CA GLN D 481 -32.94 28.87 -6.74
C GLN D 481 -32.05 28.67 -5.50
N VAL D 482 -30.79 28.32 -5.72
CA VAL D 482 -29.82 28.15 -4.64
C VAL D 482 -29.55 29.48 -3.94
N LYS D 483 -29.43 30.56 -4.71
CA LYS D 483 -29.25 31.90 -4.15
C LYS D 483 -30.47 32.37 -3.36
N LYS D 484 -31.66 31.98 -3.82
CA LYS D 484 -32.91 32.25 -3.10
C LYS D 484 -32.97 31.46 -1.79
N ASN D 485 -32.49 30.22 -1.84
CA ASN D 485 -32.41 29.37 -0.64
C ASN D 485 -31.42 29.93 0.39
N VAL D 486 -30.35 30.56 -0.09
CA VAL D 486 -29.35 31.18 0.79
C VAL D 486 -29.91 32.42 1.48
N LEU D 487 -30.57 33.29 0.72
CA LEU D 487 -31.19 34.50 1.27
C LEU D 487 -32.33 34.17 2.24
N GLU D 488 -33.00 33.04 1.99
CA GLU D 488 -34.07 32.55 2.87
C GLU D 488 -33.51 32.20 4.26
N GLN D 489 -32.37 31.52 4.28
CA GLN D 489 -31.71 31.13 5.53
C GLN D 489 -31.05 32.31 6.24
N LEU D 490 -30.44 33.21 5.47
CA LEU D 490 -29.84 34.43 6.01
C LEU D 490 -30.91 35.34 6.65
N ASN D 491 -32.10 35.35 6.07
CA ASN D 491 -33.22 36.13 6.59
C ASN D 491 -33.66 35.66 7.99
N LYS D 492 -33.54 34.36 8.24
CA LYS D 492 -33.88 33.79 9.55
C LYS D 492 -32.88 34.24 10.63
N ILE D 493 -31.63 34.45 10.24
CA ILE D 493 -30.61 34.97 11.14
C ILE D 493 -30.84 36.47 11.35
N SER D 494 -30.88 37.22 10.25
CA SER D 494 -31.11 38.66 10.29
C SER D 494 -31.72 39.17 8.99
N ASN D 495 -32.77 39.99 9.10
CA ASN D 495 -33.44 40.58 7.94
C ASN D 495 -32.56 41.60 7.24
N ASP D 496 -31.89 42.44 8.03
CA ASP D 496 -31.00 43.48 7.51
C ASP D 496 -29.83 42.88 6.73
N VAL D 497 -29.28 41.77 7.24
CA VAL D 497 -28.22 41.05 6.55
C VAL D 497 -28.72 40.47 5.22
N ALA D 498 -29.89 39.84 5.26
CA ALA D 498 -30.53 39.27 4.07
C ALA D 498 -30.89 40.34 3.04
N LYS D 499 -31.35 41.50 3.53
CA LYS D 499 -31.65 42.65 2.66
C LYS D 499 -30.41 43.15 1.92
N ARG D 500 -29.35 43.39 2.68
CA ARG D 500 -28.12 43.95 2.14
C ARG D 500 -27.42 42.99 1.17
N VAL D 501 -27.36 41.71 1.54
CA VAL D 501 -26.77 40.68 0.68
C VAL D 501 -27.57 40.51 -0.62
N ALA D 502 -28.89 40.65 -0.54
CA ALA D 502 -29.78 40.50 -1.70
C ALA D 502 -29.56 41.60 -2.75
N VAL D 503 -29.08 42.76 -2.31
CA VAL D 503 -28.82 43.89 -3.21
C VAL D 503 -27.79 43.52 -4.29
N ALA D 504 -26.71 42.88 -3.87
CA ALA D 504 -25.64 42.46 -4.78
C ALA D 504 -26.09 41.38 -5.76
N LEU D 505 -26.96 40.48 -5.29
CA LEU D 505 -27.47 39.38 -6.12
C LEU D 505 -28.61 39.81 -7.05
N GLY D 506 -29.16 41.00 -6.81
CA GLY D 506 -30.26 41.52 -7.63
C GLY D 506 -31.59 40.83 -7.35
N LEU D 507 -31.71 40.26 -6.15
CA LEU D 507 -32.95 39.59 -5.73
C LEU D 507 -33.62 40.36 -4.61
N GLU D 508 -34.91 40.09 -4.41
CA GLU D 508 -35.67 40.64 -3.29
C GLU D 508 -35.57 39.67 -2.11
N ALA D 509 -35.11 40.18 -0.98
CA ALA D 509 -35.02 39.36 0.24
C ALA D 509 -36.42 39.12 0.80
N PRO D 510 -36.64 37.95 1.44
CA PRO D 510 -37.96 37.67 2.02
C PRO D 510 -38.32 38.61 3.17
N GLN D 511 -39.59 38.61 3.56
CA GLN D 511 -40.08 39.45 4.65
C GLN D 511 -39.51 38.96 5.99
N PRO D 512 -39.40 39.86 6.98
CA PRO D 512 -38.84 39.50 8.29
C PRO D 512 -39.45 38.25 8.92
N ASP D 513 -38.59 37.41 9.49
CA ASP D 513 -39.00 36.22 10.23
C ASP D 513 -38.50 36.37 11.67
N PRO D 514 -39.32 36.99 12.56
CA PRO D 514 -38.86 37.35 13.90
C PRO D 514 -38.75 36.21 14.93
N THR D 515 -38.68 34.96 14.47
CA THR D 515 -38.57 33.82 15.37
C THR D 515 -37.24 33.82 16.14
N TYR D 516 -36.14 34.10 15.45
CA TYR D 516 -34.80 33.98 16.02
C TYR D 516 -34.02 35.30 16.15
N TYR D 517 -34.69 36.43 15.94
CA TYR D 517 -34.02 37.74 16.07
C TYR D 517 -33.80 38.12 17.53
N HIS D 518 -32.68 38.78 17.81
CA HIS D 518 -32.37 39.29 19.14
C HIS D 518 -31.23 40.32 19.10
N ASN D 519 -31.13 41.10 20.17
CA ASN D 519 -30.13 42.19 20.26
C ASN D 519 -29.01 41.90 21.27
N ASN D 520 -28.84 40.63 21.66
CA ASN D 520 -27.78 40.24 22.58
C ASN D 520 -26.39 40.40 21.95
N VAL D 521 -25.40 40.63 22.81
CA VAL D 521 -24.00 40.75 22.39
C VAL D 521 -23.10 39.96 23.33
N THR D 522 -21.97 39.50 22.81
CA THR D 522 -21.02 38.68 23.57
C THR D 522 -19.59 39.20 23.45
N ARG D 523 -18.77 38.87 24.46
CA ARG D 523 -17.42 39.41 24.59
C ARG D 523 -16.39 38.58 23.83
N GLY D 524 -15.46 39.27 23.16
CA GLY D 524 -14.24 38.65 22.62
C GLY D 524 -14.40 37.86 21.34
N VAL D 525 -15.26 38.33 20.45
CA VAL D 525 -15.42 37.71 19.13
C VAL D 525 -14.99 38.68 18.01
N SER D 526 -14.23 39.70 18.40
CA SER D 526 -13.88 40.80 17.50
C SER D 526 -12.39 40.81 17.18
N ILE D 527 -12.01 41.64 16.20
CA ILE D 527 -10.64 41.63 15.66
C ILE D 527 -10.14 43.05 15.32
N PHE D 528 -10.73 43.65 14.30
CA PHE D 528 -10.35 44.99 13.84
C PHE D 528 -10.77 46.06 14.86
N ASN D 529 -11.20 45.59 16.02
CA ASN D 529 -11.74 46.42 17.08
C ASN D 529 -10.68 46.78 18.14
N GLU D 530 -9.81 45.82 18.44
CA GLU D 530 -8.80 45.99 19.49
C GLU D 530 -7.39 46.10 18.91
N SER D 531 -6.55 46.92 19.55
CA SER D 531 -5.17 47.14 19.11
C SER D 531 -4.26 45.99 19.55
N LEU D 532 -3.15 45.84 18.84
CA LEU D 532 -2.18 44.77 19.10
C LEU D 532 -1.35 45.10 20.36
N PRO D 533 -1.00 44.06 21.16
CA PRO D 533 -0.21 44.27 22.37
C PRO D 533 1.27 44.52 22.08
N THR D 534 1.74 44.07 20.93
CA THR D 534 3.13 44.30 20.50
C THR D 534 3.22 44.38 18.98
N ILE D 535 4.09 45.27 18.50
CA ILE D 535 4.32 45.43 17.05
C ILE D 535 5.62 44.75 16.59
N ALA D 536 6.16 43.88 17.44
CA ALA D 536 7.37 43.14 17.12
C ALA D 536 7.11 42.18 15.96
N THR D 537 8.11 42.06 15.07
CA THR D 537 8.04 41.22 13.88
C THR D 537 7.13 41.75 12.76
N LEU D 538 6.51 42.92 12.96
CA LEU D 538 5.67 43.52 11.93
C LEU D 538 6.54 44.11 10.82
N ARG D 539 6.03 44.06 9.60
CA ARG D 539 6.80 44.36 8.40
C ARG D 539 6.55 45.78 7.88
N VAL D 540 7.62 46.45 7.48
CA VAL D 540 7.56 47.81 6.95
C VAL D 540 8.33 47.90 5.64
N GLY D 541 7.68 48.44 4.60
CA GLY D 541 8.30 48.62 3.29
C GLY D 541 8.75 50.05 3.06
N VAL D 542 10.06 50.24 2.99
CA VAL D 542 10.65 51.57 2.77
C VAL D 542 10.95 51.80 1.28
N LEU D 543 10.07 52.57 0.62
CA LEU D 543 10.22 52.87 -0.80
C LEU D 543 11.28 53.96 -1.02
N SER D 544 12.42 53.55 -1.56
CA SER D 544 13.53 54.47 -1.83
C SER D 544 13.93 54.44 -3.30
N THR D 545 14.96 55.20 -3.65
CA THR D 545 15.49 55.23 -5.01
C THR D 545 17.02 55.29 -5.02
N THR D 546 17.61 54.75 -6.08
CA THR D 546 19.07 54.71 -6.24
C THR D 546 19.66 56.08 -6.59
N LYS D 547 18.88 56.91 -7.28
CA LYS D 547 19.34 58.20 -7.77
C LYS D 547 19.15 59.33 -6.75
N GLY D 548 20.24 60.06 -6.48
CA GLY D 548 20.18 61.30 -5.71
C GLY D 548 20.24 61.17 -4.19
N GLY D 549 21.03 60.20 -3.71
CA GLY D 549 21.29 60.05 -2.27
C GLY D 549 20.08 59.89 -1.36
N SER D 550 19.01 59.30 -1.91
CA SER D 550 17.80 59.03 -1.15
C SER D 550 17.95 57.76 -0.30
N LEU D 551 18.82 56.87 -0.75
CA LEU D 551 19.03 55.56 -0.11
C LEU D 551 19.81 55.66 1.21
N ASP D 552 20.59 56.72 1.38
CA ASP D 552 21.40 56.93 2.58
C ASP D 552 20.56 57.18 3.82
N LYS D 553 19.53 58.01 3.70
CA LYS D 553 18.65 58.35 4.83
C LYS D 553 17.48 57.37 4.97
N ALA D 554 17.26 56.55 3.93
CA ALA D 554 16.33 55.42 4.01
C ALA D 554 16.91 54.31 4.89
N LYS D 555 18.23 54.20 4.89
CA LYS D 555 18.95 53.24 5.74
C LYS D 555 18.91 53.67 7.22
N ALA D 556 18.93 54.97 7.45
CA ALA D 556 18.80 55.54 8.80
C ALA D 556 17.39 55.31 9.35
N LEU D 557 16.40 55.48 8.48
CA LEU D 557 14.99 55.20 8.82
C LEU D 557 14.82 53.72 9.15
N LYS D 558 15.43 52.86 8.33
CA LYS D 558 15.43 51.41 8.56
C LYS D 558 16.10 51.07 9.90
N GLU D 559 17.24 51.67 10.16
CA GLU D 559 18.01 51.42 11.39
C GLU D 559 17.25 51.75 12.67
N GLN D 560 16.46 52.82 12.63
CA GLN D 560 15.69 53.28 13.79
C GLN D 560 14.47 52.39 14.05
N LEU D 561 13.82 51.94 12.98
CA LEU D 561 12.65 51.08 13.08
C LEU D 561 12.99 49.68 13.61
N GLU D 562 14.18 49.19 13.26
CA GLU D 562 14.64 47.87 13.72
C GLU D 562 14.89 47.82 15.24
N LYS D 563 15.21 48.98 15.83
CA LYS D 563 15.41 49.08 17.28
C LYS D 563 14.12 48.79 18.06
N ASP D 564 12.98 49.19 17.50
CA ASP D 564 11.68 48.96 18.12
C ASP D 564 11.20 47.52 17.92
N GLY D 565 11.85 46.78 17.03
CA GLY D 565 11.58 45.36 16.80
C GLY D 565 10.86 45.05 15.51
N LEU D 566 10.97 45.95 14.54
CA LEU D 566 10.26 45.81 13.25
C LEU D 566 11.16 45.22 12.18
N LYS D 567 10.55 44.45 11.27
CA LYS D 567 11.24 43.87 10.13
C LYS D 567 11.12 44.80 8.92
N VAL D 568 12.24 45.39 8.51
CA VAL D 568 12.24 46.44 7.48
C VAL D 568 12.88 45.98 6.17
N THR D 569 12.29 46.40 5.06
CA THR D 569 12.81 46.09 3.72
C THR D 569 12.90 47.35 2.87
N VAL D 570 14.12 47.74 2.54
CA VAL D 570 14.38 48.93 1.72
C VAL D 570 14.22 48.59 0.23
N ILE D 571 13.30 49.29 -0.44
CA ILE D 571 12.99 49.04 -1.85
C ILE D 571 13.67 50.06 -2.76
N ALA D 572 14.22 49.58 -3.88
CA ALA D 572 14.87 50.44 -4.86
C ALA D 572 14.70 49.87 -6.27
N GLU D 573 15.30 50.54 -7.26
CA GLU D 573 15.24 50.07 -8.66
C GLU D 573 16.03 48.79 -8.86
N TYR D 574 17.22 48.74 -8.28
CA TYR D 574 18.06 47.53 -8.29
C TYR D 574 18.74 47.31 -6.94
N LEU D 575 19.33 46.13 -6.78
CA LEU D 575 19.96 45.74 -5.51
C LEU D 575 21.30 46.45 -5.27
N ALA D 576 21.21 47.74 -4.98
CA ALA D 576 22.40 48.54 -4.66
C ALA D 576 22.80 48.33 -3.20
N SER D 577 23.82 49.06 -2.75
CA SER D 577 24.27 48.98 -1.36
C SER D 577 23.21 49.54 -0.42
N GLY D 578 22.56 48.64 0.32
CA GLY D 578 21.49 49.01 1.25
C GLY D 578 20.11 48.56 0.80
N VAL D 579 19.98 48.20 -0.47
CA VAL D 579 18.72 47.76 -1.05
C VAL D 579 18.47 46.28 -0.77
N ASP D 580 17.36 45.99 -0.10
CA ASP D 580 17.00 44.61 0.25
C ASP D 580 16.23 43.91 -0.87
N GLN D 581 15.38 44.66 -1.56
CA GLN D 581 14.48 44.11 -2.57
C GLN D 581 14.26 45.11 -3.71
N THR D 582 14.04 44.59 -4.92
CA THR D 582 13.73 45.42 -6.08
C THR D 582 12.24 45.75 -6.11
N TYR D 583 11.88 46.76 -6.89
CA TYR D 583 10.47 47.10 -7.14
C TYR D 583 9.78 45.97 -7.91
N SER D 584 10.52 45.29 -8.78
CA SER D 584 10.01 44.16 -9.55
C SER D 584 9.55 43.01 -8.64
N ALA D 585 10.29 42.76 -7.57
CA ALA D 585 9.98 41.70 -6.61
C ALA D 585 9.17 42.19 -5.41
N ALA D 586 8.78 43.47 -5.43
CA ALA D 586 8.09 44.10 -4.30
C ALA D 586 6.58 44.16 -4.52
N ASP D 587 5.84 44.02 -3.42
CA ASP D 587 4.37 44.15 -3.44
C ASP D 587 3.88 44.66 -2.08
N ALA D 588 2.72 45.33 -2.08
CA ALA D 588 2.13 45.89 -0.87
C ALA D 588 1.66 44.82 0.12
N THR D 589 1.27 43.65 -0.41
CA THR D 589 0.76 42.55 0.41
C THR D 589 1.79 41.97 1.39
N ALA D 590 3.07 42.15 1.09
CA ALA D 590 4.15 41.63 1.94
C ALA D 590 4.56 42.58 3.07
N PHE D 591 3.81 43.66 3.26
CA PHE D 591 4.12 44.66 4.29
C PHE D 591 2.89 45.08 5.09
N ASP D 592 3.11 45.47 6.34
CA ASP D 592 2.06 45.99 7.21
C ASP D 592 1.99 47.51 7.16
N ALA D 593 3.01 48.14 6.58
CA ALA D 593 3.07 49.59 6.47
C ALA D 593 4.05 50.02 5.38
N VAL D 594 3.60 50.93 4.51
CA VAL D 594 4.42 51.44 3.40
C VAL D 594 4.90 52.85 3.70
N VAL D 595 6.21 53.06 3.65
CA VAL D 595 6.81 54.38 3.91
C VAL D 595 7.63 54.84 2.71
N VAL D 596 7.36 56.05 2.24
CA VAL D 596 8.09 56.66 1.14
C VAL D 596 9.24 57.51 1.67
N ALA D 597 10.47 57.08 1.40
CA ALA D 597 11.66 57.81 1.82
C ALA D 597 11.80 59.12 1.04
N GLU D 598 12.49 60.08 1.63
CA GLU D 598 12.66 61.40 1.03
C GLU D 598 13.55 61.32 -0.22
N GLY D 599 13.15 62.03 -1.26
CA GLY D 599 13.86 62.02 -2.55
C GLY D 599 13.41 60.90 -3.47
N ALA D 600 12.40 60.15 -3.06
CA ALA D 600 11.87 59.03 -3.84
C ALA D 600 10.58 59.39 -4.58
N GLU D 601 10.33 60.68 -4.77
CA GLU D 601 9.13 61.16 -5.49
C GLU D 601 9.30 60.96 -6.99
N ARG D 602 10.54 60.98 -7.45
CA ARG D 602 10.89 60.80 -8.87
C ARG D 602 10.34 59.51 -9.48
N VAL D 603 10.24 58.45 -8.68
CA VAL D 603 9.73 57.16 -9.15
C VAL D 603 8.19 57.08 -9.21
N PHE D 604 7.52 58.09 -8.69
CA PHE D 604 6.05 58.17 -8.73
C PHE D 604 5.54 59.02 -9.89
N SER D 605 6.44 59.76 -10.51
CA SER D 605 6.07 60.88 -11.38
C SER D 605 6.19 60.53 -12.87
N GLY D 606 6.98 61.32 -13.60
CA GLY D 606 7.10 61.18 -15.06
C GLY D 606 8.28 60.32 -15.45
N LYS D 607 9.45 60.96 -15.59
CA LYS D 607 10.68 60.26 -15.95
C LYS D 607 11.32 59.64 -14.72
N GLY D 608 11.19 58.32 -14.58
CA GLY D 608 11.65 57.60 -13.39
C GLY D 608 10.64 56.55 -12.95
N ALA D 609 9.37 56.83 -13.18
CA ALA D 609 8.28 55.89 -12.89
C ALA D 609 8.10 54.84 -14.01
N MET D 610 8.81 55.04 -15.12
CA MET D 610 8.69 54.16 -16.29
C MET D 610 10.05 53.59 -16.68
N SER D 611 10.73 53.00 -15.71
CA SER D 611 12.02 52.33 -15.93
C SER D 611 11.77 50.90 -16.37
N PRO D 612 12.66 50.32 -17.20
CA PRO D 612 12.49 48.93 -17.62
C PRO D 612 12.77 47.91 -16.50
N LEU D 613 13.39 48.35 -15.41
CA LEU D 613 13.71 47.47 -14.28
C LEU D 613 12.47 46.96 -13.53
N PHE D 614 11.36 47.69 -13.62
CA PHE D 614 10.10 47.28 -12.99
C PHE D 614 8.88 47.61 -13.88
N PRO D 615 7.76 46.89 -13.68
CA PRO D 615 6.52 47.17 -14.42
C PRO D 615 6.00 48.60 -14.23
N ALA D 616 5.28 49.10 -15.22
CA ALA D 616 4.84 50.50 -15.23
C ALA D 616 3.90 50.84 -14.06
N GLY D 617 4.31 51.84 -13.27
CA GLY D 617 3.52 52.30 -12.13
C GLY D 617 3.62 51.43 -10.90
N ARG D 618 4.72 50.69 -10.77
CA ARG D 618 4.92 49.77 -9.65
C ARG D 618 5.11 50.48 -8.31
N PRO D 619 5.96 51.53 -8.26
CA PRO D 619 6.09 52.29 -7.01
C PRO D 619 4.78 52.92 -6.55
N SER D 620 4.03 53.49 -7.48
CA SER D 620 2.74 54.12 -7.18
C SER D 620 1.66 53.10 -6.80
N GLN D 621 1.73 51.91 -7.39
CA GLN D 621 0.76 50.84 -7.11
C GLN D 621 0.90 50.29 -5.69
N ILE D 622 2.14 50.22 -5.20
CA ILE D 622 2.42 49.72 -3.85
C ILE D 622 1.81 50.61 -2.77
N LEU D 623 2.00 51.92 -2.91
CA LEU D 623 1.46 52.90 -1.95
C LEU D 623 -0.07 53.00 -2.03
N THR D 624 -0.60 52.91 -3.25
CA THR D 624 -2.04 52.95 -3.48
C THR D 624 -2.74 51.74 -2.86
N ASP D 625 -2.21 50.55 -3.12
CA ASP D 625 -2.73 49.31 -2.56
C ASP D 625 -2.67 49.31 -1.04
N GLY D 626 -1.54 49.74 -0.50
CA GLY D 626 -1.35 49.83 0.95
C GLY D 626 -2.37 50.73 1.62
N TYR D 627 -2.67 51.86 1.00
CA TYR D 627 -3.67 52.79 1.50
C TYR D 627 -5.09 52.24 1.39
N ARG D 628 -5.42 51.65 0.24
CA ARG D 628 -6.75 51.07 0.04
C ARG D 628 -7.01 49.83 0.91
N TRP D 629 -5.95 49.16 1.32
CA TRP D 629 -6.05 47.99 2.21
C TRP D 629 -5.95 48.35 3.70
N GLY D 630 -5.94 49.65 4.00
CA GLY D 630 -6.04 50.15 5.37
C GLY D 630 -4.75 50.17 6.18
N LYS D 631 -3.62 50.01 5.52
CA LYS D 631 -2.32 49.96 6.20
C LYS D 631 -1.82 51.36 6.54
N PRO D 632 -1.17 51.53 7.71
CA PRO D 632 -0.56 52.82 8.01
C PRO D 632 0.49 53.21 6.97
N VAL D 633 0.19 54.28 6.22
CA VAL D 633 1.11 54.79 5.20
C VAL D 633 1.80 56.05 5.69
N ALA D 634 2.91 56.40 5.02
CA ALA D 634 3.74 57.52 5.43
C ALA D 634 4.62 58.03 4.29
N ALA D 635 5.19 59.21 4.48
CA ALA D 635 6.04 59.84 3.45
C ALA D 635 6.90 60.92 4.10
N VAL D 636 8.21 60.70 4.09
CA VAL D 636 9.16 61.55 4.85
C VAL D 636 9.59 62.78 4.05
N GLY D 637 9.46 63.95 4.66
CA GLY D 637 9.95 65.20 4.09
C GLY D 637 9.22 65.61 2.81
N SER D 638 9.98 65.79 1.73
CA SER D 638 9.43 66.15 0.42
C SER D 638 8.70 64.98 -0.27
N ALA D 639 8.74 63.80 0.36
CA ALA D 639 8.03 62.62 -0.15
C ALA D 639 6.51 62.70 -0.01
N LYS D 640 6.01 63.80 0.58
CA LYS D 640 4.57 64.03 0.71
C LYS D 640 3.88 64.28 -0.65
N LYS D 641 4.68 64.64 -1.66
CA LYS D 641 4.19 64.77 -3.03
C LYS D 641 3.81 63.42 -3.64
N ALA D 642 4.42 62.35 -3.13
CA ALA D 642 4.07 60.99 -3.52
C ALA D 642 2.65 60.64 -3.07
N LEU D 643 2.28 61.12 -1.88
CA LEU D 643 0.90 60.97 -1.37
C LEU D 643 -0.07 61.81 -2.20
N GLN D 644 0.38 62.99 -2.64
CA GLN D 644 -0.44 63.88 -3.46
C GLN D 644 -0.72 63.34 -4.87
N SER D 645 0.20 62.52 -5.38
CA SER D 645 0.05 61.93 -6.72
C SER D 645 -1.04 60.86 -6.75
N ILE D 646 -1.09 60.04 -5.70
CA ILE D 646 -2.12 59.00 -5.57
C ILE D 646 -3.48 59.55 -5.13
N GLY D 647 -3.50 60.80 -4.68
CA GLY D 647 -4.74 61.50 -4.32
C GLY D 647 -5.07 61.49 -2.85
N VAL D 648 -4.13 61.02 -2.02
CA VAL D 648 -4.32 60.92 -0.58
C VAL D 648 -3.81 62.17 0.13
N GLU D 649 -4.66 62.80 0.92
CA GLU D 649 -4.30 63.98 1.71
C GLU D 649 -3.45 63.57 2.91
N GLU D 650 -2.72 64.55 3.46
CA GLU D 650 -1.83 64.31 4.60
C GLU D 650 -2.42 64.68 5.96
N LYS D 651 -3.75 64.67 6.06
CA LYS D 651 -4.45 64.98 7.31
C LYS D 651 -5.11 63.74 7.90
N GLU D 652 -5.84 63.01 7.05
CA GLU D 652 -6.60 61.82 7.46
C GLU D 652 -5.80 60.79 8.28
N ALA D 653 -6.52 60.05 9.11
CA ALA D 653 -5.92 59.10 10.05
C ALA D 653 -5.19 57.95 9.33
N GLY D 654 -4.09 57.49 9.92
CA GLY D 654 -3.27 56.43 9.34
C GLY D 654 -2.28 56.90 8.29
N VAL D 655 -2.29 58.20 8.01
CA VAL D 655 -1.36 58.81 7.06
C VAL D 655 -0.43 59.76 7.82
N TYR D 656 0.88 59.53 7.70
CA TYR D 656 1.87 60.27 8.49
C TYR D 656 2.91 60.95 7.60
N ALA D 657 2.76 62.26 7.43
CA ALA D 657 3.68 63.06 6.62
C ALA D 657 4.41 64.09 7.48
N GLY D 658 5.73 64.14 7.34
CA GLY D 658 6.56 65.09 8.10
C GLY D 658 8.02 64.69 8.15
N ALA D 659 8.68 65.04 9.25
CA ALA D 659 10.10 64.73 9.46
C ALA D 659 10.30 63.26 9.80
N GLN D 660 11.55 62.83 9.73
CA GLN D 660 11.91 61.41 9.97
C GLN D 660 11.51 60.94 11.38
N ASP D 661 11.74 61.78 12.38
CA ASP D 661 11.41 61.44 13.77
C ASP D 661 9.91 61.33 14.02
N GLU D 662 9.13 62.18 13.34
CA GLU D 662 7.68 62.18 13.47
C GLU D 662 7.02 60.99 12.76
N VAL D 663 7.59 60.61 11.61
CA VAL D 663 7.09 59.47 10.84
C VAL D 663 7.25 58.15 11.58
N ILE D 664 8.40 57.98 12.21
CA ILE D 664 8.70 56.75 12.98
C ILE D 664 7.74 56.60 14.16
N LYS D 665 7.50 57.69 14.88
CA LYS D 665 6.56 57.71 16.01
C LYS D 665 5.13 57.43 15.56
N GLY D 666 4.75 57.98 14.40
CA GLY D 666 3.41 57.81 13.85
C GLY D 666 3.17 56.43 13.25
N VAL D 667 4.16 55.92 12.54
CA VAL D 667 4.07 54.60 11.91
C VAL D 667 3.99 53.47 12.94
N GLU D 668 4.80 53.56 13.99
CA GLU D 668 4.86 52.52 15.03
C GLU D 668 3.56 52.40 15.81
N GLU D 669 3.00 53.53 16.23
CA GLU D 669 1.70 53.55 16.92
C GLU D 669 0.54 53.25 15.96
N GLY D 670 0.76 53.50 14.67
CA GLY D 670 -0.21 53.14 13.63
C GLY D 670 -0.30 51.63 13.41
N LEU D 671 0.83 50.94 13.60
CA LEU D 671 0.88 49.49 13.47
C LEU D 671 0.11 48.75 14.58
N LYS D 672 -0.04 49.39 15.73
CA LYS D 672 -0.88 48.85 16.81
C LYS D 672 -2.35 48.80 16.40
N VAL D 673 -2.80 49.85 15.71
CA VAL D 673 -4.14 49.88 15.14
C VAL D 673 -4.27 48.87 14.00
N PHE D 674 -3.18 48.70 13.26
CA PHE D 674 -3.05 47.68 12.21
C PHE D 674 -3.86 48.02 10.95
N LYS D 675 -5.19 47.96 11.05
CA LYS D 675 -6.08 48.37 9.97
C LYS D 675 -6.91 49.58 10.38
N PHE D 676 -6.96 50.59 9.51
CA PHE D 676 -7.78 51.77 9.71
C PHE D 676 -9.11 51.61 8.96
N LEU D 677 -10.17 51.37 9.72
CA LEU D 677 -11.48 50.98 9.17
C LEU D 677 -12.28 52.13 8.54
N GLU D 678 -11.87 53.37 8.81
CA GLU D 678 -12.57 54.56 8.29
C GLU D 678 -12.42 54.76 6.77
N ARG D 679 -11.51 54.01 6.14
CA ARG D 679 -11.32 54.05 4.69
C ARG D 679 -12.26 53.11 3.93
N PHE D 680 -13.03 52.31 4.67
CA PHE D 680 -13.94 51.33 4.07
C PHE D 680 -15.39 51.77 4.20
N ALA D 681 -16.09 51.82 3.06
CA ALA D 681 -17.46 52.31 2.99
C ALA D 681 -18.46 51.35 3.61
N VAL D 682 -19.45 51.90 4.30
CA VAL D 682 -20.55 51.13 4.89
C VAL D 682 -21.81 51.33 4.05
N ASP D 683 -22.71 50.35 4.08
CA ASP D 683 -23.98 50.43 3.36
C ASP D 683 -24.86 51.55 3.91
N GLY D 684 -25.35 52.41 3.03
CA GLY D 684 -26.05 53.63 3.42
C GLY D 684 -25.05 54.77 3.54
N ASP D 685 -24.52 55.20 2.39
CA ASP D 685 -23.47 56.22 2.31
C ASP D 685 -22.21 55.81 3.08
#